data_2NC8
#
_entry.id   2NC8
#
_entity_poly.entity_id   1
_entity_poly.type   'polypeptide(L)'
_entity_poly.pdbx_seq_one_letter_code
;MGGHHHHHHGGGRENLYFQGHMLRVRASITISPDDLVSGEIIAAAKPKNSKDTGPALDGDVPFSQKVAVSNYDSDGYVGS
QAVFSDLTFAELPQLANMNSDAAGVNLSLRRNGNIVILEGRADLTSVSDPDADVELTVAFPAAVTSTNGDRIEPEVVQWK
LKPGVVSTMSAQARYTDPNTRS
;
_entity_poly.pdbx_strand_id   A
#
# COMPACT_ATOMS: atom_id res chain seq x y z
N GLY A 12 7.00 34.04 9.41
CA GLY A 12 7.43 33.10 8.37
C GLY A 12 8.69 32.40 8.78
N ARG A 13 8.83 31.16 8.33
CA ARG A 13 9.98 30.30 8.61
C ARG A 13 10.09 29.95 10.10
N GLU A 14 9.41 28.91 10.48
CA GLU A 14 9.44 28.44 11.84
C GLU A 14 10.03 27.05 11.75
N ASN A 15 10.32 26.43 12.86
CA ASN A 15 10.86 25.09 12.90
C ASN A 15 9.75 24.13 12.57
N LEU A 16 9.57 23.89 11.32
CA LEU A 16 8.53 23.03 10.89
C LEU A 16 9.10 21.78 10.28
N TYR A 17 9.29 20.82 11.11
CA TYR A 17 9.68 19.50 10.74
C TYR A 17 9.28 18.60 11.85
N PHE A 18 8.42 17.70 11.57
CA PHE A 18 7.90 16.82 12.55
C PHE A 18 8.12 15.41 12.13
N GLN A 19 8.60 14.61 13.05
CA GLN A 19 8.73 13.20 12.82
C GLN A 19 7.37 12.60 13.10
N GLY A 20 7.11 11.42 12.60
CA GLY A 20 5.83 10.81 12.81
C GLY A 20 5.71 10.28 14.22
N HIS A 21 6.46 9.23 14.49
CA HIS A 21 6.45 8.53 15.77
C HIS A 21 5.11 7.86 16.04
N MET A 22 5.09 6.57 15.72
CA MET A 22 3.93 5.73 15.77
C MET A 22 2.99 6.12 14.65
N LEU A 23 3.43 5.79 13.47
CA LEU A 23 2.68 6.04 12.28
C LEU A 23 2.19 4.71 11.73
N ARG A 24 1.05 4.72 11.13
CA ARG A 24 0.45 3.52 10.62
C ARG A 24 0.26 3.67 9.13
N VAL A 25 0.80 2.78 8.37
CA VAL A 25 0.57 2.77 6.96
C VAL A 25 -0.05 1.44 6.60
N ARG A 26 -1.26 1.44 6.18
CA ARG A 26 -1.95 0.24 5.85
C ARG A 26 -2.45 0.31 4.45
N ALA A 27 -1.92 -0.51 3.62
CA ALA A 27 -2.33 -0.61 2.27
C ALA A 27 -3.06 -1.91 2.11
N SER A 28 -4.32 -1.83 1.84
CA SER A 28 -5.11 -3.01 1.66
C SER A 28 -5.79 -2.90 0.31
N ILE A 29 -5.42 -3.77 -0.59
CA ILE A 29 -5.89 -3.68 -1.95
C ILE A 29 -6.43 -5.03 -2.40
N THR A 30 -7.41 -4.99 -3.23
CA THR A 30 -8.02 -6.18 -3.72
C THR A 30 -8.02 -6.15 -5.27
N ILE A 31 -7.43 -7.16 -5.85
CA ILE A 31 -7.30 -7.26 -7.28
C ILE A 31 -8.11 -8.42 -7.85
N SER A 32 -8.86 -8.14 -8.87
CA SER A 32 -9.66 -9.12 -9.51
C SER A 32 -8.90 -9.66 -10.73
N PRO A 33 -9.13 -10.94 -11.11
CA PRO A 33 -8.45 -11.57 -12.27
C PRO A 33 -8.89 -10.95 -13.61
N ASP A 34 -9.73 -9.94 -13.52
CA ASP A 34 -10.23 -9.24 -14.66
C ASP A 34 -9.29 -8.12 -15.05
N ASP A 35 -8.13 -8.08 -14.36
CA ASP A 35 -7.06 -7.07 -14.57
C ASP A 35 -7.57 -5.74 -14.06
N LEU A 36 -8.43 -5.85 -13.07
CA LEU A 36 -9.09 -4.78 -12.46
C LEU A 36 -8.63 -4.76 -11.01
N VAL A 37 -8.20 -3.61 -10.57
CA VAL A 37 -7.67 -3.46 -9.24
C VAL A 37 -8.44 -2.37 -8.49
N SER A 38 -8.61 -2.57 -7.20
CA SER A 38 -9.26 -1.62 -6.33
C SER A 38 -8.65 -1.74 -4.92
N GLY A 39 -8.81 -0.75 -4.08
CA GLY A 39 -8.26 -0.86 -2.75
C GLY A 39 -8.14 0.47 -2.05
N GLU A 40 -7.39 0.49 -0.98
CA GLU A 40 -7.23 1.67 -0.16
C GLU A 40 -5.85 1.66 0.50
N ILE A 41 -5.23 2.80 0.55
CA ILE A 41 -3.94 2.95 1.19
C ILE A 41 -4.05 4.05 2.23
N ILE A 42 -3.87 3.70 3.46
CA ILE A 42 -3.98 4.62 4.56
C ILE A 42 -2.61 4.92 5.12
N ALA A 43 -2.27 6.17 5.15
CA ALA A 43 -1.05 6.61 5.78
C ALA A 43 -1.43 7.56 6.89
N ALA A 44 -1.27 7.12 8.10
CA ALA A 44 -1.70 7.87 9.26
C ALA A 44 -0.56 8.14 10.20
N ALA A 45 -0.49 9.34 10.66
CA ALA A 45 0.56 9.79 11.56
C ALA A 45 -0.08 10.56 12.73
N LYS A 46 0.59 10.69 13.87
CA LYS A 46 0.00 11.46 14.95
C LYS A 46 0.14 12.97 14.65
N PRO A 47 -0.92 13.77 14.93
CA PRO A 47 -0.97 15.19 14.57
C PRO A 47 0.24 16.04 15.04
N LYS A 48 0.49 16.08 16.35
CA LYS A 48 1.57 16.89 16.98
C LYS A 48 1.38 18.41 16.89
N ASN A 49 0.99 18.90 15.76
CA ASN A 49 0.79 20.31 15.58
C ASN A 49 -0.60 20.57 15.04
N SER A 50 -1.18 21.67 15.45
CA SER A 50 -2.56 21.99 15.18
C SER A 50 -2.85 22.36 13.71
N LYS A 51 -1.80 22.58 12.90
CA LYS A 51 -1.99 22.97 11.50
C LYS A 51 -2.38 21.78 10.67
N ASP A 52 -2.13 20.62 11.19
CA ASP A 52 -2.38 19.44 10.48
C ASP A 52 -3.62 18.74 10.90
N THR A 53 -4.40 18.45 9.93
CA THR A 53 -5.61 17.68 10.08
C THR A 53 -5.33 16.29 9.51
N GLY A 54 -4.29 16.22 8.73
CA GLY A 54 -3.84 15.00 8.16
C GLY A 54 -2.73 15.26 7.18
N PRO A 55 -1.48 14.84 7.45
CA PRO A 55 -0.39 14.97 6.46
C PRO A 55 -0.84 14.35 5.15
N ALA A 56 -0.69 15.09 4.10
CA ALA A 56 -1.31 14.74 2.85
C ALA A 56 -0.41 13.99 1.91
N LEU A 57 -1.03 13.18 1.08
CA LEU A 57 -0.37 12.43 0.06
C LEU A 57 -0.21 13.29 -1.17
N ASP A 58 0.90 13.18 -1.82
CA ASP A 58 1.13 13.91 -3.03
C ASP A 58 1.04 12.94 -4.17
N GLY A 59 -0.08 12.95 -4.81
CA GLY A 59 -0.29 12.04 -5.89
C GLY A 59 -1.21 12.56 -6.94
N ASP A 60 -0.77 13.55 -7.68
CA ASP A 60 -1.53 13.99 -8.82
C ASP A 60 -1.23 13.04 -9.95
N VAL A 61 -2.07 12.07 -10.10
CA VAL A 61 -1.91 11.04 -11.09
C VAL A 61 -2.89 11.27 -12.23
N PRO A 62 -2.63 10.70 -13.42
CA PRO A 62 -3.52 10.85 -14.60
C PRO A 62 -4.89 10.19 -14.40
N PHE A 63 -4.98 9.34 -13.43
CA PHE A 63 -6.20 8.62 -13.13
C PHE A 63 -6.74 9.00 -11.76
N SER A 64 -6.52 10.24 -11.38
CA SER A 64 -6.94 10.75 -10.09
C SER A 64 -8.45 10.60 -9.87
N GLN A 65 -9.20 10.60 -10.94
CA GLN A 65 -10.64 10.46 -10.90
C GLN A 65 -11.02 9.04 -10.42
N LYS A 66 -10.07 8.13 -10.54
CA LYS A 66 -10.30 6.76 -10.21
C LYS A 66 -9.70 6.44 -8.83
N VAL A 67 -9.05 7.45 -8.22
CA VAL A 67 -8.54 7.29 -6.89
C VAL A 67 -8.92 8.48 -6.01
N ALA A 68 -9.64 8.20 -4.99
CA ALA A 68 -10.08 9.21 -4.09
C ALA A 68 -9.12 9.31 -2.95
N VAL A 69 -8.35 10.35 -2.95
CA VAL A 69 -7.46 10.58 -1.87
C VAL A 69 -8.13 11.56 -0.94
N SER A 70 -8.13 11.23 0.30
CA SER A 70 -8.87 11.98 1.26
C SER A 70 -8.10 11.97 2.57
N ASN A 71 -8.56 12.75 3.50
CA ASN A 71 -7.91 12.90 4.77
C ASN A 71 -8.37 11.80 5.69
N TYR A 72 -7.45 11.24 6.42
CA TYR A 72 -7.73 10.19 7.36
C TYR A 72 -7.61 10.77 8.76
N ASP A 73 -8.63 10.61 9.51
CA ASP A 73 -8.68 11.03 10.89
C ASP A 73 -9.38 9.96 11.68
N SER A 74 -8.61 9.12 12.33
CA SER A 74 -9.14 8.04 13.11
C SER A 74 -8.09 7.57 14.10
N ASP A 75 -8.56 7.09 15.26
CA ASP A 75 -7.72 6.45 16.31
C ASP A 75 -6.78 7.46 16.97
N GLY A 76 -6.95 8.72 16.66
CA GLY A 76 -6.05 9.74 17.17
C GLY A 76 -4.93 9.99 16.19
N TYR A 77 -5.00 9.35 15.06
CA TYR A 77 -4.04 9.51 14.00
C TYR A 77 -4.65 10.37 12.92
N VAL A 78 -3.86 11.21 12.32
CA VAL A 78 -4.29 12.01 11.21
C VAL A 78 -3.36 11.77 10.04
N GLY A 79 -3.89 11.67 8.89
CA GLY A 79 -3.09 11.40 7.76
C GLY A 79 -3.91 11.45 6.55
N SER A 80 -3.50 10.75 5.57
CA SER A 80 -4.24 10.70 4.33
C SER A 80 -4.42 9.28 3.83
N GLN A 81 -5.48 9.06 3.11
CA GLN A 81 -5.79 7.77 2.58
C GLN A 81 -6.14 7.90 1.12
N ALA A 82 -5.71 6.96 0.33
CA ALA A 82 -6.04 6.92 -1.06
C ALA A 82 -6.91 5.70 -1.29
N VAL A 83 -8.14 5.93 -1.65
CA VAL A 83 -9.10 4.87 -1.89
C VAL A 83 -9.38 4.83 -3.38
N PHE A 84 -8.98 3.77 -4.01
CA PHE A 84 -9.07 3.68 -5.45
C PHE A 84 -9.93 2.52 -5.88
N SER A 85 -10.47 2.62 -7.08
CA SER A 85 -11.32 1.58 -7.60
C SER A 85 -11.44 1.67 -9.11
N ASP A 86 -11.62 0.51 -9.76
CA ASP A 86 -11.76 0.39 -11.21
C ASP A 86 -10.46 0.74 -11.93
N LEU A 87 -9.35 0.45 -11.26
CA LEU A 87 -8.06 0.66 -11.85
C LEU A 87 -7.63 -0.57 -12.59
N THR A 88 -6.59 -0.47 -13.35
CA THR A 88 -6.12 -1.58 -14.11
C THR A 88 -4.63 -1.86 -13.77
N PHE A 89 -4.10 -2.98 -14.27
CA PHE A 89 -2.74 -3.44 -13.95
C PHE A 89 -1.67 -2.40 -14.28
N ALA A 90 -1.86 -1.66 -15.35
CA ALA A 90 -0.91 -0.63 -15.76
C ALA A 90 -0.93 0.57 -14.82
N GLU A 91 -2.05 0.77 -14.15
CA GLU A 91 -2.20 1.91 -13.29
C GLU A 91 -1.55 1.70 -11.94
N LEU A 92 -1.35 0.44 -11.56
CA LEU A 92 -0.72 0.08 -10.28
C LEU A 92 0.65 0.73 -10.00
N PRO A 93 1.65 0.67 -10.93
CA PRO A 93 2.93 1.37 -10.71
C PRO A 93 2.71 2.86 -10.43
N GLN A 94 1.85 3.48 -11.21
CA GLN A 94 1.62 4.92 -11.16
C GLN A 94 0.91 5.27 -9.86
N LEU A 95 0.09 4.37 -9.42
CA LEU A 95 -0.61 4.43 -8.17
C LEU A 95 0.41 4.34 -7.03
N ALA A 96 1.40 3.47 -7.23
CA ALA A 96 2.42 3.19 -6.24
C ALA A 96 3.27 4.40 -5.97
N ASN A 97 3.35 5.28 -6.96
CA ASN A 97 4.12 6.51 -6.85
C ASN A 97 3.61 7.33 -5.69
N MET A 98 2.31 7.64 -5.72
CA MET A 98 1.66 8.43 -4.67
C MET A 98 1.91 7.81 -3.31
N ASN A 99 1.68 6.51 -3.24
CA ASN A 99 1.91 5.71 -2.03
C ASN A 99 3.32 5.89 -1.49
N SER A 100 4.27 5.92 -2.41
CA SER A 100 5.67 5.91 -2.04
C SER A 100 6.07 7.19 -1.34
N ASP A 101 5.29 8.27 -1.56
CA ASP A 101 5.62 9.56 -0.97
C ASP A 101 5.57 9.48 0.54
N ALA A 102 4.74 8.58 1.04
CA ALA A 102 4.60 8.40 2.46
C ALA A 102 5.15 7.05 2.91
N ALA A 103 5.60 6.25 1.96
CA ALA A 103 6.01 4.90 2.29
C ALA A 103 7.52 4.75 2.27
N GLY A 104 8.15 5.24 1.22
CA GLY A 104 9.59 5.06 1.08
C GLY A 104 9.96 3.63 0.74
N VAL A 105 9.05 2.93 0.05
CA VAL A 105 9.24 1.52 -0.31
C VAL A 105 9.13 1.37 -1.84
N ASN A 106 9.41 0.19 -2.36
CA ASN A 106 9.35 -0.04 -3.81
C ASN A 106 8.45 -1.23 -4.14
N LEU A 107 7.53 -1.03 -5.08
CA LEU A 107 6.61 -2.09 -5.54
C LEU A 107 6.73 -2.23 -7.04
N SER A 108 6.79 -3.43 -7.52
CA SER A 108 6.88 -3.69 -8.93
C SER A 108 6.06 -4.94 -9.30
N LEU A 109 5.09 -4.79 -10.15
CA LEU A 109 4.32 -5.94 -10.58
C LEU A 109 4.63 -6.24 -12.00
N ARG A 110 4.62 -7.50 -12.32
CA ARG A 110 4.95 -7.97 -13.66
C ARG A 110 4.13 -9.20 -13.98
N ARG A 111 3.85 -9.43 -15.22
CA ARG A 111 3.20 -10.65 -15.61
C ARG A 111 4.18 -11.65 -16.10
N ASN A 112 3.98 -12.84 -15.68
CA ASN A 112 4.74 -13.95 -16.14
C ASN A 112 3.78 -14.88 -16.82
N GLY A 113 3.64 -14.71 -18.10
CA GLY A 113 2.68 -15.45 -18.84
C GLY A 113 1.29 -14.93 -18.61
N ASN A 114 0.58 -15.60 -17.73
CA ASN A 114 -0.76 -15.21 -17.35
C ASN A 114 -0.83 -15.18 -15.83
N ILE A 115 0.30 -15.37 -15.20
CA ILE A 115 0.32 -15.29 -13.78
C ILE A 115 1.04 -14.01 -13.43
N VAL A 116 0.66 -13.38 -12.40
CA VAL A 116 1.23 -12.12 -12.04
C VAL A 116 2.13 -12.29 -10.88
N ILE A 117 3.26 -11.67 -10.97
CA ILE A 117 4.17 -11.68 -9.93
C ILE A 117 4.24 -10.27 -9.36
N LEU A 118 4.19 -10.19 -8.12
CA LEU A 118 4.34 -8.96 -7.43
C LEU A 118 5.59 -9.03 -6.62
N GLU A 119 6.42 -8.08 -6.87
CA GLU A 119 7.69 -7.93 -6.23
C GLU A 119 7.65 -6.61 -5.49
N GLY A 120 8.05 -6.63 -4.26
CA GLY A 120 8.14 -5.41 -3.55
C GLY A 120 9.17 -5.53 -2.49
N ARG A 121 9.81 -4.46 -2.18
CA ARG A 121 10.77 -4.47 -1.13
C ARG A 121 10.57 -3.26 -0.28
N ALA A 122 10.64 -3.45 1.01
CA ALA A 122 10.50 -2.38 1.92
C ALA A 122 11.72 -2.34 2.79
N ASP A 123 12.51 -1.34 2.58
CA ASP A 123 13.68 -1.12 3.39
C ASP A 123 13.42 0.13 4.17
N LEU A 124 13.01 -0.05 5.39
CA LEU A 124 12.70 1.05 6.25
C LEU A 124 13.57 0.94 7.48
N THR A 125 14.75 0.50 7.24
CA THR A 125 15.76 0.34 8.26
C THR A 125 16.16 1.71 8.84
N SER A 126 16.28 2.68 7.96
CA SER A 126 16.73 4.02 8.27
C SER A 126 15.58 4.92 8.80
N VAL A 127 14.47 4.31 9.20
CA VAL A 127 13.35 5.04 9.71
C VAL A 127 13.72 5.65 11.08
N SER A 128 13.18 6.78 11.38
CA SER A 128 13.50 7.47 12.61
C SER A 128 12.52 7.08 13.72
N ASP A 129 11.58 6.22 13.42
CA ASP A 129 10.59 5.84 14.37
C ASP A 129 10.47 4.33 14.52
N PRO A 130 10.65 3.81 15.74
CA PRO A 130 10.52 2.38 16.01
C PRO A 130 9.06 1.89 16.05
N ASP A 131 8.11 2.80 16.21
CA ASP A 131 6.71 2.43 16.36
C ASP A 131 5.96 2.49 15.04
N ALA A 132 6.70 2.64 13.97
CA ALA A 132 6.14 2.71 12.66
C ALA A 132 5.66 1.34 12.23
N ASP A 133 4.50 1.28 11.67
CA ASP A 133 3.96 0.01 11.20
C ASP A 133 3.47 0.14 9.79
N VAL A 134 4.11 -0.55 8.88
CA VAL A 134 3.70 -0.53 7.50
C VAL A 134 3.11 -1.88 7.19
N GLU A 135 1.94 -1.90 6.67
CA GLU A 135 1.23 -3.11 6.50
C GLU A 135 0.57 -3.18 5.12
N LEU A 136 0.81 -4.26 4.43
CA LEU A 136 0.21 -4.49 3.13
C LEU A 136 -0.68 -5.71 3.17
N THR A 137 -1.87 -5.55 2.70
CA THR A 137 -2.82 -6.62 2.58
C THR A 137 -3.32 -6.65 1.14
N VAL A 138 -3.16 -7.76 0.49
CA VAL A 138 -3.64 -7.93 -0.86
C VAL A 138 -4.67 -9.06 -0.90
N ALA A 139 -5.88 -8.75 -1.36
CA ALA A 139 -6.91 -9.74 -1.47
C ALA A 139 -7.25 -9.96 -2.92
N PHE A 140 -7.29 -11.19 -3.32
CA PHE A 140 -7.63 -11.55 -4.66
C PHE A 140 -8.60 -12.70 -4.70
N PRO A 141 -9.74 -12.59 -5.40
CA PRO A 141 -10.71 -13.69 -5.52
C PRO A 141 -10.22 -14.78 -6.50
N ALA A 142 -8.94 -15.04 -6.49
CA ALA A 142 -8.36 -16.02 -7.36
C ALA A 142 -7.74 -17.13 -6.54
N ALA A 143 -6.41 -17.12 -6.41
CA ALA A 143 -5.66 -18.11 -5.69
C ALA A 143 -4.19 -17.80 -5.84
N VAL A 144 -3.49 -17.79 -4.76
CA VAL A 144 -2.07 -17.52 -4.77
C VAL A 144 -1.31 -18.78 -5.18
N THR A 145 -0.37 -18.62 -6.06
CA THR A 145 0.44 -19.73 -6.46
C THR A 145 1.66 -19.82 -5.54
N SER A 146 2.29 -18.68 -5.32
CA SER A 146 3.47 -18.60 -4.48
C SER A 146 3.57 -17.22 -3.86
N THR A 147 3.85 -17.16 -2.60
CA THR A 147 4.00 -15.89 -1.96
C THR A 147 5.17 -15.94 -0.97
N ASN A 148 5.66 -14.80 -0.62
CA ASN A 148 6.67 -14.64 0.36
C ASN A 148 6.20 -13.55 1.26
N GLY A 149 5.47 -13.98 2.27
CA GLY A 149 4.86 -13.13 3.22
C GLY A 149 3.99 -13.96 4.12
N ASP A 150 2.92 -13.41 4.60
CA ASP A 150 2.04 -14.15 5.49
C ASP A 150 0.68 -14.30 4.88
N ARG A 151 0.38 -15.45 4.31
CA ARG A 151 -0.90 -15.66 3.75
C ARG A 151 -1.90 -16.05 4.79
N ILE A 152 -2.95 -15.29 4.88
CA ILE A 152 -4.02 -15.55 5.81
C ILE A 152 -4.94 -16.55 5.16
N GLU A 153 -5.27 -16.27 3.93
CA GLU A 153 -6.13 -17.09 3.13
C GLU A 153 -5.36 -17.46 1.86
N PRO A 154 -5.82 -18.46 1.08
CA PRO A 154 -5.17 -18.83 -0.18
C PRO A 154 -5.41 -17.78 -1.26
N GLU A 155 -6.14 -16.76 -0.89
CA GLU A 155 -6.50 -15.70 -1.76
C GLU A 155 -6.32 -14.32 -1.10
N VAL A 156 -5.76 -14.30 0.08
CA VAL A 156 -5.52 -13.04 0.81
C VAL A 156 -4.21 -13.15 1.53
N VAL A 157 -3.29 -12.28 1.23
CA VAL A 157 -1.97 -12.32 1.81
C VAL A 157 -1.66 -10.99 2.46
N GLN A 158 -0.92 -11.03 3.54
CA GLN A 158 -0.60 -9.84 4.27
C GLN A 158 0.89 -9.82 4.59
N TRP A 159 1.45 -8.65 4.59
CA TRP A 159 2.83 -8.44 4.88
C TRP A 159 2.97 -7.40 5.95
N LYS A 160 3.73 -7.72 6.97
CA LYS A 160 3.99 -6.80 8.02
C LYS A 160 5.38 -6.20 7.89
N LEU A 161 5.43 -4.99 7.43
CA LEU A 161 6.67 -4.31 7.20
C LEU A 161 7.05 -3.54 8.45
N LYS A 162 8.15 -3.97 9.02
CA LYS A 162 8.61 -3.49 10.29
C LYS A 162 9.78 -2.52 10.14
N PRO A 163 9.82 -1.49 10.99
CA PRO A 163 10.89 -0.48 11.01
C PRO A 163 12.22 -1.06 11.50
N GLY A 164 13.31 -0.51 11.00
CA GLY A 164 14.63 -0.94 11.45
C GLY A 164 15.10 -2.19 10.73
N VAL A 165 14.17 -3.00 10.35
CA VAL A 165 14.46 -4.20 9.61
C VAL A 165 14.06 -4.04 8.15
N VAL A 166 14.52 -4.92 7.32
CA VAL A 166 14.19 -4.90 5.92
C VAL A 166 13.36 -6.14 5.61
N SER A 167 12.38 -6.01 4.75
CA SER A 167 11.57 -7.14 4.38
C SER A 167 11.22 -7.07 2.90
N THR A 168 11.23 -8.21 2.28
CA THR A 168 10.86 -8.34 0.90
C THR A 168 9.48 -8.91 0.84
N MET A 169 8.70 -8.44 -0.06
CA MET A 169 7.34 -8.90 -0.19
C MET A 169 7.10 -9.40 -1.59
N SER A 170 6.63 -10.60 -1.69
CA SER A 170 6.38 -11.19 -2.98
C SER A 170 5.07 -11.94 -2.96
N ALA A 171 4.38 -11.90 -4.06
CA ALA A 171 3.10 -12.52 -4.23
C ALA A 171 2.92 -12.87 -5.65
N GLN A 172 2.60 -14.08 -5.91
CA GLN A 172 2.38 -14.54 -7.25
C GLN A 172 1.05 -15.22 -7.30
N ALA A 173 0.25 -14.88 -8.27
CA ALA A 173 -1.04 -15.49 -8.42
C ALA A 173 -1.44 -15.48 -9.88
N ARG A 174 -2.37 -16.32 -10.24
CA ARG A 174 -2.80 -16.42 -11.63
C ARG A 174 -3.92 -15.40 -11.90
N TYR A 175 -3.75 -14.57 -12.93
CA TYR A 175 -4.78 -13.57 -13.29
C TYR A 175 -4.86 -13.43 -14.77
N THR A 176 -6.04 -13.60 -15.28
CA THR A 176 -6.30 -13.58 -16.70
C THR A 176 -5.83 -12.26 -17.35
N ASP A 177 -4.83 -12.38 -18.22
CA ASP A 177 -4.29 -11.25 -18.97
C ASP A 177 -5.34 -10.80 -19.96
N PRO A 178 -5.54 -9.50 -20.14
CA PRO A 178 -6.55 -8.99 -21.08
C PRO A 178 -6.29 -9.42 -22.53
N ASN A 179 -5.03 -9.50 -22.90
CA ASN A 179 -4.61 -9.83 -24.24
C ASN A 179 -4.58 -11.33 -24.37
N THR A 180 -4.52 -11.98 -23.20
CA THR A 180 -4.39 -13.40 -23.05
C THR A 180 -3.12 -13.91 -23.68
N ARG A 181 -2.03 -13.30 -23.25
CA ARG A 181 -0.73 -13.65 -23.71
C ARG A 181 -0.13 -14.71 -22.79
N SER A 182 1.08 -15.07 -23.07
CA SER A 182 1.86 -15.93 -22.26
C SER A 182 3.32 -15.55 -22.46
N GLY A 12 17.19 10.95 21.53
CA GLY A 12 16.57 10.43 20.32
C GLY A 12 15.08 10.24 20.48
N ARG A 13 14.28 10.85 19.60
CA ARG A 13 12.81 10.73 19.71
C ARG A 13 12.36 9.35 19.17
N GLU A 14 13.32 8.60 18.65
CA GLU A 14 13.06 7.27 18.17
C GLU A 14 13.36 6.20 19.23
N ASN A 15 13.62 6.65 20.44
CA ASN A 15 13.75 5.73 21.55
C ASN A 15 12.34 5.39 22.00
N LEU A 16 11.95 4.15 21.80
CA LEU A 16 10.60 3.73 22.00
C LEU A 16 10.19 3.69 23.46
N TYR A 17 9.51 4.73 23.87
CA TYR A 17 8.87 4.79 25.14
C TYR A 17 7.56 5.49 24.95
N PHE A 18 6.73 4.84 24.18
CA PHE A 18 5.39 5.27 23.83
C PHE A 18 4.60 3.98 23.61
N GLN A 19 4.90 3.35 22.47
CA GLN A 19 4.35 2.06 22.05
C GLN A 19 2.83 2.00 22.14
N GLY A 20 2.20 2.43 21.09
CA GLY A 20 0.78 2.43 21.03
C GLY A 20 0.30 2.20 19.62
N HIS A 21 1.25 1.84 18.73
CA HIS A 21 1.02 1.60 17.28
C HIS A 21 0.30 2.78 16.65
N MET A 22 0.59 3.95 17.19
CA MET A 22 -0.17 5.16 16.93
C MET A 22 0.21 5.81 15.58
N LEU A 23 1.11 5.20 14.88
CA LEU A 23 1.42 5.61 13.54
C LEU A 23 1.34 4.36 12.72
N ARG A 24 0.33 4.27 11.93
CA ARG A 24 0.08 3.06 11.22
C ARG A 24 -0.23 3.39 9.79
N VAL A 25 0.51 2.80 8.89
CA VAL A 25 0.16 2.97 7.51
C VAL A 25 -0.41 1.65 7.02
N ARG A 26 -1.65 1.70 6.69
CA ARG A 26 -2.41 0.53 6.37
C ARG A 26 -2.87 0.61 4.93
N ALA A 27 -2.37 -0.26 4.13
CA ALA A 27 -2.76 -0.31 2.76
C ALA A 27 -3.46 -1.62 2.49
N SER A 28 -4.66 -1.54 2.05
CA SER A 28 -5.42 -2.71 1.73
C SER A 28 -5.94 -2.55 0.31
N ILE A 29 -5.48 -3.40 -0.59
CA ILE A 29 -5.87 -3.30 -1.97
C ILE A 29 -6.37 -4.64 -2.45
N THR A 30 -7.30 -4.61 -3.34
CA THR A 30 -7.89 -5.81 -3.85
C THR A 30 -7.91 -5.78 -5.37
N ILE A 31 -7.30 -6.78 -5.96
CA ILE A 31 -7.26 -6.91 -7.39
C ILE A 31 -8.19 -8.03 -7.81
N SER A 32 -9.17 -7.66 -8.57
CA SER A 32 -10.16 -8.55 -9.03
C SER A 32 -9.60 -9.38 -10.19
N PRO A 33 -10.08 -10.64 -10.39
CA PRO A 33 -9.67 -11.50 -11.53
C PRO A 33 -10.11 -10.93 -12.88
N ASP A 34 -10.73 -9.75 -12.82
CA ASP A 34 -11.18 -9.02 -13.98
C ASP A 34 -10.05 -8.11 -14.45
N ASP A 35 -8.92 -8.19 -13.71
CA ASP A 35 -7.68 -7.39 -13.91
C ASP A 35 -7.98 -5.94 -13.57
N LEU A 36 -8.91 -5.81 -12.66
CA LEU A 36 -9.34 -4.55 -12.18
C LEU A 36 -8.82 -4.40 -10.75
N VAL A 37 -8.16 -3.32 -10.51
CA VAL A 37 -7.57 -3.07 -9.22
C VAL A 37 -8.36 -1.99 -8.50
N SER A 38 -8.58 -2.19 -7.23
CA SER A 38 -9.26 -1.26 -6.38
C SER A 38 -8.64 -1.37 -4.99
N GLY A 39 -8.78 -0.37 -4.15
CA GLY A 39 -8.23 -0.49 -2.83
C GLY A 39 -8.20 0.82 -2.13
N GLU A 40 -7.57 0.85 -0.99
CA GLU A 40 -7.48 2.02 -0.18
C GLU A 40 -6.17 2.00 0.59
N ILE A 41 -5.49 3.10 0.58
CA ILE A 41 -4.25 3.25 1.27
C ILE A 41 -4.42 4.32 2.33
N ILE A 42 -4.30 3.93 3.57
CA ILE A 42 -4.50 4.82 4.67
C ILE A 42 -3.19 5.05 5.37
N ALA A 43 -2.77 6.25 5.43
CA ALA A 43 -1.62 6.59 6.18
C ALA A 43 -2.10 7.41 7.34
N ALA A 44 -2.08 6.85 8.52
CA ALA A 44 -2.58 7.53 9.66
C ALA A 44 -1.49 7.74 10.65
N ALA A 45 -1.27 8.96 11.01
CA ALA A 45 -0.18 9.27 11.86
C ALA A 45 -0.63 9.69 13.23
N LYS A 46 0.29 9.54 14.16
CA LYS A 46 0.11 9.87 15.55
C LYS A 46 -0.11 11.37 15.71
N PRO A 47 -0.92 11.79 16.70
CA PRO A 47 -1.27 13.21 16.95
C PRO A 47 -0.09 14.07 17.46
N LYS A 48 1.05 13.92 16.84
CA LYS A 48 2.23 14.71 17.13
C LYS A 48 2.32 15.86 16.14
N ASN A 49 1.38 15.85 15.23
CA ASN A 49 1.25 16.79 14.13
C ASN A 49 1.23 18.21 14.65
N SER A 50 2.13 19.01 14.17
CA SER A 50 2.22 20.38 14.61
C SER A 50 1.15 21.25 13.92
N LYS A 51 1.09 21.16 12.60
CA LYS A 51 0.17 21.98 11.83
C LYS A 51 -0.95 21.17 11.22
N ASP A 52 -0.79 19.88 11.18
CA ASP A 52 -1.68 19.06 10.45
C ASP A 52 -2.86 18.60 11.24
N THR A 53 -4.00 18.74 10.65
CA THR A 53 -5.23 18.22 11.15
C THR A 53 -5.55 16.97 10.34
N GLY A 54 -4.95 16.90 9.16
CA GLY A 54 -5.06 15.78 8.29
C GLY A 54 -4.38 16.06 6.97
N PRO A 55 -3.13 15.61 6.79
CA PRO A 55 -2.39 15.82 5.54
C PRO A 55 -2.99 15.04 4.38
N ALA A 56 -2.71 15.45 3.17
CA ALA A 56 -3.17 14.75 2.00
C ALA A 56 -1.98 14.13 1.30
N LEU A 57 -2.21 13.07 0.57
CA LEU A 57 -1.17 12.40 -0.16
C LEU A 57 -0.74 13.17 -1.39
N ASP A 58 0.49 12.98 -1.77
CA ASP A 58 1.08 13.65 -2.90
C ASP A 58 1.26 12.66 -4.01
N GLY A 59 0.36 12.69 -4.93
CA GLY A 59 0.44 11.82 -6.05
C GLY A 59 -0.38 12.29 -7.23
N ASP A 60 0.25 13.02 -8.11
CA ASP A 60 -0.37 13.40 -9.35
C ASP A 60 -0.13 12.30 -10.37
N VAL A 61 -1.18 11.63 -10.76
CA VAL A 61 -1.07 10.50 -11.64
C VAL A 61 -2.03 10.64 -12.82
N PRO A 62 -1.83 9.89 -13.91
CA PRO A 62 -2.72 9.94 -15.09
C PRO A 62 -4.14 9.47 -14.76
N PHE A 63 -4.25 8.71 -13.71
CA PHE A 63 -5.51 8.14 -13.28
C PHE A 63 -6.01 8.79 -12.00
N SER A 64 -5.65 10.06 -11.74
CA SER A 64 -6.11 10.77 -10.53
C SER A 64 -7.63 10.71 -10.36
N GLN A 65 -8.33 10.67 -11.48
CA GLN A 65 -9.79 10.60 -11.50
C GLN A 65 -10.30 9.32 -10.81
N LYS A 66 -9.47 8.31 -10.74
CA LYS A 66 -9.86 7.04 -10.18
C LYS A 66 -9.41 6.91 -8.74
N VAL A 67 -8.59 7.83 -8.29
CA VAL A 67 -8.14 7.77 -6.92
C VAL A 67 -8.62 8.98 -6.14
N ALA A 68 -9.37 8.74 -5.13
CA ALA A 68 -9.87 9.79 -4.29
C ALA A 68 -9.02 9.87 -3.04
N VAL A 69 -8.31 10.95 -2.89
CA VAL A 69 -7.51 11.12 -1.72
C VAL A 69 -8.28 11.98 -0.74
N SER A 70 -8.44 11.46 0.42
CA SER A 70 -9.27 12.06 1.40
C SER A 70 -8.52 12.21 2.69
N ASN A 71 -9.05 13.00 3.56
CA ASN A 71 -8.53 13.22 4.89
C ASN A 71 -8.91 12.03 5.77
N TYR A 72 -7.98 11.56 6.55
CA TYR A 72 -8.27 10.51 7.47
C TYR A 72 -8.23 11.06 8.88
N ASP A 73 -9.32 10.96 9.55
CA ASP A 73 -9.46 11.41 10.93
C ASP A 73 -10.27 10.39 11.67
N SER A 74 -9.60 9.55 12.41
CA SER A 74 -10.27 8.51 13.16
C SER A 74 -9.33 7.98 14.22
N ASP A 75 -9.90 7.63 15.38
CA ASP A 75 -9.18 6.94 16.47
C ASP A 75 -8.08 7.78 17.10
N GLY A 76 -8.06 9.05 16.79
CA GLY A 76 -7.04 9.91 17.33
C GLY A 76 -5.89 10.07 16.36
N TYR A 77 -5.96 9.36 15.26
CA TYR A 77 -4.95 9.43 14.22
C TYR A 77 -5.40 10.42 13.20
N VAL A 78 -4.48 11.13 12.63
CA VAL A 78 -4.81 11.96 11.49
C VAL A 78 -3.84 11.65 10.38
N GLY A 79 -4.35 11.54 9.20
CA GLY A 79 -3.51 11.25 8.11
C GLY A 79 -4.23 11.39 6.82
N SER A 80 -3.75 10.70 5.84
CA SER A 80 -4.27 10.76 4.52
C SER A 80 -4.72 9.38 4.07
N GLN A 81 -5.68 9.35 3.19
CA GLN A 81 -6.10 8.09 2.62
C GLN A 81 -6.35 8.25 1.14
N ALA A 82 -5.78 7.40 0.37
CA ALA A 82 -6.03 7.38 -1.04
C ALA A 82 -6.88 6.17 -1.32
N VAL A 83 -8.07 6.41 -1.74
CA VAL A 83 -8.99 5.33 -2.03
C VAL A 83 -9.19 5.30 -3.52
N PHE A 84 -8.80 4.23 -4.12
CA PHE A 84 -8.83 4.14 -5.56
C PHE A 84 -9.74 3.04 -6.01
N SER A 85 -10.19 3.16 -7.22
CA SER A 85 -11.15 2.23 -7.78
C SER A 85 -11.08 2.28 -9.29
N ASP A 86 -11.43 1.18 -9.94
CA ASP A 86 -11.53 1.11 -11.42
C ASP A 86 -10.15 1.36 -12.08
N LEU A 87 -9.16 0.69 -11.55
CA LEU A 87 -7.84 0.75 -12.10
C LEU A 87 -7.50 -0.55 -12.78
N THR A 88 -6.50 -0.55 -13.60
CA THR A 88 -6.09 -1.74 -14.31
C THR A 88 -4.71 -2.19 -13.78
N PHE A 89 -4.25 -3.35 -14.24
CA PHE A 89 -2.97 -3.96 -13.82
C PHE A 89 -1.83 -2.96 -13.91
N ALA A 90 -1.74 -2.29 -15.04
CA ALA A 90 -0.68 -1.31 -15.33
C ALA A 90 -0.69 -0.14 -14.34
N GLU A 91 -1.83 0.11 -13.76
CA GLU A 91 -2.00 1.23 -12.89
C GLU A 91 -1.62 0.90 -11.45
N LEU A 92 -1.53 -0.38 -11.14
CA LEU A 92 -1.16 -0.82 -9.79
C LEU A 92 0.29 -0.38 -9.45
N PRO A 93 1.32 -0.67 -10.29
CA PRO A 93 2.67 -0.16 -10.02
C PRO A 93 2.70 1.37 -10.15
N GLN A 94 1.88 1.89 -11.03
CA GLN A 94 1.83 3.30 -11.28
C GLN A 94 1.30 4.07 -10.06
N LEU A 95 0.41 3.44 -9.28
CA LEU A 95 -0.07 4.05 -8.04
C LEU A 95 0.98 3.91 -6.95
N ALA A 96 1.90 2.95 -7.16
CA ALA A 96 2.93 2.67 -6.20
C ALA A 96 3.94 3.79 -6.15
N ASN A 97 3.91 4.67 -7.16
CA ASN A 97 4.74 5.85 -7.11
C ASN A 97 4.25 6.73 -5.97
N MET A 98 2.98 7.11 -6.02
CA MET A 98 2.39 7.96 -4.98
C MET A 98 2.55 7.31 -3.62
N ASN A 99 2.16 6.06 -3.56
CA ASN A 99 2.22 5.26 -2.34
C ASN A 99 3.60 5.27 -1.72
N SER A 100 4.65 5.23 -2.57
CA SER A 100 5.98 5.05 -2.06
C SER A 100 6.38 6.20 -1.17
N ASP A 101 5.85 7.40 -1.47
CA ASP A 101 6.28 8.60 -0.76
C ASP A 101 5.90 8.55 0.72
N ALA A 102 4.87 7.78 1.01
CA ALA A 102 4.39 7.69 2.37
C ALA A 102 4.76 6.35 2.99
N ALA A 103 5.17 5.41 2.16
CA ALA A 103 5.40 4.06 2.64
C ALA A 103 6.89 3.71 2.71
N GLY A 104 7.64 4.12 1.71
CA GLY A 104 9.02 3.73 1.59
C GLY A 104 9.14 2.38 0.91
N VAL A 105 8.10 2.00 0.19
CA VAL A 105 8.05 0.72 -0.47
C VAL A 105 8.28 0.88 -1.96
N ASN A 106 8.75 -0.18 -2.56
CA ASN A 106 8.95 -0.27 -4.00
C ASN A 106 8.11 -1.41 -4.46
N LEU A 107 7.42 -1.27 -5.58
CA LEU A 107 6.54 -2.31 -6.08
C LEU A 107 6.72 -2.55 -7.56
N SER A 108 7.25 -3.68 -7.91
CA SER A 108 7.39 -4.07 -9.27
C SER A 108 6.60 -5.33 -9.51
N LEU A 109 5.70 -5.28 -10.42
CA LEU A 109 4.91 -6.43 -10.76
C LEU A 109 4.73 -6.49 -12.23
N ARG A 110 4.75 -7.69 -12.71
CA ARG A 110 4.60 -7.97 -14.14
C ARG A 110 3.76 -9.20 -14.33
N ARG A 111 3.06 -9.25 -15.40
CA ARG A 111 2.28 -10.37 -15.75
C ARG A 111 3.05 -11.22 -16.74
N ASN A 112 3.01 -12.48 -16.55
CA ASN A 112 3.64 -13.45 -17.41
C ASN A 112 2.56 -14.40 -17.90
N GLY A 113 2.04 -14.09 -19.06
CA GLY A 113 0.96 -14.87 -19.61
C GLY A 113 -0.32 -14.62 -18.86
N ASN A 114 -0.69 -15.55 -18.03
CA ASN A 114 -1.87 -15.42 -17.19
C ASN A 114 -1.45 -15.35 -15.72
N ILE A 115 -0.18 -15.60 -15.47
CA ILE A 115 0.27 -15.59 -14.11
C ILE A 115 0.95 -14.25 -13.83
N VAL A 116 0.90 -13.80 -12.63
CA VAL A 116 1.49 -12.53 -12.28
C VAL A 116 2.57 -12.70 -11.23
N ILE A 117 3.65 -11.96 -11.40
CA ILE A 117 4.74 -11.95 -10.47
C ILE A 117 4.89 -10.54 -9.89
N LEU A 118 5.01 -10.47 -8.62
CA LEU A 118 5.19 -9.21 -7.93
C LEU A 118 6.39 -9.32 -7.00
N GLU A 119 7.26 -8.36 -7.08
CA GLU A 119 8.38 -8.26 -6.17
C GLU A 119 8.56 -6.81 -5.73
N GLY A 120 8.73 -6.61 -4.44
CA GLY A 120 8.93 -5.29 -3.94
C GLY A 120 9.71 -5.28 -2.65
N ARG A 121 10.07 -4.12 -2.20
CA ARG A 121 10.84 -3.98 -0.98
C ARG A 121 10.32 -2.83 -0.19
N ALA A 122 10.60 -2.84 1.08
CA ALA A 122 10.22 -1.76 1.95
C ALA A 122 11.46 -1.25 2.64
N ASP A 123 11.83 -0.05 2.32
CA ASP A 123 13.02 0.52 2.89
C ASP A 123 12.71 1.65 3.82
N LEU A 124 12.61 1.31 5.06
CA LEU A 124 12.39 2.26 6.14
C LEU A 124 13.35 1.89 7.25
N THR A 125 14.45 1.37 6.80
CA THR A 125 15.55 0.87 7.59
C THR A 125 16.22 1.97 8.44
N SER A 126 16.01 3.21 8.04
CA SER A 126 16.56 4.36 8.71
C SER A 126 15.84 4.63 10.05
N VAL A 127 14.70 3.95 10.25
CA VAL A 127 13.84 4.10 11.42
C VAL A 127 13.20 5.49 11.41
N SER A 128 12.12 5.59 10.69
CA SER A 128 11.38 6.81 10.57
C SER A 128 10.64 7.12 11.87
N ASP A 129 10.14 6.06 12.49
CA ASP A 129 9.43 6.13 13.76
C ASP A 129 9.37 4.71 14.29
N PRO A 130 9.74 4.48 15.56
CA PRO A 130 9.79 3.13 16.15
C PRO A 130 8.40 2.54 16.47
N ASP A 131 7.38 3.36 16.45
CA ASP A 131 6.05 2.89 16.83
C ASP A 131 5.20 2.71 15.57
N ALA A 132 5.81 2.94 14.44
CA ALA A 132 5.15 2.86 13.17
C ALA A 132 5.30 1.48 12.54
N ASP A 133 4.23 1.02 11.92
CA ASP A 133 4.23 -0.23 11.15
C ASP A 133 3.59 0.00 9.81
N VAL A 134 4.14 -0.64 8.81
CA VAL A 134 3.63 -0.56 7.47
C VAL A 134 2.96 -1.87 7.15
N GLU A 135 1.68 -1.83 6.92
CA GLU A 135 0.94 -3.04 6.61
C GLU A 135 0.39 -2.95 5.21
N LEU A 136 0.78 -3.89 4.40
CA LEU A 136 0.34 -3.95 3.03
C LEU A 136 -0.42 -5.26 2.86
N THR A 137 -1.69 -5.15 2.56
CA THR A 137 -2.54 -6.31 2.40
C THR A 137 -3.15 -6.31 1.00
N VAL A 138 -3.02 -7.41 0.30
CA VAL A 138 -3.54 -7.54 -1.04
C VAL A 138 -4.53 -8.70 -1.09
N ALA A 139 -5.73 -8.43 -1.59
CA ALA A 139 -6.73 -9.45 -1.72
C ALA A 139 -7.00 -9.72 -3.18
N PHE A 140 -6.87 -10.94 -3.58
CA PHE A 140 -7.13 -11.35 -4.93
C PHE A 140 -7.96 -12.64 -4.96
N PRO A 141 -9.21 -12.57 -5.44
CA PRO A 141 -10.10 -13.77 -5.57
C PRO A 141 -9.62 -14.78 -6.66
N ALA A 142 -8.34 -15.02 -6.70
CA ALA A 142 -7.75 -15.93 -7.61
C ALA A 142 -7.11 -17.08 -6.84
N ALA A 143 -5.80 -16.96 -6.53
CA ALA A 143 -5.03 -17.98 -5.83
C ALA A 143 -3.57 -17.57 -5.83
N VAL A 144 -2.96 -17.53 -4.67
CA VAL A 144 -1.55 -17.23 -4.59
C VAL A 144 -0.72 -18.50 -4.85
N THR A 145 0.16 -18.42 -5.82
CA THR A 145 0.95 -19.56 -6.19
C THR A 145 2.21 -19.66 -5.34
N SER A 146 2.77 -18.53 -5.00
CA SER A 146 3.94 -18.44 -4.12
C SER A 146 4.03 -17.01 -3.61
N THR A 147 4.22 -16.82 -2.34
CA THR A 147 4.41 -15.50 -1.82
C THR A 147 5.51 -15.48 -0.75
N ASN A 148 6.15 -14.36 -0.60
CA ASN A 148 7.09 -14.16 0.46
C ASN A 148 6.53 -13.08 1.32
N GLY A 149 5.79 -13.51 2.32
CA GLY A 149 5.11 -12.66 3.23
C GLY A 149 4.24 -13.50 4.10
N ASP A 150 3.15 -12.96 4.55
CA ASP A 150 2.26 -13.72 5.40
C ASP A 150 0.94 -13.89 4.70
N ARG A 151 0.71 -15.04 4.11
CA ARG A 151 -0.55 -15.27 3.52
C ARG A 151 -1.55 -15.62 4.57
N ILE A 152 -2.57 -14.83 4.67
CA ILE A 152 -3.60 -15.04 5.67
C ILE A 152 -4.60 -16.00 5.06
N GLU A 153 -4.94 -15.71 3.85
CA GLU A 153 -5.84 -16.49 3.08
C GLU A 153 -5.05 -17.00 1.88
N PRO A 154 -5.49 -18.03 1.16
CA PRO A 154 -4.80 -18.49 -0.06
C PRO A 154 -5.03 -17.52 -1.22
N GLU A 155 -5.80 -16.49 -0.95
CA GLU A 155 -6.12 -15.49 -1.92
C GLU A 155 -5.93 -14.06 -1.34
N VAL A 156 -5.43 -13.98 -0.12
CA VAL A 156 -5.19 -12.67 0.52
C VAL A 156 -3.89 -12.76 1.32
N VAL A 157 -2.97 -11.91 1.00
CA VAL A 157 -1.68 -11.94 1.63
C VAL A 157 -1.40 -10.59 2.28
N GLN A 158 -0.66 -10.61 3.36
CA GLN A 158 -0.35 -9.42 4.09
C GLN A 158 1.14 -9.40 4.38
N TRP A 159 1.71 -8.25 4.26
CA TRP A 159 3.08 -8.04 4.54
C TRP A 159 3.19 -7.01 5.63
N LYS A 160 3.96 -7.32 6.62
CA LYS A 160 4.17 -6.44 7.73
C LYS A 160 5.60 -5.91 7.67
N LEU A 161 5.74 -4.69 7.26
CA LEU A 161 7.02 -4.12 7.04
C LEU A 161 7.36 -3.23 8.23
N LYS A 162 8.56 -3.41 8.75
CA LYS A 162 8.98 -2.74 9.96
C LYS A 162 10.17 -1.83 9.73
N PRO A 163 10.28 -0.73 10.52
CA PRO A 163 11.41 0.19 10.44
C PRO A 163 12.69 -0.47 10.93
N GLY A 164 13.80 0.04 10.46
CA GLY A 164 15.10 -0.45 10.88
C GLY A 164 15.55 -1.66 10.11
N VAL A 165 14.61 -2.52 9.83
CA VAL A 165 14.88 -3.75 9.14
C VAL A 165 14.40 -3.65 7.71
N VAL A 166 15.03 -4.39 6.83
CA VAL A 166 14.65 -4.36 5.44
C VAL A 166 13.71 -5.50 5.17
N SER A 167 12.48 -5.17 4.92
CA SER A 167 11.50 -6.17 4.67
C SER A 167 11.25 -6.29 3.18
N THR A 168 11.27 -7.48 2.68
CA THR A 168 11.02 -7.73 1.29
C THR A 168 9.64 -8.33 1.12
N MET A 169 9.00 -8.00 0.05
CA MET A 169 7.69 -8.53 -0.22
C MET A 169 7.69 -9.15 -1.60
N SER A 170 7.15 -10.31 -1.71
CA SER A 170 7.06 -10.95 -3.00
C SER A 170 5.71 -11.67 -3.07
N ALA A 171 5.13 -11.74 -4.23
CA ALA A 171 3.83 -12.31 -4.41
C ALA A 171 3.66 -12.77 -5.83
N GLN A 172 3.42 -14.00 -6.00
CA GLN A 172 3.16 -14.54 -7.29
C GLN A 172 1.82 -15.21 -7.22
N ALA A 173 1.00 -14.91 -8.18
CA ALA A 173 -0.34 -15.42 -8.21
C ALA A 173 -0.84 -15.31 -9.61
N ARG A 174 -1.75 -16.14 -10.00
CA ARG A 174 -2.23 -16.08 -11.34
C ARG A 174 -3.46 -15.18 -11.41
N TYR A 175 -3.48 -14.25 -12.35
CA TYR A 175 -4.64 -13.38 -12.49
C TYR A 175 -5.09 -13.46 -13.89
N THR A 176 -6.30 -13.92 -14.05
CA THR A 176 -6.91 -14.13 -15.34
C THR A 176 -6.86 -12.89 -16.23
N ASP A 177 -6.04 -12.98 -17.26
CA ASP A 177 -5.86 -11.88 -18.21
C ASP A 177 -7.13 -11.75 -19.00
N PRO A 178 -7.72 -10.57 -19.02
CA PRO A 178 -9.00 -10.34 -19.70
C PRO A 178 -8.92 -10.61 -21.20
N ASN A 179 -7.85 -10.16 -21.79
CA ASN A 179 -7.58 -10.30 -23.21
C ASN A 179 -6.94 -11.64 -23.52
N THR A 180 -6.56 -12.36 -22.47
CA THR A 180 -6.03 -13.71 -22.53
C THR A 180 -4.71 -13.87 -23.32
N ARG A 181 -3.62 -13.35 -22.76
CA ARG A 181 -2.32 -13.54 -23.34
C ARG A 181 -1.61 -14.77 -22.81
N SER A 182 -0.41 -14.95 -23.32
CA SER A 182 0.51 -15.97 -22.94
C SER A 182 1.90 -15.40 -23.20
N GLY A 12 9.70 33.52 5.65
CA GLY A 12 8.33 33.68 5.18
C GLY A 12 7.41 33.05 6.17
N ARG A 13 6.43 32.32 5.69
CA ARG A 13 5.61 31.56 6.56
C ARG A 13 6.33 30.26 6.83
N GLU A 14 6.93 30.20 7.96
CA GLU A 14 7.74 29.08 8.33
C GLU A 14 6.86 27.94 8.80
N ASN A 15 6.86 26.89 8.05
CA ASN A 15 6.07 25.72 8.36
C ASN A 15 7.01 24.57 8.55
N LEU A 16 6.87 23.88 9.66
CA LEU A 16 7.77 22.81 10.00
C LEU A 16 7.42 21.53 9.27
N TYR A 17 7.97 21.38 8.09
CA TYR A 17 7.81 20.17 7.32
C TYR A 17 8.57 19.04 7.98
N PHE A 18 7.91 17.91 8.09
CA PHE A 18 8.38 16.71 8.75
C PHE A 18 8.27 16.79 10.27
N GLN A 19 7.21 16.24 10.77
CA GLN A 19 6.97 16.07 12.18
C GLN A 19 5.79 15.13 12.28
N GLY A 20 6.05 13.92 12.65
CA GLY A 20 5.03 12.94 12.76
C GLY A 20 5.43 11.85 13.69
N HIS A 21 5.40 12.16 14.97
CA HIS A 21 5.68 11.20 16.02
C HIS A 21 4.66 10.05 15.94
N MET A 22 5.15 8.85 15.67
CA MET A 22 4.34 7.65 15.48
C MET A 22 3.54 7.71 14.20
N LEU A 23 4.07 7.17 13.16
CA LEU A 23 3.38 7.10 11.90
C LEU A 23 3.04 5.66 11.58
N ARG A 24 1.95 5.44 10.92
CA ARG A 24 1.51 4.11 10.62
C ARG A 24 0.87 4.09 9.25
N VAL A 25 1.28 3.18 8.41
CA VAL A 25 0.72 3.13 7.08
C VAL A 25 0.16 1.72 6.80
N ARG A 26 -1.06 1.67 6.34
CA ARG A 26 -1.70 0.42 6.02
C ARG A 26 -2.49 0.53 4.75
N ALA A 27 -2.16 -0.30 3.82
CA ALA A 27 -2.80 -0.31 2.54
C ALA A 27 -3.58 -1.58 2.39
N SER A 28 -4.74 -1.47 1.85
CA SER A 28 -5.56 -2.62 1.60
C SER A 28 -6.11 -2.51 0.19
N ILE A 29 -5.73 -3.42 -0.65
CA ILE A 29 -6.18 -3.39 -2.01
C ILE A 29 -6.73 -4.73 -2.40
N THR A 30 -7.66 -4.71 -3.26
CA THR A 30 -8.27 -5.89 -3.74
C THR A 30 -8.17 -5.91 -5.27
N ILE A 31 -7.64 -6.98 -5.80
CA ILE A 31 -7.51 -7.13 -7.22
C ILE A 31 -8.42 -8.24 -7.71
N SER A 32 -9.31 -7.87 -8.55
CA SER A 32 -10.30 -8.74 -9.07
C SER A 32 -9.70 -9.58 -10.20
N PRO A 33 -10.22 -10.81 -10.45
CA PRO A 33 -9.78 -11.68 -11.57
C PRO A 33 -10.16 -11.07 -12.94
N ASP A 34 -10.75 -9.90 -12.87
CA ASP A 34 -11.14 -9.11 -14.02
C ASP A 34 -9.91 -8.34 -14.51
N ASP A 35 -8.83 -8.41 -13.69
CA ASP A 35 -7.53 -7.70 -13.89
C ASP A 35 -7.78 -6.23 -13.59
N LEU A 36 -8.74 -6.03 -12.70
CA LEU A 36 -9.13 -4.75 -12.22
C LEU A 36 -8.69 -4.65 -10.78
N VAL A 37 -8.13 -3.53 -10.44
CA VAL A 37 -7.59 -3.29 -9.13
C VAL A 37 -8.37 -2.15 -8.45
N SER A 38 -8.60 -2.28 -7.17
CA SER A 38 -9.27 -1.26 -6.40
C SER A 38 -8.74 -1.34 -4.99
N GLY A 39 -8.83 -0.28 -4.23
CA GLY A 39 -8.36 -0.37 -2.88
C GLY A 39 -8.14 0.96 -2.27
N GLU A 40 -7.41 0.96 -1.21
CA GLU A 40 -7.18 2.13 -0.42
C GLU A 40 -5.81 2.05 0.25
N ILE A 41 -5.07 3.11 0.18
CA ILE A 41 -3.79 3.18 0.81
C ILE A 41 -3.90 4.21 1.92
N ILE A 42 -3.72 3.76 3.13
CA ILE A 42 -3.85 4.62 4.27
C ILE A 42 -2.48 4.98 4.80
N ALA A 43 -2.21 6.25 4.83
CA ALA A 43 -0.99 6.74 5.41
C ALA A 43 -1.37 7.66 6.55
N ALA A 44 -1.14 7.21 7.75
CA ALA A 44 -1.56 7.94 8.89
C ALA A 44 -0.41 8.30 9.80
N ALA A 45 -0.54 9.42 10.41
CA ALA A 45 0.44 9.92 11.33
C ALA A 45 -0.27 10.35 12.61
N LYS A 46 0.29 10.07 13.77
CA LYS A 46 -0.36 10.49 14.99
C LYS A 46 -0.17 12.00 15.13
N PRO A 47 -1.30 12.76 15.23
CA PRO A 47 -1.35 14.23 15.10
C PRO A 47 -0.17 15.01 15.68
N LYS A 48 -0.17 15.21 17.02
CA LYS A 48 0.88 15.96 17.78
C LYS A 48 0.82 17.47 17.41
N ASN A 49 0.89 17.77 16.13
CA ASN A 49 0.84 19.13 15.63
C ASN A 49 -0.57 19.63 15.66
N SER A 50 -0.72 20.87 15.99
CA SER A 50 -2.01 21.50 16.07
C SER A 50 -2.54 21.84 14.67
N LYS A 51 -1.63 21.87 13.69
CA LYS A 51 -2.01 22.24 12.33
C LYS A 51 -2.48 21.05 11.53
N ASP A 52 -2.14 19.88 11.97
CA ASP A 52 -2.39 18.72 11.21
C ASP A 52 -3.67 18.03 11.58
N THR A 53 -4.62 18.12 10.71
CA THR A 53 -5.85 17.40 10.83
C THR A 53 -5.68 16.07 10.12
N GLY A 54 -4.72 16.05 9.22
CA GLY A 54 -4.36 14.88 8.50
C GLY A 54 -3.32 15.19 7.45
N PRO A 55 -2.02 14.85 7.69
CA PRO A 55 -0.94 15.04 6.69
C PRO A 55 -1.33 14.45 5.35
N ALA A 56 -1.11 15.18 4.29
CA ALA A 56 -1.66 14.83 2.99
C ALA A 56 -0.68 14.16 2.04
N LEU A 57 -1.22 13.29 1.21
CA LEU A 57 -0.52 12.62 0.14
C LEU A 57 -0.61 13.48 -1.11
N ASP A 58 0.26 13.23 -2.07
CA ASP A 58 0.25 14.01 -3.30
C ASP A 58 -0.21 13.15 -4.45
N GLY A 59 -1.49 13.15 -4.68
CA GLY A 59 -2.06 12.33 -5.72
C GLY A 59 -2.26 13.08 -7.00
N ASP A 60 -1.22 13.74 -7.49
CA ASP A 60 -1.31 14.48 -8.73
C ASP A 60 -0.79 13.65 -9.89
N VAL A 61 -1.70 13.05 -10.61
CA VAL A 61 -1.40 12.21 -11.77
C VAL A 61 -2.42 12.45 -12.88
N PRO A 62 -2.24 11.91 -14.09
CA PRO A 62 -3.21 12.09 -15.18
C PRO A 62 -4.51 11.31 -14.91
N PHE A 63 -4.43 10.34 -14.02
CA PHE A 63 -5.57 9.53 -13.67
C PHE A 63 -6.02 9.82 -12.24
N SER A 64 -5.92 11.06 -11.82
CA SER A 64 -6.32 11.44 -10.46
C SER A 64 -7.80 11.14 -10.19
N GLN A 65 -8.64 11.14 -11.23
CA GLN A 65 -10.05 10.86 -11.08
C GLN A 65 -10.27 9.38 -10.77
N LYS A 66 -9.23 8.61 -10.90
CA LYS A 66 -9.28 7.20 -10.64
C LYS A 66 -8.83 6.92 -9.22
N VAL A 67 -8.09 7.88 -8.63
CA VAL A 67 -7.63 7.73 -7.27
C VAL A 67 -7.95 9.00 -6.45
N ALA A 68 -8.74 8.83 -5.45
CA ALA A 68 -9.18 9.95 -4.65
C ALA A 68 -8.41 9.99 -3.36
N VAL A 69 -7.79 11.09 -3.08
CA VAL A 69 -7.03 11.21 -1.87
C VAL A 69 -7.90 11.93 -0.86
N SER A 70 -8.14 11.27 0.24
CA SER A 70 -9.02 11.76 1.25
C SER A 70 -8.32 11.82 2.59
N ASN A 71 -8.94 12.46 3.55
CA ASN A 71 -8.41 12.54 4.90
C ASN A 71 -8.72 11.25 5.62
N TYR A 72 -7.88 10.90 6.53
CA TYR A 72 -8.04 9.72 7.32
C TYR A 72 -7.96 10.06 8.79
N ASP A 73 -8.91 9.62 9.55
CA ASP A 73 -8.92 9.81 10.99
C ASP A 73 -9.38 8.52 11.62
N SER A 74 -8.46 7.72 12.08
CA SER A 74 -8.77 6.45 12.71
C SER A 74 -7.54 5.95 13.45
N ASP A 75 -7.77 5.10 14.46
CA ASP A 75 -6.71 4.45 15.26
C ASP A 75 -5.98 5.47 16.14
N GLY A 76 -6.46 6.70 16.13
CA GLY A 76 -5.82 7.77 16.83
C GLY A 76 -4.85 8.52 15.93
N TYR A 77 -4.70 8.04 14.73
CA TYR A 77 -3.80 8.60 13.76
C TYR A 77 -4.60 9.38 12.72
N VAL A 78 -4.04 10.47 12.25
CA VAL A 78 -4.68 11.29 11.25
C VAL A 78 -3.77 11.31 10.03
N GLY A 79 -4.33 11.36 8.89
CA GLY A 79 -3.50 11.31 7.74
C GLY A 79 -4.29 11.35 6.51
N SER A 80 -3.74 10.81 5.50
CA SER A 80 -4.36 10.78 4.21
C SER A 80 -4.50 9.37 3.69
N GLN A 81 -5.56 9.14 3.00
CA GLN A 81 -5.80 7.88 2.38
C GLN A 81 -6.06 8.06 0.91
N ALA A 82 -5.40 7.29 0.12
CA ALA A 82 -5.64 7.32 -1.29
C ALA A 82 -6.56 6.17 -1.61
N VAL A 83 -7.73 6.48 -2.03
CA VAL A 83 -8.71 5.47 -2.35
C VAL A 83 -8.86 5.41 -3.86
N PHE A 84 -8.46 4.34 -4.43
CA PHE A 84 -8.47 4.20 -5.85
C PHE A 84 -9.43 3.12 -6.26
N SER A 85 -9.98 3.25 -7.42
CA SER A 85 -10.97 2.28 -7.87
C SER A 85 -11.01 2.21 -9.38
N ASP A 86 -11.44 1.03 -9.90
CA ASP A 86 -11.66 0.81 -11.34
C ASP A 86 -10.39 0.96 -12.11
N LEU A 87 -9.32 0.53 -11.49
CA LEU A 87 -8.04 0.56 -12.11
C LEU A 87 -7.74 -0.78 -12.68
N THR A 88 -6.73 -0.84 -13.45
CA THR A 88 -6.29 -2.08 -14.01
C THR A 88 -4.82 -2.27 -13.67
N PHE A 89 -4.26 -3.39 -14.12
CA PHE A 89 -2.89 -3.78 -13.87
C PHE A 89 -1.93 -2.65 -14.22
N ALA A 90 -2.11 -2.06 -15.40
CA ALA A 90 -1.26 -0.97 -15.89
C ALA A 90 -1.29 0.26 -14.98
N GLU A 91 -2.36 0.43 -14.25
CA GLU A 91 -2.53 1.61 -13.43
C GLU A 91 -1.97 1.39 -12.02
N LEU A 92 -1.78 0.13 -11.65
CA LEU A 92 -1.29 -0.22 -10.29
C LEU A 92 0.17 0.25 -10.01
N PRO A 93 1.19 -0.05 -10.88
CA PRO A 93 2.53 0.48 -10.68
C PRO A 93 2.53 2.00 -10.77
N GLN A 94 1.68 2.51 -11.63
CA GLN A 94 1.58 3.90 -11.90
C GLN A 94 1.07 4.66 -10.67
N LEU A 95 0.17 4.06 -9.91
CA LEU A 95 -0.31 4.68 -8.67
C LEU A 95 0.74 4.54 -7.58
N ALA A 96 1.67 3.60 -7.77
CA ALA A 96 2.65 3.32 -6.78
C ALA A 96 3.66 4.43 -6.73
N ASN A 97 3.76 5.25 -7.80
CA ASN A 97 4.69 6.36 -7.82
C ASN A 97 4.44 7.29 -6.65
N MET A 98 3.22 7.83 -6.55
CA MET A 98 2.88 8.81 -5.51
C MET A 98 3.10 8.21 -4.15
N ASN A 99 2.59 6.99 -3.99
CA ASN A 99 2.66 6.25 -2.74
C ASN A 99 4.11 6.08 -2.30
N SER A 100 5.02 5.91 -3.26
CA SER A 100 6.40 5.63 -2.93
C SER A 100 7.01 6.80 -2.17
N ASP A 101 6.58 8.02 -2.48
CA ASP A 101 7.17 9.22 -1.87
C ASP A 101 6.80 9.30 -0.41
N ALA A 102 5.75 8.61 -0.04
CA ALA A 102 5.29 8.62 1.31
C ALA A 102 5.78 7.40 2.06
N ALA A 103 6.18 6.37 1.31
CA ALA A 103 6.50 5.11 1.94
C ALA A 103 8.01 4.83 1.98
N GLY A 104 8.68 5.01 0.86
CA GLY A 104 10.09 4.64 0.77
C GLY A 104 10.22 3.19 0.35
N VAL A 105 9.24 2.72 -0.38
CA VAL A 105 9.19 1.34 -0.81
C VAL A 105 9.47 1.24 -2.30
N ASN A 106 9.84 0.07 -2.73
CA ASN A 106 10.07 -0.20 -4.14
C ASN A 106 9.12 -1.29 -4.54
N LEU A 107 8.59 -1.21 -5.74
CA LEU A 107 7.64 -2.19 -6.23
C LEU A 107 7.93 -2.51 -7.69
N SER A 108 7.74 -3.73 -8.06
CA SER A 108 7.86 -4.18 -9.42
C SER A 108 6.77 -5.24 -9.68
N LEU A 109 5.87 -4.93 -10.59
CA LEU A 109 4.75 -5.79 -10.88
C LEU A 109 4.75 -6.18 -12.35
N ARG A 110 4.70 -7.47 -12.61
CA ARG A 110 4.66 -7.98 -13.99
C ARG A 110 3.72 -9.19 -14.04
N ARG A 111 3.06 -9.41 -15.15
CA ARG A 111 2.32 -10.59 -15.29
C ARG A 111 3.15 -11.60 -16.09
N ASN A 112 3.29 -12.76 -15.55
CA ASN A 112 4.08 -13.81 -16.13
C ASN A 112 3.14 -14.79 -16.77
N GLY A 113 2.79 -14.49 -18.02
CA GLY A 113 1.86 -15.31 -18.74
C GLY A 113 0.47 -15.21 -18.16
N ASN A 114 0.11 -16.19 -17.36
CA ASN A 114 -1.22 -16.30 -16.76
C ASN A 114 -1.12 -15.99 -15.24
N ILE A 115 0.07 -16.00 -14.73
CA ILE A 115 0.23 -15.75 -13.33
C ILE A 115 0.88 -14.39 -13.14
N VAL A 116 0.58 -13.72 -12.10
CA VAL A 116 1.11 -12.41 -11.86
C VAL A 116 2.17 -12.45 -10.79
N ILE A 117 3.24 -11.72 -11.01
CA ILE A 117 4.32 -11.66 -10.07
C ILE A 117 4.49 -10.22 -9.56
N LEU A 118 4.56 -10.11 -8.30
CA LEU A 118 4.77 -8.84 -7.65
C LEU A 118 5.93 -8.97 -6.69
N GLU A 119 6.87 -8.08 -6.82
CA GLU A 119 7.97 -8.02 -5.89
C GLU A 119 8.11 -6.59 -5.39
N GLY A 120 8.53 -6.45 -4.20
CA GLY A 120 8.73 -5.17 -3.64
C GLY A 120 9.58 -5.25 -2.41
N ARG A 121 10.05 -4.12 -1.99
CA ARG A 121 10.87 -4.00 -0.81
C ARG A 121 10.39 -2.83 -0.03
N ALA A 122 10.47 -2.92 1.25
CA ALA A 122 10.16 -1.84 2.10
C ALA A 122 11.35 -1.59 2.97
N ASP A 123 12.00 -0.49 2.74
CA ASP A 123 13.15 -0.15 3.49
C ASP A 123 12.77 0.81 4.56
N LEU A 124 12.72 0.34 5.77
CA LEU A 124 12.45 1.18 6.89
C LEU A 124 13.66 1.16 7.80
N THR A 125 14.84 0.99 7.22
CA THR A 125 16.07 0.90 8.01
C THR A 125 16.46 2.26 8.60
N SER A 126 15.74 3.27 8.15
CA SER A 126 15.84 4.62 8.64
C SER A 126 15.25 4.71 10.06
N VAL A 127 14.49 3.67 10.42
CA VAL A 127 13.81 3.51 11.69
C VAL A 127 12.59 4.39 11.78
N SER A 128 12.81 5.71 11.80
CA SER A 128 11.76 6.72 11.94
C SER A 128 11.14 6.65 13.34
N ASP A 129 10.35 5.63 13.56
CA ASP A 129 9.63 5.43 14.78
C ASP A 129 9.54 3.94 14.96
N PRO A 130 9.82 3.39 16.14
CA PRO A 130 9.68 1.95 16.37
C PRO A 130 8.20 1.54 16.31
N ASP A 131 7.33 2.52 16.49
CA ASP A 131 5.88 2.34 16.46
C ASP A 131 5.35 2.40 15.05
N ALA A 132 6.23 2.54 14.09
CA ALA A 132 5.84 2.61 12.72
C ALA A 132 5.69 1.23 12.14
N ASP A 133 4.53 0.94 11.65
CA ASP A 133 4.28 -0.33 10.99
C ASP A 133 3.71 -0.08 9.63
N VAL A 134 4.17 -0.86 8.68
CA VAL A 134 3.72 -0.78 7.33
C VAL A 134 2.98 -2.05 7.02
N GLU A 135 1.70 -1.95 6.81
CA GLU A 135 0.89 -3.10 6.54
C GLU A 135 0.28 -3.01 5.17
N LEU A 136 0.53 -3.98 4.37
CA LEU A 136 -0.05 -4.02 3.07
C LEU A 136 -0.90 -5.28 3.01
N THR A 137 -2.12 -5.14 2.63
CA THR A 137 -3.04 -6.25 2.55
C THR A 137 -3.63 -6.30 1.15
N VAL A 138 -3.56 -7.45 0.52
CA VAL A 138 -4.11 -7.62 -0.81
C VAL A 138 -5.10 -8.77 -0.79
N ALA A 139 -6.32 -8.51 -1.24
CA ALA A 139 -7.31 -9.52 -1.34
C ALA A 139 -7.57 -9.77 -2.81
N PHE A 140 -7.47 -11.00 -3.20
CA PHE A 140 -7.72 -11.36 -4.58
C PHE A 140 -8.58 -12.58 -4.70
N PRO A 141 -9.72 -12.50 -5.38
CA PRO A 141 -10.55 -13.68 -5.68
C PRO A 141 -9.86 -14.59 -6.72
N ALA A 142 -8.70 -15.08 -6.36
CA ALA A 142 -7.92 -15.96 -7.18
C ALA A 142 -7.23 -16.96 -6.25
N ALA A 143 -5.94 -17.15 -6.44
CA ALA A 143 -5.20 -18.12 -5.71
C ALA A 143 -3.75 -17.77 -5.81
N VAL A 144 -3.13 -17.59 -4.69
CA VAL A 144 -1.74 -17.26 -4.61
C VAL A 144 -0.92 -18.51 -4.86
N THR A 145 0.07 -18.40 -5.70
CA THR A 145 0.89 -19.50 -6.02
C THR A 145 2.05 -19.54 -5.04
N SER A 146 2.64 -18.39 -4.78
CA SER A 146 3.75 -18.27 -3.85
C SER A 146 3.87 -16.82 -3.39
N THR A 147 4.01 -16.62 -2.13
CA THR A 147 4.16 -15.31 -1.60
C THR A 147 5.23 -15.29 -0.51
N ASN A 148 5.81 -14.14 -0.30
CA ASN A 148 6.75 -13.94 0.76
C ASN A 148 6.16 -12.84 1.56
N GLY A 149 5.38 -13.23 2.52
CA GLY A 149 4.65 -12.38 3.39
C GLY A 149 3.75 -13.25 4.20
N ASP A 150 2.75 -12.71 4.80
CA ASP A 150 1.88 -13.49 5.64
C ASP A 150 0.64 -13.85 4.90
N ARG A 151 0.61 -15.06 4.40
CA ARG A 151 -0.54 -15.55 3.74
C ARG A 151 -1.57 -16.01 4.74
N ILE A 152 -2.62 -15.23 4.84
CA ILE A 152 -3.71 -15.51 5.75
C ILE A 152 -4.59 -16.55 5.11
N GLU A 153 -4.93 -16.27 3.88
CA GLU A 153 -5.75 -17.12 3.08
C GLU A 153 -5.01 -17.38 1.79
N PRO A 154 -5.42 -18.39 0.99
CA PRO A 154 -4.79 -18.66 -0.30
C PRO A 154 -5.15 -17.59 -1.33
N GLU A 155 -5.99 -16.66 -0.92
CA GLU A 155 -6.43 -15.60 -1.79
C GLU A 155 -6.34 -14.22 -1.11
N VAL A 156 -5.77 -14.19 0.08
CA VAL A 156 -5.61 -12.93 0.83
C VAL A 156 -4.28 -12.97 1.58
N VAL A 157 -3.42 -12.02 1.29
CA VAL A 157 -2.08 -11.98 1.89
C VAL A 157 -1.84 -10.60 2.52
N GLN A 158 -1.07 -10.58 3.59
CA GLN A 158 -0.78 -9.37 4.29
C GLN A 158 0.71 -9.29 4.58
N TRP A 159 1.24 -8.14 4.46
CA TRP A 159 2.62 -7.89 4.75
C TRP A 159 2.70 -6.90 5.87
N LYS A 160 3.31 -7.31 6.95
CA LYS A 160 3.54 -6.42 8.06
C LYS A 160 5.03 -6.12 8.12
N LEU A 161 5.38 -5.01 7.58
CA LEU A 161 6.74 -4.61 7.41
C LEU A 161 7.13 -3.67 8.54
N LYS A 162 8.33 -3.85 9.06
CA LYS A 162 8.76 -3.14 10.26
C LYS A 162 9.95 -2.21 10.06
N PRO A 163 10.18 -1.27 11.02
CA PRO A 163 11.31 -0.35 11.01
C PRO A 163 12.61 -1.02 11.43
N GLY A 164 13.72 -0.46 10.99
CA GLY A 164 15.03 -0.98 11.33
C GLY A 164 15.42 -2.11 10.41
N VAL A 165 14.44 -2.86 10.00
CA VAL A 165 14.62 -3.99 9.15
C VAL A 165 14.15 -3.65 7.74
N VAL A 166 14.77 -4.26 6.77
CA VAL A 166 14.34 -4.11 5.41
C VAL A 166 13.54 -5.34 5.04
N SER A 167 12.29 -5.15 4.81
CA SER A 167 11.42 -6.24 4.59
C SER A 167 11.00 -6.34 3.14
N THR A 168 10.81 -7.54 2.67
CA THR A 168 10.47 -7.79 1.32
C THR A 168 9.00 -8.11 1.17
N MET A 169 8.48 -7.80 0.02
CA MET A 169 7.13 -8.11 -0.33
C MET A 169 7.19 -8.92 -1.60
N SER A 170 6.70 -10.11 -1.58
CA SER A 170 6.65 -10.91 -2.78
C SER A 170 5.31 -11.57 -2.84
N ALA A 171 4.71 -11.56 -3.99
CA ALA A 171 3.40 -12.14 -4.18
C ALA A 171 3.28 -12.60 -5.58
N GLN A 172 3.09 -13.85 -5.76
CA GLN A 172 2.85 -14.40 -7.05
C GLN A 172 1.54 -15.11 -6.97
N ALA A 173 0.68 -14.86 -7.90
CA ALA A 173 -0.64 -15.45 -7.88
C ALA A 173 -1.14 -15.66 -9.26
N ARG A 174 -1.93 -16.67 -9.46
CA ARG A 174 -2.44 -16.94 -10.78
C ARG A 174 -3.74 -16.18 -11.00
N TYR A 175 -3.83 -15.42 -12.08
CA TYR A 175 -5.02 -14.62 -12.34
C TYR A 175 -5.52 -14.91 -13.70
N THR A 176 -6.76 -14.74 -13.87
CA THR A 176 -7.36 -14.95 -15.14
C THR A 176 -7.08 -13.75 -16.06
N ASP A 177 -6.45 -14.02 -17.17
CA ASP A 177 -6.13 -12.99 -18.16
C ASP A 177 -7.37 -12.58 -18.90
N PRO A 178 -7.71 -11.29 -18.89
CA PRO A 178 -8.85 -10.79 -19.66
C PRO A 178 -8.53 -10.84 -21.16
N ASN A 179 -7.24 -10.71 -21.46
CA ASN A 179 -6.75 -10.71 -22.81
C ASN A 179 -6.53 -12.14 -23.28
N THR A 180 -6.42 -13.06 -22.31
CA THR A 180 -6.09 -14.48 -22.50
C THR A 180 -4.74 -14.67 -23.22
N ARG A 181 -3.69 -14.86 -22.45
CA ARG A 181 -2.39 -15.01 -22.96
C ARG A 181 -1.86 -16.40 -22.64
N SER A 182 -0.91 -16.79 -23.40
CA SER A 182 -0.19 -18.01 -23.27
C SER A 182 1.25 -17.65 -23.59
N GLY A 12 -0.85 29.06 9.01
CA GLY A 12 -0.32 28.69 7.72
C GLY A 12 0.32 27.35 7.81
N ARG A 13 1.50 27.22 7.26
CA ARG A 13 2.19 25.95 7.32
C ARG A 13 3.09 25.91 8.54
N GLU A 14 3.79 27.03 8.77
CA GLU A 14 4.81 27.17 9.83
C GLU A 14 5.94 26.16 9.67
N ASN A 15 5.69 24.96 10.10
CA ASN A 15 6.66 23.89 10.10
C ASN A 15 5.92 22.58 10.04
N LEU A 16 6.47 21.63 9.33
CA LEU A 16 5.93 20.30 9.31
C LEU A 16 6.46 19.63 10.56
N TYR A 17 5.59 19.31 11.47
CA TYR A 17 6.03 18.79 12.74
C TYR A 17 6.27 17.30 12.71
N PHE A 18 7.36 16.93 12.10
CA PHE A 18 7.76 15.55 12.09
C PHE A 18 8.51 15.26 13.39
N GLN A 19 7.75 14.91 14.38
CA GLN A 19 8.30 14.65 15.70
C GLN A 19 8.26 13.16 15.94
N GLY A 20 8.51 12.75 17.16
CA GLY A 20 8.46 11.35 17.48
C GLY A 20 7.03 10.90 17.69
N HIS A 21 6.34 10.67 16.59
CA HIS A 21 4.97 10.24 16.63
C HIS A 21 4.80 9.05 15.74
N MET A 22 3.87 8.21 16.06
CA MET A 22 3.65 7.00 15.31
C MET A 22 2.82 7.25 14.08
N LEU A 23 3.22 6.64 13.00
CA LEU A 23 2.53 6.76 11.76
C LEU A 23 2.34 5.40 11.14
N ARG A 24 1.12 5.05 10.96
CA ARG A 24 0.74 3.78 10.40
C ARG A 24 0.24 3.98 9.00
N VAL A 25 0.84 3.29 8.07
CA VAL A 25 0.40 3.37 6.71
C VAL A 25 -0.05 2.00 6.23
N ARG A 26 -1.31 1.88 5.96
CA ARG A 26 -1.89 0.66 5.50
C ARG A 26 -2.38 0.77 4.10
N ALA A 27 -1.81 -0.03 3.27
CA ALA A 27 -2.21 -0.09 1.90
C ALA A 27 -2.94 -1.37 1.69
N SER A 28 -4.21 -1.28 1.50
CA SER A 28 -5.00 -2.43 1.26
C SER A 28 -5.63 -2.34 -0.11
N ILE A 29 -5.26 -3.23 -0.98
CA ILE A 29 -5.76 -3.20 -2.32
C ILE A 29 -6.31 -4.56 -2.71
N THR A 30 -7.27 -4.54 -3.54
CA THR A 30 -7.87 -5.72 -4.04
C THR A 30 -7.79 -5.71 -5.56
N ILE A 31 -7.23 -6.74 -6.12
CA ILE A 31 -7.11 -6.86 -7.54
C ILE A 31 -8.06 -7.95 -8.03
N SER A 32 -9.07 -7.52 -8.71
CA SER A 32 -10.11 -8.36 -9.18
C SER A 32 -9.63 -9.15 -10.42
N PRO A 33 -10.20 -10.37 -10.67
CA PRO A 33 -9.83 -11.24 -11.83
C PRO A 33 -10.03 -10.58 -13.22
N ASP A 34 -10.55 -9.36 -13.23
CA ASP A 34 -10.75 -8.58 -14.41
C ASP A 34 -9.48 -7.81 -14.75
N ASP A 35 -8.46 -8.00 -13.90
CA ASP A 35 -7.15 -7.31 -13.98
C ASP A 35 -7.39 -5.85 -13.66
N LEU A 36 -8.31 -5.68 -12.75
CA LEU A 36 -8.77 -4.44 -12.28
C LEU A 36 -8.29 -4.29 -10.84
N VAL A 37 -7.63 -3.22 -10.58
CA VAL A 37 -7.12 -2.96 -9.28
C VAL A 37 -7.99 -1.89 -8.63
N SER A 38 -8.29 -2.11 -7.38
CA SER A 38 -9.12 -1.24 -6.60
C SER A 38 -8.52 -1.27 -5.20
N GLY A 39 -8.61 -0.20 -4.45
CA GLY A 39 -8.05 -0.28 -3.12
C GLY A 39 -7.91 1.05 -2.48
N GLU A 40 -7.21 1.07 -1.38
CA GLU A 40 -7.06 2.24 -0.60
C GLU A 40 -5.76 2.22 0.19
N ILE A 41 -5.15 3.36 0.29
CA ILE A 41 -3.98 3.51 1.12
C ILE A 41 -4.31 4.50 2.22
N ILE A 42 -4.28 4.04 3.43
CA ILE A 42 -4.55 4.88 4.57
C ILE A 42 -3.26 5.20 5.25
N ALA A 43 -2.90 6.44 5.25
CA ALA A 43 -1.75 6.87 5.96
C ALA A 43 -2.26 7.64 7.14
N ALA A 44 -2.13 7.06 8.29
CA ALA A 44 -2.68 7.65 9.48
C ALA A 44 -1.63 7.81 10.54
N ALA A 45 -1.43 9.02 10.92
CA ALA A 45 -0.43 9.36 11.88
C ALA A 45 -1.10 9.82 13.16
N LYS A 46 -0.48 9.57 14.29
CA LYS A 46 -1.04 10.08 15.52
C LYS A 46 -0.73 11.57 15.53
N PRO A 47 -1.77 12.43 15.68
CA PRO A 47 -1.65 13.89 15.51
C PRO A 47 -0.43 14.52 16.17
N LYS A 48 -0.49 14.68 17.50
CA LYS A 48 0.56 15.29 18.33
C LYS A 48 0.69 16.81 18.05
N ASN A 49 0.81 17.16 16.79
CA ASN A 49 0.77 18.54 16.36
C ASN A 49 -0.68 18.98 16.37
N SER A 50 -0.98 19.88 17.27
CA SER A 50 -2.32 20.35 17.56
C SER A 50 -3.16 20.76 16.32
N LYS A 51 -2.52 21.33 15.31
CA LYS A 51 -3.29 21.80 14.16
C LYS A 51 -3.33 20.77 13.04
N ASP A 52 -2.61 19.68 13.19
CA ASP A 52 -2.50 18.78 12.07
C ASP A 52 -3.57 17.75 12.14
N THR A 53 -4.32 17.66 11.09
CA THR A 53 -5.38 16.72 10.99
C THR A 53 -5.09 15.67 9.93
N GLY A 54 -3.95 15.78 9.30
CA GLY A 54 -3.59 14.81 8.32
C GLY A 54 -2.33 15.15 7.54
N PRO A 55 -1.24 14.37 7.64
CA PRO A 55 -0.10 14.51 6.74
C PRO A 55 -0.56 14.11 5.34
N ALA A 56 -0.30 14.95 4.38
CA ALA A 56 -0.81 14.81 3.02
C ALA A 56 -0.15 13.67 2.23
N LEU A 57 -0.81 13.28 1.15
CA LEU A 57 -0.32 12.27 0.24
C LEU A 57 -0.28 12.86 -1.15
N ASP A 58 0.73 12.52 -1.91
CA ASP A 58 0.87 13.07 -3.25
C ASP A 58 0.12 12.20 -4.21
N GLY A 59 -1.14 12.46 -4.33
CA GLY A 59 -1.99 11.71 -5.18
C GLY A 59 -2.20 12.40 -6.49
N ASP A 60 -1.15 13.00 -6.97
CA ASP A 60 -1.20 13.70 -8.22
C ASP A 60 -0.76 12.76 -9.31
N VAL A 61 -1.72 12.24 -10.02
CA VAL A 61 -1.50 11.24 -11.05
C VAL A 61 -2.40 11.55 -12.24
N PRO A 62 -2.13 10.98 -13.44
CA PRO A 62 -2.96 11.20 -14.64
C PRO A 62 -4.37 10.61 -14.47
N PHE A 63 -4.47 9.62 -13.62
CA PHE A 63 -5.75 8.96 -13.36
C PHE A 63 -6.38 9.48 -12.07
N SER A 64 -6.32 10.76 -11.88
CA SER A 64 -6.86 11.40 -10.70
C SER A 64 -8.37 11.12 -10.49
N GLN A 65 -9.10 10.91 -11.59
CA GLN A 65 -10.54 10.66 -11.50
C GLN A 65 -10.78 9.27 -10.94
N LYS A 66 -9.75 8.47 -10.95
CA LYS A 66 -9.82 7.12 -10.49
C LYS A 66 -9.39 7.05 -9.03
N VAL A 67 -8.79 8.12 -8.52
CA VAL A 67 -8.33 8.09 -7.14
C VAL A 67 -8.91 9.23 -6.32
N ALA A 68 -9.56 8.87 -5.27
CA ALA A 68 -10.12 9.83 -4.37
C ALA A 68 -9.22 9.95 -3.16
N VAL A 69 -8.50 11.02 -3.08
CA VAL A 69 -7.63 11.25 -1.97
C VAL A 69 -8.37 12.16 -1.01
N SER A 70 -8.41 11.78 0.22
CA SER A 70 -9.15 12.49 1.22
C SER A 70 -8.46 12.37 2.56
N ASN A 71 -8.93 13.09 3.54
CA ASN A 71 -8.32 13.07 4.86
C ASN A 71 -8.94 11.92 5.69
N TYR A 72 -8.20 11.41 6.63
CA TYR A 72 -8.61 10.32 7.46
C TYR A 72 -8.53 10.74 8.93
N ASP A 73 -9.60 10.51 9.66
CA ASP A 73 -9.66 10.77 11.11
C ASP A 73 -10.38 9.61 11.74
N SER A 74 -9.66 8.73 12.38
CA SER A 74 -10.23 7.56 13.01
C SER A 74 -9.16 6.87 13.80
N ASP A 75 -9.57 6.19 14.89
CA ASP A 75 -8.67 5.38 15.75
C ASP A 75 -7.72 6.27 16.54
N GLY A 76 -7.98 7.55 16.49
CA GLY A 76 -7.13 8.50 17.14
C GLY A 76 -6.04 8.98 16.23
N TYR A 77 -6.02 8.48 15.03
CA TYR A 77 -5.03 8.83 14.05
C TYR A 77 -5.64 9.76 13.03
N VAL A 78 -4.84 10.65 12.55
CA VAL A 78 -5.23 11.58 11.55
C VAL A 78 -4.26 11.44 10.38
N GLY A 79 -4.76 11.47 9.20
CA GLY A 79 -3.90 11.32 8.09
C GLY A 79 -4.61 11.50 6.81
N SER A 80 -4.07 10.93 5.81
CA SER A 80 -4.66 11.01 4.51
C SER A 80 -4.87 9.63 3.94
N GLN A 81 -5.89 9.48 3.18
CA GLN A 81 -6.20 8.24 2.56
C GLN A 81 -6.41 8.44 1.09
N ALA A 82 -5.94 7.51 0.33
CA ALA A 82 -6.16 7.53 -1.08
C ALA A 82 -6.96 6.32 -1.43
N VAL A 83 -8.15 6.53 -1.87
CA VAL A 83 -9.04 5.45 -2.24
C VAL A 83 -9.17 5.44 -3.75
N PHE A 84 -8.65 4.44 -4.38
CA PHE A 84 -8.64 4.40 -5.83
C PHE A 84 -9.52 3.29 -6.32
N SER A 85 -9.95 3.42 -7.53
CA SER A 85 -10.88 2.51 -8.11
C SER A 85 -10.76 2.48 -9.63
N ASP A 86 -11.07 1.32 -10.21
CA ASP A 86 -11.14 1.10 -11.67
C ASP A 86 -9.78 1.34 -12.34
N LEU A 87 -8.74 0.79 -11.74
CA LEU A 87 -7.41 0.87 -12.29
C LEU A 87 -7.00 -0.48 -12.81
N THR A 88 -5.91 -0.55 -13.52
CA THR A 88 -5.47 -1.84 -14.03
C THR A 88 -3.98 -2.10 -13.68
N PHE A 89 -3.49 -3.27 -14.12
CA PHE A 89 -2.13 -3.79 -13.88
C PHE A 89 -1.06 -2.76 -14.21
N ALA A 90 -1.23 -2.10 -15.33
CA ALA A 90 -0.28 -1.11 -15.82
C ALA A 90 -0.27 0.15 -14.94
N GLU A 91 -1.37 0.40 -14.27
CA GLU A 91 -1.54 1.56 -13.46
C GLU A 91 -1.08 1.29 -12.03
N LEU A 92 -0.90 0.02 -11.71
CA LEU A 92 -0.46 -0.44 -10.38
C LEU A 92 0.87 0.25 -9.94
N PRO A 93 2.00 0.16 -10.72
CA PRO A 93 3.25 0.84 -10.33
C PRO A 93 3.07 2.37 -10.28
N GLN A 94 2.27 2.86 -11.19
CA GLN A 94 1.99 4.24 -11.36
C GLN A 94 1.27 4.80 -10.10
N LEU A 95 0.35 4.02 -9.54
CA LEU A 95 -0.33 4.41 -8.30
C LEU A 95 0.60 4.20 -7.12
N ALA A 96 1.62 3.38 -7.32
CA ALA A 96 2.53 3.04 -6.26
C ALA A 96 3.43 4.21 -5.95
N ASN A 97 3.61 5.13 -6.93
CA ASN A 97 4.41 6.34 -6.68
C ASN A 97 3.85 7.09 -5.51
N MET A 98 2.53 7.30 -5.55
CA MET A 98 1.78 8.01 -4.51
C MET A 98 2.08 7.38 -3.17
N ASN A 99 1.84 6.09 -3.11
CA ASN A 99 2.09 5.30 -1.90
C ASN A 99 3.54 5.43 -1.43
N SER A 100 4.47 5.50 -2.39
CA SER A 100 5.87 5.48 -2.10
C SER A 100 6.27 6.71 -1.32
N ASP A 101 5.51 7.81 -1.48
CA ASP A 101 5.83 9.09 -0.83
C ASP A 101 5.85 8.91 0.68
N ALA A 102 5.09 7.95 1.14
CA ALA A 102 5.01 7.68 2.55
C ALA A 102 5.63 6.33 2.90
N ALA A 103 5.88 5.51 1.90
CA ALA A 103 6.30 4.15 2.17
C ALA A 103 7.77 3.88 1.88
N GLY A 104 8.23 4.29 0.71
CA GLY A 104 9.59 3.96 0.28
C GLY A 104 9.74 2.51 -0.15
N VAL A 105 8.62 1.81 -0.20
CA VAL A 105 8.60 0.42 -0.59
C VAL A 105 8.64 0.34 -2.09
N ASN A 106 9.47 -0.53 -2.60
CA ASN A 106 9.59 -0.67 -4.04
C ASN A 106 8.73 -1.82 -4.47
N LEU A 107 7.79 -1.58 -5.36
CA LEU A 107 6.88 -2.63 -5.83
C LEU A 107 7.15 -2.96 -7.28
N SER A 108 7.58 -4.16 -7.54
CA SER A 108 7.83 -4.62 -8.88
C SER A 108 6.76 -5.66 -9.24
N LEU A 109 6.21 -5.57 -10.43
CA LEU A 109 5.12 -6.44 -10.83
C LEU A 109 5.29 -6.90 -12.28
N ARG A 110 5.10 -8.20 -12.50
CA ARG A 110 5.15 -8.79 -13.84
C ARG A 110 4.12 -9.88 -13.98
N ARG A 111 3.64 -10.08 -15.18
CA ARG A 111 2.75 -11.14 -15.47
C ARG A 111 3.46 -12.15 -16.37
N ASN A 112 3.32 -13.40 -16.06
CA ASN A 112 3.96 -14.46 -16.79
C ASN A 112 2.90 -15.46 -17.17
N GLY A 113 2.37 -15.27 -18.35
CA GLY A 113 1.30 -16.11 -18.82
C GLY A 113 0.04 -15.84 -18.03
N ASN A 114 -0.40 -16.84 -17.33
CA ASN A 114 -1.59 -16.74 -16.49
C ASN A 114 -1.20 -16.34 -15.07
N ILE A 115 0.05 -16.50 -14.73
CA ILE A 115 0.41 -16.25 -13.37
C ILE A 115 1.11 -14.90 -13.26
N VAL A 116 0.96 -14.26 -12.17
CA VAL A 116 1.51 -12.96 -11.95
C VAL A 116 2.44 -12.99 -10.78
N ILE A 117 3.59 -12.36 -10.94
CA ILE A 117 4.56 -12.27 -9.90
C ILE A 117 4.69 -10.81 -9.44
N LEU A 118 4.63 -10.63 -8.19
CA LEU A 118 4.80 -9.34 -7.58
C LEU A 118 5.89 -9.46 -6.55
N GLU A 119 6.82 -8.58 -6.61
CA GLU A 119 7.92 -8.58 -5.69
C GLU A 119 8.18 -7.17 -5.19
N GLY A 120 8.15 -7.00 -3.91
CA GLY A 120 8.31 -5.72 -3.33
C GLY A 120 9.30 -5.77 -2.22
N ARG A 121 10.03 -4.72 -2.02
CA ARG A 121 10.99 -4.66 -0.97
C ARG A 121 10.90 -3.34 -0.26
N ALA A 122 10.74 -3.40 1.03
CA ALA A 122 10.59 -2.24 1.84
C ALA A 122 11.90 -1.91 2.51
N ASP A 123 12.51 -0.83 2.09
CA ASP A 123 13.76 -0.41 2.66
C ASP A 123 13.51 0.69 3.66
N LEU A 124 13.36 0.30 4.89
CA LEU A 124 13.15 1.24 5.97
C LEU A 124 14.25 1.08 6.99
N THR A 125 15.37 0.57 6.56
CA THR A 125 16.48 0.32 7.46
C THR A 125 17.09 1.62 7.97
N SER A 126 17.13 2.60 7.12
CA SER A 126 17.76 3.87 7.42
C SER A 126 16.73 4.94 7.78
N VAL A 127 15.52 4.53 8.15
CA VAL A 127 14.51 5.47 8.54
C VAL A 127 14.76 5.90 10.00
N SER A 128 14.58 7.16 10.29
CA SER A 128 14.82 7.64 11.63
C SER A 128 13.56 7.57 12.48
N ASP A 129 12.51 6.99 11.94
CA ASP A 129 11.26 6.91 12.65
C ASP A 129 10.93 5.48 12.99
N PRO A 130 11.20 5.05 14.24
CA PRO A 130 10.95 3.68 14.67
C PRO A 130 9.46 3.42 14.91
N ASP A 131 8.67 4.48 14.95
CA ASP A 131 7.25 4.36 15.20
C ASP A 131 6.47 4.40 13.89
N ALA A 132 7.15 4.16 12.81
CA ALA A 132 6.50 4.07 11.53
C ALA A 132 6.07 2.63 11.33
N ASP A 133 4.89 2.41 10.88
CA ASP A 133 4.44 1.06 10.68
C ASP A 133 3.84 0.92 9.32
N VAL A 134 4.46 0.13 8.47
CA VAL A 134 3.98 -0.02 7.13
C VAL A 134 3.33 -1.38 7.00
N GLU A 135 2.11 -1.41 6.61
CA GLU A 135 1.43 -2.66 6.51
C GLU A 135 0.60 -2.67 5.23
N LEU A 136 0.72 -3.72 4.48
CA LEU A 136 0.10 -3.79 3.18
C LEU A 136 -0.70 -5.09 3.08
N THR A 137 -1.90 -5.00 2.55
CA THR A 137 -2.76 -6.13 2.35
C THR A 137 -3.24 -6.17 0.89
N VAL A 138 -3.19 -7.32 0.26
CA VAL A 138 -3.66 -7.46 -1.10
C VAL A 138 -4.67 -8.59 -1.17
N ALA A 139 -5.85 -8.30 -1.68
CA ALA A 139 -6.85 -9.30 -1.84
C ALA A 139 -7.04 -9.56 -3.32
N PHE A 140 -6.95 -10.79 -3.70
CA PHE A 140 -7.17 -11.21 -5.05
C PHE A 140 -8.05 -12.43 -5.05
N PRO A 141 -9.33 -12.28 -5.43
CA PRO A 141 -10.30 -13.41 -5.45
C PRO A 141 -9.99 -14.52 -6.49
N ALA A 142 -8.74 -14.91 -6.60
CA ALA A 142 -8.30 -15.91 -7.53
C ALA A 142 -7.65 -17.08 -6.80
N ALA A 143 -6.30 -17.03 -6.62
CA ALA A 143 -5.53 -18.09 -5.98
C ALA A 143 -4.05 -17.74 -5.98
N VAL A 144 -3.47 -17.72 -4.82
CA VAL A 144 -2.05 -17.48 -4.67
C VAL A 144 -1.30 -18.78 -4.95
N THR A 145 -0.18 -18.68 -5.60
CA THR A 145 0.62 -19.85 -5.84
C THR A 145 1.75 -19.91 -4.82
N SER A 146 2.32 -18.75 -4.52
CA SER A 146 3.41 -18.64 -3.56
C SER A 146 3.52 -17.18 -3.11
N THR A 147 3.65 -16.97 -1.84
CA THR A 147 3.84 -15.66 -1.34
C THR A 147 4.90 -15.63 -0.24
N ASN A 148 5.58 -14.52 -0.15
CA ASN A 148 6.55 -14.29 0.89
C ASN A 148 5.99 -13.22 1.76
N GLY A 149 5.22 -13.64 2.73
CA GLY A 149 4.57 -12.79 3.65
C GLY A 149 3.58 -13.60 4.42
N ASP A 150 2.56 -12.99 4.92
CA ASP A 150 1.59 -13.70 5.74
C ASP A 150 0.28 -13.80 5.04
N ARG A 151 -0.02 -14.98 4.56
CA ARG A 151 -1.24 -15.20 3.84
C ARG A 151 -2.39 -15.37 4.83
N ILE A 152 -3.42 -14.60 4.65
CA ILE A 152 -4.60 -14.67 5.49
C ILE A 152 -5.49 -15.74 4.91
N GLU A 153 -5.58 -15.72 3.61
CA GLU A 153 -6.35 -16.64 2.84
C GLU A 153 -5.50 -17.05 1.66
N PRO A 154 -5.91 -18.07 0.88
CA PRO A 154 -5.20 -18.46 -0.34
C PRO A 154 -5.44 -17.43 -1.45
N GLU A 155 -6.21 -16.41 -1.13
CA GLU A 155 -6.51 -15.35 -2.06
C GLU A 155 -6.31 -13.95 -1.43
N VAL A 156 -5.83 -13.91 -0.20
CA VAL A 156 -5.60 -12.63 0.50
C VAL A 156 -4.32 -12.74 1.30
N VAL A 157 -3.37 -11.87 1.05
CA VAL A 157 -2.08 -11.91 1.74
C VAL A 157 -1.77 -10.54 2.33
N GLN A 158 -1.06 -10.52 3.45
CA GLN A 158 -0.76 -9.32 4.16
C GLN A 158 0.72 -9.30 4.55
N TRP A 159 1.30 -8.13 4.50
CA TRP A 159 2.70 -7.96 4.80
C TRP A 159 2.90 -6.90 5.84
N LYS A 160 3.76 -7.21 6.78
CA LYS A 160 4.13 -6.30 7.83
C LYS A 160 5.52 -5.77 7.54
N LEU A 161 5.59 -4.55 7.11
CA LEU A 161 6.81 -3.90 6.72
C LEU A 161 7.25 -2.96 7.88
N LYS A 162 8.42 -3.22 8.42
CA LYS A 162 8.85 -2.57 9.65
C LYS A 162 10.07 -1.65 9.43
N PRO A 163 10.27 -0.65 10.34
CA PRO A 163 11.43 0.25 10.29
C PRO A 163 12.66 -0.46 10.81
N GLY A 164 13.81 0.00 10.40
CA GLY A 164 15.07 -0.58 10.84
C GLY A 164 15.41 -1.85 10.10
N VAL A 165 14.40 -2.59 9.73
CA VAL A 165 14.57 -3.82 9.04
C VAL A 165 14.19 -3.66 7.57
N VAL A 166 14.64 -4.57 6.76
CA VAL A 166 14.29 -4.59 5.37
C VAL A 166 13.31 -5.72 5.17
N SER A 167 12.10 -5.37 4.90
CA SER A 167 11.09 -6.37 4.75
C SER A 167 10.86 -6.67 3.29
N THR A 168 10.90 -7.91 2.98
CA THR A 168 10.68 -8.36 1.65
C THR A 168 9.27 -8.88 1.51
N MET A 169 8.66 -8.55 0.42
CA MET A 169 7.32 -9.00 0.16
C MET A 169 7.24 -9.55 -1.23
N SER A 170 6.64 -10.68 -1.36
CA SER A 170 6.44 -11.25 -2.66
C SER A 170 5.11 -11.94 -2.71
N ALA A 171 4.51 -11.95 -3.84
CA ALA A 171 3.22 -12.53 -4.04
C ALA A 171 3.14 -13.00 -5.44
N GLN A 172 2.94 -14.24 -5.58
CA GLN A 172 2.77 -14.82 -6.88
C GLN A 172 1.42 -15.48 -6.87
N ALA A 173 0.65 -15.22 -7.85
CA ALA A 173 -0.70 -15.73 -7.89
C ALA A 173 -1.15 -15.83 -9.31
N ARG A 174 -2.15 -16.61 -9.55
CA ARG A 174 -2.66 -16.73 -10.90
C ARG A 174 -3.71 -15.64 -11.10
N TYR A 175 -3.57 -14.84 -12.12
CA TYR A 175 -4.59 -13.85 -12.43
C TYR A 175 -5.05 -14.08 -13.82
N THR A 176 -6.31 -14.19 -13.97
CA THR A 176 -6.93 -14.39 -15.23
C THR A 176 -6.68 -13.18 -16.15
N ASP A 177 -5.82 -13.38 -17.15
CA ASP A 177 -5.40 -12.30 -18.05
C ASP A 177 -6.56 -11.80 -18.87
N PRO A 178 -6.74 -10.51 -18.93
CA PRO A 178 -7.86 -9.90 -19.64
C PRO A 178 -7.78 -10.08 -21.17
N ASN A 179 -6.62 -9.82 -21.74
CA ASN A 179 -6.42 -9.95 -23.14
C ASN A 179 -6.10 -11.35 -23.56
N THR A 180 -5.89 -12.20 -22.58
CA THR A 180 -5.67 -13.62 -22.73
C THR A 180 -4.42 -13.92 -23.54
N ARG A 181 -3.31 -13.49 -22.98
CA ARG A 181 -2.03 -13.72 -23.59
C ARG A 181 -1.45 -15.06 -23.22
N SER A 182 -0.49 -15.50 -24.00
CA SER A 182 0.14 -16.75 -23.77
C SER A 182 1.51 -16.48 -23.14
N GLY A 12 4.79 31.44 21.08
CA GLY A 12 4.02 31.17 22.29
C GLY A 12 3.55 29.75 22.27
N ARG A 13 3.66 29.07 23.41
CA ARG A 13 3.32 27.65 23.56
C ARG A 13 4.20 26.80 22.64
N GLU A 14 5.46 26.70 22.98
CA GLU A 14 6.37 25.89 22.20
C GLU A 14 6.45 24.50 22.77
N ASN A 15 6.00 23.54 22.00
CA ASN A 15 6.13 22.14 22.35
C ASN A 15 7.59 21.81 22.21
N LEU A 16 8.24 21.63 23.33
CA LEU A 16 9.69 21.42 23.37
C LEU A 16 10.06 20.06 22.82
N TYR A 17 9.62 19.03 23.48
CA TYR A 17 9.91 17.71 23.04
C TYR A 17 8.76 17.26 22.17
N PHE A 18 8.85 17.55 20.89
CA PHE A 18 7.79 17.26 19.94
C PHE A 18 7.73 15.78 19.57
N GLN A 19 7.23 15.02 20.49
CA GLN A 19 7.09 13.61 20.37
C GLN A 19 5.82 13.32 19.60
N GLY A 20 5.95 12.62 18.51
CA GLY A 20 4.82 12.36 17.68
C GLY A 20 5.20 12.25 16.24
N HIS A 21 5.84 11.16 15.92
CA HIS A 21 6.22 10.85 14.54
C HIS A 21 5.87 9.41 14.25
N MET A 22 5.00 8.87 15.08
CA MET A 22 4.54 7.52 14.95
C MET A 22 3.50 7.44 13.86
N LEU A 23 3.94 7.07 12.67
CA LEU A 23 3.05 6.95 11.55
C LEU A 23 2.94 5.50 11.12
N ARG A 24 1.74 5.02 11.07
CA ARG A 24 1.50 3.68 10.65
C ARG A 24 0.72 3.74 9.38
N VAL A 25 1.23 3.11 8.37
CA VAL A 25 0.61 3.15 7.09
C VAL A 25 0.13 1.78 6.70
N ARG A 26 -1.11 1.72 6.33
CA ARG A 26 -1.75 0.51 5.95
C ARG A 26 -2.30 0.67 4.56
N ALA A 27 -1.79 -0.10 3.66
CA ALA A 27 -2.24 -0.08 2.31
C ALA A 27 -3.01 -1.34 2.07
N SER A 28 -4.28 -1.21 1.94
CA SER A 28 -5.12 -2.34 1.71
C SER A 28 -5.61 -2.27 0.30
N ILE A 29 -5.24 -3.21 -0.52
CA ILE A 29 -5.68 -3.20 -1.87
C ILE A 29 -6.25 -4.55 -2.24
N THR A 30 -7.22 -4.55 -3.06
CA THR A 30 -7.84 -5.72 -3.51
C THR A 30 -7.76 -5.76 -5.04
N ILE A 31 -7.30 -6.85 -5.58
CA ILE A 31 -7.16 -6.97 -6.99
C ILE A 31 -8.01 -8.12 -7.50
N SER A 32 -8.84 -7.81 -8.45
CA SER A 32 -9.71 -8.76 -9.04
C SER A 32 -9.08 -9.27 -10.34
N PRO A 33 -9.26 -10.58 -10.63
CA PRO A 33 -8.79 -11.22 -11.90
C PRO A 33 -9.40 -10.58 -13.18
N ASP A 34 -10.20 -9.54 -13.01
CA ASP A 34 -10.78 -8.79 -14.10
C ASP A 34 -9.78 -7.77 -14.62
N ASP A 35 -8.59 -7.77 -13.99
CA ASP A 35 -7.50 -6.81 -14.26
C ASP A 35 -7.96 -5.49 -13.68
N LEU A 36 -8.66 -5.61 -12.58
CA LEU A 36 -9.25 -4.55 -11.91
C LEU A 36 -8.66 -4.48 -10.50
N VAL A 37 -8.17 -3.34 -10.15
CA VAL A 37 -7.56 -3.11 -8.87
C VAL A 37 -8.34 -1.98 -8.16
N SER A 38 -8.64 -2.19 -6.92
CA SER A 38 -9.31 -1.21 -6.10
C SER A 38 -8.77 -1.32 -4.68
N GLY A 39 -8.63 -0.22 -3.98
CA GLY A 39 -8.11 -0.30 -2.64
C GLY A 39 -7.97 1.05 -2.02
N GLU A 40 -7.27 1.09 -0.93
CA GLU A 40 -7.09 2.29 -0.19
C GLU A 40 -5.77 2.28 0.57
N ILE A 41 -5.09 3.38 0.53
CA ILE A 41 -3.86 3.53 1.24
C ILE A 41 -4.06 4.53 2.35
N ILE A 42 -3.92 4.08 3.57
CA ILE A 42 -4.10 4.92 4.72
C ILE A 42 -2.78 5.13 5.40
N ALA A 43 -2.32 6.34 5.41
CA ALA A 43 -1.13 6.69 6.12
C ALA A 43 -1.57 7.49 7.31
N ALA A 44 -1.48 6.91 8.47
CA ALA A 44 -2.01 7.56 9.64
C ALA A 44 -0.97 7.75 10.70
N ALA A 45 -0.86 8.96 11.16
CA ALA A 45 0.11 9.32 12.14
C ALA A 45 -0.59 9.76 13.40
N LYS A 46 0.09 9.70 14.51
CA LYS A 46 -0.47 10.19 15.74
C LYS A 46 -0.56 11.72 15.71
N PRO A 47 -1.55 12.31 16.47
CA PRO A 47 -1.91 13.74 16.52
C PRO A 47 -0.87 14.77 16.05
N LYS A 48 0.38 14.67 16.55
CA LYS A 48 1.48 15.59 16.19
C LYS A 48 1.25 16.97 16.85
N ASN A 49 0.25 17.67 16.39
CA ASN A 49 -0.13 18.97 16.90
C ASN A 49 -1.61 19.16 16.59
N SER A 50 -2.32 19.81 17.48
CA SER A 50 -3.78 19.95 17.43
C SER A 50 -4.33 20.59 16.12
N LYS A 51 -3.48 21.28 15.39
CA LYS A 51 -3.91 21.91 14.15
C LYS A 51 -3.97 20.95 13.02
N ASP A 52 -3.20 19.89 13.12
CA ASP A 52 -3.04 19.02 11.99
C ASP A 52 -4.20 18.13 11.78
N THR A 53 -4.93 18.49 10.80
CA THR A 53 -6.09 17.78 10.41
C THR A 53 -5.76 16.67 9.40
N GLY A 54 -4.72 16.87 8.59
CA GLY A 54 -4.39 15.87 7.61
C GLY A 54 -3.30 16.31 6.66
N PRO A 55 -2.21 15.56 6.54
CA PRO A 55 -1.20 15.78 5.50
C PRO A 55 -1.79 15.45 4.12
N ALA A 56 -1.21 15.96 3.07
CA ALA A 56 -1.72 15.72 1.74
C ALA A 56 -0.76 14.87 0.93
N LEU A 57 -1.28 13.79 0.38
CA LEU A 57 -0.52 12.93 -0.50
C LEU A 57 -0.62 13.43 -1.92
N ASP A 58 0.28 12.97 -2.74
CA ASP A 58 0.32 13.33 -4.12
C ASP A 58 -0.25 12.20 -4.93
N GLY A 59 -1.50 12.34 -5.23
CA GLY A 59 -2.19 11.37 -6.04
C GLY A 59 -2.47 11.92 -7.40
N ASP A 60 -1.47 12.54 -7.97
CA ASP A 60 -1.58 13.17 -9.27
C ASP A 60 -1.00 12.26 -10.33
N VAL A 61 -1.86 11.71 -11.15
CA VAL A 61 -1.53 10.75 -12.18
C VAL A 61 -2.54 10.85 -13.31
N PRO A 62 -2.30 10.20 -14.48
CA PRO A 62 -3.29 10.17 -15.58
C PRO A 62 -4.62 9.52 -15.17
N PHE A 63 -4.61 8.83 -14.05
CA PHE A 63 -5.77 8.16 -13.54
C PHE A 63 -6.22 8.74 -12.19
N SER A 64 -5.96 10.02 -11.97
CA SER A 64 -6.36 10.69 -10.72
C SER A 64 -7.87 10.60 -10.46
N GLN A 65 -8.66 10.52 -11.51
CA GLN A 65 -10.11 10.45 -11.36
C GLN A 65 -10.52 9.08 -10.85
N LYS A 66 -9.57 8.17 -10.79
CA LYS A 66 -9.79 6.85 -10.27
C LYS A 66 -9.28 6.76 -8.84
N VAL A 67 -8.48 7.74 -8.42
CA VAL A 67 -7.95 7.75 -7.07
C VAL A 67 -8.26 9.05 -6.33
N ALA A 68 -8.98 8.92 -5.26
CA ALA A 68 -9.37 10.07 -4.47
C ALA A 68 -8.54 10.13 -3.21
N VAL A 69 -7.84 11.21 -3.05
CA VAL A 69 -7.04 11.39 -1.87
C VAL A 69 -7.81 12.31 -0.89
N SER A 70 -7.75 12.00 0.37
CA SER A 70 -8.49 12.71 1.40
C SER A 70 -7.66 12.70 2.69
N ASN A 71 -8.09 13.43 3.71
CA ASN A 71 -7.39 13.34 4.98
C ASN A 71 -7.94 12.19 5.77
N TYR A 72 -7.16 11.65 6.63
CA TYR A 72 -7.59 10.57 7.44
C TYR A 72 -7.67 11.04 8.86
N ASP A 73 -8.83 10.95 9.42
CA ASP A 73 -9.06 11.29 10.79
C ASP A 73 -9.97 10.25 11.35
N SER A 74 -9.38 9.31 12.03
CA SER A 74 -10.07 8.17 12.56
C SER A 74 -9.07 7.39 13.36
N ASP A 75 -9.56 6.53 14.25
CA ASP A 75 -8.75 5.59 15.03
C ASP A 75 -7.83 6.31 16.01
N GLY A 76 -8.07 7.59 16.19
CA GLY A 76 -7.22 8.38 17.05
C GLY A 76 -6.01 8.92 16.32
N TYR A 77 -5.91 8.61 15.04
CA TYR A 77 -4.82 9.08 14.22
C TYR A 77 -5.28 10.20 13.32
N VAL A 78 -4.33 10.87 12.73
CA VAL A 78 -4.56 11.81 11.66
C VAL A 78 -3.55 11.53 10.57
N GLY A 79 -3.97 11.53 9.37
CA GLY A 79 -3.08 11.26 8.31
C GLY A 79 -3.67 11.54 6.98
N SER A 80 -3.18 10.88 6.02
CA SER A 80 -3.59 11.03 4.67
C SER A 80 -4.06 9.69 4.12
N GLN A 81 -5.02 9.71 3.23
CA GLN A 81 -5.48 8.50 2.62
C GLN A 81 -5.74 8.70 1.16
N ALA A 82 -5.44 7.70 0.39
CA ALA A 82 -5.71 7.70 -1.01
C ALA A 82 -6.55 6.48 -1.29
N VAL A 83 -7.77 6.69 -1.70
CA VAL A 83 -8.69 5.60 -1.99
C VAL A 83 -8.88 5.51 -3.49
N PHE A 84 -8.58 4.38 -4.06
CA PHE A 84 -8.64 4.24 -5.50
C PHE A 84 -9.55 3.12 -5.92
N SER A 85 -10.06 3.20 -7.10
CA SER A 85 -10.97 2.20 -7.62
C SER A 85 -10.98 2.20 -9.13
N ASP A 86 -11.40 1.06 -9.71
CA ASP A 86 -11.58 0.88 -11.16
C ASP A 86 -10.24 1.01 -11.90
N LEU A 87 -9.18 0.60 -11.23
CA LEU A 87 -7.88 0.65 -11.84
C LEU A 87 -7.53 -0.66 -12.50
N THR A 88 -6.55 -0.64 -13.34
CA THR A 88 -6.14 -1.83 -14.04
C THR A 88 -4.80 -2.29 -13.53
N PHE A 89 -4.40 -3.48 -13.93
CA PHE A 89 -3.14 -4.07 -13.52
C PHE A 89 -1.97 -3.20 -13.98
N ALA A 90 -2.14 -2.53 -15.11
CA ALA A 90 -1.11 -1.63 -15.64
C ALA A 90 -1.01 -0.37 -14.80
N GLU A 91 -2.09 -0.03 -14.12
CA GLU A 91 -2.11 1.18 -13.32
C GLU A 91 -1.61 0.94 -11.90
N LEU A 92 -1.56 -0.32 -11.50
CA LEU A 92 -1.10 -0.69 -10.16
C LEU A 92 0.38 -0.24 -9.92
N PRO A 93 1.36 -0.54 -10.83
CA PRO A 93 2.74 -0.05 -10.66
C PRO A 93 2.76 1.48 -10.63
N GLN A 94 1.90 2.07 -11.43
CA GLN A 94 1.84 3.51 -11.58
C GLN A 94 1.39 4.19 -10.29
N LEU A 95 0.48 3.55 -9.56
CA LEU A 95 0.03 4.09 -8.29
C LEU A 95 1.12 3.93 -7.22
N ALA A 96 2.07 3.01 -7.48
CA ALA A 96 3.14 2.75 -6.55
C ALA A 96 4.11 3.91 -6.50
N ASN A 97 4.08 4.75 -7.53
CA ASN A 97 4.88 5.95 -7.54
C ASN A 97 4.38 6.86 -6.45
N MET A 98 3.06 7.14 -6.47
CA MET A 98 2.42 7.99 -5.50
C MET A 98 2.73 7.50 -4.09
N ASN A 99 2.47 6.21 -3.89
CA ASN A 99 2.71 5.58 -2.60
C ASN A 99 4.15 5.72 -2.14
N SER A 100 5.10 5.61 -3.08
CA SER A 100 6.48 5.57 -2.68
C SER A 100 6.93 6.92 -2.18
N ASP A 101 6.21 7.97 -2.60
CA ASP A 101 6.52 9.34 -2.21
C ASP A 101 6.43 9.50 -0.70
N ALA A 102 5.61 8.68 -0.08
CA ALA A 102 5.44 8.77 1.34
C ALA A 102 5.97 7.51 2.03
N ALA A 103 6.38 6.53 1.25
CA ALA A 103 6.77 5.25 1.81
C ALA A 103 8.26 5.00 1.80
N GLY A 104 8.90 5.27 0.67
CA GLY A 104 10.30 4.97 0.52
C GLY A 104 10.52 3.50 0.16
N VAL A 105 9.49 2.90 -0.41
CA VAL A 105 9.52 1.49 -0.81
C VAL A 105 9.27 1.40 -2.31
N ASN A 106 9.42 0.23 -2.89
CA ASN A 106 9.18 0.06 -4.31
C ASN A 106 8.32 -1.16 -4.55
N LEU A 107 7.47 -1.08 -5.56
CA LEU A 107 6.63 -2.19 -5.96
C LEU A 107 6.87 -2.51 -7.43
N SER A 108 7.44 -3.64 -7.69
CA SER A 108 7.72 -4.06 -9.03
C SER A 108 6.90 -5.31 -9.38
N LEU A 109 5.97 -5.18 -10.29
CA LEU A 109 5.13 -6.30 -10.63
C LEU A 109 4.91 -6.41 -12.12
N ARG A 110 4.76 -7.62 -12.54
CA ARG A 110 4.56 -7.97 -13.94
C ARG A 110 3.68 -9.19 -14.04
N ARG A 111 3.02 -9.35 -15.15
CA ARG A 111 2.30 -10.52 -15.39
C ARG A 111 3.07 -11.30 -16.42
N ASN A 112 3.26 -12.54 -16.17
CA ASN A 112 4.02 -13.36 -17.06
C ASN A 112 3.10 -14.44 -17.58
N GLY A 113 2.67 -14.27 -18.79
CA GLY A 113 1.71 -15.15 -19.37
C GLY A 113 0.35 -14.84 -18.81
N ASN A 114 -0.13 -15.69 -17.96
CA ASN A 114 -1.40 -15.48 -17.28
C ASN A 114 -1.17 -15.51 -15.76
N ILE A 115 0.10 -15.66 -15.38
CA ILE A 115 0.39 -15.69 -13.97
C ILE A 115 1.05 -14.37 -13.61
N VAL A 116 0.76 -13.86 -12.46
CA VAL A 116 1.28 -12.59 -12.05
C VAL A 116 2.36 -12.75 -11.01
N ILE A 117 3.41 -11.97 -11.15
CA ILE A 117 4.49 -11.97 -10.22
C ILE A 117 4.64 -10.57 -9.64
N LEU A 118 4.73 -10.51 -8.38
CA LEU A 118 4.91 -9.26 -7.70
C LEU A 118 6.07 -9.35 -6.74
N GLU A 119 6.93 -8.36 -6.80
CA GLU A 119 8.01 -8.21 -5.86
C GLU A 119 8.16 -6.74 -5.53
N GLY A 120 7.93 -6.43 -4.33
CA GLY A 120 8.12 -5.13 -3.85
C GLY A 120 9.24 -5.18 -2.87
N ARG A 121 9.89 -4.09 -2.62
CA ARG A 121 10.95 -4.11 -1.67
C ARG A 121 10.77 -2.97 -0.70
N ALA A 122 10.76 -3.29 0.57
CA ALA A 122 10.57 -2.33 1.60
C ALA A 122 11.77 -2.29 2.50
N ASP A 123 12.49 -1.23 2.42
CA ASP A 123 13.67 -1.04 3.22
C ASP A 123 13.34 -0.05 4.32
N LEU A 124 13.06 -0.54 5.49
CA LEU A 124 12.72 0.35 6.60
C LEU A 124 13.86 0.38 7.59
N THR A 125 15.03 -0.06 7.16
CA THR A 125 16.17 -0.21 8.06
C THR A 125 16.64 1.10 8.65
N SER A 126 16.39 2.18 7.94
CA SER A 126 16.82 3.49 8.38
C SER A 126 15.93 4.04 9.52
N VAL A 127 14.78 3.35 9.76
CA VAL A 127 13.85 3.66 10.86
C VAL A 127 13.24 5.07 10.80
N SER A 128 12.00 5.16 10.35
CA SER A 128 11.28 6.42 10.38
C SER A 128 10.93 6.74 11.84
N ASP A 129 10.46 5.72 12.54
CA ASP A 129 10.13 5.76 13.95
C ASP A 129 9.97 4.31 14.38
N PRO A 130 10.46 3.92 15.57
CA PRO A 130 10.37 2.52 16.04
C PRO A 130 8.94 2.02 16.27
N ASP A 131 7.99 2.93 16.49
CA ASP A 131 6.61 2.53 16.78
C ASP A 131 5.74 2.64 15.51
N ALA A 132 6.41 2.87 14.40
CA ALA A 132 5.77 2.99 13.11
C ALA A 132 5.64 1.62 12.48
N ASP A 133 4.56 1.41 11.75
CA ASP A 133 4.28 0.13 11.07
C ASP A 133 3.90 0.37 9.66
N VAL A 134 4.35 -0.49 8.78
CA VAL A 134 3.95 -0.44 7.40
C VAL A 134 3.29 -1.76 7.06
N GLU A 135 2.02 -1.73 6.80
CA GLU A 135 1.29 -2.95 6.51
C GLU A 135 0.66 -2.86 5.14
N LEU A 136 0.94 -3.81 4.31
CA LEU A 136 0.38 -3.84 2.98
C LEU A 136 -0.45 -5.11 2.86
N THR A 137 -1.70 -4.93 2.58
CA THR A 137 -2.64 -6.01 2.52
C THR A 137 -3.16 -6.13 1.10
N VAL A 138 -3.07 -7.31 0.53
CA VAL A 138 -3.57 -7.55 -0.81
C VAL A 138 -4.61 -8.65 -0.78
N ALA A 139 -5.82 -8.34 -1.22
CA ALA A 139 -6.86 -9.32 -1.29
C ALA A 139 -7.17 -9.62 -2.73
N PHE A 140 -7.17 -10.86 -3.08
CA PHE A 140 -7.51 -11.28 -4.42
C PHE A 140 -8.45 -12.45 -4.40
N PRO A 141 -9.64 -12.30 -4.99
CA PRO A 141 -10.62 -13.40 -5.07
C PRO A 141 -10.18 -14.46 -6.11
N ALA A 142 -8.99 -14.98 -5.93
CA ALA A 142 -8.43 -15.99 -6.78
C ALA A 142 -7.67 -17.02 -5.95
N ALA A 143 -6.35 -17.05 -6.06
CA ALA A 143 -5.54 -18.02 -5.37
C ALA A 143 -4.09 -17.67 -5.57
N VAL A 144 -3.37 -17.59 -4.49
CA VAL A 144 -1.97 -17.31 -4.54
C VAL A 144 -1.19 -18.58 -4.83
N THR A 145 -0.27 -18.51 -5.72
CA THR A 145 0.49 -19.66 -6.07
C THR A 145 1.73 -19.74 -5.19
N SER A 146 2.34 -18.59 -4.94
CA SER A 146 3.50 -18.50 -4.08
C SER A 146 3.61 -17.08 -3.55
N THR A 147 3.82 -16.92 -2.28
CA THR A 147 3.99 -15.61 -1.74
C THR A 147 5.10 -15.64 -0.70
N ASN A 148 5.65 -14.49 -0.41
CA ASN A 148 6.62 -14.33 0.63
C ASN A 148 6.20 -13.15 1.43
N GLY A 149 5.49 -13.45 2.47
CA GLY A 149 5.01 -12.49 3.40
C GLY A 149 4.21 -13.19 4.45
N ASP A 150 3.09 -12.65 4.81
CA ASP A 150 2.24 -13.32 5.77
C ASP A 150 0.92 -13.61 5.13
N ARG A 151 0.76 -14.84 4.69
CA ARG A 151 -0.44 -15.27 4.06
C ARG A 151 -1.52 -15.54 5.10
N ILE A 152 -2.52 -14.70 5.09
CA ILE A 152 -3.64 -14.83 6.01
C ILE A 152 -4.58 -15.87 5.44
N GLU A 153 -4.87 -15.73 4.17
CA GLU A 153 -5.71 -16.64 3.46
C GLU A 153 -4.97 -17.01 2.18
N PRO A 154 -5.39 -18.06 1.45
CA PRO A 154 -4.75 -18.45 0.18
C PRO A 154 -5.10 -17.46 -0.94
N GLU A 155 -5.87 -16.46 -0.59
CA GLU A 155 -6.31 -15.47 -1.52
C GLU A 155 -6.12 -14.05 -0.93
N VAL A 156 -5.51 -13.98 0.23
CA VAL A 156 -5.28 -12.69 0.92
C VAL A 156 -3.95 -12.75 1.64
N VAL A 157 -3.05 -11.87 1.29
CA VAL A 157 -1.74 -11.87 1.89
C VAL A 157 -1.47 -10.50 2.49
N GLN A 158 -0.75 -10.48 3.56
CA GLN A 158 -0.44 -9.29 4.30
C GLN A 158 1.06 -9.21 4.48
N TRP A 159 1.59 -8.05 4.33
CA TRP A 159 2.95 -7.82 4.58
C TRP A 159 3.07 -6.82 5.66
N LYS A 160 3.50 -7.29 6.78
CA LYS A 160 3.62 -6.48 7.95
C LYS A 160 5.07 -6.15 8.18
N LEU A 161 5.41 -4.98 7.75
CA LEU A 161 6.76 -4.52 7.67
C LEU A 161 7.06 -3.64 8.86
N LYS A 162 8.22 -3.84 9.40
CA LYS A 162 8.67 -3.15 10.59
C LYS A 162 9.91 -2.31 10.29
N PRO A 163 10.13 -1.24 11.07
CA PRO A 163 11.32 -0.41 10.94
C PRO A 163 12.57 -1.17 11.39
N GLY A 164 13.71 -0.74 10.95
CA GLY A 164 14.96 -1.37 11.34
C GLY A 164 15.28 -2.55 10.45
N VAL A 165 14.25 -3.24 10.03
CA VAL A 165 14.39 -4.41 9.20
C VAL A 165 13.99 -4.12 7.75
N VAL A 166 14.47 -4.97 6.87
CA VAL A 166 14.16 -4.91 5.45
C VAL A 166 13.36 -6.16 5.09
N SER A 167 12.38 -6.02 4.24
CA SER A 167 11.57 -7.14 3.80
C SER A 167 11.05 -6.86 2.39
N THR A 168 10.94 -7.89 1.60
CA THR A 168 10.43 -7.77 0.28
C THR A 168 9.01 -8.33 0.23
N MET A 169 8.14 -7.66 -0.47
CA MET A 169 6.79 -8.16 -0.63
C MET A 169 6.80 -9.03 -1.84
N SER A 170 6.54 -10.29 -1.71
CA SER A 170 6.47 -11.08 -2.90
C SER A 170 5.17 -11.81 -2.93
N ALA A 171 4.54 -11.81 -4.06
CA ALA A 171 3.26 -12.39 -4.26
C ALA A 171 3.14 -12.82 -5.67
N GLN A 172 2.92 -14.05 -5.86
CA GLN A 172 2.72 -14.57 -7.17
C GLN A 172 1.41 -15.30 -7.17
N ALA A 173 0.61 -15.02 -8.14
CA ALA A 173 -0.72 -15.60 -8.23
C ALA A 173 -1.19 -15.56 -9.67
N ARG A 174 -2.03 -16.48 -10.05
CA ARG A 174 -2.49 -16.49 -11.43
C ARG A 174 -3.70 -15.59 -11.55
N TYR A 175 -3.72 -14.69 -12.52
CA TYR A 175 -4.87 -13.82 -12.73
C TYR A 175 -5.21 -13.86 -14.18
N THR A 176 -6.45 -14.10 -14.48
CA THR A 176 -6.93 -14.17 -15.83
C THR A 176 -6.60 -12.89 -16.62
N ASP A 177 -5.62 -13.00 -17.51
CA ASP A 177 -5.15 -11.89 -18.32
C ASP A 177 -6.25 -11.46 -19.28
N PRO A 178 -6.42 -10.16 -19.51
CA PRO A 178 -7.42 -9.67 -20.44
C PRO A 178 -7.22 -10.16 -21.90
N ASN A 179 -5.99 -10.08 -22.43
CA ASN A 179 -5.74 -10.50 -23.79
C ASN A 179 -5.46 -11.98 -23.88
N THR A 180 -5.25 -12.60 -22.72
CA THR A 180 -5.06 -14.05 -22.55
C THR A 180 -3.82 -14.61 -23.25
N ARG A 181 -2.73 -14.69 -22.50
CA ARG A 181 -1.50 -15.22 -23.01
C ARG A 181 -1.12 -16.47 -22.25
N SER A 182 -0.24 -17.28 -22.83
CA SER A 182 0.11 -18.60 -22.32
C SER A 182 -1.11 -19.52 -22.38
N GLY A 12 1.96 29.67 20.14
CA GLY A 12 2.23 30.16 18.80
C GLY A 12 1.78 29.18 17.75
N ARG A 13 0.89 29.60 16.89
CA ARG A 13 0.35 28.76 15.83
C ARG A 13 1.44 28.39 14.84
N GLU A 14 1.78 27.10 14.79
CA GLU A 14 2.73 26.54 13.82
C GLU A 14 4.10 27.22 14.01
N ASN A 15 4.36 27.63 15.23
CA ASN A 15 5.58 28.35 15.55
C ASN A 15 6.73 27.37 15.76
N LEU A 16 6.44 26.31 16.45
CA LEU A 16 7.40 25.28 16.73
C LEU A 16 6.79 23.95 16.32
N TYR A 17 7.40 23.27 15.36
CA TYR A 17 6.97 21.95 14.98
C TYR A 17 7.33 20.99 16.10
N PHE A 18 6.34 20.65 16.92
CA PHE A 18 6.55 19.74 18.05
C PHE A 18 7.17 18.45 17.60
N GLN A 19 6.48 17.73 16.77
CA GLN A 19 6.96 16.49 16.25
C GLN A 19 6.24 16.19 14.96
N GLY A 20 6.94 15.67 14.00
CA GLY A 20 6.33 15.23 12.78
C GLY A 20 6.67 13.78 12.56
N HIS A 21 6.36 12.97 13.54
CA HIS A 21 6.68 11.54 13.54
C HIS A 21 5.51 10.71 14.01
N MET A 22 5.76 9.40 14.14
CA MET A 22 4.80 8.41 14.62
C MET A 22 3.64 8.20 13.67
N LEU A 23 3.79 7.24 12.79
CA LEU A 23 2.81 6.99 11.77
C LEU A 23 2.53 5.51 11.59
N ARG A 24 1.44 5.24 10.93
CA ARG A 24 0.95 3.94 10.59
C ARG A 24 0.56 4.01 9.14
N VAL A 25 1.10 3.15 8.34
CA VAL A 25 0.78 3.16 6.93
C VAL A 25 0.26 1.81 6.56
N ARG A 26 -0.98 1.75 6.20
CA ARG A 26 -1.56 0.51 5.82
C ARG A 26 -2.27 0.63 4.50
N ALA A 27 -1.75 -0.07 3.55
CA ALA A 27 -2.28 -0.08 2.22
C ALA A 27 -2.90 -1.41 1.95
N SER A 28 -4.09 -1.40 1.48
CA SER A 28 -4.79 -2.61 1.17
C SER A 28 -5.35 -2.47 -0.22
N ILE A 29 -4.89 -3.27 -1.13
CA ILE A 29 -5.32 -3.19 -2.49
C ILE A 29 -5.85 -4.54 -2.95
N THR A 30 -6.81 -4.51 -3.80
CA THR A 30 -7.43 -5.69 -4.28
C THR A 30 -7.43 -5.66 -5.82
N ILE A 31 -6.89 -6.69 -6.42
CA ILE A 31 -6.82 -6.79 -7.84
C ILE A 31 -7.70 -7.93 -8.33
N SER A 32 -8.65 -7.58 -9.13
CA SER A 32 -9.62 -8.50 -9.61
C SER A 32 -9.13 -9.15 -10.92
N PRO A 33 -9.57 -10.41 -11.22
CA PRO A 33 -9.20 -11.14 -12.46
C PRO A 33 -9.70 -10.45 -13.74
N ASP A 34 -10.33 -9.30 -13.59
CA ASP A 34 -10.79 -8.50 -14.74
C ASP A 34 -9.60 -7.68 -15.22
N ASP A 35 -8.47 -7.83 -14.48
CA ASP A 35 -7.22 -7.12 -14.69
C ASP A 35 -7.45 -5.68 -14.23
N LEU A 36 -8.36 -5.59 -13.27
CA LEU A 36 -8.82 -4.39 -12.66
C LEU A 36 -8.22 -4.30 -11.26
N VAL A 37 -7.79 -3.12 -10.88
CA VAL A 37 -7.19 -2.92 -9.58
C VAL A 37 -7.97 -1.84 -8.83
N SER A 38 -8.13 -2.05 -7.55
CA SER A 38 -8.81 -1.14 -6.67
C SER A 38 -8.17 -1.25 -5.30
N GLY A 39 -8.33 -0.29 -4.43
CA GLY A 39 -7.77 -0.41 -3.12
C GLY A 39 -7.76 0.88 -2.37
N GLU A 40 -7.09 0.88 -1.26
CA GLU A 40 -7.03 2.02 -0.39
C GLU A 40 -5.69 2.06 0.31
N ILE A 41 -5.09 3.21 0.33
CA ILE A 41 -3.82 3.42 0.98
C ILE A 41 -4.04 4.42 2.08
N ILE A 42 -3.82 4.01 3.30
CA ILE A 42 -4.03 4.87 4.43
C ILE A 42 -2.71 5.21 5.09
N ALA A 43 -2.37 6.47 5.08
CA ALA A 43 -1.22 6.92 5.78
C ALA A 43 -1.72 7.74 6.95
N ALA A 44 -1.59 7.20 8.12
CA ALA A 44 -2.11 7.84 9.29
C ALA A 44 -1.01 8.15 10.24
N ALA A 45 -1.10 9.26 10.88
CA ALA A 45 -0.13 9.69 11.82
C ALA A 45 -0.80 9.94 13.14
N LYS A 46 -0.06 9.91 14.21
CA LYS A 46 -0.64 10.23 15.49
C LYS A 46 -0.87 11.73 15.56
N PRO A 47 -2.03 12.18 16.07
CA PRO A 47 -2.33 13.60 16.23
C PRO A 47 -1.32 14.28 17.16
N LYS A 48 -0.70 15.29 16.65
CA LYS A 48 0.36 16.02 17.29
C LYS A 48 0.35 17.40 16.67
N ASN A 49 0.53 18.45 17.46
CA ASN A 49 0.60 19.83 16.93
C ASN A 49 -0.77 20.35 16.41
N SER A 50 -1.06 21.61 16.71
CA SER A 50 -2.36 22.24 16.45
C SER A 50 -2.91 22.09 15.01
N LYS A 51 -2.06 22.08 13.98
CA LYS A 51 -2.59 22.04 12.62
C LYS A 51 -2.56 20.64 12.04
N ASP A 52 -2.15 19.66 12.80
CA ASP A 52 -1.99 18.34 12.22
C ASP A 52 -3.21 17.48 12.38
N THR A 53 -3.96 17.41 11.31
CA THR A 53 -5.09 16.56 11.24
C THR A 53 -4.91 15.59 10.07
N GLY A 54 -3.86 15.81 9.29
CA GLY A 54 -3.56 14.95 8.18
C GLY A 54 -2.41 15.48 7.34
N PRO A 55 -1.34 14.70 7.10
CA PRO A 55 -0.26 15.12 6.20
C PRO A 55 -0.81 15.33 4.79
N ALA A 56 -0.18 16.15 4.02
CA ALA A 56 -0.67 16.49 2.72
C ALA A 56 -0.29 15.45 1.67
N LEU A 57 -1.27 14.68 1.21
CA LEU A 57 -1.02 13.77 0.12
C LEU A 57 -1.29 14.44 -1.19
N ASP A 58 -0.30 14.43 -2.03
CA ASP A 58 -0.39 15.01 -3.34
C ASP A 58 -0.36 13.94 -4.38
N GLY A 59 -1.51 13.60 -4.85
CA GLY A 59 -1.63 12.61 -5.87
C GLY A 59 -1.88 13.21 -7.22
N ASP A 60 -0.84 13.75 -7.81
CA ASP A 60 -0.95 14.38 -9.10
C ASP A 60 -0.66 13.35 -10.18
N VAL A 61 -1.70 12.71 -10.62
CA VAL A 61 -1.67 11.66 -11.64
C VAL A 61 -2.79 11.94 -12.63
N PRO A 62 -2.74 11.37 -13.86
CA PRO A 62 -3.81 11.59 -14.85
C PRO A 62 -5.13 10.92 -14.44
N PHE A 63 -5.03 9.91 -13.60
CA PHE A 63 -6.18 9.15 -13.18
C PHE A 63 -6.73 9.61 -11.84
N SER A 64 -6.77 10.92 -11.63
CA SER A 64 -7.29 11.52 -10.41
C SER A 64 -8.74 11.05 -10.16
N GLN A 65 -9.49 10.88 -11.24
CA GLN A 65 -10.88 10.44 -11.19
C GLN A 65 -11.00 9.02 -10.65
N LYS A 66 -9.89 8.33 -10.60
CA LYS A 66 -9.88 6.99 -10.12
C LYS A 66 -9.37 6.94 -8.69
N VAL A 67 -8.70 8.00 -8.25
CA VAL A 67 -8.19 8.00 -6.90
C VAL A 67 -8.73 9.17 -6.06
N ALA A 68 -9.40 8.84 -5.01
CA ALA A 68 -9.96 9.80 -4.10
C ALA A 68 -9.04 9.95 -2.90
N VAL A 69 -8.44 11.10 -2.77
CA VAL A 69 -7.53 11.33 -1.68
C VAL A 69 -8.27 12.15 -0.63
N SER A 70 -8.50 11.58 0.51
CA SER A 70 -9.29 12.19 1.53
C SER A 70 -8.51 12.21 2.83
N ASN A 71 -8.98 12.94 3.84
CA ASN A 71 -8.30 12.92 5.12
C ASN A 71 -8.77 11.73 5.92
N TYR A 72 -7.97 11.27 6.79
CA TYR A 72 -8.27 10.11 7.57
C TYR A 72 -8.25 10.48 9.03
N ASP A 73 -9.31 10.21 9.72
CA ASP A 73 -9.35 10.40 11.15
C ASP A 73 -10.08 9.22 11.75
N SER A 74 -9.31 8.29 12.22
CA SER A 74 -9.78 7.04 12.76
C SER A 74 -8.62 6.41 13.52
N ASP A 75 -8.91 5.42 14.37
CA ASP A 75 -7.90 4.66 15.17
C ASP A 75 -7.24 5.52 16.21
N GLY A 76 -7.72 6.74 16.38
CA GLY A 76 -7.09 7.70 17.26
C GLY A 76 -5.96 8.41 16.53
N TYR A 77 -5.87 8.13 15.25
CA TYR A 77 -4.89 8.70 14.34
C TYR A 77 -5.53 9.72 13.43
N VAL A 78 -4.70 10.54 12.82
CA VAL A 78 -5.11 11.50 11.82
C VAL A 78 -4.13 11.42 10.65
N GLY A 79 -4.63 11.43 9.46
CA GLY A 79 -3.76 11.32 8.33
C GLY A 79 -4.47 11.60 7.04
N SER A 80 -3.93 11.04 6.01
CA SER A 80 -4.44 11.18 4.67
C SER A 80 -4.51 9.80 4.01
N GLN A 81 -5.54 9.59 3.26
CA GLN A 81 -5.74 8.33 2.62
C GLN A 81 -6.01 8.52 1.15
N ALA A 82 -5.55 7.60 0.37
CA ALA A 82 -5.82 7.60 -1.02
C ALA A 82 -6.60 6.35 -1.33
N VAL A 83 -7.82 6.52 -1.73
CA VAL A 83 -8.67 5.40 -2.06
C VAL A 83 -8.84 5.36 -3.56
N PHE A 84 -8.49 4.29 -4.18
CA PHE A 84 -8.55 4.24 -5.61
C PHE A 84 -9.41 3.11 -6.09
N SER A 85 -9.95 3.27 -7.25
CA SER A 85 -10.86 2.31 -7.79
C SER A 85 -10.89 2.40 -9.30
N ASP A 86 -11.23 1.28 -9.95
CA ASP A 86 -11.43 1.18 -11.40
C ASP A 86 -10.16 1.43 -12.18
N LEU A 87 -9.06 0.96 -11.65
CA LEU A 87 -7.79 1.05 -12.33
C LEU A 87 -7.46 -0.29 -12.97
N THR A 88 -6.38 -0.37 -13.68
CA THR A 88 -6.03 -1.61 -14.32
C THR A 88 -4.63 -2.08 -13.84
N PHE A 89 -4.26 -3.31 -14.20
CA PHE A 89 -3.00 -3.98 -13.82
C PHE A 89 -1.78 -3.09 -14.08
N ALA A 90 -1.76 -2.47 -15.24
CA ALA A 90 -0.67 -1.58 -15.64
C ALA A 90 -0.59 -0.30 -14.78
N GLU A 91 -1.71 0.10 -14.21
CA GLU A 91 -1.79 1.31 -13.43
C GLU A 91 -1.38 1.09 -11.98
N LEU A 92 -1.35 -0.18 -11.56
CA LEU A 92 -0.99 -0.54 -10.18
C LEU A 92 0.42 0.03 -9.78
N PRO A 93 1.50 -0.21 -10.56
CA PRO A 93 2.80 0.40 -10.23
C PRO A 93 2.76 1.94 -10.35
N GLN A 94 1.92 2.43 -11.24
CA GLN A 94 1.82 3.82 -11.52
C GLN A 94 1.21 4.58 -10.34
N LEU A 95 0.29 3.95 -9.65
CA LEU A 95 -0.29 4.52 -8.45
C LEU A 95 0.67 4.37 -7.28
N ALA A 96 1.63 3.43 -7.45
CA ALA A 96 2.58 3.14 -6.40
C ALA A 96 3.57 4.25 -6.30
N ASN A 97 3.65 5.07 -7.35
CA ASN A 97 4.52 6.22 -7.37
C ASN A 97 4.14 7.17 -6.26
N MET A 98 2.85 7.57 -6.22
CA MET A 98 2.33 8.47 -5.17
C MET A 98 2.65 7.88 -3.80
N ASN A 99 2.24 6.62 -3.66
CA ASN A 99 2.40 5.85 -2.42
C ASN A 99 3.85 5.84 -1.95
N SER A 100 4.80 5.89 -2.89
CA SER A 100 6.21 5.79 -2.55
C SER A 100 6.65 6.87 -1.58
N ASP A 101 6.04 8.08 -1.69
CA ASP A 101 6.45 9.21 -0.83
C ASP A 101 6.17 8.98 0.63
N ALA A 102 5.25 8.09 0.89
CA ALA A 102 4.88 7.80 2.25
C ALA A 102 5.26 6.37 2.63
N ALA A 103 5.75 5.63 1.65
CA ALA A 103 6.01 4.22 1.88
C ALA A 103 7.48 3.92 2.02
N GLY A 104 8.29 4.42 1.11
CA GLY A 104 9.70 4.06 1.09
C GLY A 104 9.86 2.59 0.69
N VAL A 105 8.92 2.10 -0.09
CA VAL A 105 8.88 0.74 -0.51
C VAL A 105 8.90 0.68 -2.02
N ASN A 106 9.71 -0.20 -2.57
CA ASN A 106 9.81 -0.38 -4.00
C ASN A 106 8.87 -1.49 -4.43
N LEU A 107 7.96 -1.20 -5.33
CA LEU A 107 6.96 -2.17 -5.76
C LEU A 107 7.06 -2.48 -7.25
N SER A 108 6.94 -3.74 -7.56
CA SER A 108 6.93 -4.23 -8.90
C SER A 108 5.83 -5.32 -8.99
N LEU A 109 5.15 -5.36 -10.09
CA LEU A 109 4.07 -6.27 -10.32
C LEU A 109 4.03 -6.61 -11.82
N ARG A 110 4.03 -7.90 -12.13
CA ARG A 110 4.12 -8.39 -13.54
C ARG A 110 3.31 -9.67 -13.80
N ARG A 111 2.84 -9.79 -15.04
CA ARG A 111 2.11 -10.92 -15.53
C ARG A 111 3.08 -11.77 -16.35
N ASN A 112 3.32 -12.97 -15.92
CA ASN A 112 4.19 -13.87 -16.62
C ASN A 112 3.36 -14.94 -17.19
N GLY A 113 2.97 -14.72 -18.42
CA GLY A 113 2.04 -15.60 -19.03
C GLY A 113 0.72 -15.48 -18.32
N ASN A 114 0.31 -16.53 -17.68
CA ASN A 114 -0.93 -16.53 -16.97
C ASN A 114 -0.68 -16.32 -15.47
N ILE A 115 0.56 -16.46 -15.03
CA ILE A 115 0.81 -16.37 -13.63
C ILE A 115 1.27 -14.95 -13.30
N VAL A 116 0.94 -14.45 -12.16
CA VAL A 116 1.31 -13.11 -11.82
C VAL A 116 2.26 -13.10 -10.65
N ILE A 117 3.21 -12.22 -10.71
CA ILE A 117 4.19 -12.10 -9.68
C ILE A 117 4.17 -10.68 -9.14
N LEU A 118 4.33 -10.58 -7.88
CA LEU A 118 4.48 -9.32 -7.22
C LEU A 118 5.77 -9.37 -6.44
N GLU A 119 6.59 -8.39 -6.67
CA GLU A 119 7.90 -8.25 -6.09
C GLU A 119 8.00 -6.88 -5.46
N GLY A 120 8.21 -6.84 -4.18
CA GLY A 120 8.32 -5.59 -3.51
C GLY A 120 9.31 -5.65 -2.40
N ARG A 121 10.16 -4.70 -2.32
CA ARG A 121 11.17 -4.69 -1.28
C ARG A 121 11.02 -3.46 -0.44
N ALA A 122 10.94 -3.66 0.84
CA ALA A 122 10.78 -2.59 1.78
C ALA A 122 11.96 -2.52 2.71
N ASP A 123 12.70 -1.47 2.61
CA ASP A 123 13.84 -1.26 3.45
C ASP A 123 13.53 -0.09 4.35
N LEU A 124 13.30 -0.37 5.60
CA LEU A 124 12.96 0.67 6.54
C LEU A 124 14.08 0.86 7.53
N THR A 125 15.29 0.55 7.13
CA THR A 125 16.41 0.63 8.06
C THR A 125 16.78 2.10 8.39
N SER A 126 16.50 2.99 7.45
CA SER A 126 16.84 4.39 7.60
C SER A 126 15.61 5.21 8.01
N VAL A 127 14.53 4.55 8.38
CA VAL A 127 13.35 5.28 8.79
C VAL A 127 13.59 5.87 10.19
N SER A 128 13.14 7.07 10.40
CA SER A 128 13.34 7.76 11.65
C SER A 128 12.24 7.43 12.66
N ASP A 129 11.47 6.43 12.35
CA ASP A 129 10.35 6.08 13.19
C ASP A 129 10.33 4.63 13.53
N PRO A 130 10.79 4.25 14.74
CA PRO A 130 10.71 2.87 15.20
C PRO A 130 9.26 2.53 15.59
N ASP A 131 8.47 3.58 15.75
CA ASP A 131 7.08 3.51 16.15
C ASP A 131 6.18 3.24 14.94
N ALA A 132 6.76 3.36 13.77
CA ALA A 132 6.02 3.18 12.54
C ALA A 132 5.64 1.73 12.36
N ASP A 133 4.48 1.52 11.84
CA ASP A 133 3.99 0.20 11.54
C ASP A 133 3.44 0.27 10.13
N VAL A 134 4.03 -0.45 9.20
CA VAL A 134 3.59 -0.38 7.82
C VAL A 134 3.01 -1.73 7.41
N GLU A 135 1.91 -1.70 6.72
CA GLU A 135 1.22 -2.90 6.28
C GLU A 135 0.84 -2.79 4.83
N LEU A 136 1.14 -3.80 4.07
CA LEU A 136 0.78 -3.85 2.68
C LEU A 136 -0.06 -5.12 2.50
N THR A 137 -1.28 -4.96 2.08
CA THR A 137 -2.17 -6.07 1.89
C THR A 137 -2.66 -6.11 0.45
N VAL A 138 -2.63 -7.27 -0.15
CA VAL A 138 -3.10 -7.46 -1.50
C VAL A 138 -4.14 -8.58 -1.50
N ALA A 139 -5.32 -8.29 -2.00
CA ALA A 139 -6.34 -9.27 -2.09
C ALA A 139 -6.64 -9.52 -3.55
N PHE A 140 -6.71 -10.74 -3.91
CA PHE A 140 -7.03 -11.12 -5.27
C PHE A 140 -8.05 -12.23 -5.27
N PRO A 141 -9.22 -12.03 -5.88
CA PRO A 141 -10.30 -13.06 -5.99
C PRO A 141 -9.92 -14.32 -6.83
N ALA A 142 -8.69 -14.75 -6.71
CA ALA A 142 -8.21 -15.93 -7.39
C ALA A 142 -7.70 -16.92 -6.35
N ALA A 143 -6.36 -16.93 -6.13
CA ALA A 143 -5.70 -17.82 -5.21
C ALA A 143 -4.22 -17.57 -5.32
N VAL A 144 -3.57 -17.52 -4.20
CA VAL A 144 -2.14 -17.35 -4.16
C VAL A 144 -1.46 -18.70 -4.32
N THR A 145 -0.55 -18.77 -5.24
CA THR A 145 0.15 -19.98 -5.52
C THR A 145 1.39 -20.11 -4.62
N SER A 146 2.11 -19.01 -4.48
CA SER A 146 3.30 -18.98 -3.65
C SER A 146 3.47 -17.57 -3.11
N THR A 147 3.71 -17.40 -1.86
CA THR A 147 3.93 -16.10 -1.34
C THR A 147 5.04 -16.11 -0.29
N ASN A 148 5.71 -15.00 -0.15
CA ASN A 148 6.71 -14.83 0.85
C ASN A 148 6.29 -13.63 1.63
N GLY A 149 5.53 -13.88 2.67
CA GLY A 149 5.00 -12.85 3.50
C GLY A 149 4.01 -13.43 4.47
N ASP A 150 2.93 -12.73 4.69
CA ASP A 150 1.93 -13.17 5.65
C ASP A 150 0.62 -13.49 4.95
N ARG A 151 0.40 -14.76 4.72
CA ARG A 151 -0.79 -15.20 4.07
C ARG A 151 -1.93 -15.35 5.06
N ILE A 152 -2.96 -14.54 4.89
CA ILE A 152 -4.09 -14.59 5.78
C ILE A 152 -5.13 -15.52 5.20
N GLU A 153 -5.42 -15.32 3.95
CA GLU A 153 -6.41 -16.10 3.26
C GLU A 153 -5.76 -16.65 2.02
N PRO A 154 -6.31 -17.73 1.43
CA PRO A 154 -5.77 -18.31 0.17
C PRO A 154 -5.79 -17.29 -0.97
N GLU A 155 -6.58 -16.26 -0.83
CA GLU A 155 -6.66 -15.23 -1.83
C GLU A 155 -6.28 -13.84 -1.29
N VAL A 156 -5.78 -13.78 -0.06
CA VAL A 156 -5.39 -12.49 0.55
C VAL A 156 -4.08 -12.62 1.32
N VAL A 157 -3.12 -11.83 0.93
CA VAL A 157 -1.80 -11.85 1.54
C VAL A 157 -1.44 -10.45 2.04
N GLN A 158 -0.75 -10.39 3.13
CA GLN A 158 -0.37 -9.16 3.76
C GLN A 158 1.08 -9.23 4.13
N TRP A 159 1.72 -8.12 4.17
CA TRP A 159 3.07 -8.05 4.61
C TRP A 159 3.16 -6.98 5.66
N LYS A 160 3.65 -7.36 6.80
CA LYS A 160 3.87 -6.42 7.86
C LYS A 160 5.29 -5.92 7.81
N LEU A 161 5.41 -4.69 7.42
CA LEU A 161 6.68 -4.05 7.22
C LEU A 161 7.04 -3.26 8.45
N LYS A 162 8.22 -3.53 8.96
CA LYS A 162 8.67 -2.96 10.20
C LYS A 162 9.87 -2.04 10.01
N PRO A 163 10.03 -1.06 10.91
CA PRO A 163 11.17 -0.14 10.89
C PRO A 163 12.46 -0.86 11.26
N GLY A 164 13.57 -0.29 10.87
CA GLY A 164 14.87 -0.83 11.25
C GLY A 164 15.24 -2.11 10.52
N VAL A 165 14.27 -2.80 9.97
CA VAL A 165 14.50 -4.03 9.28
C VAL A 165 14.25 -3.87 7.78
N VAL A 166 14.62 -4.86 7.04
CA VAL A 166 14.33 -4.93 5.64
C VAL A 166 13.39 -6.11 5.44
N SER A 167 12.41 -5.97 4.61
CA SER A 167 11.49 -7.03 4.35
C SER A 167 11.24 -7.16 2.86
N THR A 168 11.27 -8.38 2.41
CA THR A 168 11.04 -8.70 1.04
C THR A 168 9.63 -9.25 0.90
N MET A 169 8.89 -8.68 0.03
CA MET A 169 7.54 -9.06 -0.22
C MET A 169 7.48 -9.75 -1.55
N SER A 170 6.93 -10.91 -1.58
CA SER A 170 6.77 -11.62 -2.81
C SER A 170 5.44 -12.33 -2.78
N ALA A 171 4.74 -12.29 -3.88
CA ALA A 171 3.46 -12.92 -4.02
C ALA A 171 3.33 -13.40 -5.40
N GLN A 172 2.92 -14.58 -5.53
CA GLN A 172 2.66 -15.16 -6.80
C GLN A 172 1.28 -15.70 -6.79
N ALA A 173 0.56 -15.36 -7.77
CA ALA A 173 -0.80 -15.78 -7.93
C ALA A 173 -1.12 -15.64 -9.36
N ARG A 174 -1.65 -16.65 -9.96
CA ARG A 174 -1.95 -16.53 -11.35
C ARG A 174 -3.33 -15.94 -11.55
N TYR A 175 -3.51 -15.18 -12.59
CA TYR A 175 -4.80 -14.56 -12.82
C TYR A 175 -5.31 -15.04 -14.12
N THR A 176 -6.53 -15.35 -14.13
CA THR A 176 -7.18 -15.82 -15.27
C THR A 176 -7.35 -14.71 -16.29
N ASP A 177 -6.52 -14.75 -17.31
CA ASP A 177 -6.57 -13.80 -18.40
C ASP A 177 -7.96 -13.75 -19.02
N PRO A 178 -8.47 -12.54 -19.28
CA PRO A 178 -9.83 -12.33 -19.80
C PRO A 178 -9.95 -12.82 -21.24
N ASN A 179 -8.82 -12.92 -21.92
CA ASN A 179 -8.78 -13.43 -23.25
C ASN A 179 -8.99 -14.94 -23.22
N THR A 180 -8.71 -15.53 -22.05
CA THR A 180 -8.80 -16.97 -21.79
C THR A 180 -8.04 -17.82 -22.80
N ARG A 181 -6.86 -18.20 -22.44
CA ARG A 181 -5.97 -18.90 -23.31
C ARG A 181 -5.59 -20.26 -22.76
N SER A 182 -4.86 -21.00 -23.53
CA SER A 182 -4.43 -22.32 -23.17
C SER A 182 -2.94 -22.42 -23.45
N GLY A 12 10.94 29.44 6.25
CA GLY A 12 9.61 29.03 6.69
C GLY A 12 9.66 28.41 8.06
N ARG A 13 9.15 27.21 8.19
CA ARG A 13 9.18 26.49 9.45
C ARG A 13 10.56 25.86 9.60
N GLU A 14 11.18 26.01 10.75
CA GLU A 14 12.50 25.48 10.92
C GLU A 14 12.66 24.94 12.33
N ASN A 15 13.50 23.91 12.46
CA ASN A 15 13.79 23.22 13.72
C ASN A 15 12.55 22.50 14.23
N LEU A 16 12.43 21.26 13.84
CA LEU A 16 11.31 20.46 14.24
C LEU A 16 11.59 19.75 15.54
N TYR A 17 11.42 20.47 16.63
CA TYR A 17 11.66 19.97 17.96
C TYR A 17 10.42 19.28 18.48
N PHE A 18 10.63 18.04 18.88
CA PHE A 18 9.59 17.14 19.35
C PHE A 18 8.46 17.04 18.36
N GLN A 19 8.79 16.57 17.20
CA GLN A 19 7.82 16.30 16.20
C GLN A 19 7.78 14.80 16.02
N GLY A 20 8.05 14.14 17.13
CA GLY A 20 7.97 12.71 17.22
C GLY A 20 6.55 12.26 17.08
N HIS A 21 6.27 11.77 15.94
CA HIS A 21 4.97 11.28 15.58
C HIS A 21 4.96 9.77 15.66
N MET A 22 4.09 9.17 14.92
CA MET A 22 4.01 7.75 14.72
C MET A 22 3.06 7.58 13.59
N LEU A 23 3.39 6.77 12.63
CA LEU A 23 2.52 6.64 11.50
C LEU A 23 2.23 5.22 11.12
N ARG A 24 1.04 5.03 10.68
CA ARG A 24 0.57 3.78 10.20
C ARG A 24 0.32 3.91 8.74
N VAL A 25 0.93 3.07 7.97
CA VAL A 25 0.71 3.09 6.55
C VAL A 25 0.14 1.77 6.19
N ARG A 26 -1.06 1.76 5.74
CA ARG A 26 -1.70 0.55 5.40
C ARG A 26 -2.29 0.64 4.03
N ALA A 27 -1.79 -0.17 3.17
CA ALA A 27 -2.29 -0.26 1.85
C ALA A 27 -3.07 -1.53 1.74
N SER A 28 -4.34 -1.41 1.66
CA SER A 28 -5.19 -2.56 1.54
C SER A 28 -5.81 -2.50 0.17
N ILE A 29 -5.48 -3.44 -0.67
CA ILE A 29 -5.95 -3.40 -2.01
C ILE A 29 -6.51 -4.75 -2.40
N THR A 30 -7.49 -4.73 -3.19
CA THR A 30 -8.13 -5.91 -3.63
C THR A 30 -8.18 -5.93 -5.16
N ILE A 31 -7.62 -6.95 -5.73
CA ILE A 31 -7.59 -7.11 -7.15
C ILE A 31 -8.48 -8.27 -7.55
N SER A 32 -9.47 -7.96 -8.32
CA SER A 32 -10.42 -8.91 -8.75
C SER A 32 -9.92 -9.54 -10.06
N PRO A 33 -10.29 -10.81 -10.35
CA PRO A 33 -9.86 -11.54 -11.56
C PRO A 33 -10.24 -10.88 -12.91
N ASP A 34 -10.90 -9.72 -12.86
CA ASP A 34 -11.25 -8.97 -14.06
C ASP A 34 -10.06 -8.13 -14.48
N ASP A 35 -9.01 -8.20 -13.66
CA ASP A 35 -7.78 -7.38 -13.76
C ASP A 35 -8.19 -5.99 -13.32
N LEU A 36 -9.16 -5.99 -12.43
CA LEU A 36 -9.69 -4.83 -11.86
C LEU A 36 -9.07 -4.68 -10.49
N VAL A 37 -8.47 -3.56 -10.26
CA VAL A 37 -7.79 -3.31 -9.03
C VAL A 37 -8.49 -2.15 -8.31
N SER A 38 -8.72 -2.33 -7.06
CA SER A 38 -9.34 -1.33 -6.24
C SER A 38 -8.77 -1.43 -4.83
N GLY A 39 -8.84 -0.39 -4.06
CA GLY A 39 -8.32 -0.48 -2.73
C GLY A 39 -8.22 0.85 -2.05
N GLU A 40 -7.49 0.87 -0.98
CA GLU A 40 -7.34 2.04 -0.16
C GLU A 40 -5.93 2.08 0.41
N ILE A 41 -5.31 3.22 0.35
CA ILE A 41 -4.01 3.42 0.92
C ILE A 41 -4.13 4.45 2.01
N ILE A 42 -3.87 4.04 3.21
CA ILE A 42 -4.02 4.89 4.35
C ILE A 42 -2.67 5.25 4.90
N ALA A 43 -2.44 6.51 5.03
CA ALA A 43 -1.27 6.98 5.70
C ALA A 43 -1.76 7.81 6.86
N ALA A 44 -1.60 7.30 8.04
CA ALA A 44 -2.14 7.93 9.21
C ALA A 44 -1.05 8.25 10.19
N ALA A 45 -1.00 9.46 10.60
CA ALA A 45 0.02 9.91 11.50
C ALA A 45 -0.59 10.39 12.81
N LYS A 46 0.11 10.24 13.89
CA LYS A 46 -0.36 10.80 15.14
C LYS A 46 -0.30 12.31 15.04
N PRO A 47 -1.40 13.01 15.37
CA PRO A 47 -1.44 14.46 15.33
C PRO A 47 -0.36 15.05 16.24
N LYS A 48 0.62 15.68 15.64
CA LYS A 48 1.74 16.25 16.37
C LYS A 48 1.83 17.75 16.09
N ASN A 49 1.45 18.15 14.90
CA ASN A 49 1.44 19.56 14.58
C ASN A 49 0.12 20.14 15.05
N SER A 50 0.19 21.24 15.77
CA SER A 50 -0.94 21.86 16.45
C SER A 50 -2.12 22.17 15.50
N LYS A 51 -1.82 22.71 14.33
CA LYS A 51 -2.88 23.05 13.36
C LYS A 51 -3.29 21.84 12.51
N ASP A 52 -2.59 20.77 12.66
CA ASP A 52 -2.73 19.66 11.75
C ASP A 52 -3.84 18.71 12.13
N THR A 53 -4.70 18.49 11.20
CA THR A 53 -5.79 17.59 11.38
C THR A 53 -5.74 16.49 10.30
N GLY A 54 -4.69 16.51 9.49
CA GLY A 54 -4.53 15.51 8.49
C GLY A 54 -3.39 15.80 7.54
N PRO A 55 -2.20 15.21 7.72
CA PRO A 55 -1.13 15.32 6.72
C PRO A 55 -1.63 14.75 5.40
N ALA A 56 -1.49 15.50 4.35
CA ALA A 56 -2.07 15.16 3.06
C ALA A 56 -1.14 14.31 2.20
N LEU A 57 -1.73 13.49 1.35
CA LEU A 57 -0.97 12.72 0.40
C LEU A 57 -0.66 13.58 -0.80
N ASP A 58 0.54 13.46 -1.27
CA ASP A 58 1.01 14.16 -2.41
C ASP A 58 1.18 13.15 -3.51
N GLY A 59 0.25 13.13 -4.40
CA GLY A 59 0.29 12.20 -5.48
C GLY A 59 -0.58 12.59 -6.64
N ASP A 60 -0.12 13.55 -7.40
CA ASP A 60 -0.83 13.97 -8.59
C ASP A 60 -0.47 13.05 -9.73
N VAL A 61 -1.43 12.29 -10.17
CA VAL A 61 -1.23 11.33 -11.22
C VAL A 61 -2.21 11.59 -12.35
N PRO A 62 -1.92 11.13 -13.59
CA PRO A 62 -2.81 11.33 -14.75
C PRO A 62 -4.13 10.55 -14.63
N PHE A 63 -4.20 9.67 -13.66
CA PHE A 63 -5.37 8.87 -13.44
C PHE A 63 -6.08 9.28 -12.16
N SER A 64 -6.15 10.57 -11.91
CA SER A 64 -6.84 11.12 -10.73
C SER A 64 -8.29 10.62 -10.62
N GLN A 65 -8.94 10.38 -11.76
CA GLN A 65 -10.35 9.95 -11.77
C GLN A 65 -10.49 8.54 -11.20
N LYS A 66 -9.37 7.88 -11.03
CA LYS A 66 -9.36 6.55 -10.53
C LYS A 66 -9.04 6.54 -9.05
N VAL A 67 -8.43 7.60 -8.55
CA VAL A 67 -8.05 7.63 -7.16
C VAL A 67 -8.52 8.91 -6.46
N ALA A 68 -9.32 8.73 -5.46
CA ALA A 68 -9.83 9.84 -4.69
C ALA A 68 -9.07 9.93 -3.39
N VAL A 69 -8.48 11.06 -3.14
CA VAL A 69 -7.71 11.25 -1.94
C VAL A 69 -8.57 11.97 -0.90
N SER A 70 -8.60 11.45 0.29
CA SER A 70 -9.41 12.00 1.35
C SER A 70 -8.57 12.12 2.63
N ASN A 71 -9.13 12.75 3.64
CA ASN A 71 -8.43 12.93 4.90
C ASN A 71 -8.83 11.78 5.82
N TYR A 72 -7.88 11.20 6.48
CA TYR A 72 -8.11 10.06 7.35
C TYR A 72 -8.18 10.51 8.80
N ASP A 73 -9.24 10.14 9.45
CA ASP A 73 -9.45 10.38 10.86
C ASP A 73 -9.98 9.12 11.48
N SER A 74 -9.12 8.39 12.13
CA SER A 74 -9.47 7.16 12.78
C SER A 74 -8.28 6.68 13.56
N ASP A 75 -8.53 5.86 14.59
CA ASP A 75 -7.48 5.22 15.43
C ASP A 75 -6.80 6.26 16.32
N GLY A 76 -7.32 7.48 16.30
CA GLY A 76 -6.70 8.59 16.97
C GLY A 76 -5.61 9.21 16.11
N TYR A 77 -5.52 8.73 14.90
CA TYR A 77 -4.53 9.18 13.95
C TYR A 77 -5.18 10.07 12.92
N VAL A 78 -4.43 11.02 12.41
CA VAL A 78 -4.90 11.83 11.33
C VAL A 78 -3.93 11.70 10.17
N GLY A 79 -4.45 11.59 9.03
CA GLY A 79 -3.63 11.41 7.88
C GLY A 79 -4.40 11.60 6.66
N SER A 80 -3.97 11.01 5.64
CA SER A 80 -4.64 11.07 4.40
C SER A 80 -4.72 9.69 3.81
N GLN A 81 -5.75 9.45 3.07
CA GLN A 81 -6.00 8.17 2.53
C GLN A 81 -6.40 8.30 1.08
N ALA A 82 -5.82 7.49 0.27
CA ALA A 82 -6.12 7.47 -1.13
C ALA A 82 -6.98 6.26 -1.41
N VAL A 83 -8.18 6.50 -1.82
CA VAL A 83 -9.10 5.43 -2.13
C VAL A 83 -9.21 5.33 -3.63
N PHE A 84 -8.79 4.24 -4.17
CA PHE A 84 -8.79 4.10 -5.61
C PHE A 84 -9.65 2.94 -6.02
N SER A 85 -10.09 2.98 -7.24
CA SER A 85 -10.96 1.95 -7.78
C SER A 85 -10.90 1.98 -9.30
N ASP A 86 -11.25 0.84 -9.92
CA ASP A 86 -11.32 0.68 -11.39
C ASP A 86 -9.96 0.85 -12.04
N LEU A 87 -8.94 0.43 -11.34
CA LEU A 87 -7.62 0.46 -11.87
C LEU A 87 -7.30 -0.83 -12.58
N THR A 88 -6.42 -0.74 -13.52
CA THR A 88 -6.00 -1.89 -14.31
C THR A 88 -4.60 -2.30 -13.92
N PHE A 89 -4.13 -3.43 -14.44
CA PHE A 89 -2.76 -3.89 -14.20
C PHE A 89 -1.73 -2.86 -14.71
N ALA A 90 -2.12 -2.08 -15.70
CA ALA A 90 -1.25 -1.04 -16.25
C ALA A 90 -1.10 0.08 -15.25
N GLU A 91 -2.12 0.26 -14.43
CA GLU A 91 -2.15 1.31 -13.47
C GLU A 91 -1.62 0.87 -12.11
N LEU A 92 -1.53 -0.45 -11.91
CA LEU A 92 -1.00 -1.04 -10.68
C LEU A 92 0.38 -0.50 -10.24
N PRO A 93 1.43 -0.48 -11.12
CA PRO A 93 2.71 0.11 -10.74
C PRO A 93 2.56 1.61 -10.50
N GLN A 94 1.68 2.21 -11.27
CA GLN A 94 1.44 3.64 -11.21
C GLN A 94 0.85 4.06 -9.86
N LEU A 95 -0.02 3.24 -9.30
CA LEU A 95 -0.62 3.53 -8.00
C LEU A 95 0.42 3.36 -6.88
N ALA A 96 1.48 2.62 -7.19
CA ALA A 96 2.51 2.36 -6.21
C ALA A 96 3.39 3.56 -6.00
N ASN A 97 3.33 4.52 -6.94
CA ASN A 97 4.11 5.73 -6.81
C ASN A 97 3.71 6.48 -5.57
N MET A 98 2.41 6.84 -5.49
CA MET A 98 1.91 7.64 -4.35
C MET A 98 2.22 6.92 -3.06
N ASN A 99 1.93 5.63 -3.08
CA ASN A 99 2.13 4.74 -1.94
C ASN A 99 3.55 4.83 -1.41
N SER A 100 4.52 4.82 -2.32
CA SER A 100 5.89 4.70 -1.92
C SER A 100 6.33 5.92 -1.15
N ASP A 101 5.70 7.08 -1.44
CA ASP A 101 6.12 8.34 -0.85
C ASP A 101 5.85 8.34 0.63
N ALA A 102 4.88 7.55 1.05
CA ALA A 102 4.53 7.51 2.44
C ALA A 102 5.03 6.23 3.07
N ALA A 103 5.51 5.31 2.27
CA ALA A 103 5.88 4.01 2.78
C ALA A 103 7.38 3.80 2.87
N GLY A 104 8.09 4.19 1.83
CA GLY A 104 9.51 3.90 1.76
C GLY A 104 9.74 2.51 1.22
N VAL A 105 8.81 2.05 0.41
CA VAL A 105 8.88 0.73 -0.17
C VAL A 105 9.13 0.83 -1.66
N ASN A 106 9.44 -0.27 -2.26
CA ASN A 106 9.67 -0.37 -3.68
C ASN A 106 8.96 -1.60 -4.22
N LEU A 107 8.12 -1.42 -5.19
CA LEU A 107 7.36 -2.51 -5.78
C LEU A 107 7.70 -2.64 -7.25
N SER A 108 7.80 -3.86 -7.72
CA SER A 108 7.99 -4.15 -9.12
C SER A 108 7.15 -5.38 -9.48
N LEU A 109 6.19 -5.23 -10.34
CA LEU A 109 5.36 -6.34 -10.69
C LEU A 109 5.25 -6.48 -12.19
N ARG A 110 5.15 -7.71 -12.60
CA ARG A 110 5.10 -8.08 -14.00
C ARG A 110 4.09 -9.16 -14.18
N ARG A 111 3.55 -9.26 -15.35
CA ARG A 111 2.69 -10.32 -15.63
C ARG A 111 3.47 -11.36 -16.40
N ASN A 112 3.27 -12.56 -16.06
CA ASN A 112 3.93 -13.66 -16.67
C ASN A 112 2.87 -14.58 -17.21
N GLY A 113 2.48 -14.32 -18.42
CA GLY A 113 1.42 -15.07 -19.01
C GLY A 113 0.11 -14.69 -18.38
N ASN A 114 -0.54 -15.64 -17.77
CA ASN A 114 -1.80 -15.38 -17.13
C ASN A 114 -1.59 -15.30 -15.62
N ILE A 115 -0.36 -15.31 -15.18
CA ILE A 115 -0.11 -15.19 -13.77
C ILE A 115 0.72 -13.94 -13.53
N VAL A 116 0.56 -13.33 -12.41
CA VAL A 116 1.25 -12.10 -12.10
C VAL A 116 2.31 -12.37 -11.04
N ILE A 117 3.46 -11.77 -11.22
CA ILE A 117 4.52 -11.89 -10.27
C ILE A 117 4.85 -10.50 -9.72
N LEU A 118 4.96 -10.43 -8.46
CA LEU A 118 5.30 -9.20 -7.78
C LEU A 118 6.53 -9.42 -6.91
N GLU A 119 7.48 -8.55 -7.08
CA GLU A 119 8.73 -8.59 -6.35
C GLU A 119 8.97 -7.17 -5.82
N GLY A 120 9.13 -7.04 -4.53
CA GLY A 120 9.33 -5.75 -3.96
C GLY A 120 10.19 -5.80 -2.72
N ARG A 121 10.54 -4.64 -2.23
CA ARG A 121 11.39 -4.48 -1.08
C ARG A 121 10.86 -3.36 -0.23
N ALA A 122 11.14 -3.42 1.04
CA ALA A 122 10.80 -2.36 1.93
C ALA A 122 12.01 -2.01 2.74
N ASP A 123 12.58 -0.87 2.48
CA ASP A 123 13.74 -0.46 3.21
C ASP A 123 13.43 0.73 4.07
N LEU A 124 13.12 0.44 5.29
CA LEU A 124 12.85 1.43 6.29
C LEU A 124 13.72 1.13 7.50
N THR A 125 14.81 0.50 7.18
CA THR A 125 15.83 0.05 8.12
C THR A 125 16.50 1.23 8.85
N SER A 126 16.49 2.39 8.20
CA SER A 126 17.04 3.61 8.72
C SER A 126 16.22 4.15 9.90
N VAL A 127 14.95 3.73 9.94
CA VAL A 127 13.99 4.10 10.95
C VAL A 127 13.57 5.56 10.84
N SER A 128 12.60 5.79 10.01
CA SER A 128 12.00 7.07 9.83
C SER A 128 11.11 7.39 11.03
N ASP A 129 10.46 6.35 11.51
CA ASP A 129 9.62 6.44 12.68
C ASP A 129 9.68 5.10 13.38
N PRO A 130 9.96 5.09 14.69
CA PRO A 130 10.11 3.85 15.47
C PRO A 130 8.79 3.11 15.80
N ASP A 131 7.64 3.73 15.62
CA ASP A 131 6.38 3.04 15.99
C ASP A 131 5.63 2.62 14.74
N ALA A 132 6.08 3.13 13.62
CA ALA A 132 5.46 2.93 12.33
C ALA A 132 5.41 1.48 11.89
N ASP A 133 4.29 1.12 11.31
CA ASP A 133 4.10 -0.18 10.68
C ASP A 133 3.51 0.05 9.33
N VAL A 134 4.09 -0.55 8.35
CA VAL A 134 3.54 -0.48 7.03
C VAL A 134 2.91 -1.81 6.74
N GLU A 135 1.62 -1.81 6.62
CA GLU A 135 0.88 -2.99 6.39
C GLU A 135 0.35 -2.98 4.98
N LEU A 136 0.73 -3.95 4.23
CA LEU A 136 0.26 -4.04 2.89
C LEU A 136 -0.58 -5.30 2.83
N THR A 137 -1.78 -5.17 2.43
CA THR A 137 -2.70 -6.28 2.37
C THR A 137 -3.32 -6.34 0.98
N VAL A 138 -3.22 -7.48 0.36
CA VAL A 138 -3.78 -7.66 -0.95
C VAL A 138 -4.80 -8.78 -0.89
N ALA A 139 -6.02 -8.50 -1.30
CA ALA A 139 -7.04 -9.49 -1.34
C ALA A 139 -7.38 -9.79 -2.79
N PHE A 140 -7.35 -11.02 -3.15
CA PHE A 140 -7.68 -11.44 -4.47
C PHE A 140 -8.60 -12.63 -4.49
N PRO A 141 -9.78 -12.53 -5.11
CA PRO A 141 -10.70 -13.68 -5.30
C PRO A 141 -10.15 -14.65 -6.37
N ALA A 142 -8.88 -14.96 -6.27
CA ALA A 142 -8.22 -15.83 -7.20
C ALA A 142 -7.50 -16.93 -6.45
N ALA A 143 -6.16 -16.86 -6.38
CA ALA A 143 -5.33 -17.86 -5.74
C ALA A 143 -3.89 -17.46 -5.87
N VAL A 144 -3.21 -17.41 -4.77
CA VAL A 144 -1.80 -17.12 -4.76
C VAL A 144 -1.02 -18.38 -5.14
N THR A 145 -0.05 -18.24 -5.98
CA THR A 145 0.75 -19.35 -6.35
C THR A 145 1.94 -19.46 -5.41
N SER A 146 2.55 -18.32 -5.11
CA SER A 146 3.69 -18.25 -4.20
C SER A 146 3.83 -16.84 -3.66
N THR A 147 4.01 -16.70 -2.39
CA THR A 147 4.18 -15.42 -1.81
C THR A 147 5.28 -15.47 -0.73
N ASN A 148 5.86 -14.34 -0.44
CA ASN A 148 6.79 -14.22 0.64
C ASN A 148 6.31 -13.06 1.44
N GLY A 149 5.57 -13.41 2.47
CA GLY A 149 4.96 -12.48 3.37
C GLY A 149 4.08 -13.26 4.30
N ASP A 150 2.98 -12.71 4.70
CA ASP A 150 2.06 -13.41 5.58
C ASP A 150 0.80 -13.75 4.85
N ARG A 151 0.69 -14.98 4.40
CA ARG A 151 -0.51 -15.40 3.77
C ARG A 151 -1.57 -15.70 4.83
N ILE A 152 -2.56 -14.86 4.88
CA ILE A 152 -3.65 -15.00 5.83
C ILE A 152 -4.60 -16.05 5.28
N GLU A 153 -4.74 -15.99 3.99
CA GLU A 153 -5.52 -16.89 3.21
C GLU A 153 -4.76 -17.12 1.93
N PRO A 154 -5.08 -18.16 1.14
CA PRO A 154 -4.43 -18.40 -0.16
C PRO A 154 -4.88 -17.38 -1.20
N GLU A 155 -5.73 -16.51 -0.77
CA GLU A 155 -6.30 -15.50 -1.60
C GLU A 155 -6.16 -14.10 -0.96
N VAL A 156 -5.56 -14.04 0.21
CA VAL A 156 -5.33 -12.76 0.92
C VAL A 156 -3.98 -12.82 1.61
N VAL A 157 -3.11 -11.91 1.26
CA VAL A 157 -1.76 -11.90 1.82
C VAL A 157 -1.47 -10.52 2.38
N GLN A 158 -0.75 -10.49 3.47
CA GLN A 158 -0.38 -9.26 4.12
C GLN A 158 1.11 -9.22 4.38
N TRP A 159 1.65 -8.06 4.33
CA TRP A 159 3.02 -7.81 4.63
C TRP A 159 3.07 -6.77 5.71
N LYS A 160 3.60 -7.14 6.84
CA LYS A 160 3.76 -6.21 7.92
C LYS A 160 5.22 -5.79 8.02
N LEU A 161 5.49 -4.64 7.46
CA LEU A 161 6.82 -4.12 7.31
C LEU A 161 7.13 -3.22 8.50
N LYS A 162 8.25 -3.44 9.12
CA LYS A 162 8.65 -2.72 10.30
C LYS A 162 9.93 -1.95 10.07
N PRO A 163 10.14 -0.83 10.81
CA PRO A 163 11.35 -0.05 10.70
C PRO A 163 12.54 -0.80 11.25
N GLY A 164 13.71 -0.49 10.75
CA GLY A 164 14.93 -1.09 11.26
C GLY A 164 15.18 -2.51 10.75
N VAL A 165 14.13 -3.18 10.35
CA VAL A 165 14.27 -4.54 9.89
C VAL A 165 14.16 -4.60 8.36
N VAL A 166 14.87 -5.54 7.79
CA VAL A 166 14.88 -5.73 6.35
C VAL A 166 13.72 -6.61 5.95
N SER A 167 12.94 -6.15 5.00
CA SER A 167 11.81 -6.90 4.56
C SER A 167 11.67 -6.84 3.04
N THR A 168 11.46 -7.99 2.46
CA THR A 168 11.22 -8.12 1.07
C THR A 168 9.80 -8.63 0.86
N MET A 169 9.18 -8.23 -0.20
CA MET A 169 7.81 -8.61 -0.46
C MET A 169 7.73 -9.35 -1.76
N SER A 170 7.03 -10.45 -1.77
CA SER A 170 6.82 -11.15 -3.00
C SER A 170 5.42 -11.74 -3.02
N ALA A 171 4.76 -11.62 -4.14
CA ALA A 171 3.43 -12.16 -4.31
C ALA A 171 3.27 -12.57 -5.73
N GLN A 172 3.04 -13.81 -5.94
CA GLN A 172 2.81 -14.33 -7.25
C GLN A 172 1.46 -15.00 -7.23
N ALA A 173 0.63 -14.69 -8.19
CA ALA A 173 -0.74 -15.22 -8.20
C ALA A 173 -1.29 -15.28 -9.61
N ARG A 174 -2.33 -16.07 -9.82
CA ARG A 174 -2.92 -16.22 -11.14
C ARG A 174 -3.98 -15.14 -11.38
N TYR A 175 -3.88 -14.39 -12.49
CA TYR A 175 -4.86 -13.37 -12.85
C TYR A 175 -5.07 -13.33 -14.32
N THR A 176 -6.27 -13.59 -14.71
CA THR A 176 -6.67 -13.61 -16.10
C THR A 176 -6.40 -12.29 -16.80
N ASP A 177 -5.56 -12.33 -17.82
CA ASP A 177 -5.20 -11.15 -18.58
C ASP A 177 -6.34 -10.75 -19.50
N PRO A 178 -6.64 -9.46 -19.58
CA PRO A 178 -7.67 -8.94 -20.47
C PRO A 178 -7.34 -9.09 -21.98
N ASN A 179 -6.09 -8.83 -22.39
CA ASN A 179 -5.72 -8.90 -23.79
C ASN A 179 -5.36 -10.34 -24.14
N THR A 180 -5.21 -11.15 -23.09
CA THR A 180 -5.01 -12.58 -23.13
C THR A 180 -3.64 -13.03 -23.64
N ARG A 181 -2.74 -13.26 -22.70
CA ARG A 181 -1.40 -13.71 -22.96
C ARG A 181 -1.12 -14.88 -22.04
N SER A 182 -0.26 -15.77 -22.48
CA SER A 182 0.16 -16.92 -21.72
C SER A 182 1.37 -17.60 -22.38
N GLY A 12 19.45 -8.61 21.32
CA GLY A 12 19.88 -7.27 20.95
C GLY A 12 19.00 -6.72 19.85
N ARG A 13 19.07 -5.41 19.63
CA ARG A 13 18.32 -4.68 18.57
C ARG A 13 16.81 -4.70 18.82
N GLU A 14 16.42 -5.08 20.00
CA GLU A 14 15.04 -5.07 20.36
C GLU A 14 14.80 -3.94 21.32
N ASN A 15 14.58 -2.81 20.75
CA ASN A 15 14.28 -1.65 21.49
C ASN A 15 12.86 -1.29 21.18
N LEU A 16 11.98 -1.49 22.13
CA LEU A 16 10.58 -1.21 21.90
C LEU A 16 10.23 0.21 22.26
N TYR A 17 11.23 0.98 22.62
CA TYR A 17 11.04 2.39 22.84
C TYR A 17 11.08 3.08 21.50
N PHE A 18 10.09 3.86 21.24
CA PHE A 18 9.96 4.51 19.98
C PHE A 18 10.07 6.02 20.14
N GLN A 19 9.90 6.77 19.05
CA GLN A 19 10.06 8.21 19.11
C GLN A 19 8.92 8.84 19.91
N GLY A 20 7.69 8.58 19.54
CA GLY A 20 6.59 9.10 20.33
C GLY A 20 5.28 9.19 19.61
N HIS A 21 5.13 8.46 18.53
CA HIS A 21 3.89 8.49 17.83
C HIS A 21 3.64 7.12 17.25
N MET A 22 2.60 6.99 16.48
CA MET A 22 2.37 5.80 15.73
C MET A 22 1.87 6.18 14.38
N LEU A 23 2.63 5.87 13.39
CA LEU A 23 2.23 6.14 12.06
C LEU A 23 1.87 4.81 11.45
N ARG A 24 0.62 4.60 11.27
CA ARG A 24 0.15 3.38 10.72
C ARG A 24 -0.24 3.65 9.29
N VAL A 25 0.33 2.96 8.39
CA VAL A 25 -0.06 3.10 7.03
C VAL A 25 -0.41 1.76 6.46
N ARG A 26 -1.64 1.63 6.13
CA ARG A 26 -2.19 0.41 5.64
C ARG A 26 -2.73 0.59 4.27
N ALA A 27 -2.15 -0.10 3.34
CA ALA A 27 -2.60 -0.08 2.01
C ALA A 27 -3.35 -1.36 1.75
N SER A 28 -4.62 -1.26 1.61
CA SER A 28 -5.42 -2.42 1.37
C SER A 28 -6.03 -2.32 -0.01
N ILE A 29 -5.64 -3.22 -0.88
CA ILE A 29 -6.09 -3.17 -2.23
C ILE A 29 -6.65 -4.52 -2.60
N THR A 30 -7.69 -4.53 -3.34
CA THR A 30 -8.28 -5.73 -3.77
C THR A 30 -8.30 -5.74 -5.30
N ILE A 31 -7.68 -6.72 -5.87
CA ILE A 31 -7.60 -6.84 -7.29
C ILE A 31 -8.53 -7.95 -7.76
N SER A 32 -9.45 -7.59 -8.59
CA SER A 32 -10.43 -8.49 -9.10
C SER A 32 -9.86 -9.24 -10.30
N PRO A 33 -10.38 -10.45 -10.63
CA PRO A 33 -9.86 -11.27 -11.75
C PRO A 33 -10.17 -10.66 -13.13
N ASP A 34 -10.80 -9.49 -13.10
CA ASP A 34 -11.14 -8.74 -14.26
C ASP A 34 -10.01 -7.79 -14.61
N ASP A 35 -8.92 -7.90 -13.82
CA ASP A 35 -7.70 -7.06 -13.95
C ASP A 35 -8.08 -5.64 -13.52
N LEU A 36 -9.04 -5.61 -12.64
CA LEU A 36 -9.58 -4.44 -12.13
C LEU A 36 -9.14 -4.32 -10.68
N VAL A 37 -8.55 -3.23 -10.36
CA VAL A 37 -8.04 -3.00 -9.06
C VAL A 37 -8.82 -1.89 -8.39
N SER A 38 -9.18 -2.13 -7.17
CA SER A 38 -9.87 -1.18 -6.36
C SER A 38 -9.32 -1.29 -4.94
N GLY A 39 -8.91 -0.20 -4.35
CA GLY A 39 -8.31 -0.28 -3.05
C GLY A 39 -8.26 1.05 -2.36
N GLU A 40 -7.59 1.07 -1.25
CA GLU A 40 -7.50 2.22 -0.43
C GLU A 40 -6.13 2.22 0.28
N ILE A 41 -5.48 3.33 0.29
CA ILE A 41 -4.23 3.46 0.99
C ILE A 41 -4.47 4.40 2.14
N ILE A 42 -4.35 3.90 3.33
CA ILE A 42 -4.62 4.71 4.50
C ILE A 42 -3.33 5.02 5.19
N ALA A 43 -2.98 6.25 5.20
CA ALA A 43 -1.87 6.68 5.97
C ALA A 43 -2.45 7.41 7.14
N ALA A 44 -2.36 6.81 8.28
CA ALA A 44 -2.95 7.37 9.47
C ALA A 44 -1.91 7.54 10.53
N ALA A 45 -1.69 8.75 10.90
CA ALA A 45 -0.65 9.05 11.80
C ALA A 45 -1.20 9.66 13.07
N LYS A 46 -0.65 9.28 14.20
CA LYS A 46 -0.94 9.98 15.43
C LYS A 46 -0.45 11.40 15.18
N PRO A 47 -1.31 12.43 15.42
CA PRO A 47 -1.03 13.84 15.10
C PRO A 47 0.45 14.25 15.29
N LYS A 48 1.18 14.25 14.19
CA LYS A 48 2.60 14.54 14.16
C LYS A 48 2.83 16.04 14.11
N ASN A 49 1.94 16.71 13.44
CA ASN A 49 1.99 18.14 13.31
C ASN A 49 0.64 18.65 13.79
N SER A 50 0.67 19.52 14.77
CA SER A 50 -0.53 20.00 15.42
C SER A 50 -1.52 20.75 14.48
N LYS A 51 -1.05 21.21 13.32
CA LYS A 51 -1.95 21.92 12.41
C LYS A 51 -2.80 20.93 11.61
N ASP A 52 -2.36 19.70 11.61
CA ASP A 52 -2.93 18.71 10.80
C ASP A 52 -3.94 17.87 11.52
N THR A 53 -5.17 18.03 11.10
CA THR A 53 -6.26 17.20 11.57
C THR A 53 -6.35 15.98 10.64
N GLY A 54 -5.42 15.94 9.72
CA GLY A 54 -5.24 14.87 8.80
C GLY A 54 -4.15 15.24 7.81
N PRO A 55 -2.88 14.80 8.06
CA PRO A 55 -1.78 15.00 7.10
C PRO A 55 -2.14 14.43 5.74
N ALA A 56 -1.98 15.23 4.74
CA ALA A 56 -2.41 14.89 3.39
C ALA A 56 -1.40 14.08 2.61
N LEU A 57 -1.89 13.41 1.58
CA LEU A 57 -1.08 12.67 0.64
C LEU A 57 -1.07 13.43 -0.66
N ASP A 58 0.10 13.68 -1.16
CA ASP A 58 0.23 14.43 -2.39
C ASP A 58 0.79 13.56 -3.50
N GLY A 59 -0.09 13.06 -4.30
CA GLY A 59 0.32 12.24 -5.40
C GLY A 59 -0.33 12.70 -6.67
N ASP A 60 0.43 12.76 -7.72
CA ASP A 60 -0.06 13.21 -9.01
C ASP A 60 0.04 12.11 -10.05
N VAL A 61 -1.10 11.76 -10.60
CA VAL A 61 -1.22 10.70 -11.59
C VAL A 61 -2.17 11.17 -12.69
N PRO A 62 -2.15 10.53 -13.88
CA PRO A 62 -3.07 10.89 -14.98
C PRO A 62 -4.51 10.42 -14.67
N PHE A 63 -4.62 9.45 -13.81
CA PHE A 63 -5.90 8.88 -13.45
C PHE A 63 -6.42 9.42 -12.12
N SER A 64 -6.27 10.72 -11.94
CA SER A 64 -6.71 11.42 -10.73
C SER A 64 -8.19 11.16 -10.43
N GLN A 65 -9.00 11.05 -11.47
CA GLN A 65 -10.44 10.86 -11.35
C GLN A 65 -10.76 9.47 -10.80
N LYS A 66 -9.76 8.62 -10.82
CA LYS A 66 -9.88 7.27 -10.40
C LYS A 66 -9.41 7.12 -8.96
N VAL A 67 -8.72 8.13 -8.44
CA VAL A 67 -8.26 8.05 -7.08
C VAL A 67 -8.71 9.26 -6.25
N ALA A 68 -9.46 8.97 -5.24
CA ALA A 68 -9.98 9.99 -4.38
C ALA A 68 -9.19 10.02 -3.09
N VAL A 69 -8.46 11.08 -2.88
CA VAL A 69 -7.73 11.22 -1.66
C VAL A 69 -8.53 12.08 -0.71
N SER A 70 -8.64 11.64 0.49
CA SER A 70 -9.42 12.32 1.50
C SER A 70 -8.76 12.10 2.84
N ASN A 71 -9.10 12.89 3.82
CA ASN A 71 -8.50 12.75 5.13
C ASN A 71 -9.10 11.57 5.87
N TYR A 72 -8.26 10.92 6.59
CA TYR A 72 -8.64 9.81 7.40
C TYR A 72 -8.57 10.25 8.85
N ASP A 73 -9.66 10.12 9.51
CA ASP A 73 -9.77 10.45 10.90
C ASP A 73 -10.58 9.37 11.55
N SER A 74 -9.90 8.46 12.18
CA SER A 74 -10.50 7.34 12.85
C SER A 74 -9.45 6.76 13.79
N ASP A 75 -9.91 6.20 14.91
CA ASP A 75 -9.05 5.49 15.88
C ASP A 75 -8.12 6.40 16.65
N GLY A 76 -8.23 7.69 16.43
CA GLY A 76 -7.35 8.64 17.07
C GLY A 76 -6.16 8.94 16.21
N TYR A 77 -6.16 8.40 15.01
CA TYR A 77 -5.12 8.65 14.06
C TYR A 77 -5.66 9.59 13.01
N VAL A 78 -4.84 10.49 12.55
CA VAL A 78 -5.25 11.39 11.52
C VAL A 78 -4.27 11.30 10.36
N GLY A 79 -4.79 11.26 9.21
CA GLY A 79 -3.98 11.12 8.05
C GLY A 79 -4.79 11.26 6.85
N SER A 80 -4.35 10.67 5.80
CA SER A 80 -5.08 10.70 4.57
C SER A 80 -5.15 9.34 3.93
N GLN A 81 -6.20 9.12 3.23
CA GLN A 81 -6.43 7.89 2.56
C GLN A 81 -6.66 8.16 1.10
N ALA A 82 -6.00 7.43 0.27
CA ALA A 82 -6.23 7.50 -1.14
C ALA A 82 -7.07 6.32 -1.50
N VAL A 83 -8.26 6.57 -1.91
CA VAL A 83 -9.18 5.52 -2.24
C VAL A 83 -9.36 5.49 -3.74
N PHE A 84 -8.89 4.45 -4.34
CA PHE A 84 -8.92 4.35 -5.78
C PHE A 84 -9.80 3.23 -6.23
N SER A 85 -10.30 3.37 -7.41
CA SER A 85 -11.21 2.39 -7.97
C SER A 85 -11.16 2.43 -9.49
N ASP A 86 -11.59 1.31 -10.11
CA ASP A 86 -11.69 1.17 -11.58
C ASP A 86 -10.29 1.24 -12.22
N LEU A 87 -9.31 0.78 -11.50
CA LEU A 87 -7.98 0.80 -12.00
C LEU A 87 -7.61 -0.53 -12.60
N THR A 88 -6.56 -0.54 -13.36
CA THR A 88 -6.09 -1.75 -14.02
C THR A 88 -4.73 -2.16 -13.50
N PHE A 89 -4.26 -3.35 -13.89
CA PHE A 89 -2.92 -3.83 -13.53
C PHE A 89 -1.86 -2.84 -13.98
N ALA A 90 -2.09 -2.25 -15.14
CA ALA A 90 -1.20 -1.24 -15.70
C ALA A 90 -1.09 -0.05 -14.77
N GLU A 91 -2.14 0.24 -14.06
CA GLU A 91 -2.19 1.39 -13.20
C GLU A 91 -1.59 1.11 -11.82
N LEU A 92 -1.45 -0.17 -11.49
CA LEU A 92 -0.83 -0.60 -10.22
C LEU A 92 0.55 0.02 -9.95
N PRO A 93 1.56 -0.06 -10.88
CA PRO A 93 2.85 0.58 -10.66
C PRO A 93 2.68 2.10 -10.50
N GLN A 94 1.83 2.65 -11.35
CA GLN A 94 1.57 4.08 -11.38
C GLN A 94 1.02 4.60 -10.05
N LEU A 95 0.14 3.83 -9.43
CA LEU A 95 -0.40 4.21 -8.13
C LEU A 95 0.61 3.93 -7.02
N ALA A 96 1.55 3.01 -7.29
CA ALA A 96 2.54 2.64 -6.31
C ALA A 96 3.54 3.76 -6.17
N ASN A 97 3.68 4.54 -7.23
CA ASN A 97 4.54 5.70 -7.26
C ASN A 97 4.12 6.67 -6.18
N MET A 98 2.83 7.05 -6.18
CA MET A 98 2.29 7.97 -5.17
C MET A 98 2.58 7.46 -3.78
N ASN A 99 2.24 6.19 -3.58
CA ASN A 99 2.43 5.49 -2.31
C ASN A 99 3.90 5.57 -1.86
N SER A 100 4.83 5.50 -2.84
CA SER A 100 6.23 5.46 -2.55
C SER A 100 6.68 6.72 -1.79
N ASP A 101 6.04 7.87 -2.10
CA ASP A 101 6.45 9.17 -1.54
C ASP A 101 6.16 9.25 -0.03
N ALA A 102 5.34 8.33 0.45
CA ALA A 102 5.03 8.29 1.85
C ALA A 102 5.57 7.00 2.48
N ALA A 103 5.98 6.07 1.65
CA ALA A 103 6.36 4.77 2.14
C ALA A 103 7.86 4.52 2.14
N GLY A 104 8.51 4.83 1.03
CA GLY A 104 9.92 4.48 0.88
C GLY A 104 10.06 2.98 0.60
N VAL A 105 8.97 2.39 0.11
CA VAL A 105 8.88 0.98 -0.18
C VAL A 105 8.78 0.79 -1.70
N ASN A 106 9.40 -0.25 -2.21
CA ASN A 106 9.38 -0.53 -3.66
C ASN A 106 8.38 -1.62 -3.96
N LEU A 107 7.54 -1.38 -4.95
CA LEU A 107 6.56 -2.36 -5.39
C LEU A 107 6.65 -2.47 -6.90
N SER A 108 7.23 -3.53 -7.39
CA SER A 108 7.35 -3.75 -8.81
C SER A 108 6.59 -5.02 -9.17
N LEU A 109 5.85 -5.02 -10.26
CA LEU A 109 5.06 -6.18 -10.61
C LEU A 109 4.92 -6.36 -12.10
N ARG A 110 4.80 -7.61 -12.50
CA ARG A 110 4.76 -8.00 -13.91
C ARG A 110 3.89 -9.25 -14.10
N ARG A 111 3.49 -9.51 -15.32
CA ARG A 111 2.75 -10.72 -15.64
C ARG A 111 3.65 -11.72 -16.30
N ASN A 112 3.49 -12.93 -15.93
CA ASN A 112 4.20 -14.04 -16.52
C ASN A 112 3.16 -14.99 -17.08
N GLY A 113 2.72 -14.69 -18.28
CA GLY A 113 1.62 -15.42 -18.90
C GLY A 113 0.35 -15.25 -18.11
N ASN A 114 -0.14 -16.33 -17.55
CA ASN A 114 -1.36 -16.34 -16.74
C ASN A 114 -1.03 -15.98 -15.28
N ILE A 115 0.20 -16.13 -14.88
CA ILE A 115 0.50 -15.90 -13.51
C ILE A 115 1.17 -14.54 -13.37
N VAL A 116 0.96 -13.90 -12.28
CA VAL A 116 1.47 -12.58 -12.07
C VAL A 116 2.45 -12.58 -10.92
N ILE A 117 3.53 -11.83 -11.08
CA ILE A 117 4.56 -11.76 -10.09
C ILE A 117 4.68 -10.34 -9.54
N LEU A 118 4.83 -10.24 -8.28
CA LEU A 118 5.06 -8.97 -7.62
C LEU A 118 6.30 -9.10 -6.77
N GLU A 119 7.19 -8.18 -6.96
CA GLU A 119 8.47 -8.17 -6.29
C GLU A 119 8.67 -6.79 -5.65
N GLY A 120 8.78 -6.77 -4.35
CA GLY A 120 8.94 -5.55 -3.64
C GLY A 120 9.90 -5.68 -2.48
N ARG A 121 10.27 -4.56 -1.90
CA ARG A 121 11.20 -4.53 -0.78
C ARG A 121 10.90 -3.32 0.07
N ALA A 122 11.22 -3.41 1.32
CA ALA A 122 11.16 -2.28 2.20
C ALA A 122 12.42 -2.24 3.04
N ASP A 123 13.26 -1.28 2.76
CA ASP A 123 14.47 -1.08 3.50
C ASP A 123 14.43 0.22 4.29
N LEU A 124 14.07 0.09 5.54
CA LEU A 124 13.97 1.20 6.48
C LEU A 124 14.78 0.86 7.72
N THR A 125 15.87 0.14 7.50
CA THR A 125 16.69 -0.34 8.59
C THR A 125 17.39 0.78 9.38
N SER A 126 17.73 1.84 8.70
CA SER A 126 18.50 2.91 9.29
C SER A 126 17.62 4.08 9.72
N VAL A 127 16.33 3.84 9.86
CA VAL A 127 15.40 4.89 10.25
C VAL A 127 15.69 5.34 11.70
N SER A 128 15.27 6.51 12.04
CA SER A 128 15.40 6.99 13.37
C SER A 128 14.19 6.57 14.21
N ASP A 129 13.01 6.77 13.66
CA ASP A 129 11.74 6.46 14.32
C ASP A 129 11.18 5.09 13.91
N PRO A 130 11.22 4.11 14.83
CA PRO A 130 10.72 2.75 14.61
C PRO A 130 9.18 2.66 14.68
N ASP A 131 8.55 3.72 15.14
CA ASP A 131 7.11 3.76 15.46
C ASP A 131 6.20 3.96 14.26
N ALA A 132 6.75 3.76 13.13
CA ALA A 132 6.02 3.74 11.92
C ALA A 132 5.77 2.28 11.51
N ASP A 133 4.59 1.95 11.09
CA ASP A 133 4.28 0.59 10.63
C ASP A 133 3.56 0.64 9.30
N VAL A 134 4.04 -0.15 8.36
CA VAL A 134 3.45 -0.19 7.04
C VAL A 134 2.87 -1.57 6.79
N GLU A 135 1.63 -1.64 6.39
CA GLU A 135 1.02 -2.91 6.07
C GLU A 135 0.35 -2.84 4.72
N LEU A 136 0.60 -3.82 3.91
CA LEU A 136 -0.05 -3.94 2.63
C LEU A 136 -0.93 -5.16 2.65
N THR A 137 -2.19 -4.98 2.41
CA THR A 137 -3.14 -6.03 2.40
C THR A 137 -3.70 -6.16 0.99
N VAL A 138 -3.34 -7.19 0.29
CA VAL A 138 -3.83 -7.41 -1.05
C VAL A 138 -4.83 -8.56 -1.06
N ALA A 139 -6.03 -8.30 -1.53
CA ALA A 139 -7.03 -9.33 -1.62
C ALA A 139 -7.32 -9.63 -3.09
N PHE A 140 -7.22 -10.87 -3.45
CA PHE A 140 -7.50 -11.30 -4.80
C PHE A 140 -8.38 -12.53 -4.82
N PRO A 141 -9.56 -12.47 -5.45
CA PRO A 141 -10.45 -13.65 -5.62
C PRO A 141 -9.88 -14.64 -6.67
N ALA A 142 -8.60 -14.91 -6.60
CA ALA A 142 -7.96 -15.79 -7.53
C ALA A 142 -7.28 -16.94 -6.80
N ALA A 143 -5.96 -16.80 -6.54
CA ALA A 143 -5.16 -17.83 -5.86
C ALA A 143 -3.71 -17.42 -5.88
N VAL A 144 -3.11 -17.35 -4.72
CA VAL A 144 -1.70 -17.06 -4.62
C VAL A 144 -0.92 -18.35 -4.89
N THR A 145 0.05 -18.27 -5.75
CA THR A 145 0.82 -19.43 -6.09
C THR A 145 1.99 -19.57 -5.12
N SER A 146 2.60 -18.44 -4.78
CA SER A 146 3.70 -18.36 -3.82
C SER A 146 3.87 -16.92 -3.35
N THR A 147 3.99 -16.70 -2.08
CA THR A 147 4.18 -15.38 -1.57
C THR A 147 5.24 -15.37 -0.45
N ASN A 148 5.86 -14.24 -0.28
CA ASN A 148 6.78 -14.03 0.82
C ASN A 148 6.24 -12.86 1.59
N GLY A 149 5.49 -13.19 2.60
CA GLY A 149 4.86 -12.24 3.44
C GLY A 149 4.02 -12.99 4.42
N ASP A 150 2.95 -12.43 4.86
CA ASP A 150 2.10 -13.08 5.84
C ASP A 150 0.75 -13.29 5.19
N ARG A 151 0.50 -14.48 4.71
CA ARG A 151 -0.73 -14.73 4.06
C ARG A 151 -1.83 -15.00 5.06
N ILE A 152 -2.94 -14.35 4.86
CA ILE A 152 -4.08 -14.49 5.72
C ILE A 152 -4.91 -15.62 5.16
N GLU A 153 -5.06 -15.61 3.86
CA GLU A 153 -5.76 -16.63 3.13
C GLU A 153 -4.92 -16.94 1.89
N PRO A 154 -5.23 -18.00 1.13
CA PRO A 154 -4.54 -18.29 -0.14
C PRO A 154 -4.94 -17.29 -1.23
N GLU A 155 -5.78 -16.36 -0.86
CA GLU A 155 -6.29 -15.36 -1.76
C GLU A 155 -6.15 -13.95 -1.17
N VAL A 156 -5.60 -13.86 0.04
CA VAL A 156 -5.43 -12.57 0.72
C VAL A 156 -4.11 -12.60 1.46
N VAL A 157 -3.22 -11.69 1.14
CA VAL A 157 -1.90 -11.67 1.74
C VAL A 157 -1.61 -10.29 2.29
N GLN A 158 -0.87 -10.23 3.38
CA GLN A 158 -0.55 -8.99 4.01
C GLN A 158 0.92 -8.91 4.36
N TRP A 159 1.50 -7.79 4.10
CA TRP A 159 2.88 -7.56 4.38
C TRP A 159 3.02 -6.55 5.46
N LYS A 160 3.74 -6.91 6.49
CA LYS A 160 3.99 -6.03 7.60
C LYS A 160 5.41 -5.54 7.49
N LEU A 161 5.57 -4.36 6.98
CA LEU A 161 6.86 -3.78 6.79
C LEU A 161 7.18 -2.90 7.97
N LYS A 162 8.25 -3.21 8.63
CA LYS A 162 8.68 -2.49 9.79
C LYS A 162 10.01 -1.81 9.55
N PRO A 163 10.26 -0.69 10.22
CA PRO A 163 11.55 -0.01 10.19
C PRO A 163 12.55 -0.77 11.08
N GLY A 164 13.82 -0.51 10.89
CA GLY A 164 14.85 -1.20 11.67
C GLY A 164 15.20 -2.54 11.05
N VAL A 165 14.19 -3.22 10.57
CA VAL A 165 14.33 -4.49 9.93
C VAL A 165 14.15 -4.32 8.41
N VAL A 166 14.67 -5.25 7.67
CA VAL A 166 14.55 -5.21 6.22
C VAL A 166 13.61 -6.32 5.80
N SER A 167 12.71 -6.04 4.90
CA SER A 167 11.78 -7.04 4.52
C SER A 167 11.58 -7.06 3.02
N THR A 168 11.45 -8.24 2.51
CA THR A 168 11.20 -8.48 1.14
C THR A 168 9.73 -8.78 0.95
N MET A 169 9.20 -8.38 -0.16
CA MET A 169 7.82 -8.59 -0.46
C MET A 169 7.75 -9.37 -1.75
N SER A 170 7.17 -10.52 -1.70
CA SER A 170 7.01 -11.29 -2.90
C SER A 170 5.59 -11.80 -2.93
N ALA A 171 5.00 -11.77 -4.07
CA ALA A 171 3.65 -12.24 -4.24
C ALA A 171 3.48 -12.71 -5.62
N GLN A 172 3.23 -13.93 -5.77
CA GLN A 172 2.95 -14.45 -7.05
C GLN A 172 1.60 -15.06 -6.98
N ALA A 173 0.77 -14.72 -7.89
CA ALA A 173 -0.58 -15.20 -7.90
C ALA A 173 -1.02 -15.28 -9.32
N ARG A 174 -1.89 -16.17 -9.62
CA ARG A 174 -2.33 -16.31 -10.96
C ARG A 174 -3.58 -15.49 -11.17
N TYR A 175 -3.75 -14.93 -12.32
CA TYR A 175 -4.92 -14.13 -12.62
C TYR A 175 -5.37 -14.44 -14.00
N THR A 176 -6.61 -14.27 -14.24
CA THR A 176 -7.14 -14.46 -15.54
C THR A 176 -6.74 -13.27 -16.42
N ASP A 177 -5.63 -13.45 -17.12
CA ASP A 177 -5.05 -12.46 -18.02
C ASP A 177 -6.07 -12.05 -19.04
N PRO A 178 -6.40 -10.78 -19.10
CA PRO A 178 -7.44 -10.30 -19.98
C PRO A 178 -7.08 -10.44 -21.46
N ASN A 179 -5.83 -10.21 -21.76
CA ASN A 179 -5.32 -10.27 -23.11
C ASN A 179 -4.92 -11.69 -23.49
N THR A 180 -4.75 -12.54 -22.48
CA THR A 180 -4.41 -13.95 -22.65
C THR A 180 -3.13 -14.19 -23.45
N ARG A 181 -2.03 -13.86 -22.82
CA ARG A 181 -0.74 -14.03 -23.41
C ARG A 181 -0.06 -15.26 -22.83
N SER A 182 1.12 -15.52 -23.28
CA SER A 182 1.95 -16.55 -22.76
C SER A 182 3.38 -16.02 -22.75
N GLY A 12 4.89 30.91 11.29
CA GLY A 12 4.33 30.51 12.58
C GLY A 12 5.38 29.86 13.43
N ARG A 13 5.03 29.50 14.65
CA ARG A 13 5.99 28.93 15.58
C ARG A 13 6.04 27.40 15.47
N GLU A 14 5.91 26.89 14.26
CA GLU A 14 5.99 25.46 14.03
C GLU A 14 7.42 25.01 14.12
N ASN A 15 7.74 24.37 15.19
CA ASN A 15 9.04 23.79 15.38
C ASN A 15 8.83 22.33 15.60
N LEU A 16 8.55 21.65 14.53
CA LEU A 16 8.23 20.26 14.58
C LEU A 16 9.52 19.45 14.58
N TYR A 17 10.06 19.32 15.75
CA TYR A 17 11.33 18.66 15.95
C TYR A 17 11.11 17.23 16.46
N PHE A 18 9.91 16.98 16.95
CA PHE A 18 9.62 15.70 17.56
C PHE A 18 9.11 14.69 16.57
N GLN A 19 10.01 13.82 16.19
CA GLN A 19 9.68 12.70 15.34
C GLN A 19 9.28 11.54 16.23
N GLY A 20 9.19 10.37 15.67
CA GLY A 20 8.83 9.23 16.45
C GLY A 20 7.34 9.09 16.54
N HIS A 21 6.66 9.41 15.46
CA HIS A 21 5.22 9.30 15.43
C HIS A 21 4.78 7.88 15.16
N MET A 22 3.76 7.45 15.84
CA MET A 22 3.22 6.14 15.58
C MET A 22 2.42 6.24 14.29
N LEU A 23 3.07 5.81 13.23
CA LEU A 23 2.50 5.83 11.91
C LEU A 23 2.04 4.44 11.56
N ARG A 24 0.82 4.31 11.24
CA ARG A 24 0.35 3.04 10.81
C ARG A 24 -0.23 3.20 9.44
N VAL A 25 0.28 2.44 8.53
CA VAL A 25 -0.13 2.52 7.17
C VAL A 25 -0.68 1.19 6.78
N ARG A 26 -1.93 1.14 6.50
CA ARG A 26 -2.50 -0.09 6.06
C ARG A 26 -3.04 0.10 4.67
N ALA A 27 -2.43 -0.57 3.77
CA ALA A 27 -2.83 -0.53 2.41
C ALA A 27 -3.49 -1.84 2.09
N SER A 28 -4.76 -1.80 1.91
CA SER A 28 -5.49 -2.99 1.60
C SER A 28 -6.03 -2.82 0.20
N ILE A 29 -5.56 -3.64 -0.70
CA ILE A 29 -5.98 -3.54 -2.05
C ILE A 29 -6.51 -4.87 -2.51
N THR A 30 -7.47 -4.85 -3.35
CA THR A 30 -8.07 -6.04 -3.80
C THR A 30 -8.13 -6.04 -5.32
N ILE A 31 -7.57 -7.05 -5.91
CA ILE A 31 -7.52 -7.18 -7.34
C ILE A 31 -8.38 -8.35 -7.80
N SER A 32 -9.34 -8.05 -8.62
CA SER A 32 -10.28 -9.00 -9.11
C SER A 32 -9.70 -9.68 -10.36
N PRO A 33 -10.13 -10.93 -10.68
CA PRO A 33 -9.65 -11.68 -11.85
C PRO A 33 -10.07 -11.04 -13.19
N ASP A 34 -10.76 -9.91 -13.12
CA ASP A 34 -11.19 -9.20 -14.32
C ASP A 34 -10.06 -8.24 -14.72
N ASP A 35 -8.98 -8.31 -13.92
CA ASP A 35 -7.78 -7.48 -14.07
C ASP A 35 -8.14 -6.07 -13.63
N LEU A 36 -9.08 -6.03 -12.71
CA LEU A 36 -9.60 -4.86 -12.12
C LEU A 36 -9.04 -4.76 -10.71
N VAL A 37 -8.47 -3.63 -10.39
CA VAL A 37 -7.86 -3.41 -9.10
C VAL A 37 -8.60 -2.27 -8.37
N SER A 38 -8.83 -2.47 -7.11
CA SER A 38 -9.43 -1.47 -6.27
C SER A 38 -8.73 -1.54 -4.92
N GLY A 39 -8.87 -0.54 -4.09
CA GLY A 39 -8.27 -0.63 -2.80
C GLY A 39 -8.30 0.65 -2.05
N GLU A 40 -7.62 0.65 -0.95
CA GLU A 40 -7.57 1.75 -0.04
C GLU A 40 -6.21 1.77 0.63
N ILE A 41 -5.60 2.92 0.67
CA ILE A 41 -4.35 3.07 1.33
C ILE A 41 -4.53 4.10 2.41
N ILE A 42 -4.38 3.69 3.64
CA ILE A 42 -4.54 4.59 4.75
C ILE A 42 -3.21 4.74 5.48
N ALA A 43 -2.67 5.93 5.45
CA ALA A 43 -1.47 6.22 6.17
C ALA A 43 -1.86 7.16 7.29
N ALA A 44 -1.87 6.68 8.49
CA ALA A 44 -2.32 7.46 9.58
C ALA A 44 -1.25 7.59 10.64
N ALA A 45 -0.98 8.80 11.03
CA ALA A 45 0.05 9.07 12.00
C ALA A 45 -0.55 9.72 13.24
N LYS A 46 0.08 9.54 14.36
CA LYS A 46 -0.33 10.26 15.54
C LYS A 46 0.19 11.71 15.44
N PRO A 47 -0.73 12.70 15.48
CA PRO A 47 -0.42 14.11 15.22
C PRO A 47 0.70 14.69 16.10
N LYS A 48 1.81 14.99 15.47
CA LYS A 48 2.93 15.64 16.13
C LYS A 48 2.83 17.14 15.93
N ASN A 49 2.17 17.53 14.86
CA ASN A 49 2.02 18.92 14.52
C ASN A 49 0.61 19.37 14.94
N SER A 50 0.52 20.54 15.50
CA SER A 50 -0.73 21.05 16.01
C SER A 50 -1.72 21.45 14.88
N LYS A 51 -1.18 21.82 13.72
CA LYS A 51 -2.03 22.22 12.60
C LYS A 51 -2.43 21.02 11.76
N ASP A 52 -1.78 19.92 12.00
CA ASP A 52 -1.88 18.78 11.12
C ASP A 52 -3.04 17.87 11.45
N THR A 53 -4.08 18.03 10.69
CA THR A 53 -5.24 17.18 10.74
C THR A 53 -5.44 16.56 9.35
N GLY A 54 -4.79 17.14 8.35
CA GLY A 54 -4.91 16.61 7.05
C GLY A 54 -3.75 16.95 6.16
N PRO A 55 -2.78 16.04 6.03
CA PRO A 55 -1.69 16.19 5.09
C PRO A 55 -2.16 15.86 3.67
N ALA A 56 -1.45 16.33 2.69
CA ALA A 56 -1.80 16.09 1.31
C ALA A 56 -0.77 15.16 0.68
N LEU A 57 -1.25 14.18 -0.03
CA LEU A 57 -0.37 13.25 -0.71
C LEU A 57 -0.13 13.74 -2.13
N ASP A 58 0.99 13.38 -2.68
CA ASP A 58 1.30 13.71 -4.05
C ASP A 58 0.66 12.69 -4.92
N GLY A 59 -0.59 12.91 -5.20
CA GLY A 59 -1.35 11.99 -5.99
C GLY A 59 -1.90 12.64 -7.21
N ASP A 60 -1.08 13.45 -7.84
CA ASP A 60 -1.49 14.12 -9.04
C ASP A 60 -1.13 13.24 -10.22
N VAL A 61 -2.06 12.37 -10.55
CA VAL A 61 -1.86 11.35 -11.54
C VAL A 61 -2.90 11.45 -12.66
N PRO A 62 -2.62 10.84 -13.84
CA PRO A 62 -3.55 10.83 -14.99
C PRO A 62 -4.88 10.10 -14.71
N PHE A 63 -4.97 9.45 -13.57
CA PHE A 63 -6.17 8.73 -13.19
C PHE A 63 -6.69 9.20 -11.84
N SER A 64 -6.43 10.46 -11.50
CA SER A 64 -6.88 11.03 -10.23
C SER A 64 -8.40 10.89 -10.04
N GLN A 65 -9.14 10.85 -11.14
CA GLN A 65 -10.59 10.75 -11.08
C GLN A 65 -11.03 9.35 -10.63
N LYS A 66 -10.07 8.45 -10.54
CA LYS A 66 -10.33 7.09 -10.15
C LYS A 66 -9.70 6.81 -8.78
N VAL A 67 -8.93 7.77 -8.26
CA VAL A 67 -8.39 7.63 -6.94
C VAL A 67 -8.73 8.85 -6.10
N ALA A 68 -9.45 8.62 -5.06
CA ALA A 68 -9.87 9.68 -4.19
C ALA A 68 -8.93 9.79 -3.03
N VAL A 69 -8.10 10.79 -3.09
CA VAL A 69 -7.15 11.02 -2.04
C VAL A 69 -7.73 12.07 -1.12
N SER A 70 -7.67 11.83 0.16
CA SER A 70 -8.24 12.70 1.14
C SER A 70 -7.50 12.52 2.45
N ASN A 71 -7.78 13.35 3.42
CA ASN A 71 -7.15 13.23 4.71
C ASN A 71 -7.84 12.15 5.53
N TYR A 72 -7.12 11.60 6.43
CA TYR A 72 -7.63 10.61 7.32
C TYR A 72 -7.51 11.15 8.74
N ASP A 73 -8.60 11.20 9.43
CA ASP A 73 -8.65 11.66 10.80
C ASP A 73 -9.57 10.72 11.52
N SER A 74 -9.00 9.78 12.23
CA SER A 74 -9.77 8.74 12.89
C SER A 74 -8.89 8.03 13.91
N ASP A 75 -9.51 7.64 15.04
CA ASP A 75 -8.85 6.92 16.16
C ASP A 75 -7.82 7.83 16.83
N GLY A 76 -7.90 9.11 16.53
CA GLY A 76 -6.96 10.05 17.07
C GLY A 76 -5.76 10.22 16.17
N TYR A 77 -5.75 9.49 15.08
CA TYR A 77 -4.68 9.55 14.08
C TYR A 77 -5.05 10.53 13.01
N VAL A 78 -4.07 11.21 12.48
CA VAL A 78 -4.26 12.07 11.35
C VAL A 78 -3.27 11.65 10.27
N GLY A 79 -3.71 11.59 9.08
CA GLY A 79 -2.87 11.21 8.01
C GLY A 79 -3.57 11.38 6.72
N SER A 80 -3.17 10.66 5.75
CA SER A 80 -3.77 10.77 4.45
C SER A 80 -4.17 9.40 3.92
N GLN A 81 -5.18 9.37 3.10
CA GLN A 81 -5.66 8.14 2.53
C GLN A 81 -5.89 8.29 1.04
N ALA A 82 -5.63 7.25 0.33
CA ALA A 82 -5.90 7.21 -1.07
C ALA A 82 -6.81 6.04 -1.32
N VAL A 83 -8.00 6.32 -1.75
CA VAL A 83 -8.98 5.28 -2.03
C VAL A 83 -9.20 5.19 -3.51
N PHE A 84 -8.84 4.09 -4.10
CA PHE A 84 -8.91 3.98 -5.54
C PHE A 84 -9.81 2.85 -5.96
N SER A 85 -10.40 2.98 -7.11
CA SER A 85 -11.32 1.96 -7.60
C SER A 85 -11.37 1.96 -9.13
N ASP A 86 -11.78 0.81 -9.70
CA ASP A 86 -11.99 0.61 -11.15
C ASP A 86 -10.66 0.78 -11.93
N LEU A 87 -9.57 0.44 -11.29
CA LEU A 87 -8.28 0.54 -11.92
C LEU A 87 -7.90 -0.79 -12.54
N THR A 88 -6.86 -0.80 -13.30
CA THR A 88 -6.42 -2.03 -13.92
C THR A 88 -4.92 -2.28 -13.64
N PHE A 89 -4.39 -3.40 -14.16
CA PHE A 89 -3.01 -3.82 -13.91
C PHE A 89 -2.00 -2.74 -14.27
N ALA A 90 -2.21 -2.08 -15.39
CA ALA A 90 -1.34 -0.99 -15.85
C ALA A 90 -1.28 0.14 -14.85
N GLU A 91 -2.36 0.31 -14.13
CA GLU A 91 -2.50 1.39 -13.23
C GLU A 91 -2.00 1.02 -11.85
N LEU A 92 -1.83 -0.27 -11.61
CA LEU A 92 -1.36 -0.76 -10.31
C LEU A 92 0.05 -0.19 -9.96
N PRO A 93 1.09 -0.29 -10.85
CA PRO A 93 2.39 0.34 -10.57
C PRO A 93 2.24 1.86 -10.43
N GLN A 94 1.36 2.41 -11.25
CA GLN A 94 1.14 3.81 -11.36
C GLN A 94 0.54 4.35 -10.04
N LEU A 95 -0.34 3.57 -9.43
CA LEU A 95 -0.92 3.93 -8.14
C LEU A 95 0.07 3.64 -7.03
N ALA A 96 1.03 2.78 -7.33
CA ALA A 96 2.00 2.38 -6.36
C ALA A 96 2.97 3.50 -6.13
N ASN A 97 3.01 4.43 -7.07
CA ASN A 97 3.85 5.59 -6.97
C ASN A 97 3.44 6.41 -5.76
N MET A 98 2.15 6.83 -5.72
CA MET A 98 1.65 7.62 -4.59
C MET A 98 1.90 6.88 -3.30
N ASN A 99 1.58 5.58 -3.33
CA ASN A 99 1.76 4.66 -2.21
C ASN A 99 3.19 4.72 -1.68
N SER A 100 4.16 4.76 -2.59
CA SER A 100 5.54 4.68 -2.21
C SER A 100 5.95 5.88 -1.37
N ASP A 101 5.30 7.03 -1.64
CA ASP A 101 5.65 8.28 -0.98
C ASP A 101 5.26 8.24 0.49
N ALA A 102 4.34 7.36 0.83
CA ALA A 102 3.91 7.25 2.20
C ALA A 102 4.49 5.99 2.84
N ALA A 103 5.09 5.14 2.02
CA ALA A 103 5.53 3.85 2.49
C ALA A 103 7.04 3.79 2.67
N GLY A 104 7.77 4.24 1.67
CA GLY A 104 9.21 4.13 1.74
C GLY A 104 9.68 2.83 1.15
N VAL A 105 8.91 2.31 0.22
CA VAL A 105 9.20 1.02 -0.38
C VAL A 105 9.29 1.14 -1.89
N ASN A 106 9.84 0.13 -2.52
CA ASN A 106 10.01 0.08 -3.96
C ASN A 106 9.20 -1.11 -4.48
N LEU A 107 8.28 -0.88 -5.40
CA LEU A 107 7.46 -1.98 -5.92
C LEU A 107 7.81 -2.28 -7.36
N SER A 108 8.17 -3.50 -7.62
CA SER A 108 8.48 -3.95 -8.96
C SER A 108 7.54 -5.10 -9.30
N LEU A 109 6.72 -4.94 -10.31
CA LEU A 109 5.80 -5.99 -10.69
C LEU A 109 5.82 -6.21 -12.17
N ARG A 110 5.62 -7.43 -12.54
CA ARG A 110 5.62 -7.85 -13.95
C ARG A 110 4.54 -8.88 -14.11
N ARG A 111 4.03 -9.04 -15.27
CA ARG A 111 3.12 -10.07 -15.51
C ARG A 111 3.82 -11.08 -16.37
N ASN A 112 3.64 -12.30 -16.06
CA ASN A 112 4.30 -13.37 -16.76
C ASN A 112 3.26 -14.34 -17.21
N GLY A 113 2.89 -14.24 -18.44
CA GLY A 113 1.85 -15.06 -18.98
C GLY A 113 0.53 -14.71 -18.40
N ASN A 114 -0.04 -15.63 -17.68
CA ASN A 114 -1.33 -15.40 -17.07
C ASN A 114 -1.16 -15.30 -15.55
N ILE A 115 0.07 -15.17 -15.11
CA ILE A 115 0.33 -15.02 -13.70
C ILE A 115 1.09 -13.72 -13.46
N VAL A 116 0.88 -13.12 -12.34
CA VAL A 116 1.52 -11.85 -12.02
C VAL A 116 2.54 -12.06 -10.92
N ILE A 117 3.68 -11.43 -11.07
CA ILE A 117 4.70 -11.47 -10.07
C ILE A 117 4.91 -10.06 -9.53
N LEU A 118 4.87 -9.93 -8.26
CA LEU A 118 5.07 -8.66 -7.62
C LEU A 118 6.14 -8.78 -6.56
N GLU A 119 7.14 -7.96 -6.65
CA GLU A 119 8.22 -7.94 -5.69
C GLU A 119 8.43 -6.52 -5.18
N GLY A 120 8.21 -6.33 -3.91
CA GLY A 120 8.35 -5.05 -3.29
C GLY A 120 9.45 -5.10 -2.27
N ARG A 121 10.34 -4.18 -2.32
CA ARG A 121 11.46 -4.19 -1.42
C ARG A 121 11.39 -3.01 -0.49
N ALA A 122 11.59 -3.26 0.77
CA ALA A 122 11.43 -2.26 1.80
C ALA A 122 12.66 -2.11 2.66
N ASP A 123 13.28 -0.97 2.56
CA ASP A 123 14.40 -0.60 3.42
C ASP A 123 13.97 0.52 4.31
N LEU A 124 13.58 0.19 5.51
CA LEU A 124 13.17 1.18 6.49
C LEU A 124 14.12 1.12 7.68
N THR A 125 15.34 0.70 7.39
CA THR A 125 16.35 0.49 8.40
C THR A 125 16.84 1.80 9.03
N SER A 126 16.44 2.93 8.48
CA SER A 126 16.77 4.23 9.04
C SER A 126 16.00 4.45 10.36
N VAL A 127 14.94 3.67 10.55
CA VAL A 127 14.06 3.71 11.72
C VAL A 127 13.26 5.01 11.78
N SER A 128 13.83 6.07 12.41
CA SER A 128 13.18 7.38 12.61
C SER A 128 11.98 7.28 13.58
N ASP A 129 11.05 6.41 13.27
CA ASP A 129 9.93 6.09 14.12
C ASP A 129 9.71 4.59 14.13
N PRO A 130 10.10 3.91 15.24
CA PRO A 130 9.99 2.45 15.36
C PRO A 130 8.55 2.00 15.59
N ASP A 131 7.70 2.95 15.90
CA ASP A 131 6.33 2.68 16.23
C ASP A 131 5.47 2.61 15.00
N ALA A 132 6.10 2.70 13.85
CA ALA A 132 5.40 2.60 12.61
C ALA A 132 5.09 1.15 12.28
N ASP A 133 3.92 0.95 11.76
CA ASP A 133 3.48 -0.34 11.28
C ASP A 133 2.90 -0.19 9.91
N VAL A 134 3.57 -0.71 8.93
CA VAL A 134 3.10 -0.64 7.58
C VAL A 134 2.58 -2.02 7.19
N GLU A 135 1.32 -2.11 6.97
CA GLU A 135 0.68 -3.35 6.66
C GLU A 135 0.27 -3.30 5.20
N LEU A 136 0.76 -4.21 4.43
CA LEU A 136 0.40 -4.27 3.04
C LEU A 136 -0.45 -5.50 2.87
N THR A 137 -1.69 -5.30 2.51
CA THR A 137 -2.64 -6.38 2.43
C THR A 137 -3.23 -6.43 1.01
N VAL A 138 -3.18 -7.58 0.39
CA VAL A 138 -3.72 -7.75 -0.93
C VAL A 138 -4.73 -8.89 -0.92
N ALA A 139 -5.92 -8.63 -1.41
CA ALA A 139 -6.93 -9.63 -1.49
C ALA A 139 -7.25 -9.86 -2.95
N PHE A 140 -7.27 -11.08 -3.34
CA PHE A 140 -7.59 -11.42 -4.69
C PHE A 140 -8.56 -12.58 -4.77
N PRO A 141 -9.72 -12.42 -5.41
CA PRO A 141 -10.65 -13.55 -5.65
C PRO A 141 -10.09 -14.56 -6.70
N ALA A 142 -8.78 -14.75 -6.68
CA ALA A 142 -8.11 -15.60 -7.63
C ALA A 142 -7.47 -16.78 -6.89
N ALA A 143 -6.16 -16.69 -6.61
CA ALA A 143 -5.40 -17.74 -5.94
C ALA A 143 -3.93 -17.36 -5.99
N VAL A 144 -3.28 -17.40 -4.85
CA VAL A 144 -1.87 -17.15 -4.80
C VAL A 144 -1.13 -18.42 -5.23
N THR A 145 -0.11 -18.25 -6.01
CA THR A 145 0.65 -19.37 -6.45
C THR A 145 1.83 -19.58 -5.52
N SER A 146 2.46 -18.47 -5.16
CA SER A 146 3.60 -18.47 -4.26
C SER A 146 3.76 -17.07 -3.69
N THR A 147 3.93 -16.94 -2.42
CA THR A 147 4.17 -15.65 -1.84
C THR A 147 5.24 -15.71 -0.76
N ASN A 148 5.97 -14.65 -0.60
CA ASN A 148 6.93 -14.55 0.45
C ASN A 148 6.42 -13.45 1.32
N GLY A 149 5.68 -13.85 2.31
CA GLY A 149 5.07 -12.99 3.24
C GLY A 149 4.14 -13.78 4.08
N ASP A 150 3.08 -13.20 4.53
CA ASP A 150 2.18 -13.88 5.40
C ASP A 150 0.85 -14.10 4.73
N ARG A 151 0.63 -15.28 4.22
CA ARG A 151 -0.63 -15.58 3.62
C ARG A 151 -1.65 -15.85 4.71
N ILE A 152 -2.67 -15.06 4.72
CA ILE A 152 -3.71 -15.21 5.71
C ILE A 152 -4.66 -16.27 5.20
N GLU A 153 -4.85 -16.24 3.90
CA GLU A 153 -5.73 -17.12 3.17
C GLU A 153 -5.07 -17.37 1.80
N PRO A 154 -5.46 -18.41 1.04
CA PRO A 154 -4.86 -18.71 -0.27
C PRO A 154 -5.20 -17.64 -1.31
N GLU A 155 -6.11 -16.78 -0.96
CA GLU A 155 -6.48 -15.68 -1.82
C GLU A 155 -6.28 -14.31 -1.15
N VAL A 156 -5.72 -14.30 0.04
CA VAL A 156 -5.46 -13.02 0.76
C VAL A 156 -4.09 -13.10 1.46
N VAL A 157 -3.19 -12.20 1.12
CA VAL A 157 -1.85 -12.21 1.68
C VAL A 157 -1.54 -10.84 2.28
N GLN A 158 -0.74 -10.82 3.32
CA GLN A 158 -0.41 -9.60 3.99
C GLN A 158 1.06 -9.60 4.35
N TRP A 159 1.64 -8.44 4.37
CA TRP A 159 3.02 -8.27 4.75
C TRP A 159 3.09 -7.27 5.87
N LYS A 160 3.96 -7.52 6.81
CA LYS A 160 4.10 -6.69 7.98
C LYS A 160 5.43 -5.92 7.83
N LEU A 161 5.34 -4.68 7.50
CA LEU A 161 6.53 -3.87 7.32
C LEU A 161 6.79 -3.02 8.53
N LYS A 162 7.93 -3.25 9.10
CA LYS A 162 8.39 -2.58 10.27
C LYS A 162 9.67 -1.82 9.94
N PRO A 163 9.86 -0.60 10.48
CA PRO A 163 11.13 0.10 10.35
C PRO A 163 12.23 -0.64 11.11
N GLY A 164 13.45 -0.25 10.89
CA GLY A 164 14.57 -0.87 11.56
C GLY A 164 15.01 -2.13 10.87
N VAL A 165 14.07 -2.86 10.34
CA VAL A 165 14.35 -4.08 9.64
C VAL A 165 14.20 -3.87 8.14
N VAL A 166 14.86 -4.70 7.40
CA VAL A 166 14.78 -4.68 5.97
C VAL A 166 14.11 -5.95 5.52
N SER A 167 13.09 -5.84 4.72
CA SER A 167 12.37 -7.00 4.29
C SER A 167 11.87 -6.82 2.86
N THR A 168 11.89 -7.88 2.13
CA THR A 168 11.39 -7.88 0.80
C THR A 168 10.09 -8.67 0.74
N MET A 169 9.07 -8.05 0.23
CA MET A 169 7.77 -8.67 0.11
C MET A 169 7.57 -9.13 -1.30
N SER A 170 7.08 -10.32 -1.49
CA SER A 170 6.89 -10.83 -2.82
C SER A 170 5.63 -11.67 -2.91
N ALA A 171 4.92 -11.53 -4.00
CA ALA A 171 3.70 -12.27 -4.22
C ALA A 171 3.59 -12.65 -5.67
N GLN A 172 3.30 -13.87 -5.91
CA GLN A 172 2.98 -14.31 -7.23
C GLN A 172 1.59 -14.89 -7.17
N ALA A 173 0.76 -14.49 -8.06
CA ALA A 173 -0.58 -15.00 -8.12
C ALA A 173 -1.05 -15.02 -9.54
N ARG A 174 -1.99 -15.85 -9.84
CA ARG A 174 -2.45 -15.97 -11.19
C ARG A 174 -3.56 -14.96 -11.46
N TYR A 175 -3.49 -14.27 -12.58
CA TYR A 175 -4.51 -13.32 -12.97
C TYR A 175 -4.68 -13.38 -14.44
N THR A 176 -5.88 -13.64 -14.83
CA THR A 176 -6.26 -13.76 -16.21
C THR A 176 -5.98 -12.48 -16.99
N ASP A 177 -4.99 -12.54 -17.86
CA ASP A 177 -4.63 -11.39 -18.64
C ASP A 177 -5.44 -11.38 -19.88
N PRO A 178 -6.01 -10.25 -20.22
CA PRO A 178 -6.83 -10.11 -21.41
C PRO A 178 -6.06 -10.38 -22.72
N ASN A 179 -4.81 -9.96 -22.75
CA ASN A 179 -3.97 -10.07 -23.93
C ASN A 179 -3.31 -11.42 -23.96
N THR A 180 -3.08 -11.91 -22.76
CA THR A 180 -2.26 -13.03 -22.49
C THR A 180 -0.84 -12.73 -22.81
N ARG A 181 -0.36 -11.77 -22.03
CA ARG A 181 0.98 -11.23 -22.09
C ARG A 181 2.05 -12.26 -21.83
N SER A 182 3.26 -11.85 -22.03
CA SER A 182 4.41 -12.64 -21.84
C SER A 182 5.56 -11.63 -21.80
N GLY A 12 6.52 32.24 13.13
CA GLY A 12 5.12 32.01 13.46
C GLY A 12 4.97 31.72 14.92
N ARG A 13 3.90 31.07 15.27
CA ARG A 13 3.64 30.68 16.63
C ARG A 13 3.51 29.18 16.67
N GLU A 14 3.86 28.58 17.81
CA GLU A 14 3.85 27.13 18.00
C GLU A 14 4.95 26.44 17.20
N ASN A 15 6.07 26.25 17.84
CA ASN A 15 7.20 25.58 17.24
C ASN A 15 6.91 24.12 17.09
N LEU A 16 7.12 23.62 15.91
CA LEU A 16 6.92 22.24 15.60
C LEU A 16 8.02 21.88 14.65
N TYR A 17 8.66 20.75 14.85
CA TYR A 17 9.77 20.37 14.00
C TYR A 17 9.26 19.65 12.77
N PHE A 18 8.79 18.44 12.95
CA PHE A 18 8.23 17.68 11.86
C PHE A 18 7.15 16.77 12.39
N GLN A 19 6.06 16.69 11.68
CA GLN A 19 4.98 15.83 12.09
C GLN A 19 5.28 14.41 11.67
N GLY A 20 5.58 13.61 12.62
CA GLY A 20 5.89 12.25 12.40
C GLY A 20 5.88 11.51 13.70
N HIS A 21 6.78 10.57 13.83
CA HIS A 21 6.93 9.73 14.99
C HIS A 21 5.79 8.76 15.14
N MET A 22 6.02 7.57 14.62
CA MET A 22 5.07 6.47 14.57
C MET A 22 3.95 6.77 13.61
N LEU A 23 4.17 6.40 12.40
CA LEU A 23 3.18 6.51 11.40
C LEU A 23 2.76 5.13 11.01
N ARG A 24 1.50 4.94 10.86
CA ARG A 24 0.98 3.69 10.41
C ARG A 24 0.65 3.85 8.97
N VAL A 25 1.19 3.03 8.15
CA VAL A 25 0.89 3.09 6.76
C VAL A 25 0.29 1.78 6.38
N ARG A 26 -0.94 1.80 6.02
CA ARG A 26 -1.65 0.60 5.74
C ARG A 26 -2.31 0.71 4.39
N ALA A 27 -1.85 -0.10 3.47
CA ALA A 27 -2.40 -0.12 2.16
C ALA A 27 -3.19 -1.38 1.98
N SER A 28 -4.46 -1.24 1.92
CA SER A 28 -5.35 -2.37 1.77
C SER A 28 -5.90 -2.30 0.36
N ILE A 29 -5.55 -3.26 -0.47
CA ILE A 29 -5.94 -3.23 -1.85
C ILE A 29 -6.51 -4.57 -2.29
N THR A 30 -7.43 -4.53 -3.17
CA THR A 30 -8.08 -5.71 -3.67
C THR A 30 -8.08 -5.69 -5.22
N ILE A 31 -7.62 -6.77 -5.81
CA ILE A 31 -7.55 -6.88 -7.25
C ILE A 31 -8.50 -7.97 -7.76
N SER A 32 -9.34 -7.59 -8.68
CA SER A 32 -10.37 -8.45 -9.19
C SER A 32 -9.87 -9.16 -10.47
N PRO A 33 -10.39 -10.39 -10.77
CA PRO A 33 -10.06 -11.15 -12.01
C PRO A 33 -10.49 -10.42 -13.30
N ASP A 34 -11.08 -9.23 -13.12
CA ASP A 34 -11.52 -8.36 -14.22
C ASP A 34 -10.31 -7.58 -14.71
N ASP A 35 -9.19 -7.82 -14.01
CA ASP A 35 -7.90 -7.15 -14.23
C ASP A 35 -8.05 -5.72 -13.73
N LEU A 36 -8.92 -5.58 -12.75
CA LEU A 36 -9.19 -4.29 -12.18
C LEU A 36 -8.69 -4.26 -10.76
N VAL A 37 -8.12 -3.15 -10.39
CA VAL A 37 -7.54 -2.98 -9.09
C VAL A 37 -8.32 -1.91 -8.32
N SER A 38 -8.45 -2.10 -7.03
CA SER A 38 -9.15 -1.19 -6.17
C SER A 38 -8.48 -1.26 -4.79
N GLY A 39 -8.64 -0.26 -3.98
CA GLY A 39 -8.07 -0.31 -2.66
C GLY A 39 -7.96 1.04 -2.02
N GLU A 40 -7.22 1.10 -0.97
CA GLU A 40 -7.02 2.32 -0.23
C GLU A 40 -5.71 2.30 0.53
N ILE A 41 -5.04 3.42 0.54
CA ILE A 41 -3.78 3.56 1.21
C ILE A 41 -3.95 4.55 2.34
N ILE A 42 -3.77 4.09 3.53
CA ILE A 42 -3.93 4.89 4.73
C ILE A 42 -2.57 5.21 5.30
N ALA A 43 -2.30 6.46 5.50
CA ALA A 43 -1.10 6.88 6.18
C ALA A 43 -1.51 7.73 7.36
N ALA A 44 -1.36 7.19 8.55
CA ALA A 44 -1.80 7.86 9.76
C ALA A 44 -0.64 8.16 10.68
N ALA A 45 -0.55 9.39 11.06
CA ALA A 45 0.52 9.87 11.92
C ALA A 45 -0.08 10.53 13.16
N LYS A 46 0.69 10.64 14.24
CA LYS A 46 0.18 11.35 15.40
C LYS A 46 0.16 12.86 15.10
N PRO A 47 -0.99 13.52 15.37
CA PRO A 47 -1.21 14.94 15.02
C PRO A 47 -0.18 15.92 15.59
N LYS A 48 -0.36 16.32 16.86
CA LYS A 48 0.49 17.30 17.54
C LYS A 48 0.48 18.65 16.82
N ASN A 49 -0.57 18.86 16.08
CA ASN A 49 -0.80 20.03 15.29
C ASN A 49 -2.28 20.21 15.15
N SER A 50 -2.77 21.32 15.66
CA SER A 50 -4.19 21.59 15.75
C SER A 50 -4.88 21.77 14.38
N LYS A 51 -4.13 22.06 13.33
CA LYS A 51 -4.77 22.25 12.03
C LYS A 51 -4.71 21.00 11.18
N ASP A 52 -3.91 20.03 11.58
CA ASP A 52 -3.73 18.87 10.73
C ASP A 52 -4.76 17.82 11.02
N THR A 53 -5.68 17.68 10.12
CA THR A 53 -6.65 16.65 10.21
C THR A 53 -6.45 15.67 9.06
N GLY A 54 -5.56 16.05 8.15
CA GLY A 54 -5.27 15.25 7.02
C GLY A 54 -4.34 15.95 6.05
N PRO A 55 -3.11 15.49 5.89
CA PRO A 55 -2.18 16.00 4.88
C PRO A 55 -2.68 15.69 3.46
N ALA A 56 -2.18 16.40 2.50
CA ALA A 56 -2.51 16.13 1.14
C ALA A 56 -1.49 15.16 0.56
N LEU A 57 -1.95 14.12 -0.08
CA LEU A 57 -1.07 13.19 -0.72
C LEU A 57 -0.72 13.69 -2.10
N ASP A 58 0.49 13.46 -2.51
CA ASP A 58 0.96 13.93 -3.76
C ASP A 58 0.93 12.82 -4.76
N GLY A 59 -0.13 12.75 -5.47
CA GLY A 59 -0.29 11.75 -6.47
C GLY A 59 -0.94 12.29 -7.68
N ASP A 60 -0.22 13.08 -8.42
CA ASP A 60 -0.75 13.66 -9.64
C ASP A 60 -0.63 12.65 -10.75
N VAL A 61 -1.66 11.87 -10.91
CA VAL A 61 -1.68 10.78 -11.84
C VAL A 61 -2.84 10.95 -12.83
N PRO A 62 -2.70 10.36 -14.05
CA PRO A 62 -3.75 10.42 -15.10
C PRO A 62 -5.07 9.77 -14.67
N PHE A 63 -5.00 8.91 -13.67
CA PHE A 63 -6.16 8.23 -13.17
C PHE A 63 -6.63 8.84 -11.86
N SER A 64 -6.44 10.15 -11.72
CA SER A 64 -6.83 10.88 -10.52
C SER A 64 -8.30 10.69 -10.20
N GLN A 65 -9.12 10.57 -11.25
CA GLN A 65 -10.56 10.39 -11.11
C GLN A 65 -10.90 9.06 -10.44
N LYS A 66 -9.94 8.17 -10.41
CA LYS A 66 -10.14 6.88 -9.83
C LYS A 66 -9.58 6.85 -8.42
N VAL A 67 -8.75 7.82 -8.07
CA VAL A 67 -8.21 7.83 -6.74
C VAL A 67 -8.61 9.09 -6.01
N ALA A 68 -9.30 8.90 -4.95
CA ALA A 68 -9.76 10.00 -4.14
C ALA A 68 -8.95 10.06 -2.88
N VAL A 69 -8.34 11.17 -2.66
CA VAL A 69 -7.53 11.35 -1.48
C VAL A 69 -8.36 12.09 -0.45
N SER A 70 -8.37 11.59 0.74
CA SER A 70 -9.17 12.14 1.80
C SER A 70 -8.37 12.12 3.09
N ASN A 71 -8.88 12.78 4.11
CA ASN A 71 -8.20 12.84 5.37
C ASN A 71 -8.53 11.59 6.18
N TYR A 72 -7.57 11.10 6.88
CA TYR A 72 -7.76 9.99 7.75
C TYR A 72 -7.72 10.49 9.17
N ASP A 73 -8.75 10.27 9.89
CA ASP A 73 -8.83 10.64 11.28
C ASP A 73 -9.49 9.52 12.02
N SER A 74 -8.71 8.73 12.66
CA SER A 74 -9.18 7.59 13.36
C SER A 74 -8.07 7.11 14.26
N ASP A 75 -8.46 6.56 15.41
CA ASP A 75 -7.55 5.91 16.35
C ASP A 75 -6.70 6.93 17.08
N GLY A 76 -7.05 8.19 16.91
CA GLY A 76 -6.30 9.26 17.49
C GLY A 76 -5.18 9.72 16.59
N TYR A 77 -5.07 9.09 15.46
CA TYR A 77 -4.06 9.43 14.49
C TYR A 77 -4.72 10.18 13.36
N VAL A 78 -4.00 11.09 12.78
CA VAL A 78 -4.50 11.84 11.67
C VAL A 78 -3.54 11.67 10.53
N GLY A 79 -4.05 11.52 9.39
CA GLY A 79 -3.23 11.35 8.26
C GLY A 79 -3.99 11.49 7.02
N SER A 80 -3.50 10.89 6.01
CA SER A 80 -4.13 11.00 4.73
C SER A 80 -4.43 9.60 4.23
N GLN A 81 -5.42 9.49 3.42
CA GLN A 81 -5.79 8.22 2.86
C GLN A 81 -6.19 8.38 1.40
N ALA A 82 -5.63 7.55 0.56
CA ALA A 82 -5.94 7.57 -0.84
C ALA A 82 -6.79 6.37 -1.17
N VAL A 83 -8.00 6.60 -1.57
CA VAL A 83 -8.92 5.53 -1.89
C VAL A 83 -9.07 5.44 -3.39
N PHE A 84 -8.66 4.35 -3.96
CA PHE A 84 -8.70 4.20 -5.40
C PHE A 84 -9.55 3.03 -5.81
N SER A 85 -10.17 3.15 -6.91
CA SER A 85 -11.07 2.12 -7.39
C SER A 85 -11.13 2.17 -8.92
N ASP A 86 -11.53 1.05 -9.53
CA ASP A 86 -11.74 0.93 -10.99
C ASP A 86 -10.45 1.21 -11.77
N LEU A 87 -9.36 0.73 -11.23
CA LEU A 87 -8.08 0.85 -11.88
C LEU A 87 -7.75 -0.43 -12.62
N THR A 88 -6.76 -0.40 -13.48
CA THR A 88 -6.38 -1.60 -14.21
C THR A 88 -4.96 -2.05 -13.81
N PHE A 89 -4.54 -3.21 -14.32
CA PHE A 89 -3.26 -3.85 -14.02
C PHE A 89 -2.10 -2.88 -14.18
N ALA A 90 -2.05 -2.20 -15.30
CA ALA A 90 -1.01 -1.25 -15.63
C ALA A 90 -1.00 -0.05 -14.67
N GLU A 91 -2.13 0.25 -14.08
CA GLU A 91 -2.26 1.39 -13.22
C GLU A 91 -1.82 1.07 -11.80
N LEU A 92 -1.70 -0.21 -11.48
CA LEU A 92 -1.27 -0.63 -10.14
C LEU A 92 0.18 -0.18 -9.85
N PRO A 93 1.21 -0.53 -10.69
CA PRO A 93 2.56 -0.02 -10.47
C PRO A 93 2.60 1.51 -10.54
N GLN A 94 1.76 2.06 -11.39
CA GLN A 94 1.70 3.46 -11.60
C GLN A 94 1.19 4.18 -10.33
N LEU A 95 0.27 3.56 -9.61
CA LEU A 95 -0.20 4.11 -8.35
C LEU A 95 0.84 3.87 -7.27
N ALA A 96 1.74 2.91 -7.52
CA ALA A 96 2.75 2.56 -6.57
C ALA A 96 3.80 3.64 -6.48
N ASN A 97 3.82 4.55 -7.47
CA ASN A 97 4.68 5.71 -7.38
C ASN A 97 4.22 6.55 -6.22
N MET A 98 2.95 6.95 -6.25
CA MET A 98 2.34 7.74 -5.18
C MET A 98 2.55 7.06 -3.84
N ASN A 99 2.20 5.77 -3.82
CA ASN A 99 2.33 4.91 -2.63
C ASN A 99 3.75 4.97 -2.07
N SER A 100 4.76 4.94 -2.95
CA SER A 100 6.11 4.82 -2.48
C SER A 100 6.60 6.08 -1.82
N ASP A 101 5.96 7.22 -2.12
CA ASP A 101 6.38 8.49 -1.54
C ASP A 101 6.02 8.51 -0.06
N ALA A 102 5.07 7.67 0.31
CA ALA A 102 4.65 7.58 1.68
C ALA A 102 5.30 6.37 2.35
N ALA A 103 5.93 5.51 1.57
CA ALA A 103 6.49 4.28 2.10
C ALA A 103 8.01 4.32 2.19
N GLY A 104 8.65 4.73 1.11
CA GLY A 104 10.10 4.71 1.03
C GLY A 104 10.62 3.33 0.64
N VAL A 105 9.76 2.52 0.03
CA VAL A 105 10.08 1.15 -0.35
C VAL A 105 9.82 0.96 -1.85
N ASN A 106 10.28 -0.14 -2.42
CA ASN A 106 10.07 -0.41 -3.85
C ASN A 106 8.97 -1.43 -4.06
N LEU A 107 8.08 -1.15 -5.00
CA LEU A 107 6.96 -2.02 -5.29
C LEU A 107 6.78 -2.16 -6.80
N SER A 108 6.76 -3.39 -7.30
CA SER A 108 6.48 -3.62 -8.69
C SER A 108 5.68 -4.92 -8.88
N LEU A 109 4.77 -4.90 -9.82
CA LEU A 109 3.91 -6.01 -10.13
C LEU A 109 3.82 -6.17 -11.65
N ARG A 110 4.11 -7.35 -12.15
CA ARG A 110 4.16 -7.60 -13.61
C ARG A 110 3.61 -8.98 -13.93
N ARG A 111 3.38 -9.24 -15.19
CA ARG A 111 2.86 -10.53 -15.62
C ARG A 111 3.90 -11.43 -16.19
N ASN A 112 3.78 -12.66 -15.82
CA ASN A 112 4.60 -13.72 -16.33
C ASN A 112 3.64 -14.73 -16.88
N GLY A 113 3.39 -14.63 -18.15
CA GLY A 113 2.41 -15.47 -18.77
C GLY A 113 1.02 -15.05 -18.33
N ASN A 114 0.36 -15.91 -17.61
CA ASN A 114 -0.97 -15.62 -17.10
C ASN A 114 -0.89 -15.46 -15.58
N ILE A 115 0.30 -15.63 -15.06
CA ILE A 115 0.46 -15.48 -13.66
C ILE A 115 1.11 -14.14 -13.40
N VAL A 116 0.80 -13.57 -12.31
CA VAL A 116 1.29 -12.27 -11.98
C VAL A 116 2.30 -12.37 -10.87
N ILE A 117 3.36 -11.65 -11.02
CA ILE A 117 4.38 -11.63 -10.04
C ILE A 117 4.48 -10.23 -9.47
N LEU A 118 4.51 -10.17 -8.21
CA LEU A 118 4.71 -8.96 -7.51
C LEU A 118 6.03 -9.11 -6.82
N GLU A 119 6.86 -8.12 -6.97
CA GLU A 119 8.18 -8.15 -6.44
C GLU A 119 8.51 -6.77 -5.90
N GLY A 120 9.00 -6.74 -4.71
CA GLY A 120 9.39 -5.51 -4.11
C GLY A 120 10.26 -5.75 -2.92
N ARG A 121 10.88 -4.72 -2.44
CA ARG A 121 11.72 -4.80 -1.27
C ARG A 121 11.49 -3.61 -0.44
N ALA A 122 11.50 -3.79 0.84
CA ALA A 122 11.32 -2.73 1.75
C ALA A 122 12.48 -2.72 2.70
N ASP A 123 13.33 -1.76 2.57
CA ASP A 123 14.42 -1.61 3.47
C ASP A 123 14.21 -0.38 4.27
N LEU A 124 13.96 -0.54 5.52
CA LEU A 124 13.72 0.57 6.37
C LEU A 124 14.66 0.41 7.57
N THR A 125 15.85 -0.13 7.30
CA THR A 125 16.82 -0.44 8.35
C THR A 125 17.36 0.80 9.08
N SER A 126 17.11 1.98 8.51
CA SER A 126 17.49 3.24 9.12
C SER A 126 16.61 3.52 10.36
N VAL A 127 15.54 2.73 10.50
CA VAL A 127 14.62 2.76 11.62
C VAL A 127 13.65 3.94 11.58
N SER A 128 14.17 5.15 11.82
CA SER A 128 13.36 6.37 12.00
C SER A 128 12.51 6.24 13.28
N ASP A 129 11.44 5.47 13.21
CA ASP A 129 10.58 5.18 14.34
C ASP A 129 10.38 3.71 14.39
N PRO A 130 10.93 3.01 15.37
CA PRO A 130 10.84 1.53 15.46
C PRO A 130 9.42 1.05 15.73
N ASP A 131 8.61 1.93 16.26
CA ASP A 131 7.27 1.60 16.62
C ASP A 131 6.27 1.98 15.54
N ALA A 132 6.79 2.31 14.38
CA ALA A 132 5.96 2.57 13.22
C ALA A 132 5.60 1.22 12.58
N ASP A 133 4.43 1.13 11.99
CA ASP A 133 3.99 -0.15 11.43
C ASP A 133 3.45 0.06 10.03
N VAL A 134 3.99 -0.66 9.05
CA VAL A 134 3.51 -0.51 7.70
C VAL A 134 2.90 -1.83 7.21
N GLU A 135 1.66 -1.78 6.85
CA GLU A 135 0.94 -2.93 6.39
C GLU A 135 0.53 -2.78 4.97
N LEU A 136 0.67 -3.82 4.23
CA LEU A 136 0.14 -3.87 2.90
C LEU A 136 -0.70 -5.13 2.86
N THR A 137 -1.93 -5.02 2.49
CA THR A 137 -2.83 -6.14 2.46
C THR A 137 -3.45 -6.24 1.07
N VAL A 138 -3.31 -7.36 0.42
CA VAL A 138 -3.84 -7.56 -0.91
C VAL A 138 -4.86 -8.69 -0.91
N ALA A 139 -6.07 -8.40 -1.35
CA ALA A 139 -7.09 -9.41 -1.46
C ALA A 139 -7.39 -9.65 -2.93
N PHE A 140 -7.34 -10.88 -3.34
CA PHE A 140 -7.64 -11.26 -4.70
C PHE A 140 -8.54 -12.47 -4.76
N PRO A 141 -9.72 -12.35 -5.39
CA PRO A 141 -10.64 -13.49 -5.58
C PRO A 141 -10.12 -14.49 -6.64
N ALA A 142 -8.83 -14.74 -6.64
CA ALA A 142 -8.21 -15.62 -7.59
C ALA A 142 -7.58 -16.80 -6.89
N ALA A 143 -6.25 -16.73 -6.67
CA ALA A 143 -5.49 -17.82 -6.05
C ALA A 143 -4.02 -17.46 -6.02
N VAL A 144 -3.43 -17.46 -4.85
CA VAL A 144 -2.01 -17.23 -4.72
C VAL A 144 -1.28 -18.53 -5.00
N THR A 145 -0.23 -18.46 -5.75
CA THR A 145 0.54 -19.62 -6.05
C THR A 145 1.71 -19.71 -5.08
N SER A 146 2.36 -18.58 -4.85
CA SER A 146 3.50 -18.50 -3.95
C SER A 146 3.71 -17.06 -3.52
N THR A 147 3.89 -16.83 -2.25
CA THR A 147 4.10 -15.49 -1.79
C THR A 147 5.20 -15.47 -0.73
N ASN A 148 5.79 -14.32 -0.52
CA ASN A 148 6.74 -14.12 0.52
C ASN A 148 6.24 -12.96 1.30
N GLY A 149 5.53 -13.27 2.33
CA GLY A 149 4.93 -12.32 3.19
C GLY A 149 4.12 -13.05 4.19
N ASP A 150 3.08 -12.47 4.68
CA ASP A 150 2.28 -13.10 5.69
C ASP A 150 0.91 -13.36 5.11
N ARG A 151 0.69 -14.56 4.67
CA ARG A 151 -0.56 -14.92 4.06
C ARG A 151 -1.65 -15.06 5.09
N ILE A 152 -2.81 -14.56 4.78
CA ILE A 152 -3.96 -14.69 5.65
C ILE A 152 -4.83 -15.79 5.10
N GLU A 153 -5.06 -15.72 3.82
CA GLU A 153 -5.87 -16.67 3.09
C GLU A 153 -5.11 -17.03 1.82
N PRO A 154 -5.53 -18.07 1.06
CA PRO A 154 -4.88 -18.43 -0.21
C PRO A 154 -5.23 -17.42 -1.32
N GLU A 155 -5.99 -16.43 -0.93
CA GLU A 155 -6.45 -15.41 -1.82
C GLU A 155 -6.24 -14.02 -1.19
N VAL A 156 -5.62 -13.97 -0.03
CA VAL A 156 -5.38 -12.70 0.68
C VAL A 156 -4.04 -12.78 1.39
N VAL A 157 -3.14 -11.89 1.06
CA VAL A 157 -1.83 -11.90 1.67
C VAL A 157 -1.54 -10.51 2.24
N GLN A 158 -0.79 -10.47 3.29
CA GLN A 158 -0.50 -9.26 4.00
C GLN A 158 0.99 -9.17 4.22
N TRP A 159 1.50 -8.00 4.15
CA TRP A 159 2.87 -7.75 4.39
C TRP A 159 2.99 -6.75 5.48
N LYS A 160 3.56 -7.16 6.56
CA LYS A 160 3.82 -6.26 7.63
C LYS A 160 5.26 -5.87 7.59
N LEU A 161 5.51 -4.74 7.03
CA LEU A 161 6.83 -4.25 6.90
C LEU A 161 7.13 -3.31 8.02
N LYS A 162 8.25 -3.54 8.60
CA LYS A 162 8.64 -2.91 9.80
C LYS A 162 9.93 -2.11 9.64
N PRO A 163 10.09 -1.03 10.44
CA PRO A 163 11.31 -0.25 10.48
C PRO A 163 12.43 -1.04 11.15
N GLY A 164 13.65 -0.70 10.85
CA GLY A 164 14.78 -1.34 11.48
C GLY A 164 15.16 -2.63 10.78
N VAL A 165 14.19 -3.32 10.32
CA VAL A 165 14.36 -4.58 9.65
C VAL A 165 14.14 -4.41 8.14
N VAL A 166 14.53 -5.39 7.39
CA VAL A 166 14.32 -5.40 5.97
C VAL A 166 13.35 -6.52 5.62
N SER A 167 12.49 -6.29 4.69
CA SER A 167 11.54 -7.29 4.28
C SER A 167 11.41 -7.30 2.77
N THR A 168 11.27 -8.45 2.20
CA THR A 168 11.06 -8.58 0.81
C THR A 168 9.60 -8.88 0.54
N MET A 169 9.01 -8.16 -0.33
CA MET A 169 7.62 -8.34 -0.61
C MET A 169 7.48 -9.06 -1.91
N SER A 170 6.93 -10.23 -1.88
CA SER A 170 6.75 -10.96 -3.11
C SER A 170 5.41 -11.66 -3.08
N ALA A 171 4.72 -11.66 -4.18
CA ALA A 171 3.42 -12.29 -4.30
C ALA A 171 3.26 -12.78 -5.69
N GLN A 172 3.05 -14.02 -5.84
CA GLN A 172 2.83 -14.56 -7.14
C GLN A 172 1.48 -15.21 -7.11
N ALA A 173 0.67 -14.90 -8.07
CA ALA A 173 -0.68 -15.39 -8.12
C ALA A 173 -1.13 -15.37 -9.55
N ARG A 174 -2.01 -16.25 -9.91
CA ARG A 174 -2.44 -16.30 -11.28
C ARG A 174 -3.62 -15.35 -11.51
N TYR A 175 -3.50 -14.47 -12.49
CA TYR A 175 -4.59 -13.53 -12.81
C TYR A 175 -4.76 -13.51 -14.29
N THR A 176 -5.91 -13.90 -14.71
CA THR A 176 -6.28 -14.05 -16.09
C THR A 176 -5.87 -12.82 -16.94
N ASP A 177 -4.94 -13.05 -17.83
CA ASP A 177 -4.35 -12.01 -18.71
C ASP A 177 -5.31 -11.73 -19.83
N PRO A 178 -5.70 -10.49 -19.99
CA PRO A 178 -6.57 -10.12 -21.08
C PRO A 178 -5.84 -10.09 -22.45
N ASN A 179 -4.62 -9.57 -22.47
CA ASN A 179 -3.84 -9.42 -23.69
C ASN A 179 -3.10 -10.70 -24.04
N THR A 180 -2.90 -11.52 -23.03
CA THR A 180 -2.29 -12.86 -23.10
C THR A 180 -0.80 -12.88 -23.49
N ARG A 181 0.05 -12.77 -22.50
CA ARG A 181 1.47 -12.90 -22.70
C ARG A 181 1.95 -14.31 -22.39
N SER A 182 3.09 -14.64 -22.91
CA SER A 182 3.72 -15.91 -22.70
C SER A 182 5.19 -15.65 -22.38
N GLY A 12 -3.21 13.31 34.70
CA GLY A 12 -3.33 12.98 36.10
C GLY A 12 -3.13 11.51 36.33
N ARG A 13 -4.17 10.73 36.14
CA ARG A 13 -4.10 9.30 36.37
C ARG A 13 -4.48 8.55 35.09
N GLU A 14 -4.19 9.17 33.96
CA GLU A 14 -4.54 8.63 32.65
C GLU A 14 -3.32 7.93 32.02
N ASN A 15 -2.21 7.94 32.70
CA ASN A 15 -0.99 7.42 32.12
C ASN A 15 -0.81 5.93 32.39
N LEU A 16 -1.46 5.16 31.54
CA LEU A 16 -1.38 3.72 31.56
C LEU A 16 -1.60 3.22 30.16
N TYR A 17 -0.53 3.06 29.43
CA TYR A 17 -0.62 2.58 28.08
C TYR A 17 -0.59 1.08 28.03
N PHE A 18 -1.77 0.51 28.16
CA PHE A 18 -1.91 -0.92 28.09
C PHE A 18 -2.01 -1.37 26.65
N GLN A 19 -2.45 -0.46 25.80
CA GLN A 19 -2.58 -0.72 24.40
C GLN A 19 -1.44 -0.05 23.64
N GLY A 20 -0.88 -0.76 22.71
CA GLY A 20 0.21 -0.23 21.95
C GLY A 20 -0.27 0.45 20.71
N HIS A 21 -0.72 1.69 20.83
CA HIS A 21 -1.16 2.45 19.69
C HIS A 21 -0.04 3.33 19.11
N MET A 22 0.32 3.05 17.89
CA MET A 22 1.40 3.73 17.18
C MET A 22 0.83 4.49 15.96
N LEU A 23 1.72 4.89 15.06
CA LEU A 23 1.35 5.53 13.81
C LEU A 23 1.19 4.41 12.80
N ARG A 24 0.00 4.21 12.31
CA ARG A 24 -0.24 3.07 11.46
C ARG A 24 -0.38 3.48 10.01
N VAL A 25 0.29 2.79 9.15
CA VAL A 25 0.14 2.99 7.74
C VAL A 25 -0.25 1.67 7.09
N ARG A 26 -1.43 1.63 6.56
CA ARG A 26 -1.96 0.43 5.99
C ARG A 26 -2.28 0.60 4.54
N ALA A 27 -1.65 -0.18 3.74
CA ALA A 27 -1.92 -0.19 2.34
C ALA A 27 -2.64 -1.47 2.03
N SER A 28 -3.90 -1.39 1.74
CA SER A 28 -4.67 -2.57 1.45
C SER A 28 -5.25 -2.48 0.05
N ILE A 29 -4.84 -3.35 -0.83
CA ILE A 29 -5.29 -3.30 -2.19
C ILE A 29 -5.89 -4.61 -2.60
N THR A 30 -6.85 -4.57 -3.44
CA THR A 30 -7.56 -5.73 -3.85
C THR A 30 -7.63 -5.80 -5.38
N ILE A 31 -7.12 -6.85 -5.94
CA ILE A 31 -7.14 -7.03 -7.37
C ILE A 31 -8.03 -8.19 -7.76
N SER A 32 -8.99 -7.90 -8.57
CA SER A 32 -9.95 -8.85 -8.99
C SER A 32 -9.41 -9.61 -10.22
N PRO A 33 -9.82 -10.89 -10.43
CA PRO A 33 -9.42 -11.69 -11.60
C PRO A 33 -9.95 -11.12 -12.93
N ASP A 34 -10.63 -10.01 -12.82
CA ASP A 34 -11.23 -9.31 -13.95
C ASP A 34 -10.19 -8.39 -14.58
N ASP A 35 -8.99 -8.38 -13.95
CA ASP A 35 -7.86 -7.49 -14.30
C ASP A 35 -8.21 -6.07 -13.84
N LEU A 36 -9.02 -6.04 -12.79
CA LEU A 36 -9.47 -4.85 -12.19
C LEU A 36 -8.75 -4.69 -10.86
N VAL A 37 -8.13 -3.57 -10.68
CA VAL A 37 -7.39 -3.27 -9.49
C VAL A 37 -8.15 -2.20 -8.69
N SER A 38 -8.22 -2.40 -7.39
CA SER A 38 -8.86 -1.49 -6.50
C SER A 38 -8.10 -1.52 -5.16
N GLY A 39 -8.32 -0.58 -4.29
CA GLY A 39 -7.66 -0.63 -3.00
C GLY A 39 -7.75 0.67 -2.26
N GLU A 40 -7.07 0.72 -1.15
CA GLU A 40 -7.07 1.87 -0.29
C GLU A 40 -5.81 1.90 0.60
N ILE A 41 -5.19 3.03 0.67
CA ILE A 41 -4.05 3.22 1.53
C ILE A 41 -4.44 4.20 2.61
N ILE A 42 -4.44 3.76 3.83
CA ILE A 42 -4.78 4.59 4.96
C ILE A 42 -3.57 4.77 5.84
N ALA A 43 -3.13 5.98 5.93
CA ALA A 43 -2.08 6.34 6.81
C ALA A 43 -2.70 7.14 7.91
N ALA A 44 -2.48 6.76 9.14
CA ALA A 44 -3.00 7.48 10.26
C ALA A 44 -1.95 7.62 11.31
N ALA A 45 -1.59 8.82 11.56
CA ALA A 45 -0.52 9.12 12.45
C ALA A 45 -0.97 10.06 13.55
N LYS A 46 -0.24 10.09 14.64
CA LYS A 46 -0.47 11.08 15.67
C LYS A 46 -0.18 12.44 15.04
N PRO A 47 -1.03 13.46 15.32
CA PRO A 47 -0.97 14.79 14.67
C PRO A 47 0.43 15.38 14.51
N LYS A 48 1.25 15.24 15.54
CA LYS A 48 2.58 15.82 15.61
C LYS A 48 2.45 17.32 15.56
N ASN A 49 2.06 17.85 16.71
CA ASN A 49 1.74 19.25 16.92
C ASN A 49 0.31 19.55 16.44
N SER A 50 -0.38 20.32 17.23
CA SER A 50 -1.76 20.70 17.05
C SER A 50 -2.08 21.40 15.70
N LYS A 51 -1.06 21.77 14.94
CA LYS A 51 -1.22 22.54 13.71
C LYS A 51 -1.81 21.67 12.61
N ASP A 52 -1.69 20.38 12.75
CA ASP A 52 -2.09 19.51 11.68
C ASP A 52 -3.47 18.94 11.94
N THR A 53 -4.35 19.12 10.99
CA THR A 53 -5.71 18.68 11.12
C THR A 53 -6.04 17.57 10.12
N GLY A 54 -5.22 17.44 9.10
CA GLY A 54 -5.47 16.42 8.11
C GLY A 54 -4.51 16.51 6.95
N PRO A 55 -3.44 15.72 6.95
CA PRO A 55 -2.48 15.70 5.86
C PRO A 55 -3.02 14.95 4.64
N ALA A 56 -2.45 15.21 3.49
CA ALA A 56 -2.86 14.52 2.29
C ALA A 56 -1.65 13.91 1.62
N LEU A 57 -1.81 12.70 1.09
CA LEU A 57 -0.72 11.99 0.41
C LEU A 57 -0.28 12.77 -0.81
N ASP A 58 0.97 12.66 -1.15
CA ASP A 58 1.49 13.33 -2.31
C ASP A 58 1.19 12.48 -3.52
N GLY A 59 0.02 12.68 -4.02
CA GLY A 59 -0.44 11.91 -5.12
C GLY A 59 -0.82 12.73 -6.31
N ASP A 60 -0.15 12.45 -7.40
CA ASP A 60 -0.45 13.03 -8.69
C ASP A 60 -0.31 11.97 -9.76
N VAL A 61 -1.42 11.62 -10.34
CA VAL A 61 -1.48 10.61 -11.36
C VAL A 61 -2.43 11.08 -12.47
N PRO A 62 -2.38 10.50 -13.68
CA PRO A 62 -3.31 10.86 -14.75
C PRO A 62 -4.71 10.28 -14.51
N PHE A 63 -4.80 9.39 -13.54
CA PHE A 63 -6.04 8.72 -13.21
C PHE A 63 -6.53 9.11 -11.82
N SER A 64 -6.43 10.38 -11.50
CA SER A 64 -6.88 10.91 -10.23
C SER A 64 -8.39 10.64 -10.01
N GLN A 65 -9.15 10.52 -11.10
CA GLN A 65 -10.58 10.28 -11.03
C GLN A 65 -10.86 8.87 -10.50
N LYS A 66 -9.84 8.06 -10.52
CA LYS A 66 -9.93 6.69 -10.08
C LYS A 66 -9.49 6.57 -8.65
N VAL A 67 -8.78 7.57 -8.14
CA VAL A 67 -8.33 7.50 -6.78
C VAL A 67 -8.78 8.72 -5.97
N ALA A 68 -9.53 8.45 -4.97
CA ALA A 68 -10.01 9.45 -4.08
C ALA A 68 -9.03 9.60 -2.94
N VAL A 69 -8.22 10.61 -3.00
CA VAL A 69 -7.24 10.86 -1.97
C VAL A 69 -7.82 11.90 -1.04
N SER A 70 -7.87 11.59 0.22
CA SER A 70 -8.49 12.44 1.20
C SER A 70 -7.67 12.40 2.47
N ASN A 71 -8.00 13.24 3.40
CA ASN A 71 -7.38 13.21 4.70
C ASN A 71 -8.10 12.15 5.53
N TYR A 72 -7.40 11.58 6.45
CA TYR A 72 -7.98 10.62 7.34
C TYR A 72 -8.03 11.26 8.69
N ASP A 73 -9.19 11.31 9.26
CA ASP A 73 -9.40 11.88 10.57
C ASP A 73 -10.36 10.98 11.28
N SER A 74 -9.81 10.15 12.12
CA SER A 74 -10.56 9.14 12.83
C SER A 74 -9.64 8.51 13.83
N ASP A 75 -10.21 7.95 14.89
CA ASP A 75 -9.49 7.18 15.91
C ASP A 75 -8.61 8.08 16.77
N GLY A 76 -8.75 9.38 16.57
CA GLY A 76 -7.92 10.35 17.25
C GLY A 76 -6.67 10.65 16.44
N TYR A 77 -6.56 9.97 15.33
CA TYR A 77 -5.43 10.06 14.47
C TYR A 77 -5.74 10.86 13.24
N VAL A 78 -4.73 11.42 12.66
CA VAL A 78 -4.86 12.14 11.43
C VAL A 78 -3.86 11.60 10.46
N GLY A 79 -4.29 11.43 9.29
CA GLY A 79 -3.44 10.93 8.30
C GLY A 79 -3.99 11.18 6.96
N SER A 80 -3.61 10.38 6.05
CA SER A 80 -4.00 10.52 4.68
C SER A 80 -4.51 9.18 4.14
N GLN A 81 -5.49 9.22 3.29
CA GLN A 81 -6.02 8.02 2.71
C GLN A 81 -6.18 8.18 1.22
N ALA A 82 -5.82 7.17 0.50
CA ALA A 82 -6.04 7.13 -0.92
C ALA A 82 -6.88 5.94 -1.22
N VAL A 83 -8.06 6.17 -1.67
CA VAL A 83 -9.00 5.11 -1.96
C VAL A 83 -9.18 5.03 -3.46
N PHE A 84 -8.74 3.96 -4.06
CA PHE A 84 -8.79 3.87 -5.50
C PHE A 84 -9.56 2.65 -5.95
N SER A 85 -10.10 2.75 -7.13
CA SER A 85 -10.88 1.69 -7.72
C SER A 85 -10.87 1.83 -9.24
N ASP A 86 -11.30 0.77 -9.92
CA ASP A 86 -11.51 0.77 -11.39
C ASP A 86 -10.22 0.97 -12.15
N LEU A 87 -9.14 0.49 -11.61
CA LEU A 87 -7.86 0.61 -12.22
C LEU A 87 -7.46 -0.69 -12.88
N THR A 88 -6.48 -0.66 -13.74
CA THR A 88 -6.05 -1.87 -14.42
C THR A 88 -4.58 -2.20 -14.07
N PHE A 89 -4.09 -3.31 -14.62
CA PHE A 89 -2.75 -3.85 -14.42
C PHE A 89 -1.69 -2.80 -14.72
N ALA A 90 -1.92 -2.02 -15.76
CA ALA A 90 -0.99 -0.99 -16.20
C ALA A 90 -0.95 0.17 -15.22
N GLU A 91 -2.02 0.37 -14.50
CA GLU A 91 -2.14 1.49 -13.62
C GLU A 91 -1.62 1.15 -12.23
N LEU A 92 -1.50 -0.14 -11.95
CA LEU A 92 -0.99 -0.61 -10.66
C LEU A 92 0.44 -0.06 -10.33
N PRO A 93 1.44 -0.13 -11.27
CA PRO A 93 2.75 0.49 -11.02
C PRO A 93 2.62 2.01 -10.87
N GLN A 94 1.74 2.59 -11.65
CA GLN A 94 1.56 4.02 -11.69
C GLN A 94 0.96 4.55 -10.38
N LEU A 95 0.10 3.77 -9.78
CA LEU A 95 -0.48 4.13 -8.49
C LEU A 95 0.53 3.85 -7.38
N ALA A 96 1.50 2.99 -7.70
CA ALA A 96 2.48 2.56 -6.74
C ALA A 96 3.41 3.68 -6.41
N ASN A 97 3.57 4.59 -7.36
CA ASN A 97 4.45 5.74 -7.22
C ASN A 97 4.04 6.54 -5.99
N MET A 98 2.77 6.97 -6.00
CA MET A 98 2.18 7.76 -4.91
C MET A 98 2.36 7.05 -3.59
N ASN A 99 2.00 5.79 -3.58
CA ASN A 99 2.06 4.98 -2.36
C ASN A 99 3.48 4.88 -1.83
N SER A 100 4.46 4.88 -2.73
CA SER A 100 5.84 4.69 -2.35
C SER A 100 6.31 5.81 -1.46
N ASP A 101 5.71 7.01 -1.64
CA ASP A 101 6.14 8.19 -0.89
C ASP A 101 5.88 8.02 0.60
N ALA A 102 4.90 7.19 0.92
CA ALA A 102 4.55 6.97 2.29
C ALA A 102 4.97 5.59 2.74
N ALA A 103 5.45 4.78 1.81
CA ALA A 103 5.75 3.41 2.12
C ALA A 103 7.23 3.14 2.24
N GLY A 104 8.01 3.73 1.34
CA GLY A 104 9.43 3.47 1.31
C GLY A 104 9.72 2.09 0.74
N VAL A 105 8.82 1.61 -0.07
CA VAL A 105 8.95 0.30 -0.66
C VAL A 105 9.24 0.41 -2.14
N ASN A 106 9.75 -0.64 -2.68
CA ASN A 106 10.02 -0.73 -4.08
C ASN A 106 9.07 -1.77 -4.62
N LEU A 107 8.26 -1.41 -5.58
CA LEU A 107 7.26 -2.33 -6.12
C LEU A 107 7.49 -2.57 -7.60
N SER A 108 7.65 -3.81 -7.98
CA SER A 108 7.77 -4.16 -9.37
C SER A 108 6.69 -5.20 -9.73
N LEU A 109 6.14 -5.07 -10.90
CA LEU A 109 5.04 -5.90 -11.34
C LEU A 109 5.27 -6.38 -12.78
N ARG A 110 5.10 -7.67 -12.99
CA ARG A 110 5.22 -8.28 -14.32
C ARG A 110 4.17 -9.38 -14.44
N ARG A 111 3.74 -9.68 -15.63
CA ARG A 111 2.91 -10.79 -15.81
C ARG A 111 3.66 -11.87 -16.57
N ASN A 112 3.59 -13.06 -16.09
CA ASN A 112 4.27 -14.18 -16.66
C ASN A 112 3.22 -15.08 -17.26
N GLY A 113 2.90 -14.83 -18.50
CA GLY A 113 1.86 -15.57 -19.16
C GLY A 113 0.51 -15.18 -18.62
N ASN A 114 -0.11 -16.05 -17.87
CA ASN A 114 -1.41 -15.79 -17.27
C ASN A 114 -1.23 -15.58 -15.77
N ILE A 115 -0.04 -15.79 -15.28
CA ILE A 115 0.15 -15.59 -13.87
C ILE A 115 0.90 -14.28 -13.66
N VAL A 116 0.58 -13.58 -12.64
CA VAL A 116 1.16 -12.31 -12.38
C VAL A 116 2.15 -12.40 -11.25
N ILE A 117 3.27 -11.74 -11.38
CA ILE A 117 4.26 -11.72 -10.37
C ILE A 117 4.53 -10.29 -9.92
N LEU A 118 4.62 -10.13 -8.65
CA LEU A 118 4.97 -8.87 -8.08
C LEU A 118 6.12 -9.12 -7.13
N GLU A 119 7.17 -8.40 -7.33
CA GLU A 119 8.36 -8.53 -6.56
C GLU A 119 8.68 -7.16 -6.03
N GLY A 120 8.76 -7.05 -4.74
CA GLY A 120 9.02 -5.81 -4.13
C GLY A 120 9.89 -5.96 -2.93
N ARG A 121 10.49 -4.90 -2.52
CA ARG A 121 11.38 -4.94 -1.39
C ARG A 121 11.15 -3.70 -0.57
N ALA A 122 11.14 -3.86 0.72
CA ALA A 122 10.82 -2.78 1.60
C ALA A 122 12.04 -2.31 2.35
N ASP A 123 12.41 -1.06 2.13
CA ASP A 123 13.55 -0.48 2.81
C ASP A 123 13.04 0.43 3.88
N LEU A 124 12.96 -0.04 5.09
CA LEU A 124 12.54 0.80 6.19
C LEU A 124 13.71 1.02 7.13
N THR A 125 14.88 0.67 6.67
CA THR A 125 16.09 0.72 7.46
C THR A 125 16.51 2.16 7.82
N SER A 126 16.16 3.12 7.00
CA SER A 126 16.50 4.49 7.28
C SER A 126 15.41 5.15 8.14
N VAL A 127 14.35 4.41 8.40
CA VAL A 127 13.30 4.90 9.25
C VAL A 127 13.68 4.61 10.69
N SER A 128 14.09 5.64 11.39
CA SER A 128 14.53 5.53 12.76
C SER A 128 13.36 5.71 13.73
N ASP A 129 12.16 5.90 13.17
CA ASP A 129 10.94 6.09 13.95
C ASP A 129 10.33 4.73 14.23
N PRO A 130 10.47 4.20 15.46
CA PRO A 130 9.92 2.88 15.81
C PRO A 130 8.41 2.91 15.99
N ASP A 131 7.89 4.12 16.06
CA ASP A 131 6.48 4.39 16.32
C ASP A 131 5.65 4.22 15.07
N ALA A 132 6.27 3.84 14.01
CA ALA A 132 5.60 3.61 12.76
C ALA A 132 5.34 2.12 12.60
N ASP A 133 4.13 1.76 12.26
CA ASP A 133 3.77 0.37 12.05
C ASP A 133 3.24 0.25 10.63
N VAL A 134 3.89 -0.54 9.80
CA VAL A 134 3.52 -0.59 8.40
C VAL A 134 2.87 -1.93 8.06
N GLU A 135 1.73 -1.90 7.42
CA GLU A 135 1.06 -3.11 7.00
C GLU A 135 0.58 -2.97 5.57
N LEU A 136 0.88 -3.92 4.76
CA LEU A 136 0.41 -3.93 3.41
C LEU A 136 -0.41 -5.20 3.26
N THR A 137 -1.60 -5.08 2.76
CA THR A 137 -2.48 -6.20 2.58
C THR A 137 -2.98 -6.23 1.12
N VAL A 138 -2.91 -7.37 0.51
CA VAL A 138 -3.39 -7.55 -0.83
C VAL A 138 -4.43 -8.63 -0.83
N ALA A 139 -5.59 -8.34 -1.35
CA ALA A 139 -6.64 -9.30 -1.43
C ALA A 139 -6.95 -9.55 -2.88
N PHE A 140 -6.97 -10.77 -3.26
CA PHE A 140 -7.32 -11.13 -4.60
C PHE A 140 -8.29 -12.28 -4.61
N PRO A 141 -9.49 -12.10 -5.13
CA PRO A 141 -10.49 -13.18 -5.28
C PRO A 141 -10.08 -14.26 -6.31
N ALA A 142 -8.80 -14.59 -6.36
CA ALA A 142 -8.30 -15.57 -7.27
C ALA A 142 -7.61 -16.70 -6.52
N ALA A 143 -6.27 -16.68 -6.48
CA ALA A 143 -5.49 -17.72 -5.87
C ALA A 143 -4.03 -17.37 -6.02
N VAL A 144 -3.33 -17.38 -4.93
CA VAL A 144 -1.92 -17.13 -4.95
C VAL A 144 -1.21 -18.40 -5.39
N THR A 145 -0.18 -18.25 -6.17
CA THR A 145 0.59 -19.37 -6.58
C THR A 145 1.90 -19.42 -5.78
N SER A 146 2.43 -18.26 -5.44
CA SER A 146 3.64 -18.15 -4.61
C SER A 146 3.73 -16.75 -4.01
N THR A 147 3.99 -16.65 -2.75
CA THR A 147 4.17 -15.38 -2.12
C THR A 147 5.35 -15.44 -1.14
N ASN A 148 5.77 -14.30 -0.66
CA ASN A 148 6.79 -14.19 0.35
C ASN A 148 6.31 -13.10 1.26
N GLY A 149 5.53 -13.50 2.23
CA GLY A 149 4.95 -12.62 3.20
C GLY A 149 4.11 -13.41 4.16
N ASP A 150 3.01 -12.87 4.61
CA ASP A 150 2.15 -13.56 5.54
C ASP A 150 0.82 -13.77 4.91
N ARG A 151 0.56 -14.93 4.38
CA ARG A 151 -0.71 -15.16 3.81
C ARG A 151 -1.72 -15.53 4.87
N ILE A 152 -2.87 -14.89 4.78
CA ILE A 152 -3.97 -15.12 5.71
C ILE A 152 -4.87 -16.16 5.10
N GLU A 153 -5.02 -16.05 3.81
CA GLU A 153 -5.80 -16.95 3.04
C GLU A 153 -5.02 -17.20 1.75
N PRO A 154 -5.36 -18.22 0.96
CA PRO A 154 -4.68 -18.49 -0.32
C PRO A 154 -5.01 -17.42 -1.37
N GLU A 155 -5.82 -16.47 -0.96
CA GLU A 155 -6.22 -15.39 -1.83
C GLU A 155 -6.12 -14.03 -1.10
N VAL A 156 -5.55 -14.02 0.09
CA VAL A 156 -5.37 -12.77 0.86
C VAL A 156 -4.03 -12.83 1.60
N VAL A 157 -3.15 -11.88 1.33
CA VAL A 157 -1.82 -11.87 1.90
C VAL A 157 -1.51 -10.50 2.50
N GLN A 158 -0.75 -10.48 3.58
CA GLN A 158 -0.35 -9.26 4.19
C GLN A 158 1.13 -9.30 4.49
N TRP A 159 1.72 -8.14 4.52
CA TRP A 159 3.09 -7.97 4.84
C TRP A 159 3.19 -6.98 5.97
N LYS A 160 3.73 -7.41 7.07
CA LYS A 160 3.90 -6.54 8.21
C LYS A 160 5.31 -5.99 8.26
N LEU A 161 5.43 -4.75 7.93
CA LEU A 161 6.70 -4.11 7.78
C LEU A 161 7.03 -3.25 9.01
N LYS A 162 8.25 -3.39 9.44
CA LYS A 162 8.76 -2.77 10.63
C LYS A 162 9.84 -1.76 10.24
N PRO A 163 10.04 -0.69 11.03
CA PRO A 163 11.09 0.29 10.79
C PRO A 163 12.46 -0.28 11.17
N GLY A 164 13.51 0.26 10.60
CA GLY A 164 14.87 -0.14 10.93
C GLY A 164 15.29 -1.41 10.25
N VAL A 165 14.33 -2.22 9.91
CA VAL A 165 14.60 -3.48 9.25
C VAL A 165 14.25 -3.44 7.76
N VAL A 166 14.82 -4.38 7.04
CA VAL A 166 14.56 -4.55 5.62
C VAL A 166 13.85 -5.88 5.44
N SER A 167 12.93 -5.95 4.50
CA SER A 167 12.21 -7.17 4.26
C SER A 167 11.84 -7.27 2.80
N THR A 168 11.69 -8.49 2.33
CA THR A 168 11.30 -8.76 0.98
C THR A 168 9.80 -9.00 0.92
N MET A 169 9.23 -8.75 -0.22
CA MET A 169 7.83 -8.86 -0.41
C MET A 169 7.55 -9.38 -1.80
N SER A 170 6.97 -10.53 -1.89
CA SER A 170 6.65 -11.08 -3.17
C SER A 170 5.25 -11.62 -3.16
N ALA A 171 4.56 -11.45 -4.23
CA ALA A 171 3.23 -11.95 -4.37
C ALA A 171 3.03 -12.33 -5.79
N GLN A 172 2.82 -13.57 -6.02
CA GLN A 172 2.60 -14.07 -7.34
C GLN A 172 1.28 -14.80 -7.33
N ALA A 173 0.44 -14.49 -8.25
CA ALA A 173 -0.90 -15.04 -8.29
C ALA A 173 -1.36 -15.07 -9.71
N ARG A 174 -2.26 -15.94 -10.01
CA ARG A 174 -2.71 -16.09 -11.38
C ARG A 174 -3.93 -15.20 -11.65
N TYR A 175 -3.91 -14.47 -12.77
CA TYR A 175 -5.02 -13.59 -13.14
C TYR A 175 -5.23 -13.68 -14.60
N THR A 176 -6.46 -13.88 -14.98
CA THR A 176 -6.90 -14.05 -16.32
C THR A 176 -6.35 -12.94 -17.23
N ASP A 177 -5.46 -13.34 -18.12
CA ASP A 177 -4.78 -12.44 -19.05
C ASP A 177 -5.76 -11.94 -20.08
N PRO A 178 -5.75 -10.63 -20.34
CA PRO A 178 -6.64 -10.03 -21.33
C PRO A 178 -6.39 -10.48 -22.77
N ASN A 179 -5.12 -10.52 -23.19
CA ASN A 179 -4.78 -10.86 -24.55
C ASN A 179 -4.74 -12.37 -24.73
N THR A 180 -4.68 -13.06 -23.60
CA THR A 180 -4.77 -14.49 -23.47
C THR A 180 -3.49 -15.25 -23.79
N ARG A 181 -2.52 -15.02 -22.95
CA ARG A 181 -1.29 -15.76 -22.96
C ARG A 181 -1.19 -16.56 -21.68
N SER A 182 -0.42 -17.61 -21.73
CA SER A 182 -0.17 -18.45 -20.59
C SER A 182 1.19 -19.10 -20.80
N GLY A 12 17.54 19.64 22.84
CA GLY A 12 16.93 20.90 22.46
C GLY A 12 15.80 21.22 23.39
N ARG A 13 14.64 21.51 22.83
CA ARG A 13 13.47 21.83 23.61
C ARG A 13 12.91 20.57 24.22
N GLU A 14 12.65 20.63 25.50
CA GLU A 14 12.15 19.50 26.20
C GLU A 14 10.64 19.55 26.30
N ASN A 15 10.04 18.41 26.05
CA ASN A 15 8.60 18.20 26.09
C ASN A 15 8.37 16.76 25.74
N LEU A 16 7.90 16.00 26.68
CA LEU A 16 7.67 14.61 26.46
C LEU A 16 6.21 14.29 26.70
N TYR A 17 5.37 15.28 26.48
CA TYR A 17 3.94 15.11 26.65
C TYR A 17 3.34 14.57 25.37
N PHE A 18 3.27 15.42 24.37
CA PHE A 18 2.64 15.07 23.11
C PHE A 18 3.66 14.56 22.10
N GLN A 19 4.89 14.39 22.54
CA GLN A 19 5.93 13.91 21.66
C GLN A 19 5.76 12.41 21.47
N GLY A 20 5.04 12.07 20.45
CA GLY A 20 4.79 10.71 20.10
C GLY A 20 4.78 10.59 18.61
N HIS A 21 5.95 10.45 18.06
CA HIS A 21 6.09 10.35 16.63
C HIS A 21 5.79 8.91 16.19
N MET A 22 4.92 8.77 15.18
CA MET A 22 4.49 7.46 14.72
C MET A 22 3.79 7.61 13.38
N LEU A 23 4.20 6.84 12.39
CA LEU A 23 3.53 6.83 11.09
C LEU A 23 2.92 5.47 10.87
N ARG A 24 1.72 5.41 10.41
CA ARG A 24 1.14 4.16 10.08
C ARG A 24 0.57 4.22 8.69
N VAL A 25 1.00 3.34 7.85
CA VAL A 25 0.49 3.28 6.52
C VAL A 25 -0.14 1.94 6.36
N ARG A 26 -1.41 1.93 6.18
CA ARG A 26 -2.13 0.69 6.12
C ARG A 26 -2.87 0.68 4.79
N ALA A 27 -2.47 -0.21 3.94
CA ALA A 27 -3.04 -0.34 2.64
C ALA A 27 -3.76 -1.65 2.51
N SER A 28 -4.91 -1.63 1.93
CA SER A 28 -5.66 -2.83 1.67
C SER A 28 -6.26 -2.75 0.29
N ILE A 29 -5.84 -3.62 -0.60
CA ILE A 29 -6.32 -3.59 -1.94
C ILE A 29 -6.86 -4.94 -2.35
N THR A 30 -7.79 -4.92 -3.20
CA THR A 30 -8.41 -6.09 -3.70
C THR A 30 -8.35 -6.05 -5.23
N ILE A 31 -7.79 -7.08 -5.81
CA ILE A 31 -7.65 -7.15 -7.24
C ILE A 31 -8.49 -8.29 -7.80
N SER A 32 -9.32 -7.94 -8.72
CA SER A 32 -10.23 -8.85 -9.33
C SER A 32 -9.56 -9.53 -10.53
N PRO A 33 -9.95 -10.78 -10.89
CA PRO A 33 -9.41 -11.51 -12.06
C PRO A 33 -9.87 -10.87 -13.38
N ASP A 34 -10.60 -9.78 -13.27
CA ASP A 34 -11.11 -9.05 -14.42
C ASP A 34 -10.06 -8.02 -14.86
N ASP A 35 -8.90 -8.05 -14.17
CA ASP A 35 -7.77 -7.11 -14.39
C ASP A 35 -8.19 -5.76 -13.83
N LEU A 36 -9.04 -5.84 -12.84
CA LEU A 36 -9.58 -4.72 -12.19
C LEU A 36 -8.98 -4.64 -10.80
N VAL A 37 -8.40 -3.52 -10.51
CA VAL A 37 -7.77 -3.29 -9.24
C VAL A 37 -8.58 -2.25 -8.47
N SER A 38 -8.74 -2.49 -7.18
CA SER A 38 -9.49 -1.60 -6.32
C SER A 38 -8.89 -1.67 -4.91
N GLY A 39 -9.09 -0.68 -4.09
CA GLY A 39 -8.56 -0.74 -2.75
C GLY A 39 -8.44 0.60 -2.12
N GLU A 40 -7.70 0.68 -1.05
CA GLU A 40 -7.53 1.90 -0.31
C GLU A 40 -6.20 1.88 0.43
N ILE A 41 -5.57 3.01 0.46
CA ILE A 41 -4.31 3.19 1.14
C ILE A 41 -4.48 4.31 2.15
N ILE A 42 -4.33 3.99 3.39
CA ILE A 42 -4.48 4.97 4.44
C ILE A 42 -3.15 5.26 5.06
N ALA A 43 -2.70 6.46 4.93
CA ALA A 43 -1.50 6.87 5.56
C ALA A 43 -1.90 7.77 6.71
N ALA A 44 -1.75 7.27 7.89
CA ALA A 44 -2.18 7.97 9.05
C ALA A 44 -1.04 8.17 9.98
N ALA A 45 -0.84 9.36 10.38
CA ALA A 45 0.24 9.69 11.24
C ALA A 45 -0.30 10.13 12.56
N LYS A 46 0.46 9.95 13.58
CA LYS A 46 0.07 10.44 14.85
C LYS A 46 0.38 11.93 14.85
N PRO A 47 -0.62 12.79 15.22
CA PRO A 47 -0.59 14.26 15.10
C PRO A 47 0.78 14.94 15.00
N LYS A 48 1.55 14.95 16.13
CA LYS A 48 2.91 15.59 16.23
C LYS A 48 2.87 17.11 16.15
N ASN A 49 1.93 17.64 15.42
CA ASN A 49 1.70 19.04 15.29
C ASN A 49 0.24 19.27 15.53
N SER A 50 -0.10 20.35 16.18
CA SER A 50 -1.47 20.64 16.52
C SER A 50 -2.24 21.17 15.30
N LYS A 51 -1.52 21.63 14.30
CA LYS A 51 -2.12 22.14 13.06
C LYS A 51 -2.52 20.97 12.16
N ASP A 52 -1.97 19.82 12.45
CA ASP A 52 -2.13 18.67 11.63
C ASP A 52 -3.40 17.96 11.87
N THR A 53 -4.35 18.22 11.01
CA THR A 53 -5.58 17.49 11.00
C THR A 53 -5.43 16.31 10.04
N GLY A 54 -4.40 16.36 9.24
CA GLY A 54 -4.09 15.29 8.36
C GLY A 54 -2.97 15.65 7.44
N PRO A 55 -1.73 15.14 7.65
CA PRO A 55 -0.65 15.34 6.68
C PRO A 55 -1.07 14.94 5.27
N ALA A 56 -0.79 15.79 4.31
CA ALA A 56 -1.20 15.60 2.93
C ALA A 56 -0.41 14.50 2.26
N LEU A 57 -0.99 13.91 1.24
CA LEU A 57 -0.36 12.84 0.52
C LEU A 57 0.17 13.39 -0.78
N ASP A 58 1.09 12.69 -1.35
CA ASP A 58 1.68 13.10 -2.61
C ASP A 58 1.24 12.15 -3.67
N GLY A 59 0.21 12.51 -4.36
CA GLY A 59 -0.31 11.68 -5.39
C GLY A 59 0.03 12.19 -6.75
N ASP A 60 -0.97 12.74 -7.41
CA ASP A 60 -0.91 13.22 -8.78
C ASP A 60 -0.58 12.12 -9.76
N VAL A 61 -1.61 11.53 -10.27
CA VAL A 61 -1.50 10.46 -11.21
C VAL A 61 -2.47 10.73 -12.35
N PRO A 62 -2.25 10.15 -13.54
CA PRO A 62 -3.16 10.34 -14.70
C PRO A 62 -4.58 9.82 -14.42
N PHE A 63 -4.69 8.98 -13.42
CA PHE A 63 -5.94 8.38 -13.04
C PHE A 63 -6.44 8.90 -11.68
N SER A 64 -6.16 10.17 -11.36
CA SER A 64 -6.61 10.76 -10.10
C SER A 64 -8.13 10.66 -9.93
N GLN A 65 -8.86 10.73 -11.02
CA GLN A 65 -10.32 10.66 -10.97
C GLN A 65 -10.81 9.26 -10.58
N LYS A 66 -9.90 8.30 -10.58
CA LYS A 66 -10.21 6.93 -10.26
C LYS A 66 -9.68 6.59 -8.85
N VAL A 67 -8.98 7.56 -8.22
CA VAL A 67 -8.55 7.42 -6.85
C VAL A 67 -9.02 8.62 -6.02
N ALA A 68 -9.82 8.33 -5.04
CA ALA A 68 -10.35 9.34 -4.18
C ALA A 68 -9.40 9.57 -3.03
N VAL A 69 -8.67 10.63 -3.10
CA VAL A 69 -7.75 10.96 -2.04
C VAL A 69 -8.42 12.00 -1.13
N SER A 70 -8.41 11.73 0.13
CA SER A 70 -9.08 12.57 1.11
C SER A 70 -8.31 12.57 2.42
N ASN A 71 -8.72 13.41 3.34
CA ASN A 71 -8.05 13.54 4.62
C ASN A 71 -8.56 12.46 5.57
N TYR A 72 -7.68 11.87 6.31
CA TYR A 72 -8.04 10.84 7.24
C TYR A 72 -7.88 11.36 8.64
N ASP A 73 -8.94 11.30 9.39
CA ASP A 73 -8.93 11.71 10.77
C ASP A 73 -9.73 10.68 11.54
N SER A 74 -9.06 9.76 12.18
CA SER A 74 -9.73 8.69 12.89
C SER A 74 -8.73 7.90 13.69
N ASP A 75 -9.21 7.26 14.76
CA ASP A 75 -8.44 6.30 15.59
C ASP A 75 -7.36 7.00 16.39
N GLY A 76 -7.39 8.32 16.37
CA GLY A 76 -6.41 9.12 17.03
C GLY A 76 -5.33 9.57 16.07
N TYR A 77 -5.37 9.03 14.88
CA TYR A 77 -4.38 9.33 13.87
C TYR A 77 -4.96 10.26 12.82
N VAL A 78 -4.11 11.06 12.25
CA VAL A 78 -4.49 11.99 11.22
C VAL A 78 -3.56 11.82 10.03
N GLY A 79 -4.10 11.85 8.86
CA GLY A 79 -3.30 11.64 7.69
C GLY A 79 -4.09 11.79 6.45
N SER A 80 -3.66 11.14 5.43
CA SER A 80 -4.30 11.17 4.16
C SER A 80 -4.59 9.75 3.66
N GLN A 81 -5.64 9.60 2.93
CA GLN A 81 -6.03 8.31 2.42
C GLN A 81 -6.35 8.40 0.95
N ALA A 82 -5.98 7.39 0.24
CA ALA A 82 -6.30 7.28 -1.15
C ALA A 82 -7.16 6.04 -1.34
N VAL A 83 -8.38 6.25 -1.74
CA VAL A 83 -9.32 5.16 -1.96
C VAL A 83 -9.56 5.02 -3.45
N PHE A 84 -9.12 3.96 -4.04
CA PHE A 84 -9.17 3.86 -5.48
C PHE A 84 -10.02 2.70 -5.95
N SER A 85 -10.40 2.75 -7.19
CA SER A 85 -11.23 1.72 -7.78
C SER A 85 -11.20 1.81 -9.27
N ASP A 86 -11.58 0.71 -9.94
CA ASP A 86 -11.75 0.68 -11.42
C ASP A 86 -10.40 0.88 -12.13
N LEU A 87 -9.34 0.43 -11.49
CA LEU A 87 -8.02 0.56 -12.06
C LEU A 87 -7.63 -0.70 -12.79
N THR A 88 -6.68 -0.58 -13.66
CA THR A 88 -6.23 -1.71 -14.45
C THR A 88 -4.85 -2.18 -13.92
N PHE A 89 -4.37 -3.32 -14.42
CA PHE A 89 -3.08 -3.90 -14.03
C PHE A 89 -1.94 -2.88 -14.17
N ALA A 90 -2.00 -2.11 -15.24
CA ALA A 90 -1.00 -1.11 -15.55
C ALA A 90 -1.01 0.04 -14.54
N GLU A 91 -2.12 0.26 -13.91
CA GLU A 91 -2.28 1.34 -12.98
C GLU A 91 -1.85 0.95 -11.57
N LEU A 92 -1.75 -0.36 -11.34
CA LEU A 92 -1.33 -0.89 -10.02
C LEU A 92 0.11 -0.44 -9.62
N PRO A 93 1.16 -0.62 -10.46
CA PRO A 93 2.48 -0.14 -10.10
C PRO A 93 2.53 1.39 -10.12
N GLN A 94 1.70 1.96 -10.96
CA GLN A 94 1.63 3.36 -11.15
C GLN A 94 1.07 4.04 -9.89
N LEU A 95 0.14 3.39 -9.22
CA LEU A 95 -0.40 3.91 -7.98
C LEU A 95 0.60 3.68 -6.85
N ALA A 96 1.56 2.75 -7.08
CA ALA A 96 2.52 2.42 -6.07
C ALA A 96 3.48 3.55 -5.87
N ASN A 97 3.58 4.44 -6.87
CA ASN A 97 4.38 5.63 -6.74
C ASN A 97 3.89 6.45 -5.57
N MET A 98 2.61 6.80 -5.62
CA MET A 98 1.96 7.59 -4.58
C MET A 98 2.17 6.95 -3.22
N ASN A 99 1.86 5.68 -3.16
CA ASN A 99 1.99 4.89 -1.93
C ASN A 99 3.42 4.95 -1.39
N SER A 100 4.41 4.87 -2.30
CA SER A 100 5.77 4.73 -1.87
C SER A 100 6.25 5.96 -1.14
N ASP A 101 5.61 7.12 -1.44
CA ASP A 101 6.07 8.38 -0.87
C ASP A 101 5.91 8.36 0.63
N ALA A 102 4.96 7.58 1.11
CA ALA A 102 4.71 7.52 2.53
C ALA A 102 5.21 6.21 3.12
N ALA A 103 5.54 5.27 2.28
CA ALA A 103 5.86 3.93 2.76
C ALA A 103 7.35 3.58 2.70
N GLY A 104 8.06 4.16 1.74
CA GLY A 104 9.48 3.81 1.56
C GLY A 104 9.64 2.46 0.87
N VAL A 105 8.60 2.06 0.19
CA VAL A 105 8.54 0.77 -0.48
C VAL A 105 8.90 0.89 -1.95
N ASN A 106 9.34 -0.20 -2.52
CA ASN A 106 9.66 -0.31 -3.94
C ASN A 106 9.01 -1.57 -4.45
N LEU A 107 8.15 -1.47 -5.47
CA LEU A 107 7.42 -2.64 -5.95
C LEU A 107 7.65 -2.86 -7.43
N SER A 108 8.11 -4.02 -7.78
CA SER A 108 8.26 -4.39 -9.14
C SER A 108 7.13 -5.36 -9.46
N LEU A 109 6.37 -5.06 -10.47
CA LEU A 109 5.23 -5.87 -10.85
C LEU A 109 5.32 -6.18 -12.32
N ARG A 110 5.34 -7.44 -12.65
CA ARG A 110 5.43 -7.89 -14.04
C ARG A 110 4.45 -8.99 -14.29
N ARG A 111 3.92 -9.04 -15.48
CA ARG A 111 3.09 -10.12 -15.85
C ARG A 111 3.90 -11.10 -16.64
N ASN A 112 3.71 -12.34 -16.39
CA ASN A 112 4.39 -13.39 -17.11
C ASN A 112 3.32 -14.29 -17.68
N GLY A 113 2.81 -13.87 -18.81
CA GLY A 113 1.74 -14.55 -19.44
C GLY A 113 0.48 -14.46 -18.60
N ASN A 114 -0.04 -15.61 -18.26
CA ASN A 114 -1.23 -15.75 -17.43
C ASN A 114 -0.88 -15.47 -15.96
N ILE A 115 0.37 -15.58 -15.62
CA ILE A 115 0.73 -15.50 -14.24
C ILE A 115 1.31 -14.12 -13.93
N VAL A 116 1.12 -13.65 -12.74
CA VAL A 116 1.60 -12.35 -12.35
C VAL A 116 2.62 -12.49 -11.23
N ILE A 117 3.66 -11.71 -11.29
CA ILE A 117 4.66 -11.71 -10.25
C ILE A 117 4.88 -10.29 -9.73
N LEU A 118 4.94 -10.20 -8.47
CA LEU A 118 5.26 -8.97 -7.81
C LEU A 118 6.41 -9.25 -6.89
N GLU A 119 7.41 -8.45 -6.99
CA GLU A 119 8.58 -8.56 -6.17
C GLU A 119 8.90 -7.14 -5.72
N GLY A 120 8.79 -6.91 -4.46
CA GLY A 120 9.00 -5.63 -3.93
C GLY A 120 9.70 -5.69 -2.62
N ARG A 121 10.30 -4.62 -2.23
CA ARG A 121 11.07 -4.56 -1.02
C ARG A 121 10.80 -3.23 -0.37
N ALA A 122 10.88 -3.17 0.92
CA ALA A 122 10.64 -1.96 1.63
C ALA A 122 11.85 -1.59 2.42
N ASP A 123 12.31 -0.37 2.28
CA ASP A 123 13.40 0.05 3.11
C ASP A 123 12.95 1.09 4.07
N LEU A 124 12.59 0.62 5.21
CA LEU A 124 12.19 1.45 6.31
C LEU A 124 13.09 1.13 7.48
N THR A 125 14.16 0.46 7.15
CA THR A 125 15.19 0.08 8.04
C THR A 125 15.89 1.34 8.58
N SER A 126 16.22 2.24 7.68
CA SER A 126 17.00 3.42 7.99
C SER A 126 16.12 4.61 8.45
N VAL A 127 14.85 4.36 8.79
CA VAL A 127 14.01 5.47 9.25
C VAL A 127 14.39 5.82 10.69
N SER A 128 13.82 6.87 11.20
CA SER A 128 14.13 7.28 12.53
C SER A 128 12.90 7.09 13.43
N ASP A 129 11.93 6.35 12.93
CA ASP A 129 10.68 6.17 13.64
C ASP A 129 10.47 4.69 13.98
N PRO A 130 10.78 4.28 15.22
CA PRO A 130 10.66 2.87 15.67
C PRO A 130 9.22 2.44 15.93
N ASP A 131 8.32 3.37 15.99
CA ASP A 131 6.95 3.08 16.41
C ASP A 131 6.03 3.00 15.18
N ALA A 132 6.62 3.22 14.02
CA ALA A 132 5.93 3.20 12.76
C ALA A 132 5.39 1.80 12.41
N ASP A 133 4.27 1.76 11.78
CA ASP A 133 3.66 0.51 11.35
C ASP A 133 3.21 0.63 9.92
N VAL A 134 3.75 -0.18 9.05
CA VAL A 134 3.28 -0.16 7.69
C VAL A 134 2.68 -1.53 7.39
N GLU A 135 1.53 -1.55 6.79
CA GLU A 135 0.83 -2.77 6.53
C GLU A 135 0.23 -2.74 5.15
N LEU A 136 0.31 -3.83 4.45
CA LEU A 136 -0.24 -3.91 3.11
C LEU A 136 -1.03 -5.21 3.04
N THR A 137 -2.24 -5.14 2.61
CA THR A 137 -3.10 -6.30 2.51
C THR A 137 -3.66 -6.37 1.09
N VAL A 138 -3.63 -7.55 0.49
CA VAL A 138 -4.14 -7.74 -0.86
C VAL A 138 -5.11 -8.92 -0.88
N ALA A 139 -6.33 -8.70 -1.36
CA ALA A 139 -7.30 -9.76 -1.48
C ALA A 139 -7.57 -10.01 -2.94
N PHE A 140 -7.48 -11.25 -3.35
CA PHE A 140 -7.74 -11.61 -4.72
C PHE A 140 -8.61 -12.84 -4.86
N PRO A 141 -9.68 -12.76 -5.67
CA PRO A 141 -10.52 -13.93 -6.00
C PRO A 141 -9.77 -14.91 -6.95
N ALA A 142 -8.56 -15.24 -6.59
CA ALA A 142 -7.73 -16.12 -7.32
C ALA A 142 -7.03 -17.02 -6.32
N ALA A 143 -5.74 -17.19 -6.47
CA ALA A 143 -4.97 -18.07 -5.66
C ALA A 143 -3.54 -17.67 -5.81
N VAL A 144 -2.83 -17.59 -4.74
CA VAL A 144 -1.45 -17.22 -4.76
C VAL A 144 -0.56 -18.47 -4.93
N THR A 145 0.32 -18.44 -5.90
CA THR A 145 1.17 -19.57 -6.16
C THR A 145 2.45 -19.46 -5.31
N SER A 146 2.96 -18.24 -5.14
CA SER A 146 4.13 -18.03 -4.30
C SER A 146 4.09 -16.61 -3.75
N THR A 147 4.32 -16.46 -2.49
CA THR A 147 4.37 -15.17 -1.90
C THR A 147 5.51 -15.11 -0.88
N ASN A 148 5.89 -13.92 -0.54
CA ASN A 148 6.87 -13.68 0.49
C ASN A 148 6.25 -12.63 1.34
N GLY A 149 5.55 -13.08 2.34
CA GLY A 149 4.87 -12.25 3.26
C GLY A 149 4.09 -13.10 4.22
N ASP A 150 2.97 -12.62 4.67
CA ASP A 150 2.17 -13.36 5.61
C ASP A 150 0.81 -13.63 4.99
N ARG A 151 0.60 -14.79 4.46
CA ARG A 151 -0.66 -15.07 3.86
C ARG A 151 -1.71 -15.46 4.88
N ILE A 152 -2.84 -14.80 4.80
CA ILE A 152 -3.96 -15.04 5.69
C ILE A 152 -4.73 -16.22 5.13
N GLU A 153 -4.88 -16.19 3.84
CA GLU A 153 -5.53 -17.20 3.09
C GLU A 153 -4.72 -17.40 1.83
N PRO A 154 -4.94 -18.47 1.05
CA PRO A 154 -4.22 -18.68 -0.20
C PRO A 154 -4.69 -17.72 -1.30
N GLU A 155 -5.64 -16.88 -0.95
CA GLU A 155 -6.19 -15.93 -1.87
C GLU A 155 -6.17 -14.51 -1.28
N VAL A 156 -5.59 -14.39 -0.09
CA VAL A 156 -5.49 -13.09 0.61
C VAL A 156 -4.17 -13.07 1.37
N VAL A 157 -3.33 -12.11 1.06
CA VAL A 157 -2.02 -12.05 1.68
C VAL A 157 -1.83 -10.69 2.34
N GLN A 158 -1.06 -10.65 3.39
CA GLN A 158 -0.86 -9.44 4.11
C GLN A 158 0.61 -9.30 4.45
N TRP A 159 1.10 -8.12 4.41
CA TRP A 159 2.45 -7.84 4.71
C TRP A 159 2.52 -6.85 5.84
N LYS A 160 3.31 -7.17 6.82
CA LYS A 160 3.56 -6.27 7.89
C LYS A 160 4.96 -5.74 7.74
N LEU A 161 5.04 -4.49 7.45
CA LEU A 161 6.27 -3.79 7.21
C LEU A 161 6.71 -3.13 8.51
N LYS A 162 7.89 -3.49 8.94
CA LYS A 162 8.41 -3.14 10.25
C LYS A 162 9.66 -2.26 10.12
N PRO A 163 9.72 -1.12 10.84
CA PRO A 163 10.85 -0.19 10.79
C PRO A 163 12.12 -0.77 11.38
N GLY A 164 13.25 -0.25 10.94
CA GLY A 164 14.57 -0.68 11.45
C GLY A 164 14.99 -2.04 10.97
N VAL A 165 14.07 -2.79 10.43
CA VAL A 165 14.36 -4.03 9.81
C VAL A 165 13.91 -3.96 8.36
N VAL A 166 14.38 -4.86 7.53
CA VAL A 166 13.99 -4.85 6.15
C VAL A 166 12.90 -5.88 5.90
N SER A 167 11.84 -5.46 5.30
CA SER A 167 10.76 -6.33 4.97
C SER A 167 10.62 -6.36 3.44
N THR A 168 10.41 -7.53 2.91
CA THR A 168 10.23 -7.70 1.50
C THR A 168 8.83 -8.20 1.20
N MET A 169 8.28 -7.83 0.07
CA MET A 169 6.93 -8.20 -0.29
C MET A 169 6.94 -8.83 -1.66
N SER A 170 6.59 -10.06 -1.73
CA SER A 170 6.48 -10.69 -3.01
C SER A 170 5.17 -11.41 -3.07
N ALA A 171 4.51 -11.33 -4.18
CA ALA A 171 3.26 -11.98 -4.38
C ALA A 171 3.17 -12.41 -5.80
N GLN A 172 3.01 -13.66 -6.00
CA GLN A 172 2.90 -14.19 -7.33
C GLN A 172 1.63 -14.98 -7.37
N ALA A 173 0.84 -14.73 -8.33
CA ALA A 173 -0.43 -15.40 -8.46
C ALA A 173 -0.84 -15.37 -9.90
N ARG A 174 -1.64 -16.31 -10.30
CA ARG A 174 -2.08 -16.34 -11.65
C ARG A 174 -3.36 -15.50 -11.78
N TYR A 175 -3.40 -14.65 -12.78
CA TYR A 175 -4.57 -13.80 -12.98
C TYR A 175 -4.91 -13.80 -14.44
N THR A 176 -6.16 -14.04 -14.72
CA THR A 176 -6.67 -14.06 -16.07
C THR A 176 -6.39 -12.75 -16.83
N ASP A 177 -5.40 -12.80 -17.71
CA ASP A 177 -5.00 -11.69 -18.54
C ASP A 177 -6.11 -11.36 -19.51
N PRO A 178 -6.49 -10.10 -19.60
CA PRO A 178 -7.58 -9.69 -20.47
C PRO A 178 -7.24 -9.85 -21.96
N ASN A 179 -6.02 -9.52 -22.29
CA ASN A 179 -5.51 -9.59 -23.64
C ASN A 179 -5.03 -10.99 -23.99
N THR A 180 -4.96 -11.83 -22.97
CA THR A 180 -4.69 -13.24 -23.06
C THR A 180 -3.28 -13.64 -23.55
N ARG A 181 -2.33 -13.36 -22.72
CA ARG A 181 -0.99 -13.85 -22.86
C ARG A 181 -0.94 -15.23 -22.19
N SER A 182 -0.10 -16.09 -22.65
CA SER A 182 -0.01 -17.44 -22.09
C SER A 182 1.17 -17.51 -21.13
N GLY A 12 -8.20 27.33 30.40
CA GLY A 12 -8.23 28.10 29.16
C GLY A 12 -7.70 27.27 28.05
N ARG A 13 -6.69 27.76 27.39
CA ARG A 13 -6.06 26.99 26.36
C ARG A 13 -4.85 26.30 26.92
N GLU A 14 -5.10 25.17 27.53
CA GLU A 14 -4.05 24.37 28.12
C GLU A 14 -3.21 23.70 27.04
N ASN A 15 -2.04 23.28 27.39
CA ASN A 15 -1.20 22.61 26.42
C ASN A 15 -1.46 21.11 26.47
N LEU A 16 -2.05 20.61 25.42
CA LEU A 16 -2.34 19.20 25.33
C LEU A 16 -1.25 18.53 24.57
N TYR A 17 -0.34 17.95 25.26
CA TYR A 17 0.75 17.31 24.60
C TYR A 17 0.41 15.85 24.34
N PHE A 18 0.39 15.49 23.09
CA PHE A 18 0.16 14.12 22.70
C PHE A 18 1.36 13.29 23.12
N GLN A 19 1.11 12.12 23.63
CA GLN A 19 2.19 11.26 24.05
C GLN A 19 2.35 10.18 23.02
N GLY A 20 3.57 9.98 22.61
CA GLY A 20 3.85 9.02 21.59
C GLY A 20 3.82 9.63 20.23
N HIS A 21 4.46 8.99 19.32
CA HIS A 21 4.50 9.39 17.93
C HIS A 21 4.37 8.15 17.11
N MET A 22 3.34 8.06 16.30
CA MET A 22 3.18 6.89 15.46
C MET A 22 2.45 7.23 14.18
N LEU A 23 2.92 6.70 13.10
CA LEU A 23 2.23 6.78 11.84
C LEU A 23 1.91 5.37 11.42
N ARG A 24 0.65 5.05 11.47
CA ARG A 24 0.23 3.72 11.20
C ARG A 24 -0.49 3.73 9.87
N VAL A 25 -0.05 2.94 8.96
CA VAL A 25 -0.62 2.98 7.65
C VAL A 25 -0.94 1.60 7.14
N ARG A 26 -2.19 1.41 6.81
CA ARG A 26 -2.66 0.17 6.31
C ARG A 26 -3.01 0.34 4.83
N ALA A 27 -2.59 -0.57 4.03
CA ALA A 27 -2.90 -0.57 2.65
C ALA A 27 -3.53 -1.89 2.29
N SER A 28 -4.79 -1.86 2.03
CA SER A 28 -5.52 -3.05 1.68
C SER A 28 -6.03 -2.90 0.27
N ILE A 29 -5.53 -3.72 -0.62
CA ILE A 29 -5.94 -3.63 -2.00
C ILE A 29 -6.42 -4.97 -2.49
N THR A 30 -7.35 -4.95 -3.36
CA THR A 30 -7.89 -6.15 -3.90
C THR A 30 -7.83 -6.09 -5.44
N ILE A 31 -7.27 -7.11 -6.01
CA ILE A 31 -7.12 -7.17 -7.43
C ILE A 31 -8.03 -8.25 -7.99
N SER A 32 -8.93 -7.84 -8.82
CA SER A 32 -9.93 -8.71 -9.38
C SER A 32 -9.36 -9.42 -10.62
N PRO A 33 -9.91 -10.61 -10.98
CA PRO A 33 -9.43 -11.40 -12.15
C PRO A 33 -9.76 -10.71 -13.48
N ASP A 34 -10.38 -9.56 -13.37
CA ASP A 34 -10.73 -8.74 -14.48
C ASP A 34 -9.54 -7.90 -14.90
N ASP A 35 -8.40 -8.09 -14.18
CA ASP A 35 -7.12 -7.36 -14.40
C ASP A 35 -7.35 -5.92 -13.95
N LEU A 36 -8.23 -5.80 -12.98
CA LEU A 36 -8.71 -4.59 -12.45
C LEU A 36 -8.34 -4.55 -10.97
N VAL A 37 -7.92 -3.41 -10.52
CA VAL A 37 -7.47 -3.23 -9.17
C VAL A 37 -8.33 -2.17 -8.47
N SER A 38 -8.64 -2.44 -7.22
CA SER A 38 -9.40 -1.54 -6.39
C SER A 38 -8.91 -1.68 -4.94
N GLY A 39 -8.86 -0.61 -4.19
CA GLY A 39 -8.38 -0.73 -2.84
C GLY A 39 -8.35 0.59 -2.13
N GLU A 40 -7.73 0.60 -0.98
CA GLU A 40 -7.67 1.77 -0.14
C GLU A 40 -6.40 1.76 0.70
N ILE A 41 -5.73 2.87 0.73
CA ILE A 41 -4.54 3.03 1.53
C ILE A 41 -4.84 4.10 2.56
N ILE A 42 -4.82 3.73 3.81
CA ILE A 42 -5.13 4.64 4.89
C ILE A 42 -3.90 4.86 5.73
N ALA A 43 -3.43 6.07 5.72
CA ALA A 43 -2.30 6.44 6.51
C ALA A 43 -2.80 7.29 7.63
N ALA A 44 -2.79 6.77 8.81
CA ALA A 44 -3.30 7.49 9.94
C ALA A 44 -2.23 7.66 10.96
N ALA A 45 -1.91 8.87 11.25
CA ALA A 45 -0.88 9.15 12.16
C ALA A 45 -1.45 9.74 13.41
N LYS A 46 -0.84 9.43 14.51
CA LYS A 46 -1.18 10.07 15.74
C LYS A 46 -0.45 11.39 15.65
N PRO A 47 -1.22 12.51 15.58
CA PRO A 47 -0.71 13.86 15.27
C PRO A 47 0.72 14.12 15.74
N LYS A 48 1.67 14.11 14.80
CA LYS A 48 3.07 14.33 15.14
C LYS A 48 3.36 15.81 15.21
N ASN A 49 2.58 16.57 14.49
CA ASN A 49 2.64 18.00 14.52
C ASN A 49 1.46 18.49 15.33
N SER A 50 1.72 19.36 16.27
CA SER A 50 0.72 19.87 17.18
C SER A 50 -0.35 20.70 16.45
N LYS A 51 0.03 21.29 15.33
CA LYS A 51 -0.91 22.09 14.55
C LYS A 51 -1.68 21.21 13.56
N ASP A 52 -1.25 19.97 13.46
CA ASP A 52 -1.74 19.12 12.42
C ASP A 52 -2.98 18.39 12.81
N THR A 53 -4.01 18.63 12.06
CA THR A 53 -5.25 17.97 12.24
C THR A 53 -5.66 17.24 10.95
N GLY A 54 -4.76 17.20 9.98
CA GLY A 54 -5.07 16.54 8.73
C GLY A 54 -3.98 16.70 7.68
N PRO A 55 -3.11 15.69 7.54
CA PRO A 55 -2.06 15.69 6.52
C PRO A 55 -2.61 15.31 5.15
N ALA A 56 -1.98 15.77 4.10
CA ALA A 56 -2.37 15.43 2.75
C ALA A 56 -1.28 14.59 2.09
N LEU A 57 -1.64 13.82 1.08
CA LEU A 57 -0.68 13.02 0.36
C LEU A 57 -0.10 13.83 -0.78
N ASP A 58 1.19 13.75 -0.93
CA ASP A 58 1.89 14.49 -1.94
C ASP A 58 2.14 13.63 -3.14
N GLY A 59 1.20 13.60 -4.03
CA GLY A 59 1.39 12.87 -5.24
C GLY A 59 0.40 13.31 -6.27
N ASP A 60 0.73 13.10 -7.50
CA ASP A 60 -0.13 13.46 -8.61
C ASP A 60 0.00 12.43 -9.70
N VAL A 61 -1.11 11.92 -10.16
CA VAL A 61 -1.15 10.89 -11.17
C VAL A 61 -2.22 11.23 -12.20
N PRO A 62 -2.01 10.86 -13.48
CA PRO A 62 -2.97 11.17 -14.59
C PRO A 62 -4.31 10.46 -14.45
N PHE A 63 -4.39 9.56 -13.50
CA PHE A 63 -5.58 8.82 -13.22
C PHE A 63 -6.15 9.24 -11.86
N SER A 64 -6.14 10.54 -11.62
CA SER A 64 -6.63 11.12 -10.36
C SER A 64 -8.10 10.74 -10.13
N GLN A 65 -8.86 10.65 -11.21
CA GLN A 65 -10.29 10.37 -11.15
C GLN A 65 -10.53 8.92 -10.74
N LYS A 66 -9.47 8.14 -10.71
CA LYS A 66 -9.55 6.77 -10.34
C LYS A 66 -9.10 6.60 -8.88
N VAL A 67 -8.42 7.60 -8.34
CA VAL A 67 -7.97 7.51 -6.98
C VAL A 67 -8.34 8.77 -6.20
N ALA A 68 -9.13 8.58 -5.21
CA ALA A 68 -9.63 9.65 -4.41
C ALA A 68 -8.77 9.78 -3.19
N VAL A 69 -8.05 10.84 -3.11
CA VAL A 69 -7.24 11.08 -1.96
C VAL A 69 -8.02 12.02 -1.05
N SER A 70 -8.11 11.67 0.19
CA SER A 70 -8.92 12.41 1.10
C SER A 70 -8.28 12.45 2.48
N ASN A 71 -8.88 13.22 3.34
CA ASN A 71 -8.47 13.41 4.71
C ASN A 71 -8.97 12.24 5.55
N TYR A 72 -8.16 11.81 6.47
CA TYR A 72 -8.55 10.78 7.37
C TYR A 72 -8.51 11.32 8.78
N ASP A 73 -9.63 11.29 9.45
CA ASP A 73 -9.74 11.74 10.83
C ASP A 73 -10.63 10.77 11.57
N SER A 74 -10.04 9.92 12.38
CA SER A 74 -10.81 8.94 13.10
C SER A 74 -9.99 8.33 14.22
N ASP A 75 -10.65 8.08 15.36
CA ASP A 75 -10.10 7.38 16.54
C ASP A 75 -8.97 8.18 17.22
N GLY A 76 -8.85 9.42 16.84
CA GLY A 76 -7.82 10.27 17.39
C GLY A 76 -6.63 10.37 16.48
N TYR A 77 -6.67 9.65 15.37
CA TYR A 77 -5.59 9.69 14.42
C TYR A 77 -5.99 10.59 13.29
N VAL A 78 -5.03 11.26 12.70
CA VAL A 78 -5.27 12.08 11.54
C VAL A 78 -4.29 11.66 10.47
N GLY A 79 -4.76 11.55 9.28
CA GLY A 79 -3.91 11.17 8.22
C GLY A 79 -4.53 11.41 6.89
N SER A 80 -4.09 10.65 5.94
CA SER A 80 -4.55 10.76 4.60
C SER A 80 -5.03 9.40 4.13
N GLN A 81 -6.00 9.39 3.28
CA GLN A 81 -6.44 8.15 2.72
C GLN A 81 -6.52 8.25 1.21
N ALA A 82 -5.98 7.28 0.56
CA ALA A 82 -6.08 7.21 -0.86
C ALA A 82 -6.96 6.04 -1.17
N VAL A 83 -8.09 6.33 -1.72
CA VAL A 83 -9.06 5.30 -2.04
C VAL A 83 -9.23 5.22 -3.53
N PHE A 84 -8.79 4.13 -4.11
CA PHE A 84 -8.76 4.02 -5.54
C PHE A 84 -9.61 2.86 -6.01
N SER A 85 -10.08 3.00 -7.21
CA SER A 85 -10.94 2.01 -7.79
C SER A 85 -10.93 2.16 -9.29
N ASP A 86 -11.28 1.08 -9.98
CA ASP A 86 -11.40 1.02 -11.43
C ASP A 86 -10.03 1.19 -12.09
N LEU A 87 -9.00 0.71 -11.41
CA LEU A 87 -7.67 0.77 -11.95
C LEU A 87 -7.32 -0.54 -12.60
N THR A 88 -6.30 -0.53 -13.38
CA THR A 88 -5.90 -1.65 -14.09
C THR A 88 -4.60 -2.22 -13.48
N PHE A 89 -4.31 -3.47 -13.76
CA PHE A 89 -3.08 -4.18 -13.34
C PHE A 89 -1.84 -3.35 -13.67
N ALA A 90 -1.83 -2.78 -14.87
CA ALA A 90 -0.73 -1.95 -15.33
C ALA A 90 -0.55 -0.70 -14.46
N GLU A 91 -1.65 -0.24 -13.90
CA GLU A 91 -1.68 0.97 -13.11
C GLU A 91 -1.25 0.71 -11.67
N LEU A 92 -1.23 -0.56 -11.28
CA LEU A 92 -0.84 -0.99 -9.93
C LEU A 92 0.58 -0.42 -9.55
N PRO A 93 1.67 -0.68 -10.34
CA PRO A 93 2.97 -0.09 -10.02
C PRO A 93 2.91 1.44 -10.08
N GLN A 94 2.13 1.95 -11.02
CA GLN A 94 1.97 3.37 -11.24
C GLN A 94 1.36 4.09 -10.02
N LEU A 95 0.42 3.43 -9.35
CA LEU A 95 -0.18 3.99 -8.16
C LEU A 95 0.79 3.88 -6.97
N ALA A 96 1.76 2.96 -7.11
CA ALA A 96 2.71 2.72 -6.05
C ALA A 96 3.74 3.83 -6.04
N ASN A 97 3.84 4.52 -7.16
CA ASN A 97 4.77 5.64 -7.31
C ASN A 97 4.41 6.73 -6.34
N MET A 98 3.16 7.20 -6.39
CA MET A 98 2.68 8.24 -5.49
C MET A 98 2.93 7.86 -4.04
N ASN A 99 2.49 6.66 -3.68
CA ASN A 99 2.66 6.16 -2.31
C ASN A 99 4.14 6.12 -1.94
N SER A 100 5.00 5.80 -2.93
CA SER A 100 6.41 5.64 -2.72
C SER A 100 6.98 6.91 -2.17
N ASP A 101 6.50 8.05 -2.72
CA ASP A 101 7.07 9.37 -2.43
C ASP A 101 6.91 9.71 -0.97
N ALA A 102 5.92 9.12 -0.34
CA ALA A 102 5.66 9.43 1.04
C ALA A 102 6.10 8.30 1.96
N ALA A 103 6.25 7.11 1.42
CA ALA A 103 6.45 5.95 2.26
C ALA A 103 7.86 5.41 2.26
N GLY A 104 8.47 5.35 1.09
CA GLY A 104 9.76 4.70 0.97
C GLY A 104 9.60 3.23 0.57
N VAL A 105 8.49 2.96 -0.09
CA VAL A 105 8.17 1.62 -0.54
C VAL A 105 8.28 1.56 -2.06
N ASN A 106 8.47 0.39 -2.59
CA ASN A 106 8.55 0.19 -4.04
C ASN A 106 7.88 -1.13 -4.38
N LEU A 107 6.96 -1.12 -5.32
CA LEU A 107 6.25 -2.34 -5.70
C LEU A 107 6.27 -2.51 -7.22
N SER A 108 6.66 -3.66 -7.67
CA SER A 108 6.69 -4.00 -9.07
C SER A 108 5.73 -5.18 -9.30
N LEU A 109 4.90 -5.11 -10.31
CA LEU A 109 3.96 -6.17 -10.59
C LEU A 109 4.01 -6.50 -12.07
N ARG A 110 4.26 -7.76 -12.38
CA ARG A 110 4.38 -8.16 -13.77
C ARG A 110 3.60 -9.45 -14.04
N ARG A 111 3.18 -9.60 -15.27
CA ARG A 111 2.46 -10.74 -15.73
C ARG A 111 3.39 -11.60 -16.60
N ASN A 112 3.55 -12.82 -16.22
CA ASN A 112 4.36 -13.78 -16.93
C ASN A 112 3.44 -14.91 -17.38
N GLY A 113 3.07 -14.89 -18.63
CA GLY A 113 2.11 -15.84 -19.11
C GLY A 113 0.75 -15.50 -18.55
N ASN A 114 0.16 -16.39 -17.81
CA ASN A 114 -1.10 -16.08 -17.16
C ASN A 114 -0.81 -15.89 -15.67
N ILE A 115 0.43 -16.08 -15.29
CA ILE A 115 0.76 -16.00 -13.92
C ILE A 115 1.36 -14.64 -13.62
N VAL A 116 1.16 -14.17 -12.47
CA VAL A 116 1.59 -12.86 -12.09
C VAL A 116 2.60 -12.93 -10.95
N ILE A 117 3.59 -12.07 -11.04
CA ILE A 117 4.60 -11.97 -10.04
C ILE A 117 4.59 -10.56 -9.46
N LEU A 118 4.67 -10.48 -8.18
CA LEU A 118 4.73 -9.22 -7.49
C LEU A 118 5.94 -9.21 -6.59
N GLU A 119 6.74 -8.19 -6.74
CA GLU A 119 7.90 -7.98 -5.89
C GLU A 119 7.85 -6.57 -5.35
N GLY A 120 7.85 -6.44 -4.06
CA GLY A 120 7.83 -5.17 -3.45
C GLY A 120 8.80 -5.12 -2.31
N ARG A 121 9.38 -3.98 -2.10
CA ARG A 121 10.35 -3.79 -1.05
C ARG A 121 10.13 -2.46 -0.39
N ALA A 122 10.34 -2.39 0.88
CA ALA A 122 10.17 -1.18 1.64
C ALA A 122 11.40 -0.93 2.45
N ASP A 123 12.06 0.16 2.20
CA ASP A 123 13.28 0.43 2.89
C ASP A 123 13.08 1.44 3.99
N LEU A 124 12.85 0.92 5.17
CA LEU A 124 12.73 1.73 6.36
C LEU A 124 13.85 1.29 7.30
N THR A 125 14.81 0.59 6.71
CA THR A 125 15.92 -0.04 7.39
C THR A 125 16.82 0.96 8.16
N SER A 126 16.90 2.18 7.66
CA SER A 126 17.70 3.21 8.29
C SER A 126 16.93 3.83 9.47
N VAL A 127 15.71 3.32 9.67
CA VAL A 127 14.79 3.76 10.68
C VAL A 127 14.32 5.18 10.40
N SER A 128 13.45 5.29 9.42
CA SER A 128 12.87 6.55 9.04
C SER A 128 12.06 7.09 10.23
N ASP A 129 11.33 6.19 10.84
CA ASP A 129 10.57 6.46 12.02
C ASP A 129 10.51 5.17 12.78
N PRO A 130 10.77 5.19 14.09
CA PRO A 130 10.82 3.96 14.89
C PRO A 130 9.45 3.34 15.19
N ASP A 131 8.39 4.10 15.09
CA ASP A 131 7.06 3.58 15.49
C ASP A 131 6.20 3.33 14.27
N ALA A 132 6.83 3.34 13.12
CA ALA A 132 6.13 3.15 11.87
C ALA A 132 5.68 1.71 11.74
N ASP A 133 4.44 1.53 11.43
CA ASP A 133 3.89 0.22 11.18
C ASP A 133 3.10 0.27 9.90
N VAL A 134 3.59 -0.38 8.88
CA VAL A 134 2.93 -0.33 7.60
C VAL A 134 2.35 -1.71 7.29
N GLU A 135 1.09 -1.77 6.98
CA GLU A 135 0.46 -3.03 6.68
C GLU A 135 0.09 -3.10 5.23
N LEU A 136 0.60 -4.06 4.52
CA LEU A 136 0.28 -4.20 3.12
C LEU A 136 -0.48 -5.50 2.94
N THR A 137 -1.71 -5.41 2.52
CA THR A 137 -2.57 -6.55 2.35
C THR A 137 -3.14 -6.58 0.94
N VAL A 138 -3.05 -7.72 0.29
CA VAL A 138 -3.54 -7.88 -1.07
C VAL A 138 -4.53 -9.04 -1.10
N ALA A 139 -5.72 -8.78 -1.61
CA ALA A 139 -6.72 -9.80 -1.75
C ALA A 139 -6.99 -10.03 -3.21
N PHE A 140 -6.98 -11.26 -3.60
CA PHE A 140 -7.25 -11.63 -4.97
C PHE A 140 -8.21 -12.78 -5.03
N PRO A 141 -9.35 -12.65 -5.71
CA PRO A 141 -10.33 -13.76 -5.90
C PRO A 141 -9.76 -14.87 -6.85
N ALA A 142 -8.55 -15.29 -6.60
CA ALA A 142 -7.90 -16.29 -7.40
C ALA A 142 -7.24 -17.34 -6.50
N ALA A 143 -5.90 -17.33 -6.43
CA ALA A 143 -5.14 -18.30 -5.66
C ALA A 143 -3.68 -17.95 -5.78
N VAL A 144 -3.01 -17.90 -4.66
CA VAL A 144 -1.61 -17.62 -4.65
C VAL A 144 -0.83 -18.91 -4.88
N THR A 145 0.07 -18.89 -5.83
CA THR A 145 0.85 -20.06 -6.14
C THR A 145 2.11 -20.10 -5.26
N SER A 146 2.69 -18.93 -5.00
CA SER A 146 3.86 -18.83 -4.16
C SER A 146 3.95 -17.41 -3.60
N THR A 147 4.18 -17.28 -2.35
CA THR A 147 4.31 -15.98 -1.76
C THR A 147 5.46 -15.99 -0.76
N ASN A 148 5.88 -14.83 -0.37
CA ASN A 148 6.84 -14.66 0.66
C ASN A 148 6.34 -13.53 1.48
N GLY A 149 5.62 -13.92 2.51
CA GLY A 149 5.00 -13.03 3.43
C GLY A 149 4.07 -13.81 4.32
N ASP A 150 2.99 -13.21 4.73
CA ASP A 150 2.08 -13.84 5.65
C ASP A 150 0.79 -14.13 4.94
N ARG A 151 0.62 -15.36 4.52
CA ARG A 151 -0.59 -15.75 3.85
C ARG A 151 -1.71 -15.96 4.85
N ILE A 152 -2.72 -15.13 4.76
CA ILE A 152 -3.86 -15.25 5.63
C ILE A 152 -4.76 -16.33 5.05
N GLU A 153 -5.00 -16.20 3.78
CA GLU A 153 -5.83 -17.10 3.03
C GLU A 153 -5.06 -17.48 1.79
N PRO A 154 -5.39 -18.59 1.13
CA PRO A 154 -4.75 -18.98 -0.13
C PRO A 154 -4.99 -17.95 -1.26
N GLU A 155 -5.92 -17.06 -1.05
CA GLU A 155 -6.18 -16.00 -1.99
C GLU A 155 -6.04 -14.58 -1.37
N VAL A 156 -5.55 -14.52 -0.14
CA VAL A 156 -5.33 -13.21 0.53
C VAL A 156 -4.03 -13.25 1.34
N VAL A 157 -3.11 -12.37 1.02
CA VAL A 157 -1.80 -12.38 1.67
C VAL A 157 -1.52 -10.99 2.26
N GLN A 158 -0.80 -10.95 3.36
CA GLN A 158 -0.48 -9.73 4.03
C GLN A 158 1.00 -9.69 4.38
N TRP A 159 1.53 -8.52 4.40
CA TRP A 159 2.88 -8.29 4.81
C TRP A 159 2.86 -7.17 5.80
N LYS A 160 3.55 -7.34 6.88
CA LYS A 160 3.65 -6.29 7.85
C LYS A 160 5.03 -5.69 7.79
N LEU A 161 5.06 -4.45 7.40
CA LEU A 161 6.26 -3.71 7.13
C LEU A 161 6.76 -3.04 8.38
N LYS A 162 8.00 -3.32 8.67
CA LYS A 162 8.68 -2.95 9.88
C LYS A 162 9.88 -2.05 9.59
N PRO A 163 10.21 -1.10 10.48
CA PRO A 163 11.41 -0.26 10.34
C PRO A 163 12.71 -1.03 10.71
N GLY A 164 13.84 -0.53 10.24
CA GLY A 164 15.16 -1.11 10.53
C GLY A 164 15.43 -2.40 9.81
N VAL A 165 14.42 -2.98 9.28
CA VAL A 165 14.53 -4.12 8.42
C VAL A 165 13.93 -3.76 7.08
N VAL A 166 14.48 -4.27 6.02
CA VAL A 166 13.90 -4.04 4.73
C VAL A 166 12.78 -5.04 4.53
N SER A 167 11.57 -4.55 4.55
CA SER A 167 10.44 -5.40 4.42
C SER A 167 10.29 -5.79 2.96
N THR A 168 10.13 -7.04 2.74
CA THR A 168 10.02 -7.57 1.43
C THR A 168 8.65 -8.17 1.22
N MET A 169 7.98 -7.75 0.22
CA MET A 169 6.68 -8.24 -0.11
C MET A 169 6.77 -9.01 -1.39
N SER A 170 6.50 -10.28 -1.38
CA SER A 170 6.50 -10.99 -2.63
C SER A 170 5.29 -11.90 -2.72
N ALA A 171 4.69 -11.91 -3.87
CA ALA A 171 3.50 -12.68 -4.10
C ALA A 171 3.48 -13.09 -5.52
N GLN A 172 3.16 -14.29 -5.76
CA GLN A 172 3.00 -14.79 -7.09
C GLN A 172 1.69 -15.54 -7.13
N ALA A 173 0.89 -15.24 -8.09
CA ALA A 173 -0.43 -15.83 -8.21
C ALA A 173 -0.84 -15.81 -9.66
N ARG A 174 -1.78 -16.63 -10.05
CA ARG A 174 -2.17 -16.64 -11.44
C ARG A 174 -3.37 -15.72 -11.63
N TYR A 175 -3.31 -14.79 -12.56
CA TYR A 175 -4.42 -13.86 -12.80
C TYR A 175 -4.71 -13.85 -14.25
N THR A 176 -5.96 -14.06 -14.57
CA THR A 176 -6.45 -14.11 -15.93
C THR A 176 -6.06 -12.87 -16.77
N ASP A 177 -5.08 -13.08 -17.65
CA ASP A 177 -4.50 -12.03 -18.52
C ASP A 177 -5.54 -11.44 -19.46
N PRO A 178 -5.53 -10.12 -19.66
CA PRO A 178 -6.47 -9.45 -20.55
C PRO A 178 -6.20 -9.67 -22.06
N ASN A 179 -4.92 -9.65 -22.47
CA ASN A 179 -4.59 -9.82 -23.87
C ASN A 179 -4.53 -11.29 -24.20
N THR A 180 -4.51 -12.08 -23.15
CA THR A 180 -4.60 -13.50 -23.14
C THR A 180 -3.32 -14.23 -23.43
N ARG A 181 -2.42 -14.11 -22.47
CA ARG A 181 -1.21 -14.84 -22.46
C ARG A 181 -1.38 -16.05 -21.57
N SER A 182 -0.61 -17.06 -21.83
CA SER A 182 -0.63 -18.29 -21.07
C SER A 182 0.71 -18.98 -21.30
N GLY A 12 11.87 31.61 27.88
CA GLY A 12 11.20 31.14 29.10
C GLY A 12 9.76 30.82 28.79
N ARG A 13 9.03 30.20 29.75
CA ARG A 13 7.58 29.86 29.59
C ARG A 13 7.33 28.90 28.44
N GLU A 14 8.38 28.29 27.98
CA GLU A 14 8.33 27.49 26.82
C GLU A 14 8.20 26.02 27.18
N ASN A 15 6.99 25.61 27.37
CA ASN A 15 6.69 24.24 27.67
C ASN A 15 5.82 23.71 26.56
N LEU A 16 6.44 23.08 25.61
CA LEU A 16 5.76 22.57 24.45
C LEU A 16 6.21 21.15 24.18
N TYR A 17 5.27 20.30 23.89
CA TYR A 17 5.52 18.90 23.58
C TYR A 17 4.64 18.47 22.45
N PHE A 18 5.23 17.91 21.43
CA PHE A 18 4.51 17.42 20.28
C PHE A 18 4.93 15.98 20.05
N GLN A 19 4.09 15.06 20.45
CA GLN A 19 4.44 13.67 20.41
C GLN A 19 3.59 12.90 19.39
N GLY A 20 4.19 12.51 18.28
CA GLY A 20 3.46 11.76 17.27
C GLY A 20 4.38 10.99 16.32
N HIS A 21 5.02 9.96 16.84
CA HIS A 21 5.88 9.09 16.03
C HIS A 21 5.26 7.72 15.90
N MET A 22 3.96 7.70 16.01
CA MET A 22 3.20 6.50 15.83
C MET A 22 2.50 6.64 14.50
N LEU A 23 3.02 5.98 13.51
CA LEU A 23 2.48 6.02 12.17
C LEU A 23 2.13 4.63 11.73
N ARG A 24 0.90 4.38 11.49
CA ARG A 24 0.52 3.10 11.03
C ARG A 24 0.09 3.24 9.60
N VAL A 25 0.71 2.48 8.75
CA VAL A 25 0.40 2.55 7.36
C VAL A 25 -0.35 1.31 6.99
N ARG A 26 -1.57 1.48 6.61
CA ARG A 26 -2.43 0.41 6.23
C ARG A 26 -2.71 0.55 4.75
N ALA A 27 -2.24 -0.36 3.98
CA ALA A 27 -2.50 -0.35 2.58
C ALA A 27 -3.18 -1.64 2.23
N SER A 28 -4.43 -1.56 1.92
CA SER A 28 -5.17 -2.74 1.61
C SER A 28 -5.76 -2.61 0.23
N ILE A 29 -5.32 -3.43 -0.67
CA ILE A 29 -5.77 -3.35 -2.02
C ILE A 29 -6.28 -4.69 -2.47
N THR A 30 -7.22 -4.67 -3.32
CA THR A 30 -7.80 -5.85 -3.83
C THR A 30 -7.79 -5.82 -5.36
N ILE A 31 -7.13 -6.78 -5.95
CA ILE A 31 -7.10 -6.91 -7.38
C ILE A 31 -8.02 -8.06 -7.77
N SER A 32 -8.92 -7.78 -8.62
CA SER A 32 -9.89 -8.74 -9.03
C SER A 32 -9.43 -9.43 -10.30
N PRO A 33 -9.86 -10.71 -10.54
CA PRO A 33 -9.51 -11.49 -11.76
C PRO A 33 -10.02 -10.84 -13.07
N ASP A 34 -10.62 -9.68 -12.94
CA ASP A 34 -11.13 -8.89 -14.04
C ASP A 34 -10.01 -8.08 -14.65
N ASP A 35 -8.83 -8.13 -13.98
CA ASP A 35 -7.64 -7.32 -14.29
C ASP A 35 -7.93 -5.88 -13.85
N LEU A 36 -8.78 -5.81 -12.84
CA LEU A 36 -9.19 -4.58 -12.22
C LEU A 36 -8.61 -4.50 -10.81
N VAL A 37 -8.03 -3.39 -10.48
CA VAL A 37 -7.43 -3.17 -9.18
C VAL A 37 -8.23 -2.09 -8.44
N SER A 38 -8.37 -2.25 -7.14
CA SER A 38 -9.10 -1.34 -6.30
C SER A 38 -8.45 -1.38 -4.92
N GLY A 39 -8.55 -0.34 -4.11
CA GLY A 39 -7.97 -0.44 -2.79
C GLY A 39 -7.94 0.86 -2.04
N GLU A 40 -7.32 0.80 -0.90
CA GLU A 40 -7.22 1.89 0.01
C GLU A 40 -5.79 1.97 0.53
N ILE A 41 -5.23 3.14 0.54
CA ILE A 41 -3.96 3.33 1.15
C ILE A 41 -4.18 4.35 2.23
N ILE A 42 -3.98 3.96 3.44
CA ILE A 42 -4.31 4.76 4.57
C ILE A 42 -3.08 4.88 5.47
N ALA A 43 -2.58 6.06 5.59
CA ALA A 43 -1.46 6.31 6.45
C ALA A 43 -1.94 7.14 7.60
N ALA A 44 -2.00 6.55 8.76
CA ALA A 44 -2.54 7.24 9.89
C ALA A 44 -1.53 7.37 10.99
N ALA A 45 -1.36 8.57 11.43
CA ALA A 45 -0.42 8.86 12.46
C ALA A 45 -1.15 9.45 13.64
N LYS A 46 -0.57 9.37 14.79
CA LYS A 46 -1.14 10.06 15.91
C LYS A 46 -0.64 11.48 15.85
N PRO A 47 -1.58 12.49 15.89
CA PRO A 47 -1.28 13.93 15.70
C PRO A 47 0.07 14.34 16.25
N LYS A 48 0.98 14.68 15.37
CA LYS A 48 2.34 14.95 15.74
C LYS A 48 2.58 16.41 16.04
N ASN A 49 1.60 17.22 15.81
CA ASN A 49 1.71 18.64 16.06
C ASN A 49 0.32 19.20 16.26
N SER A 50 0.22 20.34 16.89
CA SER A 50 -1.03 20.98 17.21
C SER A 50 -1.88 21.24 15.96
N LYS A 51 -1.23 21.71 14.91
CA LYS A 51 -1.90 22.01 13.66
C LYS A 51 -1.91 20.80 12.72
N ASP A 52 -1.32 19.72 13.15
CA ASP A 52 -1.27 18.49 12.35
C ASP A 52 -2.60 17.80 12.43
N THR A 53 -3.40 17.99 11.41
CA THR A 53 -4.73 17.47 11.37
C THR A 53 -4.93 16.46 10.25
N GLY A 54 -4.08 16.48 9.28
CA GLY A 54 -4.16 15.52 8.21
C GLY A 54 -3.18 15.81 7.11
N PRO A 55 -2.02 15.14 7.08
CA PRO A 55 -1.06 15.27 5.97
C PRO A 55 -1.72 14.94 4.62
N ALA A 56 -1.13 15.40 3.55
CA ALA A 56 -1.69 15.18 2.24
C ALA A 56 -0.81 14.24 1.43
N LEU A 57 -1.40 13.61 0.45
CA LEU A 57 -0.67 12.78 -0.46
C LEU A 57 -0.63 13.43 -1.80
N ASP A 58 0.49 13.36 -2.43
CA ASP A 58 0.71 13.97 -3.70
C ASP A 58 0.78 12.89 -4.72
N GLY A 59 -0.30 12.70 -5.38
CA GLY A 59 -0.38 11.66 -6.36
C GLY A 59 -0.46 12.19 -7.74
N ASP A 60 0.67 12.26 -8.39
CA ASP A 60 0.70 12.71 -9.78
C ASP A 60 0.46 11.52 -10.65
N VAL A 61 -0.78 11.25 -10.95
CA VAL A 61 -1.15 10.11 -11.74
C VAL A 61 -2.18 10.52 -12.78
N PRO A 62 -2.26 9.80 -13.91
CA PRO A 62 -3.27 10.09 -14.95
C PRO A 62 -4.69 9.72 -14.50
N PHE A 63 -4.78 8.74 -13.64
CA PHE A 63 -6.05 8.20 -13.17
C PHE A 63 -6.52 8.92 -11.91
N SER A 64 -6.29 10.21 -11.85
CA SER A 64 -6.57 11.05 -10.70
C SER A 64 -8.00 10.88 -10.15
N GLN A 65 -9.00 10.86 -11.03
CA GLN A 65 -10.39 10.82 -10.57
C GLN A 65 -10.74 9.45 -10.02
N LYS A 66 -9.87 8.48 -10.25
CA LYS A 66 -10.10 7.15 -9.76
C LYS A 66 -9.42 6.99 -8.45
N VAL A 67 -8.61 7.95 -8.07
CA VAL A 67 -8.05 7.90 -6.77
C VAL A 67 -8.56 9.09 -5.95
N ALA A 68 -9.22 8.77 -4.90
CA ALA A 68 -9.78 9.73 -4.01
C ALA A 68 -8.84 9.92 -2.85
N VAL A 69 -8.10 10.97 -2.88
CA VAL A 69 -7.15 11.23 -1.84
C VAL A 69 -7.81 12.22 -0.88
N SER A 70 -7.67 11.98 0.40
CA SER A 70 -8.30 12.78 1.38
C SER A 70 -7.50 12.67 2.68
N ASN A 71 -7.85 13.46 3.65
CA ASN A 71 -7.25 13.40 4.95
C ASN A 71 -7.93 12.32 5.75
N TYR A 72 -7.18 11.62 6.51
CA TYR A 72 -7.70 10.60 7.36
C TYR A 72 -7.85 11.16 8.75
N ASP A 73 -9.03 11.12 9.27
CA ASP A 73 -9.29 11.58 10.62
C ASP A 73 -10.25 10.61 11.29
N SER A 74 -9.71 9.72 12.09
CA SER A 74 -10.52 8.73 12.78
C SER A 74 -9.66 7.96 13.77
N ASP A 75 -10.28 7.50 14.87
CA ASP A 75 -9.66 6.62 15.88
C ASP A 75 -8.57 7.34 16.66
N GLY A 76 -8.59 8.66 16.59
CA GLY A 76 -7.58 9.46 17.26
C GLY A 76 -6.36 9.63 16.40
N TYR A 77 -6.39 9.08 15.22
CA TYR A 77 -5.31 9.17 14.29
C TYR A 77 -5.66 10.17 13.22
N VAL A 78 -4.67 10.86 12.75
CA VAL A 78 -4.80 11.74 11.63
C VAL A 78 -3.75 11.37 10.62
N GLY A 79 -4.12 11.33 9.41
CA GLY A 79 -3.18 10.98 8.40
C GLY A 79 -3.68 11.32 7.05
N SER A 80 -3.18 10.63 6.10
CA SER A 80 -3.57 10.80 4.74
C SER A 80 -4.05 9.49 4.18
N GLN A 81 -5.04 9.53 3.33
CA GLN A 81 -5.55 8.34 2.75
C GLN A 81 -5.85 8.53 1.29
N ALA A 82 -5.60 7.52 0.52
CA ALA A 82 -5.87 7.51 -0.88
C ALA A 82 -6.70 6.29 -1.18
N VAL A 83 -7.90 6.51 -1.59
CA VAL A 83 -8.81 5.41 -1.92
C VAL A 83 -8.94 5.34 -3.43
N PHE A 84 -8.50 4.28 -4.01
CA PHE A 84 -8.50 4.18 -5.45
C PHE A 84 -9.37 3.05 -5.91
N SER A 85 -9.85 3.16 -7.09
CA SER A 85 -10.70 2.15 -7.64
C SER A 85 -10.68 2.22 -9.13
N ASP A 86 -11.29 1.23 -9.78
CA ASP A 86 -11.53 1.23 -11.25
C ASP A 86 -10.22 1.23 -12.00
N LEU A 87 -9.20 0.65 -11.42
CA LEU A 87 -7.91 0.68 -12.03
C LEU A 87 -7.61 -0.61 -12.71
N THR A 88 -6.64 -0.60 -13.55
CA THR A 88 -6.24 -1.78 -14.24
C THR A 88 -4.85 -2.21 -13.77
N PHE A 89 -4.42 -3.38 -14.18
CA PHE A 89 -3.14 -3.98 -13.80
C PHE A 89 -1.97 -3.05 -14.12
N ALA A 90 -2.05 -2.35 -15.24
CA ALA A 90 -1.02 -1.41 -15.67
C ALA A 90 -0.94 -0.18 -14.75
N GLU A 91 -2.04 0.12 -14.11
CA GLU A 91 -2.14 1.31 -13.26
C GLU A 91 -1.65 1.03 -11.85
N LEU A 92 -1.54 -0.25 -11.49
CA LEU A 92 -1.09 -0.64 -10.16
C LEU A 92 0.38 -0.17 -9.90
N PRO A 93 1.37 -0.39 -10.83
CA PRO A 93 2.72 0.15 -10.64
C PRO A 93 2.69 1.68 -10.49
N GLN A 94 1.85 2.29 -11.30
CA GLN A 94 1.71 3.74 -11.34
C GLN A 94 1.26 4.31 -9.99
N LEU A 95 0.31 3.63 -9.36
CA LEU A 95 -0.18 4.07 -8.06
C LEU A 95 0.84 3.81 -6.98
N ALA A 96 1.79 2.90 -7.26
CA ALA A 96 2.80 2.56 -6.30
C ALA A 96 3.80 3.68 -6.21
N ASN A 97 3.92 4.44 -7.29
CA ASN A 97 4.78 5.61 -7.33
C ASN A 97 4.28 6.61 -6.33
N MET A 98 2.99 6.91 -6.42
CA MET A 98 2.31 7.82 -5.49
C MET A 98 2.55 7.35 -4.05
N ASN A 99 2.25 6.07 -3.82
CA ASN A 99 2.43 5.44 -2.51
C ASN A 99 3.88 5.60 -2.02
N SER A 100 4.85 5.58 -2.95
CA SER A 100 6.25 5.62 -2.62
C SER A 100 6.59 6.87 -1.85
N ASP A 101 5.89 7.97 -2.13
CA ASP A 101 6.23 9.28 -1.54
C ASP A 101 6.08 9.23 -0.02
N ALA A 102 5.23 8.35 0.45
CA ALA A 102 4.98 8.24 1.86
C ALA A 102 5.57 6.95 2.41
N ALA A 103 5.93 6.04 1.54
CA ALA A 103 6.31 4.72 1.97
C ALA A 103 7.80 4.47 1.88
N GLY A 104 8.40 4.88 0.77
CA GLY A 104 9.79 4.57 0.52
C GLY A 104 9.97 3.13 0.06
N VAL A 105 8.90 2.58 -0.47
CA VAL A 105 8.89 1.21 -0.94
C VAL A 105 8.97 1.17 -2.45
N ASN A 106 9.34 0.05 -3.00
CA ASN A 106 9.37 -0.13 -4.43
C ASN A 106 8.50 -1.29 -4.74
N LEU A 107 7.50 -1.09 -5.54
CA LEU A 107 6.57 -2.14 -5.88
C LEU A 107 6.54 -2.33 -7.37
N SER A 108 7.12 -3.41 -7.81
CA SER A 108 7.18 -3.72 -9.19
C SER A 108 6.39 -4.99 -9.46
N LEU A 109 5.69 -5.04 -10.54
CA LEU A 109 4.90 -6.20 -10.85
C LEU A 109 4.80 -6.37 -12.33
N ARG A 110 4.55 -7.58 -12.73
CA ARG A 110 4.46 -7.93 -14.12
C ARG A 110 3.63 -9.18 -14.23
N ARG A 111 3.13 -9.44 -15.40
CA ARG A 111 2.43 -10.63 -15.65
C ARG A 111 3.33 -11.50 -16.48
N ASN A 112 3.41 -12.72 -16.10
CA ASN A 112 4.24 -13.68 -16.77
C ASN A 112 3.33 -14.77 -17.27
N GLY A 113 3.02 -14.70 -18.52
CA GLY A 113 2.08 -15.60 -19.10
C GLY A 113 0.69 -15.33 -18.57
N ASN A 114 0.15 -16.25 -17.82
CA ASN A 114 -1.16 -16.10 -17.23
C ASN A 114 -1.04 -16.01 -15.69
N ILE A 115 0.16 -15.85 -15.21
CA ILE A 115 0.33 -15.69 -13.80
C ILE A 115 0.98 -14.34 -13.53
N VAL A 116 0.67 -13.76 -12.43
CA VAL A 116 1.17 -12.46 -12.11
C VAL A 116 2.23 -12.56 -11.03
N ILE A 117 3.30 -11.83 -11.21
CA ILE A 117 4.35 -11.77 -10.25
C ILE A 117 4.45 -10.35 -9.73
N LEU A 118 4.56 -10.22 -8.46
CA LEU A 118 4.73 -8.95 -7.83
C LEU A 118 5.92 -9.02 -6.92
N GLU A 119 6.81 -8.11 -7.11
CA GLU A 119 8.00 -8.03 -6.31
C GLU A 119 8.14 -6.62 -5.78
N GLY A 120 8.04 -6.52 -4.50
CA GLY A 120 8.21 -5.30 -3.84
C GLY A 120 9.35 -5.41 -2.91
N ARG A 121 10.13 -4.40 -2.83
CA ARG A 121 11.30 -4.42 -2.00
C ARG A 121 11.40 -3.05 -1.37
N ALA A 122 11.59 -3.01 -0.08
CA ALA A 122 11.53 -1.75 0.60
C ALA A 122 12.59 -1.62 1.65
N ASP A 123 13.07 -0.42 1.79
CA ASP A 123 14.01 -0.08 2.82
C ASP A 123 13.24 0.60 3.93
N LEU A 124 12.83 -0.18 4.91
CA LEU A 124 12.09 0.39 6.04
C LEU A 124 13.08 0.84 7.09
N THR A 125 14.32 0.64 6.78
CA THR A 125 15.44 0.98 7.62
C THR A 125 15.54 2.50 7.85
N SER A 126 14.94 3.25 6.94
CA SER A 126 14.97 4.70 6.99
C SER A 126 13.86 5.24 7.91
N VAL A 127 12.82 4.43 8.13
CA VAL A 127 11.69 4.85 8.95
C VAL A 127 12.15 4.95 10.40
N SER A 128 12.16 6.16 10.92
CA SER A 128 12.71 6.41 12.22
C SER A 128 11.62 6.56 13.29
N ASP A 129 10.39 6.22 12.92
CA ASP A 129 9.28 6.23 13.87
C ASP A 129 9.25 4.89 14.58
N PRO A 130 9.54 4.86 15.89
CA PRO A 130 9.64 3.60 16.65
C PRO A 130 8.29 2.90 16.83
N ASP A 131 7.21 3.64 16.67
CA ASP A 131 5.90 3.09 16.90
C ASP A 131 5.16 2.88 15.60
N ALA A 132 5.89 2.84 14.51
CA ALA A 132 5.29 2.70 13.21
C ALA A 132 5.23 1.24 12.76
N ASP A 133 4.15 0.86 12.13
CA ASP A 133 4.01 -0.46 11.48
C ASP A 133 3.43 -0.25 10.10
N VAL A 134 3.92 -0.97 9.13
CA VAL A 134 3.42 -0.85 7.76
C VAL A 134 2.75 -2.16 7.36
N GLU A 135 1.47 -2.12 7.15
CA GLU A 135 0.73 -3.30 6.81
C GLU A 135 0.21 -3.18 5.39
N LEU A 136 0.61 -4.10 4.56
CA LEU A 136 0.13 -4.18 3.21
C LEU A 136 -0.70 -5.42 3.07
N THR A 137 -1.92 -5.27 2.71
CA THR A 137 -2.81 -6.36 2.56
C THR A 137 -3.33 -6.37 1.13
N VAL A 138 -2.95 -7.36 0.37
CA VAL A 138 -3.42 -7.47 -0.97
C VAL A 138 -4.38 -8.65 -1.06
N ALA A 139 -5.60 -8.37 -1.46
CA ALA A 139 -6.57 -9.38 -1.60
C ALA A 139 -6.76 -9.65 -3.06
N PHE A 140 -6.65 -10.87 -3.42
CA PHE A 140 -6.82 -11.28 -4.76
C PHE A 140 -7.68 -12.50 -4.82
N PRO A 141 -8.96 -12.37 -5.20
CA PRO A 141 -9.92 -13.49 -5.34
C PRO A 141 -9.56 -14.42 -6.52
N ALA A 142 -8.30 -14.75 -6.65
CA ALA A 142 -7.83 -15.60 -7.68
C ALA A 142 -7.21 -16.84 -7.06
N ALA A 143 -5.92 -16.76 -6.70
CA ALA A 143 -5.16 -17.86 -6.10
C ALA A 143 -3.71 -17.48 -6.00
N VAL A 144 -3.19 -17.33 -4.79
CA VAL A 144 -1.78 -17.08 -4.64
C VAL A 144 -1.05 -18.39 -4.87
N THR A 145 -0.05 -18.37 -5.68
CA THR A 145 0.61 -19.59 -5.99
C THR A 145 1.95 -19.68 -5.25
N SER A 146 2.56 -18.54 -4.97
CA SER A 146 3.78 -18.46 -4.19
C SER A 146 3.89 -17.07 -3.64
N THR A 147 4.18 -16.93 -2.39
CA THR A 147 4.34 -15.63 -1.83
C THR A 147 5.53 -15.63 -0.86
N ASN A 148 6.00 -14.46 -0.55
CA ASN A 148 7.00 -14.25 0.44
C ASN A 148 6.47 -13.16 1.32
N GLY A 149 5.76 -13.57 2.35
CA GLY A 149 5.14 -12.67 3.27
C GLY A 149 4.26 -13.45 4.21
N ASP A 150 3.20 -12.85 4.65
CA ASP A 150 2.33 -13.50 5.62
C ASP A 150 0.97 -13.72 5.01
N ARG A 151 0.73 -14.93 4.56
CA ARG A 151 -0.50 -15.26 3.93
C ARG A 151 -1.62 -15.32 4.95
N ILE A 152 -2.70 -14.69 4.65
CA ILE A 152 -3.84 -14.69 5.53
C ILE A 152 -4.77 -15.77 5.04
N GLU A 153 -5.01 -15.71 3.76
CA GLU A 153 -5.87 -16.61 3.06
C GLU A 153 -5.11 -17.01 1.79
N PRO A 154 -5.54 -18.04 1.06
CA PRO A 154 -4.90 -18.41 -0.22
C PRO A 154 -5.23 -17.38 -1.32
N GLU A 155 -6.04 -16.42 -0.96
CA GLU A 155 -6.43 -15.36 -1.83
C GLU A 155 -6.25 -13.99 -1.16
N VAL A 156 -5.57 -13.95 -0.02
CA VAL A 156 -5.28 -12.69 0.69
C VAL A 156 -3.94 -12.82 1.39
N VAL A 157 -3.00 -11.98 1.05
CA VAL A 157 -1.68 -12.03 1.68
C VAL A 157 -1.36 -10.67 2.26
N GLN A 158 -0.64 -10.65 3.34
CA GLN A 158 -0.36 -9.45 4.04
C GLN A 158 1.10 -9.38 4.38
N TRP A 159 1.63 -8.21 4.30
CA TRP A 159 2.98 -7.95 4.62
C TRP A 159 3.02 -6.89 5.65
N LYS A 160 3.50 -7.25 6.79
CA LYS A 160 3.57 -6.34 7.89
C LYS A 160 5.01 -6.01 8.20
N LEU A 161 5.43 -4.89 7.69
CA LEU A 161 6.79 -4.46 7.70
C LEU A 161 7.05 -3.54 8.88
N LYS A 162 8.24 -3.61 9.40
CA LYS A 162 8.62 -2.82 10.53
C LYS A 162 9.75 -1.85 10.19
N PRO A 163 9.80 -0.70 10.87
CA PRO A 163 10.87 0.29 10.70
C PRO A 163 12.20 -0.25 11.17
N GLY A 164 13.28 0.33 10.66
CA GLY A 164 14.61 -0.05 11.10
C GLY A 164 15.11 -1.33 10.45
N VAL A 165 14.19 -2.18 10.09
CA VAL A 165 14.51 -3.44 9.46
C VAL A 165 14.20 -3.40 7.96
N VAL A 166 14.68 -4.38 7.23
CA VAL A 166 14.46 -4.42 5.80
C VAL A 166 13.59 -5.64 5.47
N SER A 167 12.71 -5.51 4.50
CA SER A 167 11.82 -6.59 4.13
C SER A 167 11.42 -6.46 2.66
N THR A 168 11.16 -7.58 2.04
CA THR A 168 10.74 -7.64 0.67
C THR A 168 9.37 -8.31 0.58
N MET A 169 8.44 -7.66 -0.05
CA MET A 169 7.10 -8.19 -0.20
C MET A 169 6.97 -8.83 -1.57
N SER A 170 6.64 -10.08 -1.64
CA SER A 170 6.51 -10.70 -2.93
C SER A 170 5.30 -11.61 -2.97
N ALA A 171 4.58 -11.56 -4.07
CA ALA A 171 3.41 -12.36 -4.25
C ALA A 171 3.29 -12.77 -5.68
N GLN A 172 3.12 -14.01 -5.91
CA GLN A 172 2.85 -14.50 -7.22
C GLN A 172 1.48 -15.13 -7.17
N ALA A 173 0.65 -14.78 -8.08
CA ALA A 173 -0.71 -15.30 -8.09
C ALA A 173 -1.11 -15.58 -9.51
N ARG A 174 -2.00 -16.49 -9.69
CA ARG A 174 -2.42 -16.87 -11.02
C ARG A 174 -3.62 -16.01 -11.42
N TYR A 175 -3.54 -15.34 -12.56
CA TYR A 175 -4.61 -14.46 -12.99
C TYR A 175 -5.09 -14.76 -14.35
N THR A 176 -6.36 -14.94 -14.44
CA THR A 176 -7.00 -15.19 -15.67
C THR A 176 -6.93 -13.93 -16.53
N ASP A 177 -6.06 -13.97 -17.53
CA ASP A 177 -5.83 -12.83 -18.41
C ASP A 177 -7.12 -12.45 -19.10
N PRO A 178 -7.45 -11.17 -19.11
CA PRO A 178 -8.67 -10.69 -19.72
C PRO A 178 -8.76 -10.92 -21.24
N ASN A 179 -7.69 -10.59 -21.96
CA ASN A 179 -7.66 -10.72 -23.40
C ASN A 179 -7.28 -12.12 -23.79
N THR A 180 -6.81 -12.88 -22.81
CA THR A 180 -6.48 -14.29 -22.90
C THR A 180 -5.22 -14.55 -23.70
N ARG A 181 -4.21 -13.78 -23.37
CA ARG A 181 -2.91 -13.94 -23.96
C ARG A 181 -2.25 -15.17 -23.38
N SER A 182 -1.42 -15.77 -24.14
CA SER A 182 -0.75 -16.93 -23.70
C SER A 182 0.69 -16.55 -23.48
N GLY A 12 -11.67 30.52 29.39
CA GLY A 12 -12.15 29.17 29.65
C GLY A 12 -11.25 28.14 29.02
N ARG A 13 -11.23 26.95 29.58
CA ARG A 13 -10.44 25.87 29.02
C ARG A 13 -11.16 25.24 27.84
N GLU A 14 -10.75 25.59 26.66
CA GLU A 14 -11.24 24.91 25.49
C GLU A 14 -10.34 23.72 25.31
N ASN A 15 -9.04 24.04 25.37
CA ASN A 15 -7.91 23.09 25.41
C ASN A 15 -8.11 21.86 24.54
N LEU A 16 -7.94 22.02 23.26
CA LEU A 16 -8.07 20.93 22.34
C LEU A 16 -6.78 20.13 22.34
N TYR A 17 -6.82 18.99 23.00
CA TYR A 17 -5.65 18.18 23.15
C TYR A 17 -5.50 17.18 22.02
N PHE A 18 -4.28 16.85 21.73
CA PHE A 18 -3.94 15.89 20.71
C PHE A 18 -2.97 14.91 21.29
N GLN A 19 -3.18 13.64 21.04
CA GLN A 19 -2.35 12.61 21.60
C GLN A 19 -2.30 11.40 20.66
N GLY A 20 -1.34 10.55 20.86
CA GLY A 20 -1.20 9.35 20.09
C GLY A 20 0.12 8.70 20.38
N HIS A 21 0.11 7.41 20.52
CA HIS A 21 1.32 6.71 20.91
C HIS A 21 2.05 6.08 19.72
N MET A 22 1.36 5.82 18.64
CA MET A 22 2.01 5.19 17.51
C MET A 22 1.41 5.63 16.18
N LEU A 23 2.01 5.17 15.11
CA LEU A 23 1.57 5.46 13.76
C LEU A 23 1.51 4.15 12.99
N ARG A 24 0.58 4.04 12.09
CA ARG A 24 0.38 2.81 11.31
C ARG A 24 0.08 3.15 9.88
N VAL A 25 0.66 2.40 8.97
CA VAL A 25 0.39 2.60 7.57
C VAL A 25 -0.03 1.26 6.94
N ARG A 26 -1.25 1.21 6.49
CA ARG A 26 -1.79 0.00 5.91
C ARG A 26 -2.31 0.26 4.52
N ALA A 27 -1.74 -0.41 3.58
CA ALA A 27 -2.15 -0.33 2.22
C ALA A 27 -2.82 -1.63 1.85
N SER A 28 -4.10 -1.60 1.68
CA SER A 28 -4.86 -2.77 1.36
C SER A 28 -5.51 -2.59 0.01
N ILE A 29 -5.13 -3.40 -0.93
CA ILE A 29 -5.63 -3.29 -2.28
C ILE A 29 -6.19 -4.64 -2.72
N THR A 30 -7.20 -4.61 -3.51
CA THR A 30 -7.81 -5.80 -4.00
C THR A 30 -7.81 -5.77 -5.53
N ILE A 31 -7.36 -6.85 -6.13
CA ILE A 31 -7.32 -6.93 -7.56
C ILE A 31 -8.30 -7.98 -8.06
N SER A 32 -9.22 -7.54 -8.85
CA SER A 32 -10.28 -8.35 -9.36
C SER A 32 -9.89 -8.98 -10.73
N PRO A 33 -10.56 -10.09 -11.13
CA PRO A 33 -10.27 -10.82 -12.41
C PRO A 33 -10.57 -10.01 -13.68
N ASP A 34 -11.00 -8.79 -13.49
CA ASP A 34 -11.31 -7.91 -14.60
C ASP A 34 -10.06 -7.13 -14.97
N ASP A 35 -8.98 -7.41 -14.22
CA ASP A 35 -7.68 -6.71 -14.30
C ASP A 35 -7.92 -5.34 -13.73
N LEU A 36 -8.87 -5.33 -12.83
CA LEU A 36 -9.35 -4.22 -12.17
C LEU A 36 -8.75 -4.18 -10.79
N VAL A 37 -8.12 -3.10 -10.48
CA VAL A 37 -7.49 -2.90 -9.23
C VAL A 37 -8.20 -1.77 -8.50
N SER A 38 -8.54 -2.01 -7.28
CA SER A 38 -9.17 -1.04 -6.43
C SER A 38 -8.68 -1.24 -5.00
N GLY A 39 -8.64 -0.20 -4.19
CA GLY A 39 -8.16 -0.37 -2.85
C GLY A 39 -8.03 0.93 -2.11
N GLU A 40 -7.32 0.88 -1.03
CA GLU A 40 -7.18 2.00 -0.14
C GLU A 40 -5.85 1.95 0.59
N ILE A 41 -5.17 3.06 0.63
CA ILE A 41 -3.92 3.17 1.33
C ILE A 41 -4.13 4.13 2.49
N ILE A 42 -4.00 3.65 3.69
CA ILE A 42 -4.20 4.45 4.87
C ILE A 42 -2.89 4.68 5.56
N ALA A 43 -2.49 5.90 5.63
CA ALA A 43 -1.33 6.27 6.36
C ALA A 43 -1.79 7.10 7.53
N ALA A 44 -1.71 6.55 8.70
CA ALA A 44 -2.23 7.22 9.86
C ALA A 44 -1.18 7.40 10.92
N ALA A 45 -1.00 8.61 11.32
CA ALA A 45 0.01 8.99 12.28
C ALA A 45 -0.63 9.76 13.41
N LYS A 46 0.01 9.83 14.54
CA LYS A 46 -0.53 10.63 15.60
C LYS A 46 -0.37 12.13 15.28
N PRO A 47 -1.42 12.95 15.59
CA PRO A 47 -1.49 14.38 15.26
C PRO A 47 -0.24 15.18 15.59
N LYS A 48 0.21 15.96 14.66
CA LYS A 48 1.41 16.76 14.84
C LYS A 48 1.07 18.09 15.54
N ASN A 49 0.18 18.84 14.94
CA ASN A 49 -0.16 20.19 15.40
C ASN A 49 -1.66 20.33 15.57
N SER A 50 -2.11 21.53 15.93
CA SER A 50 -3.53 21.80 16.11
C SER A 50 -4.26 21.86 14.76
N LYS A 51 -3.55 22.34 13.73
CA LYS A 51 -4.10 22.42 12.35
C LYS A 51 -4.13 21.04 11.76
N ASP A 52 -3.36 20.18 12.33
CA ASP A 52 -3.07 18.90 11.76
C ASP A 52 -4.16 17.93 12.06
N THR A 53 -5.04 17.82 11.10
CA THR A 53 -6.13 16.90 11.17
C THR A 53 -5.90 15.77 10.17
N GLY A 54 -4.79 15.88 9.47
CA GLY A 54 -4.40 14.87 8.55
C GLY A 54 -3.19 15.29 7.75
N PRO A 55 -1.97 14.86 8.08
CA PRO A 55 -0.81 15.08 7.21
C PRO A 55 -1.17 14.51 5.84
N ALA A 56 -1.01 15.31 4.82
CA ALA A 56 -1.58 14.99 3.53
C ALA A 56 -0.57 14.46 2.54
N LEU A 57 -1.06 13.64 1.63
CA LEU A 57 -0.25 13.08 0.58
C LEU A 57 -0.38 13.95 -0.65
N ASP A 58 0.65 13.97 -1.45
CA ASP A 58 0.62 14.68 -2.69
C ASP A 58 0.54 13.68 -3.80
N GLY A 59 -0.66 13.41 -4.21
CA GLY A 59 -0.92 12.46 -5.22
C GLY A 59 -0.94 13.10 -6.57
N ASP A 60 -0.08 12.67 -7.43
CA ASP A 60 0.01 13.18 -8.76
C ASP A 60 0.19 12.04 -9.72
N VAL A 61 -0.81 11.79 -10.52
CA VAL A 61 -0.80 10.74 -11.52
C VAL A 61 -1.65 11.20 -12.69
N PRO A 62 -1.59 10.54 -13.85
CA PRO A 62 -2.47 10.87 -14.96
C PRO A 62 -3.93 10.54 -14.63
N PHE A 63 -4.09 9.50 -13.83
CA PHE A 63 -5.40 8.98 -13.46
C PHE A 63 -5.88 9.49 -12.11
N SER A 64 -5.64 10.75 -11.81
CA SER A 64 -6.06 11.33 -10.53
C SER A 64 -7.58 11.16 -10.27
N GLN A 65 -8.38 11.07 -11.34
CA GLN A 65 -9.82 10.95 -11.21
C GLN A 65 -10.21 9.54 -10.74
N LYS A 66 -9.24 8.66 -10.70
CA LYS A 66 -9.45 7.30 -10.26
C LYS A 66 -9.00 7.14 -8.82
N VAL A 67 -8.27 8.12 -8.31
CA VAL A 67 -7.79 8.02 -6.95
C VAL A 67 -8.20 9.24 -6.12
N ALA A 68 -8.93 9.00 -5.08
CA ALA A 68 -9.38 10.04 -4.21
C ALA A 68 -8.51 10.07 -2.98
N VAL A 69 -7.74 11.10 -2.83
CA VAL A 69 -6.86 11.22 -1.71
C VAL A 69 -7.54 12.10 -0.67
N SER A 70 -7.61 11.62 0.54
CA SER A 70 -8.31 12.32 1.59
C SER A 70 -7.51 12.19 2.88
N ASN A 71 -7.92 12.88 3.92
CA ASN A 71 -7.28 12.71 5.19
C ASN A 71 -7.92 11.57 5.93
N TYR A 72 -7.15 10.92 6.72
CA TYR A 72 -7.62 9.89 7.57
C TYR A 72 -7.73 10.49 8.94
N ASP A 73 -8.89 10.46 9.48
CA ASP A 73 -9.14 11.00 10.78
C ASP A 73 -10.06 10.07 11.50
N SER A 74 -9.49 9.25 12.33
CA SER A 74 -10.21 8.23 13.06
C SER A 74 -9.24 7.59 14.03
N ASP A 75 -9.79 7.05 15.12
CA ASP A 75 -9.03 6.24 16.10
C ASP A 75 -7.98 7.06 16.84
N GLY A 76 -8.09 8.36 16.76
CA GLY A 76 -7.13 9.23 17.39
C GLY A 76 -5.98 9.55 16.47
N TYR A 77 -5.93 8.87 15.34
CA TYR A 77 -4.90 9.06 14.35
C TYR A 77 -5.34 10.08 13.34
N VAL A 78 -4.40 10.74 12.74
CA VAL A 78 -4.65 11.60 11.63
C VAL A 78 -3.60 11.33 10.57
N GLY A 79 -4.00 11.25 9.38
CA GLY A 79 -3.10 10.96 8.34
C GLY A 79 -3.74 11.17 7.04
N SER A 80 -3.27 10.49 6.08
CA SER A 80 -3.80 10.56 4.77
C SER A 80 -4.16 9.20 4.23
N GLN A 81 -5.18 9.16 3.44
CA GLN A 81 -5.63 7.94 2.87
C GLN A 81 -5.97 8.14 1.41
N ALA A 82 -5.42 7.31 0.59
CA ALA A 82 -5.68 7.35 -0.82
C ALA A 82 -6.58 6.21 -1.17
N VAL A 83 -7.75 6.52 -1.61
CA VAL A 83 -8.72 5.51 -1.97
C VAL A 83 -8.87 5.53 -3.47
N PHE A 84 -8.53 4.45 -4.11
CA PHE A 84 -8.55 4.40 -5.54
C PHE A 84 -9.41 3.27 -6.00
N SER A 85 -9.93 3.39 -7.19
CA SER A 85 -10.79 2.38 -7.75
C SER A 85 -10.79 2.48 -9.27
N ASP A 86 -11.19 1.39 -9.91
CA ASP A 86 -11.37 1.31 -11.39
C ASP A 86 -10.01 1.43 -12.10
N LEU A 87 -8.98 0.96 -11.44
CA LEU A 87 -7.68 1.01 -12.01
C LEU A 87 -7.33 -0.29 -12.68
N THR A 88 -6.36 -0.24 -13.54
CA THR A 88 -5.95 -1.34 -14.29
C THR A 88 -4.62 -1.87 -13.73
N PHE A 89 -4.22 -3.08 -14.15
CA PHE A 89 -2.96 -3.74 -13.71
C PHE A 89 -1.77 -2.80 -13.87
N ALA A 90 -1.68 -2.19 -15.04
CA ALA A 90 -0.61 -1.27 -15.40
C ALA A 90 -0.58 -0.03 -14.50
N GLU A 91 -1.72 0.30 -13.93
CA GLU A 91 -1.85 1.48 -13.13
C GLU A 91 -1.48 1.23 -11.68
N LEU A 92 -1.44 -0.05 -11.29
CA LEU A 92 -1.10 -0.41 -9.91
C LEU A 92 0.35 0.03 -9.55
N PRO A 93 1.41 -0.29 -10.34
CA PRO A 93 2.75 0.21 -10.05
C PRO A 93 2.81 1.72 -10.20
N GLN A 94 2.04 2.23 -11.14
CA GLN A 94 2.02 3.61 -11.44
C GLN A 94 1.48 4.43 -10.24
N LEU A 95 0.52 3.88 -9.51
CA LEU A 95 0.01 4.53 -8.31
C LEU A 95 0.98 4.33 -7.15
N ALA A 96 1.85 3.33 -7.29
CA ALA A 96 2.78 2.98 -6.24
C ALA A 96 3.85 4.02 -6.14
N ASN A 97 4.10 4.75 -7.24
CA ASN A 97 5.05 5.84 -7.25
C ASN A 97 4.68 6.85 -6.18
N MET A 98 3.39 7.25 -6.17
CA MET A 98 2.87 8.21 -5.18
C MET A 98 3.17 7.72 -3.79
N ASN A 99 2.79 6.47 -3.54
CA ASN A 99 2.99 5.81 -2.25
C ASN A 99 4.47 5.81 -1.86
N SER A 100 5.36 5.68 -2.85
CA SER A 100 6.77 5.56 -2.60
C SER A 100 7.29 6.80 -1.91
N ASP A 101 6.64 7.95 -2.20
CA ASP A 101 7.07 9.25 -1.70
C ASP A 101 7.06 9.27 -0.19
N ALA A 102 6.14 8.52 0.38
CA ALA A 102 5.99 8.52 1.81
C ALA A 102 6.52 7.24 2.41
N ALA A 103 6.79 6.25 1.58
CA ALA A 103 7.13 4.92 2.08
C ALA A 103 8.61 4.57 1.93
N GLY A 104 9.15 4.81 0.75
CA GLY A 104 10.51 4.40 0.46
C GLY A 104 10.59 2.97 -0.04
N VAL A 105 9.50 2.51 -0.63
CA VAL A 105 9.40 1.12 -1.08
C VAL A 105 9.44 1.01 -2.61
N ASN A 106 9.84 -0.15 -3.10
CA ASN A 106 9.90 -0.43 -4.55
C ASN A 106 9.08 -1.67 -4.85
N LEU A 107 8.13 -1.57 -5.75
CA LEU A 107 7.31 -2.72 -6.15
C LEU A 107 7.50 -3.04 -7.62
N SER A 108 7.49 -4.31 -7.95
CA SER A 108 7.61 -4.78 -9.29
C SER A 108 6.48 -5.78 -9.58
N LEU A 109 5.55 -5.38 -10.40
CA LEU A 109 4.40 -6.23 -10.73
C LEU A 109 4.35 -6.51 -12.23
N ARG A 110 4.34 -7.79 -12.59
CA ARG A 110 4.29 -8.23 -14.01
C ARG A 110 3.32 -9.40 -14.16
N ARG A 111 2.67 -9.49 -15.30
CA ARG A 111 1.81 -10.59 -15.61
C ARG A 111 2.58 -11.50 -16.54
N ASN A 112 2.50 -12.78 -16.33
CA ASN A 112 3.17 -13.73 -17.17
C ASN A 112 2.17 -14.76 -17.63
N GLY A 113 1.54 -14.49 -18.74
CA GLY A 113 0.54 -15.36 -19.26
C GLY A 113 -0.70 -15.33 -18.40
N ASN A 114 -0.98 -16.43 -17.75
CA ASN A 114 -2.14 -16.53 -16.89
C ASN A 114 -1.71 -16.29 -15.44
N ILE A 115 -0.41 -16.34 -15.20
CA ILE A 115 0.07 -16.20 -13.88
C ILE A 115 0.64 -14.80 -13.66
N VAL A 116 0.56 -14.31 -12.48
CA VAL A 116 1.04 -12.99 -12.17
C VAL A 116 2.16 -13.07 -11.14
N ILE A 117 3.18 -12.27 -11.35
CA ILE A 117 4.29 -12.22 -10.44
C ILE A 117 4.44 -10.81 -9.88
N LEU A 118 4.53 -10.75 -8.61
CA LEU A 118 4.68 -9.53 -7.90
C LEU A 118 5.84 -9.65 -6.96
N GLU A 119 6.64 -8.66 -6.91
CA GLU A 119 7.65 -8.59 -5.90
C GLU A 119 7.81 -7.18 -5.46
N GLY A 120 8.47 -7.00 -4.38
CA GLY A 120 8.76 -5.71 -3.90
C GLY A 120 9.88 -5.78 -2.92
N ARG A 121 10.50 -4.69 -2.71
CA ARG A 121 11.60 -4.60 -1.78
C ARG A 121 11.37 -3.36 -0.99
N ALA A 122 11.34 -3.50 0.29
CA ALA A 122 11.01 -2.41 1.15
C ALA A 122 11.95 -2.29 2.30
N ASP A 123 12.63 -1.20 2.36
CA ASP A 123 13.40 -0.90 3.50
C ASP A 123 12.68 0.23 4.17
N LEU A 124 12.52 0.14 5.42
CA LEU A 124 11.86 1.17 6.14
C LEU A 124 12.82 1.78 7.13
N THR A 125 14.09 1.80 6.76
CA THR A 125 15.11 2.28 7.66
C THR A 125 15.04 3.80 7.79
N SER A 126 14.47 4.45 6.78
CA SER A 126 14.31 5.90 6.78
C SER A 126 13.18 6.33 7.72
N VAL A 127 12.39 5.38 8.19
CA VAL A 127 11.34 5.64 9.13
C VAL A 127 11.99 5.79 10.49
N SER A 128 11.98 6.99 11.00
CA SER A 128 12.64 7.31 12.25
C SER A 128 11.71 7.09 13.45
N ASP A 129 10.81 6.16 13.32
CA ASP A 129 9.89 5.85 14.39
C ASP A 129 9.78 4.35 14.56
N PRO A 130 10.14 3.83 15.74
CA PRO A 130 10.05 2.40 16.02
C PRO A 130 8.61 1.95 16.25
N ASP A 131 7.75 2.88 16.58
CA ASP A 131 6.35 2.60 16.89
C ASP A 131 5.49 2.61 15.65
N ALA A 132 6.12 2.49 14.51
CA ALA A 132 5.43 2.44 13.26
C ALA A 132 5.26 1.00 12.83
N ASP A 133 4.16 0.70 12.21
CA ASP A 133 3.90 -0.64 11.68
C ASP A 133 3.38 -0.49 10.26
N VAL A 134 3.97 -1.24 9.34
CA VAL A 134 3.63 -1.11 7.93
C VAL A 134 2.95 -2.38 7.45
N GLU A 135 1.79 -2.27 6.86
CA GLU A 135 1.08 -3.43 6.37
C GLU A 135 0.66 -3.26 4.92
N LEU A 136 1.09 -4.14 4.08
CA LEU A 136 0.69 -4.16 2.70
C LEU A 136 -0.17 -5.40 2.52
N THR A 137 -1.39 -5.23 2.12
CA THR A 137 -2.31 -6.34 1.96
C THR A 137 -2.90 -6.35 0.56
N VAL A 138 -2.87 -7.50 -0.09
CA VAL A 138 -3.44 -7.65 -1.42
C VAL A 138 -4.46 -8.78 -1.40
N ALA A 139 -5.66 -8.49 -1.85
CA ALA A 139 -6.70 -9.48 -1.92
C ALA A 139 -7.02 -9.77 -3.38
N PHE A 140 -6.99 -11.01 -3.74
CA PHE A 140 -7.31 -11.45 -5.09
C PHE A 140 -8.23 -12.64 -5.09
N PRO A 141 -9.39 -12.55 -5.75
CA PRO A 141 -10.35 -13.68 -5.90
C PRO A 141 -9.81 -14.85 -6.79
N ALA A 142 -8.56 -15.19 -6.64
CA ALA A 142 -7.99 -16.27 -7.40
C ALA A 142 -7.35 -17.31 -6.49
N ALA A 143 -6.01 -17.25 -6.35
CA ALA A 143 -5.26 -18.18 -5.53
C ALA A 143 -3.80 -17.85 -5.64
N VAL A 144 -3.16 -17.75 -4.52
CA VAL A 144 -1.74 -17.50 -4.48
C VAL A 144 -1.00 -18.80 -4.67
N THR A 145 -0.03 -18.81 -5.53
CA THR A 145 0.71 -19.99 -5.80
C THR A 145 1.95 -20.03 -4.92
N SER A 146 2.62 -18.89 -4.80
CA SER A 146 3.82 -18.79 -3.99
C SER A 146 3.91 -17.39 -3.45
N THR A 147 4.14 -17.23 -2.19
CA THR A 147 4.33 -15.92 -1.65
C THR A 147 5.41 -15.92 -0.58
N ASN A 148 6.06 -14.79 -0.42
CA ASN A 148 6.99 -14.60 0.67
C ASN A 148 6.43 -13.46 1.45
N GLY A 149 5.62 -13.81 2.41
CA GLY A 149 4.94 -12.89 3.25
C GLY A 149 4.01 -13.67 4.10
N ASP A 150 3.01 -13.05 4.64
CA ASP A 150 2.10 -13.74 5.52
C ASP A 150 0.75 -13.83 4.87
N ARG A 151 0.44 -14.99 4.36
CA ARG A 151 -0.82 -15.19 3.72
C ARG A 151 -1.91 -15.33 4.77
N ILE A 152 -2.87 -14.47 4.68
CA ILE A 152 -4.00 -14.49 5.60
C ILE A 152 -4.95 -15.56 5.10
N GLU A 153 -5.10 -15.57 3.80
CA GLU A 153 -5.93 -16.50 3.09
C GLU A 153 -5.16 -16.97 1.89
N PRO A 154 -5.59 -18.04 1.21
CA PRO A 154 -4.93 -18.51 -0.03
C PRO A 154 -5.18 -17.54 -1.18
N GLU A 155 -6.00 -16.55 -0.91
CA GLU A 155 -6.35 -15.56 -1.89
C GLU A 155 -6.12 -14.12 -1.34
N VAL A 156 -5.55 -14.02 -0.15
CA VAL A 156 -5.26 -12.72 0.47
C VAL A 156 -3.93 -12.81 1.18
N VAL A 157 -3.00 -11.99 0.79
CA VAL A 157 -1.66 -12.03 1.37
C VAL A 157 -1.31 -10.67 1.95
N GLN A 158 -0.57 -10.66 3.02
CA GLN A 158 -0.24 -9.47 3.71
C GLN A 158 1.23 -9.47 4.10
N TRP A 159 1.83 -8.35 4.01
CA TRP A 159 3.18 -8.17 4.38
C TRP A 159 3.26 -7.18 5.49
N LYS A 160 3.65 -7.66 6.62
CA LYS A 160 3.82 -6.84 7.77
C LYS A 160 5.27 -6.41 7.86
N LEU A 161 5.50 -5.23 7.40
CA LEU A 161 6.81 -4.67 7.25
C LEU A 161 7.12 -3.78 8.44
N LYS A 162 8.36 -3.74 8.80
CA LYS A 162 8.79 -3.03 9.97
C LYS A 162 9.73 -1.90 9.64
N PRO A 163 9.66 -0.83 10.43
CA PRO A 163 10.57 0.30 10.28
C PRO A 163 11.95 -0.07 10.78
N GLY A 164 12.95 0.66 10.35
CA GLY A 164 14.30 0.41 10.80
C GLY A 164 14.97 -0.76 10.09
N VAL A 165 14.18 -1.70 9.63
CA VAL A 165 14.69 -2.89 8.98
C VAL A 165 14.36 -2.92 7.48
N VAL A 166 14.98 -3.86 6.77
CA VAL A 166 14.71 -4.07 5.36
C VAL A 166 14.05 -5.44 5.15
N SER A 167 13.11 -5.50 4.22
CA SER A 167 12.37 -6.70 3.97
C SER A 167 11.94 -6.81 2.51
N THR A 168 12.01 -7.99 1.97
CA THR A 168 11.55 -8.27 0.65
C THR A 168 10.13 -8.84 0.72
N MET A 169 9.30 -8.40 -0.17
CA MET A 169 7.94 -8.87 -0.24
C MET A 169 7.74 -9.52 -1.60
N SER A 170 7.15 -10.69 -1.63
CA SER A 170 6.96 -11.34 -2.91
C SER A 170 5.63 -12.09 -2.96
N ALA A 171 5.05 -12.16 -4.14
CA ALA A 171 3.77 -12.79 -4.33
C ALA A 171 3.64 -13.25 -5.75
N GLN A 172 3.27 -14.45 -5.90
CA GLN A 172 3.02 -15.01 -7.20
C GLN A 172 1.70 -15.72 -7.11
N ALA A 173 0.85 -15.47 -8.05
CA ALA A 173 -0.47 -16.02 -8.04
C ALA A 173 -0.98 -16.03 -9.43
N ARG A 174 -1.82 -16.95 -9.77
CA ARG A 174 -2.32 -16.96 -11.10
C ARG A 174 -3.66 -16.22 -11.06
N TYR A 175 -3.95 -15.39 -12.03
CA TYR A 175 -5.21 -14.64 -12.00
C TYR A 175 -5.99 -14.96 -13.21
N THR A 176 -7.26 -14.86 -13.10
CA THR A 176 -8.13 -15.04 -14.22
C THR A 176 -8.10 -13.80 -15.11
N ASP A 177 -7.13 -13.78 -16.01
CA ASP A 177 -6.91 -12.72 -16.97
C ASP A 177 -8.14 -12.50 -17.82
N PRO A 178 -8.54 -11.25 -18.03
CA PRO A 178 -9.72 -10.94 -18.83
C PRO A 178 -9.50 -11.20 -20.32
N ASN A 179 -8.26 -11.10 -20.77
CA ASN A 179 -7.91 -11.31 -22.16
C ASN A 179 -7.75 -12.80 -22.40
N THR A 180 -7.51 -13.48 -21.31
CA THR A 180 -7.24 -14.89 -21.21
C THR A 180 -5.89 -15.24 -21.80
N ARG A 181 -4.90 -14.50 -21.37
CA ARG A 181 -3.53 -14.77 -21.71
C ARG A 181 -3.10 -16.01 -20.95
N SER A 182 -2.19 -16.74 -21.50
CA SER A 182 -1.73 -17.98 -20.93
C SER A 182 -0.30 -18.20 -21.40
N GLY A 12 -4.95 14.49 21.90
CA GLY A 12 -5.53 15.76 22.30
C GLY A 12 -4.47 16.83 22.39
N ARG A 13 -4.45 17.55 23.49
CA ARG A 13 -3.46 18.58 23.69
C ARG A 13 -2.16 17.89 24.12
N GLU A 14 -1.26 17.71 23.16
CA GLU A 14 0.05 17.09 23.37
C GLU A 14 -0.11 15.63 23.88
N ASN A 15 0.97 14.99 24.20
CA ASN A 15 0.94 13.66 24.77
C ASN A 15 1.63 13.74 26.07
N LEU A 16 0.97 13.38 27.12
CA LEU A 16 1.56 13.44 28.43
C LEU A 16 2.20 12.10 28.72
N TYR A 17 3.36 11.92 28.11
CA TYR A 17 4.17 10.71 28.16
C TYR A 17 3.53 9.60 27.29
N PHE A 18 4.36 8.63 26.87
CA PHE A 18 3.93 7.52 26.00
C PHE A 18 3.59 7.95 24.58
N GLN A 19 4.57 7.83 23.71
CA GLN A 19 4.35 8.06 22.31
C GLN A 19 3.95 6.76 21.68
N GLY A 20 2.68 6.48 21.68
CA GLY A 20 2.19 5.27 21.11
C GLY A 20 1.17 5.57 20.09
N HIS A 21 1.01 4.65 19.14
CA HIS A 21 0.08 4.77 18.03
C HIS A 21 0.58 5.82 17.07
N MET A 22 1.88 5.92 16.95
CA MET A 22 2.44 6.94 16.15
C MET A 22 2.88 6.43 14.77
N LEU A 23 2.01 6.73 13.80
CA LEU A 23 2.26 6.47 12.37
C LEU A 23 2.13 5.00 12.00
N ARG A 24 1.00 4.67 11.45
CA ARG A 24 0.74 3.35 10.94
C ARG A 24 0.17 3.47 9.57
N VAL A 25 0.76 2.76 8.65
CA VAL A 25 0.33 2.79 7.28
C VAL A 25 -0.22 1.43 6.92
N ARG A 26 -1.47 1.38 6.59
CA ARG A 26 -2.11 0.16 6.24
C ARG A 26 -2.70 0.28 4.87
N ALA A 27 -2.16 -0.48 3.98
CA ALA A 27 -2.61 -0.48 2.63
C ALA A 27 -3.24 -1.81 2.35
N SER A 28 -4.43 -1.78 1.86
CA SER A 28 -5.14 -2.97 1.54
C SER A 28 -5.71 -2.79 0.16
N ILE A 29 -5.25 -3.59 -0.76
CA ILE A 29 -5.69 -3.48 -2.11
C ILE A 29 -6.22 -4.80 -2.57
N THR A 30 -7.21 -4.77 -3.39
CA THR A 30 -7.81 -5.95 -3.87
C THR A 30 -7.84 -5.95 -5.40
N ILE A 31 -7.30 -6.98 -5.97
CA ILE A 31 -7.25 -7.11 -7.39
C ILE A 31 -8.13 -8.27 -7.85
N SER A 32 -9.20 -7.92 -8.50
CA SER A 32 -10.18 -8.84 -8.96
C SER A 32 -9.66 -9.57 -10.23
N PRO A 33 -10.22 -10.78 -10.56
CA PRO A 33 -9.80 -11.56 -11.75
C PRO A 33 -10.11 -10.85 -13.09
N ASP A 34 -10.69 -9.68 -12.99
CA ASP A 34 -11.02 -8.86 -14.11
C ASP A 34 -9.85 -7.96 -14.47
N ASP A 35 -8.74 -8.13 -13.74
CA ASP A 35 -7.50 -7.32 -13.87
C ASP A 35 -7.84 -5.92 -13.40
N LEU A 36 -8.77 -5.88 -12.51
CA LEU A 36 -9.27 -4.70 -11.99
C LEU A 36 -8.76 -4.57 -10.58
N VAL A 37 -8.12 -3.49 -10.32
CA VAL A 37 -7.56 -3.24 -9.04
C VAL A 37 -8.34 -2.13 -8.37
N SER A 38 -8.63 -2.32 -7.14
CA SER A 38 -9.32 -1.36 -6.33
C SER A 38 -8.69 -1.47 -4.94
N GLY A 39 -8.74 -0.44 -4.13
CA GLY A 39 -8.19 -0.59 -2.81
C GLY A 39 -8.09 0.68 -2.05
N GLU A 40 -7.44 0.61 -0.92
CA GLU A 40 -7.33 1.71 -0.01
C GLU A 40 -5.93 1.73 0.60
N ILE A 41 -5.35 2.88 0.65
CA ILE A 41 -4.09 3.05 1.30
C ILE A 41 -4.29 4.08 2.38
N ILE A 42 -4.12 3.69 3.62
CA ILE A 42 -4.30 4.60 4.71
C ILE A 42 -2.99 4.81 5.44
N ALA A 43 -2.49 6.00 5.38
CA ALA A 43 -1.31 6.35 6.09
C ALA A 43 -1.75 7.28 7.19
N ALA A 44 -1.73 6.82 8.40
CA ALA A 44 -2.24 7.60 9.47
C ALA A 44 -1.18 7.83 10.52
N ALA A 45 -0.97 9.07 10.83
CA ALA A 45 0.02 9.46 11.78
C ALA A 45 -0.65 10.01 13.00
N LYS A 46 0.00 9.96 14.11
CA LYS A 46 -0.58 10.55 15.28
C LYS A 46 -0.06 11.96 15.30
N PRO A 47 -0.99 12.97 15.27
CA PRO A 47 -0.66 14.40 15.13
C PRO A 47 0.67 14.81 15.76
N LYS A 48 1.64 15.09 14.91
CA LYS A 48 2.97 15.44 15.37
C LYS A 48 3.17 16.93 15.34
N ASN A 49 2.73 17.56 14.28
CA ASN A 49 2.87 18.99 14.14
C ASN A 49 1.67 19.64 14.78
N SER A 50 1.78 20.88 15.16
CA SER A 50 0.65 21.59 15.74
C SER A 50 -0.34 21.95 14.63
N LYS A 51 0.16 21.98 13.40
CA LYS A 51 -0.63 22.33 12.23
C LYS A 51 -1.45 21.13 11.76
N ASP A 52 -1.07 19.96 12.28
CA ASP A 52 -1.60 18.71 11.82
C ASP A 52 -3.03 18.52 12.17
N THR A 53 -3.86 18.84 11.23
CA THR A 53 -5.27 18.62 11.34
C THR A 53 -5.68 17.56 10.31
N GLY A 54 -4.89 17.49 9.25
CA GLY A 54 -5.12 16.55 8.23
C GLY A 54 -4.17 16.71 7.06
N PRO A 55 -3.08 15.94 6.99
CA PRO A 55 -2.13 15.99 5.88
C PRO A 55 -2.75 15.41 4.58
N ALA A 56 -2.19 15.77 3.46
CA ALA A 56 -2.66 15.32 2.17
C ALA A 56 -1.51 14.69 1.40
N LEU A 57 -1.83 13.81 0.48
CA LEU A 57 -0.84 13.19 -0.36
C LEU A 57 -0.85 13.86 -1.71
N ASP A 58 0.26 13.81 -2.37
CA ASP A 58 0.39 14.42 -3.66
C ASP A 58 0.11 13.34 -4.67
N GLY A 59 -1.14 13.21 -4.98
CA GLY A 59 -1.56 12.19 -5.86
C GLY A 59 -2.15 12.70 -7.12
N ASP A 60 -1.45 13.60 -7.76
CA ASP A 60 -1.90 14.08 -9.04
C ASP A 60 -1.29 13.23 -10.10
N VAL A 61 -2.04 12.28 -10.51
CA VAL A 61 -1.66 11.32 -11.48
C VAL A 61 -2.66 11.39 -12.62
N PRO A 62 -2.35 10.86 -13.79
CA PRO A 62 -3.28 10.83 -14.93
C PRO A 62 -4.61 10.12 -14.60
N PHE A 63 -4.60 9.31 -13.56
CA PHE A 63 -5.78 8.58 -13.14
C PHE A 63 -6.31 9.07 -11.79
N SER A 64 -6.10 10.36 -11.47
CA SER A 64 -6.59 10.93 -10.20
C SER A 64 -8.10 10.76 -10.02
N GLN A 65 -8.82 10.69 -11.13
CA GLN A 65 -10.26 10.54 -11.11
C GLN A 65 -10.64 9.14 -10.63
N LYS A 66 -9.66 8.27 -10.54
CA LYS A 66 -9.89 6.95 -10.08
C LYS A 66 -9.35 6.75 -8.70
N VAL A 67 -8.61 7.71 -8.20
CA VAL A 67 -8.11 7.60 -6.87
C VAL A 67 -8.56 8.78 -6.02
N ALA A 68 -9.30 8.46 -5.00
CA ALA A 68 -9.82 9.44 -4.11
C ALA A 68 -8.92 9.55 -2.92
N VAL A 69 -8.14 10.57 -2.89
CA VAL A 69 -7.24 10.80 -1.81
C VAL A 69 -7.90 11.81 -0.87
N SER A 70 -7.85 11.54 0.39
CA SER A 70 -8.47 12.38 1.36
C SER A 70 -7.73 12.35 2.68
N ASN A 71 -8.13 13.23 3.57
CA ASN A 71 -7.60 13.27 4.91
C ASN A 71 -8.22 12.16 5.71
N TYR A 72 -7.41 11.45 6.41
CA TYR A 72 -7.86 10.41 7.28
C TYR A 72 -7.79 10.95 8.68
N ASP A 73 -8.89 10.98 9.34
CA ASP A 73 -8.96 11.47 10.68
C ASP A 73 -9.85 10.57 11.49
N SER A 74 -9.24 9.69 12.22
CA SER A 74 -9.96 8.71 12.98
C SER A 74 -9.00 8.04 13.92
N ASP A 75 -9.51 7.61 15.07
CA ASP A 75 -8.77 6.78 16.05
C ASP A 75 -7.66 7.57 16.74
N GLY A 76 -7.72 8.88 16.59
CA GLY A 76 -6.73 9.74 17.16
C GLY A 76 -5.61 10.03 16.17
N TYR A 77 -5.73 9.48 14.99
CA TYR A 77 -4.74 9.67 13.96
C TYR A 77 -5.22 10.68 12.94
N VAL A 78 -4.29 11.36 12.33
CA VAL A 78 -4.55 12.17 11.18
C VAL A 78 -3.54 11.79 10.12
N GLY A 79 -3.99 11.65 8.93
CA GLY A 79 -3.10 11.27 7.89
C GLY A 79 -3.78 11.35 6.57
N SER A 80 -3.30 10.61 5.66
CA SER A 80 -3.84 10.66 4.34
C SER A 80 -4.24 9.28 3.88
N GLN A 81 -5.29 9.21 3.13
CA GLN A 81 -5.75 7.98 2.59
C GLN A 81 -6.00 8.13 1.13
N ALA A 82 -5.62 7.15 0.38
CA ALA A 82 -5.88 7.11 -1.01
C ALA A 82 -6.73 5.90 -1.29
N VAL A 83 -7.92 6.12 -1.71
CA VAL A 83 -8.84 5.04 -2.01
C VAL A 83 -9.08 5.04 -3.51
N PHE A 84 -8.63 4.00 -4.16
CA PHE A 84 -8.67 3.96 -5.60
C PHE A 84 -9.60 2.88 -6.09
N SER A 85 -10.01 3.03 -7.32
CA SER A 85 -10.96 2.14 -7.92
C SER A 85 -10.83 2.18 -9.44
N ASP A 86 -11.25 1.10 -10.09
CA ASP A 86 -11.30 0.97 -11.60
C ASP A 86 -9.92 0.97 -12.21
N LEU A 87 -8.96 0.50 -11.50
CA LEU A 87 -7.63 0.51 -12.05
C LEU A 87 -7.31 -0.82 -12.65
N THR A 88 -6.28 -0.87 -13.41
CA THR A 88 -5.93 -2.12 -14.05
C THR A 88 -4.47 -2.44 -13.68
N PHE A 89 -3.96 -3.57 -14.16
CA PHE A 89 -2.59 -4.06 -13.88
C PHE A 89 -1.52 -2.96 -14.06
N ALA A 90 -1.75 -2.10 -15.04
CA ALA A 90 -0.82 -1.05 -15.39
C ALA A 90 -0.80 0.09 -14.38
N GLU A 91 -1.88 0.28 -13.65
CA GLU A 91 -1.92 1.38 -12.70
C GLU A 91 -1.45 0.99 -11.33
N LEU A 92 -1.42 -0.30 -11.06
CA LEU A 92 -1.03 -0.80 -9.74
C LEU A 92 0.40 -0.31 -9.33
N PRO A 93 1.45 -0.47 -10.18
CA PRO A 93 2.77 0.07 -9.83
C PRO A 93 2.78 1.62 -9.86
N GLN A 94 1.94 2.17 -10.72
CA GLN A 94 1.88 3.58 -10.95
C GLN A 94 1.31 4.32 -9.72
N LEU A 95 0.41 3.67 -9.00
CA LEU A 95 -0.13 4.23 -7.79
C LEU A 95 0.88 4.14 -6.65
N ALA A 96 1.86 3.25 -6.82
CA ALA A 96 2.87 3.03 -5.81
C ALA A 96 3.81 4.21 -5.76
N ASN A 97 3.80 5.01 -6.81
CA ASN A 97 4.63 6.21 -6.89
C ASN A 97 4.19 7.21 -5.83
N MET A 98 2.90 7.59 -5.85
CA MET A 98 2.30 8.52 -4.84
C MET A 98 2.56 7.93 -3.45
N ASN A 99 2.16 6.67 -3.36
CA ASN A 99 2.23 5.86 -2.14
C ASN A 99 3.63 5.85 -1.54
N SER A 100 4.67 6.03 -2.37
CA SER A 100 6.02 5.99 -1.87
C SER A 100 6.21 6.95 -0.72
N ASP A 101 5.70 8.18 -0.88
CA ASP A 101 5.94 9.23 0.13
C ASP A 101 5.22 8.98 1.43
N ALA A 102 4.31 8.05 1.43
CA ALA A 102 3.58 7.72 2.62
C ALA A 102 4.07 6.42 3.21
N ALA A 103 4.58 5.55 2.35
CA ALA A 103 4.90 4.21 2.78
C ALA A 103 6.38 3.96 2.93
N GLY A 104 7.14 4.36 1.92
CA GLY A 104 8.53 4.03 1.86
C GLY A 104 8.74 2.67 1.21
N VAL A 105 7.76 2.23 0.44
CA VAL A 105 7.81 0.92 -0.18
C VAL A 105 7.77 1.06 -1.70
N ASN A 106 8.29 0.06 -2.37
CA ASN A 106 8.28 0.00 -3.83
C ASN A 106 7.67 -1.31 -4.24
N LEU A 107 6.89 -1.31 -5.28
CA LEU A 107 6.24 -2.50 -5.78
C LEU A 107 6.52 -2.63 -7.26
N SER A 108 7.15 -3.70 -7.66
CA SER A 108 7.43 -3.98 -9.05
C SER A 108 6.72 -5.28 -9.42
N LEU A 109 6.07 -5.32 -10.56
CA LEU A 109 5.34 -6.50 -10.95
C LEU A 109 5.36 -6.73 -12.45
N ARG A 110 5.14 -7.95 -12.82
CA ARG A 110 5.10 -8.37 -14.22
C ARG A 110 4.08 -9.47 -14.45
N ARG A 111 3.52 -9.52 -15.63
CA ARG A 111 2.60 -10.53 -16.01
C ARG A 111 3.40 -11.59 -16.74
N ASN A 112 3.60 -12.69 -16.10
CA ASN A 112 4.39 -13.78 -16.62
C ASN A 112 3.45 -14.78 -17.23
N GLY A 113 3.17 -14.60 -18.50
CA GLY A 113 2.23 -15.44 -19.18
C GLY A 113 0.83 -15.10 -18.76
N ASN A 114 0.33 -15.86 -17.82
CA ASN A 114 -1.01 -15.68 -17.29
C ASN A 114 -0.93 -15.51 -15.75
N ILE A 115 0.25 -15.60 -15.23
CA ILE A 115 0.39 -15.47 -13.82
C ILE A 115 1.18 -14.22 -13.52
N VAL A 116 0.92 -13.60 -12.44
CA VAL A 116 1.57 -12.38 -12.10
C VAL A 116 2.62 -12.62 -11.07
N ILE A 117 3.77 -12.08 -11.33
CA ILE A 117 4.83 -12.12 -10.39
C ILE A 117 4.98 -10.72 -9.84
N LEU A 118 5.03 -10.63 -8.58
CA LEU A 118 5.16 -9.37 -7.92
C LEU A 118 6.33 -9.43 -6.96
N GLU A 119 7.17 -8.44 -7.03
CA GLU A 119 8.27 -8.31 -6.12
C GLU A 119 8.30 -6.88 -5.60
N GLY A 120 8.08 -6.74 -4.34
CA GLY A 120 8.06 -5.45 -3.73
C GLY A 120 9.13 -5.37 -2.71
N ARG A 121 9.55 -4.18 -2.37
CA ARG A 121 10.60 -4.00 -1.39
C ARG A 121 10.27 -2.84 -0.48
N ALA A 122 10.31 -3.08 0.80
CA ALA A 122 10.03 -2.07 1.79
C ALA A 122 11.29 -1.78 2.56
N ASP A 123 11.85 -0.64 2.35
CA ASP A 123 13.05 -0.27 3.04
C ASP A 123 12.70 0.81 4.04
N LEU A 124 12.51 0.41 5.26
CA LEU A 124 12.24 1.34 6.33
C LEU A 124 13.37 1.26 7.34
N THR A 125 14.55 0.90 6.85
CA THR A 125 15.69 0.70 7.71
C THR A 125 16.16 1.98 8.41
N SER A 126 15.90 3.12 7.78
CA SER A 126 16.29 4.41 8.34
C SER A 126 15.38 4.80 9.53
N VAL A 127 14.27 4.06 9.69
CA VAL A 127 13.36 4.19 10.81
C VAL A 127 12.58 5.51 10.81
N SER A 128 11.32 5.44 10.40
CA SER A 128 10.44 6.60 10.47
C SER A 128 10.17 6.88 11.95
N ASP A 129 9.84 5.83 12.69
CA ASP A 129 9.66 5.85 14.14
C ASP A 129 9.52 4.40 14.59
N PRO A 130 10.11 4.01 15.74
CA PRO A 130 10.00 2.63 16.26
C PRO A 130 8.56 2.16 16.56
N ASP A 131 7.62 3.07 16.73
CA ASP A 131 6.23 2.67 17.04
C ASP A 131 5.39 2.57 15.76
N ALA A 132 6.05 2.78 14.64
CA ALA A 132 5.40 2.74 13.36
C ALA A 132 5.22 1.31 12.87
N ASP A 133 4.09 1.05 12.25
CA ASP A 133 3.75 -0.24 11.66
C ASP A 133 3.24 0.00 10.28
N VAL A 134 3.67 -0.80 9.34
CA VAL A 134 3.15 -0.70 8.00
C VAL A 134 2.67 -2.08 7.54
N GLU A 135 1.40 -2.19 7.25
CA GLU A 135 0.84 -3.43 6.77
C GLU A 135 0.47 -3.28 5.30
N LEU A 136 1.01 -4.14 4.46
CA LEU A 136 0.67 -4.12 3.05
C LEU A 136 -0.12 -5.41 2.79
N THR A 137 -1.39 -5.24 2.49
CA THR A 137 -2.29 -6.36 2.29
C THR A 137 -2.84 -6.35 0.85
N VAL A 138 -2.83 -7.50 0.23
CA VAL A 138 -3.34 -7.66 -1.12
C VAL A 138 -4.36 -8.80 -1.13
N ALA A 139 -5.57 -8.52 -1.56
CA ALA A 139 -6.60 -9.52 -1.65
C ALA A 139 -6.93 -9.77 -3.10
N PHE A 140 -6.90 -10.99 -3.51
CA PHE A 140 -7.23 -11.37 -4.85
C PHE A 140 -8.13 -12.57 -4.89
N PRO A 141 -9.35 -12.45 -5.43
CA PRO A 141 -10.29 -13.59 -5.58
C PRO A 141 -9.81 -14.58 -6.67
N ALA A 142 -8.52 -14.85 -6.71
CA ALA A 142 -7.95 -15.73 -7.69
C ALA A 142 -7.32 -16.93 -6.99
N ALA A 143 -5.99 -16.84 -6.72
CA ALA A 143 -5.24 -17.93 -6.08
C ALA A 143 -3.77 -17.58 -6.05
N VAL A 144 -3.19 -17.52 -4.87
CA VAL A 144 -1.76 -17.31 -4.76
C VAL A 144 -1.05 -18.65 -4.91
N THR A 145 -0.12 -18.72 -5.82
CA THR A 145 0.54 -19.96 -6.06
C THR A 145 1.85 -20.04 -5.27
N SER A 146 2.51 -18.91 -5.08
CA SER A 146 3.72 -18.83 -4.28
C SER A 146 3.85 -17.42 -3.76
N THR A 147 4.11 -17.29 -2.51
CA THR A 147 4.34 -16.00 -1.93
C THR A 147 5.48 -16.07 -0.91
N ASN A 148 6.09 -14.97 -0.63
CA ASN A 148 7.02 -14.86 0.45
C ASN A 148 6.55 -13.70 1.25
N GLY A 149 5.83 -14.03 2.29
CA GLY A 149 5.23 -13.08 3.16
C GLY A 149 4.30 -13.82 4.07
N ASP A 150 3.23 -13.19 4.46
CA ASP A 150 2.29 -13.82 5.36
C ASP A 150 0.98 -14.02 4.66
N ARG A 151 0.74 -15.22 4.18
CA ARG A 151 -0.49 -15.50 3.55
C ARG A 151 -1.56 -15.75 4.58
N ILE A 152 -2.51 -14.88 4.63
CA ILE A 152 -3.59 -14.98 5.58
C ILE A 152 -4.57 -15.99 5.04
N GLU A 153 -4.70 -15.97 3.74
CA GLU A 153 -5.55 -16.88 3.02
C GLU A 153 -4.83 -17.22 1.72
N PRO A 154 -5.27 -18.25 0.98
CA PRO A 154 -4.68 -18.59 -0.33
C PRO A 154 -5.08 -17.56 -1.40
N GLU A 155 -5.86 -16.59 -1.00
CA GLU A 155 -6.30 -15.55 -1.88
C GLU A 155 -6.04 -14.16 -1.27
N VAL A 156 -5.38 -14.13 -0.12
CA VAL A 156 -5.08 -12.88 0.59
C VAL A 156 -3.72 -12.97 1.26
N VAL A 157 -2.82 -12.09 0.92
CA VAL A 157 -1.49 -12.10 1.49
C VAL A 157 -1.18 -10.74 2.07
N GLN A 158 -0.45 -10.71 3.15
CA GLN A 158 -0.10 -9.49 3.81
C GLN A 158 1.37 -9.54 4.16
N TRP A 159 1.99 -8.41 4.12
CA TRP A 159 3.36 -8.28 4.50
C TRP A 159 3.45 -7.27 5.61
N LYS A 160 4.00 -7.71 6.71
CA LYS A 160 4.15 -6.90 7.86
C LYS A 160 5.48 -6.17 7.74
N LEU A 161 5.41 -4.91 7.53
CA LEU A 161 6.58 -4.10 7.31
C LEU A 161 6.94 -3.33 8.58
N LYS A 162 8.15 -3.50 9.00
CA LYS A 162 8.68 -2.89 10.20
C LYS A 162 9.85 -1.96 9.85
N PRO A 163 10.07 -0.88 10.63
CA PRO A 163 11.24 -0.04 10.47
C PRO A 163 12.51 -0.75 10.96
N GLY A 164 13.65 -0.30 10.50
CA GLY A 164 14.92 -0.89 10.91
C GLY A 164 15.26 -2.11 10.09
N VAL A 165 14.25 -2.85 9.73
CA VAL A 165 14.40 -4.03 8.94
C VAL A 165 13.94 -3.77 7.52
N VAL A 166 14.45 -4.52 6.59
CA VAL A 166 14.03 -4.43 5.22
C VAL A 166 13.31 -5.71 4.82
N SER A 167 12.05 -5.57 4.51
CA SER A 167 11.22 -6.70 4.18
C SER A 167 10.76 -6.56 2.72
N THR A 168 10.65 -7.64 2.03
CA THR A 168 10.25 -7.62 0.67
C THR A 168 8.91 -8.33 0.49
N MET A 169 8.18 -7.93 -0.50
CA MET A 169 6.92 -8.56 -0.81
C MET A 169 7.15 -9.46 -1.97
N SER A 170 6.97 -10.71 -1.81
CA SER A 170 7.05 -11.57 -2.96
C SER A 170 5.72 -12.26 -3.09
N ALA A 171 5.17 -12.22 -4.26
CA ALA A 171 3.87 -12.78 -4.49
C ALA A 171 3.77 -13.19 -5.90
N GLN A 172 3.32 -14.36 -6.10
CA GLN A 172 3.05 -14.84 -7.42
C GLN A 172 1.69 -15.48 -7.39
N ALA A 173 0.87 -15.10 -8.31
CA ALA A 173 -0.50 -15.58 -8.34
C ALA A 173 -1.00 -15.61 -9.75
N ARG A 174 -1.96 -16.44 -10.02
CA ARG A 174 -2.47 -16.55 -11.38
C ARG A 174 -3.57 -15.51 -11.56
N TYR A 175 -3.46 -14.65 -12.56
CA TYR A 175 -4.50 -13.64 -12.77
C TYR A 175 -4.90 -13.64 -14.19
N THR A 176 -6.13 -13.84 -14.43
CA THR A 176 -6.67 -13.83 -15.74
C THR A 176 -6.48 -12.47 -16.40
N ASP A 177 -5.65 -12.46 -17.44
CA ASP A 177 -5.38 -11.29 -18.25
C ASP A 177 -6.67 -10.71 -18.77
N PRO A 178 -6.74 -9.38 -18.91
CA PRO A 178 -7.98 -8.68 -19.33
C PRO A 178 -8.43 -9.12 -20.72
N ASN A 179 -7.44 -9.43 -21.55
CA ASN A 179 -7.65 -9.87 -22.90
C ASN A 179 -7.92 -11.37 -22.96
N THR A 180 -7.72 -12.04 -21.81
CA THR A 180 -7.94 -13.48 -21.62
C THR A 180 -7.29 -14.37 -22.69
N ARG A 181 -6.11 -14.84 -22.39
CA ARG A 181 -5.38 -15.63 -23.34
C ARG A 181 -5.04 -17.00 -22.78
N SER A 182 -4.95 -17.94 -23.66
CA SER A 182 -4.57 -19.28 -23.34
C SER A 182 -3.16 -19.49 -23.82
N GLY A 12 11.03 31.82 1.61
CA GLY A 12 10.92 31.11 0.35
C GLY A 12 9.93 30.00 0.45
N ARG A 13 10.15 28.94 -0.30
CA ARG A 13 9.29 27.77 -0.26
C ARG A 13 9.72 26.95 0.93
N GLU A 14 9.00 27.06 2.01
CA GLU A 14 9.41 26.45 3.23
C GLU A 14 8.26 25.81 3.99
N ASN A 15 8.32 24.50 4.04
CA ASN A 15 7.42 23.64 4.77
C ASN A 15 8.09 22.28 4.75
N LEU A 16 7.76 21.42 5.67
CA LEU A 16 8.39 20.12 5.69
C LEU A 16 7.43 19.13 6.34
N TYR A 17 7.24 19.27 7.65
CA TYR A 17 6.42 18.36 8.48
C TYR A 17 7.05 16.96 8.55
N PHE A 18 7.53 16.59 9.71
CA PHE A 18 8.22 15.32 9.88
C PHE A 18 7.92 14.70 11.24
N GLN A 19 8.08 13.37 11.31
CA GLN A 19 7.89 12.56 12.53
C GLN A 19 6.42 12.36 12.89
N GLY A 20 6.07 11.15 13.18
CA GLY A 20 4.71 10.84 13.53
C GLY A 20 4.62 9.93 14.73
N HIS A 21 5.77 9.34 15.11
CA HIS A 21 5.91 8.40 16.23
C HIS A 21 5.21 7.09 15.82
N MET A 22 3.90 7.13 15.82
CA MET A 22 3.09 6.05 15.33
C MET A 22 2.52 6.43 14.00
N LEU A 23 3.24 6.17 12.97
CA LEU A 23 2.71 6.37 11.67
C LEU A 23 2.39 5.02 11.10
N ARG A 24 1.18 4.85 10.74
CA ARG A 24 0.76 3.61 10.21
C ARG A 24 0.37 3.80 8.79
N VAL A 25 0.98 3.03 7.95
CA VAL A 25 0.68 3.08 6.57
C VAL A 25 0.13 1.74 6.19
N ARG A 26 -1.11 1.70 5.82
CA ARG A 26 -1.73 0.48 5.42
C ARG A 26 -2.08 0.57 3.98
N ALA A 27 -1.46 -0.20 3.19
CA ALA A 27 -1.79 -0.23 1.81
C ALA A 27 -2.50 -1.52 1.56
N SER A 28 -3.77 -1.44 1.34
CA SER A 28 -4.55 -2.60 1.09
C SER A 28 -5.16 -2.51 -0.29
N ILE A 29 -4.79 -3.37 -1.17
CA ILE A 29 -5.31 -3.33 -2.51
C ILE A 29 -5.96 -4.65 -2.85
N THR A 30 -6.98 -4.58 -3.64
CA THR A 30 -7.73 -5.72 -4.04
C THR A 30 -7.74 -5.78 -5.56
N ILE A 31 -7.26 -6.85 -6.11
CA ILE A 31 -7.18 -7.00 -7.54
C ILE A 31 -8.07 -8.15 -8.01
N SER A 32 -9.01 -7.82 -8.81
CA SER A 32 -9.95 -8.74 -9.35
C SER A 32 -9.37 -9.35 -10.65
N PRO A 33 -9.71 -10.62 -10.97
CA PRO A 33 -9.22 -11.35 -12.19
C PRO A 33 -9.65 -10.68 -13.52
N ASP A 34 -10.33 -9.55 -13.40
CA ASP A 34 -10.84 -8.78 -14.53
C ASP A 34 -9.77 -7.75 -14.94
N ASP A 35 -8.63 -7.82 -14.21
CA ASP A 35 -7.46 -6.91 -14.35
C ASP A 35 -7.87 -5.59 -13.77
N LEU A 36 -8.76 -5.68 -12.83
CA LEU A 36 -9.28 -4.56 -12.18
C LEU A 36 -8.66 -4.49 -10.81
N VAL A 37 -8.07 -3.39 -10.53
CA VAL A 37 -7.42 -3.16 -9.29
C VAL A 37 -8.14 -2.04 -8.57
N SER A 38 -8.35 -2.24 -7.32
CA SER A 38 -9.01 -1.32 -6.46
C SER A 38 -8.27 -1.36 -5.14
N GLY A 39 -8.39 -0.39 -4.29
CA GLY A 39 -7.66 -0.48 -3.06
C GLY A 39 -7.65 0.78 -2.27
N GLU A 40 -6.79 0.84 -1.31
CA GLU A 40 -6.69 1.93 -0.39
C GLU A 40 -5.30 1.99 0.23
N ILE A 41 -4.72 3.14 0.27
CA ILE A 41 -3.50 3.32 1.01
C ILE A 41 -3.81 4.32 2.08
N ILE A 42 -3.73 3.89 3.30
CA ILE A 42 -4.09 4.70 4.43
C ILE A 42 -2.84 5.10 5.15
N ALA A 43 -2.60 6.36 5.28
CA ALA A 43 -1.45 6.83 6.03
C ALA A 43 -1.96 7.60 7.22
N ALA A 44 -1.81 7.04 8.39
CA ALA A 44 -2.32 7.66 9.59
C ALA A 44 -1.23 7.81 10.61
N ALA A 45 -1.03 9.01 11.03
CA ALA A 45 0.02 9.36 11.95
C ALA A 45 -0.54 10.02 13.19
N LYS A 46 0.21 9.99 14.29
CA LYS A 46 -0.16 10.76 15.46
C LYS A 46 -0.07 12.25 15.10
N PRO A 47 -1.05 13.08 15.51
CA PRO A 47 -1.04 14.52 15.22
C PRO A 47 0.24 15.17 15.72
N LYS A 48 1.06 15.62 14.80
CA LYS A 48 2.36 16.13 15.16
C LYS A 48 2.27 17.59 15.57
N ASN A 49 1.28 18.28 15.09
CA ASN A 49 1.09 19.69 15.43
C ASN A 49 -0.33 19.93 15.89
N SER A 50 -0.60 21.12 16.37
CA SER A 50 -1.88 21.50 16.90
C SER A 50 -2.92 21.59 15.79
N LYS A 51 -2.60 22.35 14.76
CA LYS A 51 -3.49 22.55 13.64
C LYS A 51 -3.32 21.47 12.59
N ASP A 52 -2.53 20.47 12.94
CA ASP A 52 -2.25 19.36 12.05
C ASP A 52 -3.44 18.47 11.95
N THR A 53 -4.06 18.52 10.81
CA THR A 53 -5.24 17.78 10.56
C THR A 53 -4.90 16.40 9.98
N GLY A 54 -3.80 16.32 9.27
CA GLY A 54 -3.37 15.08 8.75
C GLY A 54 -2.20 15.25 7.81
N PRO A 55 -1.09 14.48 7.94
CA PRO A 55 -0.04 14.47 6.93
C PRO A 55 -0.66 14.19 5.57
N ALA A 56 -0.36 15.01 4.61
CA ALA A 56 -1.01 14.96 3.32
C ALA A 56 -0.32 14.04 2.33
N LEU A 57 -1.03 13.68 1.29
CA LEU A 57 -0.51 12.88 0.21
C LEU A 57 -0.65 13.65 -1.07
N ASP A 58 0.44 13.83 -1.75
CA ASP A 58 0.44 14.59 -2.98
C ASP A 58 0.72 13.69 -4.17
N GLY A 59 -0.31 13.16 -4.74
CA GLY A 59 -0.16 12.26 -5.84
C GLY A 59 -1.17 12.52 -6.92
N ASP A 60 -0.90 13.51 -7.73
CA ASP A 60 -1.79 13.82 -8.82
C ASP A 60 -1.39 13.01 -10.02
N VAL A 61 -2.17 12.02 -10.28
CA VAL A 61 -1.94 11.09 -11.35
C VAL A 61 -2.97 11.31 -12.46
N PRO A 62 -2.74 10.78 -13.68
CA PRO A 62 -3.72 10.91 -14.80
C PRO A 62 -5.08 10.26 -14.49
N PHE A 63 -5.08 9.42 -13.49
CA PHE A 63 -6.27 8.74 -13.07
C PHE A 63 -6.71 9.20 -11.68
N SER A 64 -6.52 10.49 -11.39
CA SER A 64 -6.89 11.03 -10.08
C SER A 64 -8.38 10.87 -9.79
N GLN A 65 -9.22 10.85 -10.82
CA GLN A 65 -10.64 10.69 -10.59
C GLN A 65 -10.99 9.25 -10.22
N LYS A 66 -10.02 8.38 -10.31
CA LYS A 66 -10.20 7.00 -9.92
C LYS A 66 -9.71 6.79 -8.50
N VAL A 67 -9.01 7.79 -7.96
CA VAL A 67 -8.52 7.70 -6.61
C VAL A 67 -9.08 8.82 -5.72
N ALA A 68 -9.74 8.42 -4.70
CA ALA A 68 -10.30 9.33 -3.76
C ALA A 68 -9.32 9.52 -2.61
N VAL A 69 -8.69 10.66 -2.59
CA VAL A 69 -7.73 10.95 -1.54
C VAL A 69 -8.44 11.79 -0.50
N SER A 70 -8.29 11.43 0.75
CA SER A 70 -8.98 12.11 1.81
C SER A 70 -8.14 12.18 3.07
N ASN A 71 -8.54 13.03 3.99
CA ASN A 71 -7.86 13.21 5.26
C ASN A 71 -8.43 12.20 6.25
N TYR A 72 -7.55 11.49 6.88
CA TYR A 72 -7.89 10.44 7.80
C TYR A 72 -7.93 11.00 9.22
N ASP A 73 -9.03 10.80 9.89
CA ASP A 73 -9.12 11.13 11.30
C ASP A 73 -9.92 10.03 11.97
N SER A 74 -9.23 9.12 12.59
CA SER A 74 -9.82 7.98 13.24
C SER A 74 -8.77 7.40 14.16
N ASP A 75 -9.19 6.72 15.23
CA ASP A 75 -8.30 6.01 16.17
C ASP A 75 -7.45 6.97 16.99
N GLY A 76 -7.71 8.24 16.81
CA GLY A 76 -6.90 9.25 17.44
C GLY A 76 -5.74 9.65 16.54
N TYR A 77 -5.69 9.06 15.37
CA TYR A 77 -4.64 9.31 14.40
C TYR A 77 -5.17 10.23 13.33
N VAL A 78 -4.28 11.00 12.75
CA VAL A 78 -4.61 11.88 11.67
C VAL A 78 -3.66 11.62 10.51
N GLY A 79 -4.17 11.62 9.34
CA GLY A 79 -3.35 11.37 8.21
C GLY A 79 -4.11 11.60 6.96
N SER A 80 -3.71 10.95 5.93
CA SER A 80 -4.40 11.01 4.67
C SER A 80 -4.42 9.64 4.02
N GLN A 81 -5.47 9.32 3.33
CA GLN A 81 -5.54 8.08 2.65
C GLN A 81 -5.90 8.29 1.20
N ALA A 82 -5.54 7.36 0.39
CA ALA A 82 -5.90 7.35 -0.98
C ALA A 82 -6.67 6.08 -1.26
N VAL A 83 -7.92 6.20 -1.58
CA VAL A 83 -8.76 5.06 -1.84
C VAL A 83 -9.09 5.02 -3.32
N PHE A 84 -8.61 4.03 -4.02
CA PHE A 84 -8.78 4.01 -5.46
C PHE A 84 -9.69 2.89 -5.90
N SER A 85 -10.14 3.00 -7.13
CA SER A 85 -11.07 2.08 -7.71
C SER A 85 -10.97 2.15 -9.24
N ASP A 86 -11.37 1.06 -9.91
CA ASP A 86 -11.50 1.01 -11.41
C ASP A 86 -10.19 1.11 -12.14
N LEU A 87 -9.13 0.63 -11.55
CA LEU A 87 -7.85 0.71 -12.17
C LEU A 87 -7.43 -0.61 -12.77
N THR A 88 -6.42 -0.59 -13.58
CA THR A 88 -5.95 -1.79 -14.25
C THR A 88 -4.55 -2.18 -13.78
N PHE A 89 -4.09 -3.36 -14.22
CA PHE A 89 -2.74 -3.87 -13.90
C PHE A 89 -1.69 -2.85 -14.31
N ALA A 90 -1.93 -2.19 -15.43
CA ALA A 90 -1.01 -1.20 -15.96
C ALA A 90 -1.00 0.07 -15.12
N GLU A 91 -2.09 0.35 -14.42
CA GLU A 91 -2.18 1.56 -13.62
C GLU A 91 -1.69 1.33 -12.20
N LEU A 92 -1.59 0.07 -11.81
CA LEU A 92 -1.11 -0.31 -10.50
C LEU A 92 0.33 0.21 -10.20
N PRO A 93 1.34 0.04 -11.11
CA PRO A 93 2.67 0.62 -10.89
C PRO A 93 2.59 2.14 -10.82
N GLN A 94 1.69 2.72 -11.60
CA GLN A 94 1.55 4.16 -11.66
C GLN A 94 1.08 4.73 -10.34
N LEU A 95 0.15 4.05 -9.71
CA LEU A 95 -0.34 4.46 -8.42
C LEU A 95 0.71 4.16 -7.35
N ALA A 96 1.64 3.24 -7.67
CA ALA A 96 2.65 2.82 -6.75
C ALA A 96 3.63 3.94 -6.52
N ASN A 97 3.68 4.90 -7.46
CA ASN A 97 4.50 6.08 -7.29
C ASN A 97 3.99 6.84 -6.07
N MET A 98 2.70 7.22 -6.11
CA MET A 98 2.06 7.92 -5.01
C MET A 98 2.18 7.14 -3.73
N ASN A 99 1.92 5.84 -3.84
CA ASN A 99 2.04 4.91 -2.72
C ASN A 99 3.42 5.00 -2.08
N SER A 100 4.47 5.05 -2.90
CA SER A 100 5.80 5.00 -2.37
C SER A 100 6.14 6.25 -1.59
N ASP A 101 5.44 7.35 -1.89
CA ASP A 101 5.70 8.63 -1.22
C ASP A 101 5.37 8.52 0.26
N ALA A 102 4.47 7.60 0.59
CA ALA A 102 4.09 7.40 1.97
C ALA A 102 4.73 6.14 2.52
N ALA A 103 5.29 5.33 1.65
CA ALA A 103 5.76 4.02 2.05
C ALA A 103 7.27 3.94 2.17
N GLY A 104 7.96 4.44 1.17
CA GLY A 104 9.41 4.31 1.15
C GLY A 104 9.82 2.93 0.70
N VAL A 105 9.00 2.30 -0.11
CA VAL A 105 9.24 0.93 -0.55
C VAL A 105 9.29 0.85 -2.07
N ASN A 106 9.69 -0.29 -2.58
CA ASN A 106 9.74 -0.54 -4.01
C ASN A 106 8.81 -1.70 -4.28
N LEU A 107 7.90 -1.50 -5.19
CA LEU A 107 6.95 -2.55 -5.56
C LEU A 107 7.06 -2.79 -7.04
N SER A 108 7.10 -4.03 -7.43
CA SER A 108 7.17 -4.38 -8.83
C SER A 108 6.37 -5.66 -9.07
N LEU A 109 5.70 -5.73 -10.19
CA LEU A 109 4.96 -6.92 -10.54
C LEU A 109 4.99 -7.09 -12.04
N ARG A 110 5.02 -8.30 -12.47
CA ARG A 110 5.09 -8.65 -13.89
C ARG A 110 4.16 -9.80 -14.21
N ARG A 111 3.63 -9.81 -15.39
CA ARG A 111 2.89 -10.93 -15.86
C ARG A 111 3.81 -11.89 -16.56
N ASN A 112 3.61 -13.14 -16.30
CA ASN A 112 4.37 -14.21 -16.90
C ASN A 112 3.42 -15.30 -17.33
N GLY A 113 3.13 -15.33 -18.60
CA GLY A 113 2.19 -16.26 -19.12
C GLY A 113 0.80 -15.89 -18.70
N ASN A 114 0.27 -16.64 -17.78
CA ASN A 114 -1.05 -16.37 -17.23
C ASN A 114 -0.92 -16.04 -15.74
N ILE A 115 0.28 -16.17 -15.25
CA ILE A 115 0.50 -15.98 -13.86
C ILE A 115 1.19 -14.63 -13.63
N VAL A 116 0.94 -14.02 -12.52
CA VAL A 116 1.55 -12.77 -12.19
C VAL A 116 2.53 -12.94 -11.05
N ILE A 117 3.68 -12.36 -11.22
CA ILE A 117 4.69 -12.39 -10.19
C ILE A 117 4.79 -11.00 -9.58
N LEU A 118 4.89 -10.95 -8.31
CA LEU A 118 5.02 -9.70 -7.60
C LEU A 118 6.22 -9.77 -6.69
N GLU A 119 7.02 -8.76 -6.76
CA GLU A 119 8.22 -8.65 -5.97
C GLU A 119 8.32 -7.23 -5.39
N GLY A 120 8.39 -7.14 -4.09
CA GLY A 120 8.47 -5.84 -3.45
C GLY A 120 9.50 -5.83 -2.37
N ARG A 121 10.29 -4.80 -2.28
CA ARG A 121 11.31 -4.73 -1.25
C ARG A 121 11.09 -3.49 -0.41
N ALA A 122 11.23 -3.63 0.88
CA ALA A 122 10.95 -2.57 1.79
C ALA A 122 12.09 -2.37 2.77
N ASP A 123 12.77 -1.29 2.62
CA ASP A 123 13.84 -0.92 3.50
C ASP A 123 13.38 0.25 4.31
N LEU A 124 13.12 0.03 5.57
CA LEU A 124 12.63 1.09 6.43
C LEU A 124 13.69 1.47 7.43
N THR A 125 14.92 1.17 7.13
CA THR A 125 16.02 1.42 8.04
C THR A 125 16.25 2.92 8.32
N SER A 126 15.85 3.77 7.38
CA SER A 126 16.09 5.19 7.47
C SER A 126 15.02 5.91 8.32
N VAL A 127 13.84 5.30 8.51
CA VAL A 127 12.78 5.99 9.22
C VAL A 127 13.13 6.10 10.72
N SER A 128 12.91 7.26 11.29
CA SER A 128 13.25 7.51 12.68
C SER A 128 12.03 7.37 13.60
N ASP A 129 10.99 6.76 13.08
CA ASP A 129 9.77 6.51 13.83
C ASP A 129 9.67 5.00 14.06
N PRO A 130 10.23 4.49 15.19
CA PRO A 130 10.28 3.03 15.46
C PRO A 130 8.94 2.45 15.89
N ASP A 131 8.04 3.33 16.22
CA ASP A 131 6.75 2.96 16.78
C ASP A 131 5.68 2.97 15.66
N ALA A 132 6.17 2.92 14.44
CA ALA A 132 5.37 2.96 13.25
C ALA A 132 5.14 1.55 12.68
N ASP A 133 4.06 1.36 11.94
CA ASP A 133 3.78 0.07 11.28
C ASP A 133 3.38 0.28 9.85
N VAL A 134 3.96 -0.48 8.94
CA VAL A 134 3.58 -0.40 7.54
C VAL A 134 3.01 -1.75 7.12
N GLU A 135 1.81 -1.76 6.61
CA GLU A 135 1.14 -2.98 6.21
C GLU A 135 0.79 -2.96 4.75
N LEU A 136 1.08 -4.02 4.06
CA LEU A 136 0.73 -4.17 2.67
C LEU A 136 -0.19 -5.38 2.60
N THR A 137 -1.39 -5.18 2.18
CA THR A 137 -2.36 -6.24 2.12
C THR A 137 -2.94 -6.31 0.71
N VAL A 138 -2.99 -7.48 0.14
CA VAL A 138 -3.55 -7.65 -1.19
C VAL A 138 -4.65 -8.70 -1.14
N ALA A 139 -5.82 -8.35 -1.64
CA ALA A 139 -6.91 -9.28 -1.70
C ALA A 139 -7.23 -9.56 -3.15
N PHE A 140 -7.25 -10.79 -3.52
CA PHE A 140 -7.55 -11.17 -4.87
C PHE A 140 -8.54 -12.30 -4.96
N PRO A 141 -9.68 -12.09 -5.61
CA PRO A 141 -10.70 -13.16 -5.87
C PRO A 141 -10.19 -14.24 -6.86
N ALA A 142 -8.93 -14.62 -6.74
CA ALA A 142 -8.34 -15.61 -7.58
C ALA A 142 -7.74 -16.72 -6.72
N ALA A 143 -6.40 -16.77 -6.62
CA ALA A 143 -5.71 -17.81 -5.88
C ALA A 143 -4.23 -17.55 -5.96
N VAL A 144 -3.59 -17.53 -4.84
CA VAL A 144 -2.17 -17.34 -4.78
C VAL A 144 -1.49 -18.66 -5.09
N THR A 145 -0.49 -18.62 -5.91
CA THR A 145 0.21 -19.80 -6.28
C THR A 145 1.40 -20.02 -5.34
N SER A 146 2.05 -18.94 -4.97
CA SER A 146 3.17 -18.96 -4.03
C SER A 146 3.40 -17.57 -3.48
N THR A 147 3.55 -17.43 -2.19
CA THR A 147 3.85 -16.14 -1.62
C THR A 147 4.89 -16.26 -0.51
N ASN A 148 5.59 -15.19 -0.25
CA ASN A 148 6.47 -15.10 0.86
C ASN A 148 6.00 -13.91 1.62
N GLY A 149 5.20 -14.18 2.60
CA GLY A 149 4.60 -13.20 3.44
C GLY A 149 3.58 -13.90 4.28
N ASP A 150 2.60 -13.20 4.76
CA ASP A 150 1.61 -13.82 5.59
C ASP A 150 0.31 -13.99 4.85
N ARG A 151 0.09 -15.16 4.36
CA ARG A 151 -1.12 -15.46 3.67
C ARG A 151 -2.23 -15.70 4.67
N ILE A 152 -3.19 -14.83 4.67
CA ILE A 152 -4.32 -14.94 5.57
C ILE A 152 -5.28 -15.95 4.98
N GLU A 153 -5.40 -15.86 3.69
CA GLU A 153 -6.26 -16.68 2.89
C GLU A 153 -5.45 -17.12 1.69
N PRO A 154 -5.92 -18.08 0.88
CA PRO A 154 -5.24 -18.45 -0.36
C PRO A 154 -5.52 -17.39 -1.44
N GLU A 155 -6.26 -16.38 -1.05
CA GLU A 155 -6.65 -15.31 -1.93
C GLU A 155 -6.49 -13.93 -1.26
N VAL A 156 -5.85 -13.91 -0.10
CA VAL A 156 -5.56 -12.65 0.62
C VAL A 156 -4.23 -12.82 1.32
N VAL A 157 -3.28 -11.97 1.01
CA VAL A 157 -1.97 -12.05 1.60
C VAL A 157 -1.59 -10.69 2.17
N GLN A 158 -0.85 -10.68 3.24
CA GLN A 158 -0.49 -9.48 3.92
C GLN A 158 0.98 -9.53 4.31
N TRP A 159 1.59 -8.40 4.31
CA TRP A 159 2.96 -8.23 4.73
C TRP A 159 3.02 -7.08 5.71
N LYS A 160 3.66 -7.31 6.81
CA LYS A 160 3.77 -6.34 7.88
C LYS A 160 5.22 -5.87 8.03
N LEU A 161 5.48 -4.68 7.58
CA LEU A 161 6.81 -4.12 7.55
C LEU A 161 7.07 -3.30 8.80
N LYS A 162 8.24 -3.51 9.37
CA LYS A 162 8.65 -2.89 10.57
C LYS A 162 9.66 -1.76 10.24
N PRO A 163 9.67 -0.65 11.00
CA PRO A 163 10.68 0.42 10.83
C PRO A 163 12.05 -0.06 11.26
N GLY A 164 13.08 0.58 10.78
CA GLY A 164 14.42 0.26 11.19
C GLY A 164 14.98 -0.99 10.54
N VAL A 165 14.10 -1.85 10.07
CA VAL A 165 14.53 -3.10 9.46
C VAL A 165 14.35 -3.07 7.94
N VAL A 166 14.93 -4.05 7.30
CA VAL A 166 14.77 -4.24 5.89
C VAL A 166 14.04 -5.57 5.68
N SER A 167 13.08 -5.60 4.82
CA SER A 167 12.34 -6.81 4.53
C SER A 167 11.89 -6.80 3.08
N THR A 168 11.50 -7.93 2.56
CA THR A 168 10.97 -7.98 1.23
C THR A 168 9.80 -8.91 1.15
N MET A 169 8.89 -8.55 0.31
CA MET A 169 7.66 -9.25 0.12
C MET A 169 7.65 -9.86 -1.26
N SER A 170 7.11 -11.03 -1.39
CA SER A 170 6.99 -11.63 -2.69
C SER A 170 5.68 -12.39 -2.79
N ALA A 171 5.11 -12.42 -3.96
CA ALA A 171 3.84 -13.04 -4.19
C ALA A 171 3.74 -13.45 -5.61
N GLN A 172 3.06 -14.49 -5.84
CA GLN A 172 2.77 -14.98 -7.14
C GLN A 172 1.37 -15.50 -7.13
N ALA A 173 0.62 -15.10 -8.08
CA ALA A 173 -0.76 -15.53 -8.20
C ALA A 173 -1.12 -15.44 -9.64
N ARG A 174 -1.99 -16.27 -10.10
CA ARG A 174 -2.33 -16.21 -11.49
C ARG A 174 -3.55 -15.33 -11.70
N TYR A 175 -3.59 -14.64 -12.83
CA TYR A 175 -4.69 -13.75 -13.13
C TYR A 175 -4.99 -13.83 -14.58
N THR A 176 -6.21 -14.03 -14.87
CA THR A 176 -6.66 -14.13 -16.20
C THR A 176 -6.54 -12.81 -16.94
N ASP A 177 -5.79 -12.83 -18.01
CA ASP A 177 -5.66 -11.69 -18.88
C ASP A 177 -7.00 -11.36 -19.47
N PRO A 178 -7.44 -10.12 -19.35
CA PRO A 178 -8.76 -9.69 -19.86
C PRO A 178 -8.77 -9.71 -21.38
N ASN A 179 -7.59 -9.58 -21.93
CA ASN A 179 -7.34 -9.58 -23.34
C ASN A 179 -7.23 -11.01 -23.84
N THR A 180 -7.14 -11.94 -22.89
CA THR A 180 -6.99 -13.38 -23.13
C THR A 180 -5.82 -13.70 -24.07
N ARG A 181 -4.65 -13.86 -23.50
CA ARG A 181 -3.49 -14.08 -24.31
C ARG A 181 -3.23 -15.54 -24.56
N SER A 182 -2.51 -15.80 -25.60
CA SER A 182 -2.11 -17.11 -25.94
C SER A 182 -0.62 -17.06 -26.21
N GLY A 12 6.59 32.57 24.33
CA GLY A 12 6.15 31.20 24.57
C GLY A 12 5.88 30.95 26.04
N ARG A 13 4.74 30.38 26.34
CA ARG A 13 4.36 30.06 27.70
C ARG A 13 4.52 28.57 27.93
N GLU A 14 3.72 27.82 27.19
CA GLU A 14 3.66 26.38 27.24
C GLU A 14 3.37 25.93 25.83
N ASN A 15 4.26 26.34 24.97
CA ASN A 15 4.13 26.10 23.54
C ASN A 15 4.87 24.83 23.15
N LEU A 16 5.35 24.12 24.16
CA LEU A 16 6.05 22.88 23.94
C LEU A 16 5.02 21.77 23.82
N TYR A 17 4.40 21.70 22.67
CA TYR A 17 3.39 20.73 22.42
C TYR A 17 3.70 20.00 21.12
N PHE A 18 4.58 19.06 21.20
CA PHE A 18 4.92 18.24 20.08
C PHE A 18 4.70 16.81 20.39
N GLN A 19 3.48 16.41 20.21
CA GLN A 19 3.10 15.07 20.47
C GLN A 19 2.63 14.43 19.19
N GLY A 20 2.54 13.15 19.21
CA GLY A 20 2.19 12.39 18.07
C GLY A 20 2.45 10.94 18.31
N HIS A 21 3.59 10.48 17.86
CA HIS A 21 4.05 9.10 18.05
C HIS A 21 3.00 8.05 17.75
N MET A 22 2.58 8.05 16.53
CA MET A 22 1.64 7.13 15.92
C MET A 22 1.57 7.44 14.47
N LEU A 23 2.21 6.65 13.68
CA LEU A 23 2.19 6.82 12.25
C LEU A 23 2.21 5.47 11.56
N ARG A 24 1.04 5.05 11.18
CA ARG A 24 0.88 3.75 10.59
C ARG A 24 0.28 3.92 9.22
N VAL A 25 0.83 3.23 8.27
CA VAL A 25 0.39 3.32 6.90
C VAL A 25 -0.11 1.97 6.49
N ARG A 26 -1.37 1.89 6.20
CA ARG A 26 -1.93 0.65 5.78
C ARG A 26 -2.43 0.75 4.38
N ALA A 27 -1.90 -0.07 3.53
CA ALA A 27 -2.28 -0.14 2.17
C ALA A 27 -2.90 -1.47 1.91
N SER A 28 -4.17 -1.48 1.72
CA SER A 28 -4.86 -2.70 1.44
C SER A 28 -5.48 -2.58 0.07
N ILE A 29 -5.07 -3.42 -0.83
CA ILE A 29 -5.56 -3.35 -2.18
C ILE A 29 -6.12 -4.70 -2.59
N THR A 30 -7.13 -4.67 -3.40
CA THR A 30 -7.78 -5.85 -3.84
C THR A 30 -7.81 -5.89 -5.36
N ILE A 31 -7.27 -6.92 -5.92
CA ILE A 31 -7.31 -7.09 -7.33
C ILE A 31 -8.38 -8.10 -7.68
N SER A 32 -9.34 -7.66 -8.43
CA SER A 32 -10.50 -8.45 -8.71
C SER A 32 -10.25 -9.33 -9.96
N PRO A 33 -11.04 -10.42 -10.14
CA PRO A 33 -10.87 -11.39 -11.28
C PRO A 33 -11.13 -10.76 -12.66
N ASP A 34 -11.41 -9.48 -12.67
CA ASP A 34 -11.66 -8.73 -13.90
C ASP A 34 -10.34 -8.20 -14.42
N ASP A 35 -9.29 -8.39 -13.62
CA ASP A 35 -7.94 -7.84 -13.86
C ASP A 35 -8.02 -6.33 -13.59
N LEU A 36 -8.94 -5.99 -12.69
CA LEU A 36 -9.12 -4.63 -12.27
C LEU A 36 -8.68 -4.55 -10.83
N VAL A 37 -8.15 -3.44 -10.45
CA VAL A 37 -7.62 -3.26 -9.13
C VAL A 37 -8.37 -2.14 -8.41
N SER A 38 -8.61 -2.36 -7.15
CA SER A 38 -9.20 -1.39 -6.27
C SER A 38 -8.41 -1.47 -4.95
N GLY A 39 -8.49 -0.47 -4.13
CA GLY A 39 -7.79 -0.54 -2.88
C GLY A 39 -7.89 0.73 -2.10
N GLU A 40 -7.23 0.77 -0.99
CA GLU A 40 -7.19 1.93 -0.15
C GLU A 40 -5.90 1.96 0.64
N ILE A 41 -5.28 3.09 0.66
CA ILE A 41 -4.05 3.30 1.37
C ILE A 41 -4.29 4.41 2.37
N ILE A 42 -4.18 4.09 3.63
CA ILE A 42 -4.41 5.06 4.68
C ILE A 42 -3.12 5.27 5.44
N ALA A 43 -2.65 6.47 5.44
CA ALA A 43 -1.50 6.83 6.22
C ALA A 43 -2.00 7.74 7.31
N ALA A 44 -2.02 7.25 8.52
CA ALA A 44 -2.56 8.00 9.62
C ALA A 44 -1.53 8.25 10.68
N ALA A 45 -1.44 9.48 11.09
CA ALA A 45 -0.41 9.92 12.00
C ALA A 45 -0.93 10.89 13.06
N LYS A 46 -0.18 10.97 14.16
CA LYS A 46 -0.31 12.00 15.23
C LYS A 46 -1.73 12.24 15.77
N PRO A 47 -2.05 11.66 16.96
CA PRO A 47 -3.37 11.82 17.60
C PRO A 47 -3.77 13.29 17.74
N LYS A 48 -2.89 14.09 18.30
CA LYS A 48 -3.11 15.50 18.40
C LYS A 48 -1.78 16.23 18.42
N ASN A 49 -1.56 17.02 17.41
CA ASN A 49 -0.37 17.81 17.29
C ASN A 49 -0.79 19.26 17.09
N SER A 50 0.08 20.18 17.39
CA SER A 50 -0.20 21.59 17.30
C SER A 50 -0.42 22.04 15.85
N LYS A 51 0.53 21.77 15.00
CA LYS A 51 0.47 22.22 13.63
C LYS A 51 0.16 21.09 12.67
N ASP A 52 0.32 19.87 13.10
CA ASP A 52 0.06 18.75 12.23
C ASP A 52 -1.32 18.24 12.46
N THR A 53 -2.21 18.61 11.58
CA THR A 53 -3.58 18.29 11.69
C THR A 53 -4.01 17.45 10.49
N GLY A 54 -3.06 17.14 9.63
CA GLY A 54 -3.40 16.35 8.50
C GLY A 54 -2.27 16.17 7.52
N PRO A 55 -1.57 15.04 7.59
CA PRO A 55 -0.64 14.63 6.53
C PRO A 55 -1.39 14.57 5.18
N ALA A 56 -0.69 14.79 4.10
CA ALA A 56 -1.30 14.78 2.80
C ALA A 56 -0.44 13.97 1.85
N LEU A 57 -1.01 12.91 1.29
CA LEU A 57 -0.31 12.08 0.34
C LEU A 57 -0.09 12.83 -0.96
N ASP A 58 1.09 12.68 -1.48
CA ASP A 58 1.46 13.29 -2.71
C ASP A 58 1.30 12.30 -3.82
N GLY A 59 0.22 12.42 -4.50
CA GLY A 59 -0.02 11.54 -5.59
C GLY A 59 -0.84 12.16 -6.68
N ASP A 60 -0.18 12.74 -7.64
CA ASP A 60 -0.86 13.26 -8.82
C ASP A 60 -0.59 12.34 -9.97
N VAL A 61 -1.52 11.50 -10.24
CA VAL A 61 -1.40 10.51 -11.28
C VAL A 61 -2.45 10.79 -12.35
N PRO A 62 -2.24 10.34 -13.59
CA PRO A 62 -3.19 10.58 -14.71
C PRO A 62 -4.59 10.00 -14.43
N PHE A 63 -4.64 9.08 -13.50
CA PHE A 63 -5.87 8.41 -13.16
C PHE A 63 -6.41 8.86 -11.79
N SER A 64 -6.19 10.12 -11.42
CA SER A 64 -6.71 10.68 -10.16
C SER A 64 -8.23 10.53 -10.08
N GLN A 65 -8.89 10.46 -11.24
CA GLN A 65 -10.34 10.30 -11.30
C GLN A 65 -10.75 8.94 -10.72
N LYS A 66 -9.78 8.04 -10.60
CA LYS A 66 -10.01 6.73 -10.07
C LYS A 66 -9.52 6.65 -8.63
N VAL A 67 -8.69 7.60 -8.21
CA VAL A 67 -8.19 7.56 -6.86
C VAL A 67 -8.51 8.83 -6.11
N ALA A 68 -9.24 8.67 -5.07
CA ALA A 68 -9.65 9.75 -4.23
C ALA A 68 -8.71 9.86 -3.08
N VAL A 69 -7.92 10.88 -3.08
CA VAL A 69 -6.99 11.11 -2.02
C VAL A 69 -7.62 12.10 -1.08
N SER A 70 -7.90 11.66 0.09
CA SER A 70 -8.61 12.45 1.05
C SER A 70 -7.82 12.53 2.34
N ASN A 71 -8.27 13.36 3.25
CA ASN A 71 -7.65 13.43 4.56
C ASN A 71 -8.34 12.40 5.43
N TYR A 72 -7.64 11.90 6.38
CA TYR A 72 -8.17 10.93 7.28
C TYR A 72 -8.20 11.53 8.67
N ASP A 73 -9.34 11.53 9.27
CA ASP A 73 -9.49 11.97 10.64
C ASP A 73 -10.42 10.99 11.27
N SER A 74 -9.88 10.07 11.99
CA SER A 74 -10.64 9.01 12.56
C SER A 74 -9.75 8.22 13.47
N ASP A 75 -10.34 7.66 14.52
CA ASP A 75 -9.66 6.76 15.48
C ASP A 75 -8.64 7.52 16.31
N GLY A 76 -8.69 8.82 16.20
CA GLY A 76 -7.77 9.66 16.89
C GLY A 76 -6.59 10.03 16.03
N TYR A 77 -6.53 9.50 14.84
CA TYR A 77 -5.40 9.74 13.95
C TYR A 77 -5.79 10.72 12.85
N VAL A 78 -4.85 11.54 12.44
CA VAL A 78 -5.04 12.40 11.29
C VAL A 78 -4.07 11.97 10.20
N GLY A 79 -4.52 11.90 9.02
CA GLY A 79 -3.66 11.46 7.99
C GLY A 79 -4.20 11.72 6.66
N SER A 80 -3.77 10.95 5.76
CA SER A 80 -4.19 11.04 4.41
C SER A 80 -4.44 9.66 3.87
N GLN A 81 -5.43 9.54 3.07
CA GLN A 81 -5.79 8.28 2.50
C GLN A 81 -5.98 8.39 1.01
N ALA A 82 -5.49 7.43 0.31
CA ALA A 82 -5.71 7.35 -1.09
C ALA A 82 -6.60 6.15 -1.31
N VAL A 83 -7.77 6.40 -1.77
CA VAL A 83 -8.73 5.33 -2.01
C VAL A 83 -8.92 5.22 -3.50
N PHE A 84 -8.65 4.09 -4.06
CA PHE A 84 -8.74 3.96 -5.50
C PHE A 84 -9.61 2.81 -5.89
N SER A 85 -10.25 2.93 -7.01
CA SER A 85 -11.14 1.92 -7.52
C SER A 85 -11.26 2.08 -9.03
N ASP A 86 -11.55 0.94 -9.69
CA ASP A 86 -11.70 0.87 -11.16
C ASP A 86 -10.38 1.18 -11.87
N LEU A 87 -9.34 0.55 -11.41
CA LEU A 87 -8.04 0.65 -12.02
C LEU A 87 -7.70 -0.67 -12.63
N THR A 88 -6.66 -0.74 -13.41
CA THR A 88 -6.32 -2.02 -14.00
C THR A 88 -4.85 -2.35 -13.74
N PHE A 89 -4.42 -3.49 -14.26
CA PHE A 89 -3.08 -4.03 -14.10
C PHE A 89 -2.01 -3.00 -14.45
N ALA A 90 -2.24 -2.26 -15.52
CA ALA A 90 -1.31 -1.23 -15.97
C ALA A 90 -1.16 -0.09 -14.95
N GLU A 91 -2.19 0.15 -14.16
CA GLU A 91 -2.13 1.21 -13.18
C GLU A 91 -1.55 0.74 -11.86
N LEU A 92 -1.53 -0.57 -11.64
CA LEU A 92 -1.06 -1.14 -10.39
C LEU A 92 0.41 -0.74 -10.02
N PRO A 93 1.40 -0.84 -10.96
CA PRO A 93 2.76 -0.36 -10.65
C PRO A 93 2.82 1.17 -10.63
N GLN A 94 2.01 1.79 -11.44
CA GLN A 94 2.00 3.21 -11.60
C GLN A 94 1.45 3.89 -10.33
N LEU A 95 0.50 3.26 -9.67
CA LEU A 95 -0.02 3.77 -8.41
C LEU A 95 0.99 3.53 -7.30
N ALA A 96 1.91 2.59 -7.53
CA ALA A 96 2.89 2.20 -6.53
C ALA A 96 3.86 3.32 -6.29
N ASN A 97 4.01 4.23 -7.27
CA ASN A 97 4.85 5.40 -7.08
C ASN A 97 4.34 6.18 -5.88
N MET A 98 3.06 6.58 -5.98
CA MET A 98 2.39 7.34 -4.92
C MET A 98 2.49 6.60 -3.60
N ASN A 99 2.14 5.33 -3.64
CA ASN A 99 2.17 4.46 -2.48
C ASN A 99 3.54 4.44 -1.83
N SER A 100 4.59 4.43 -2.65
CA SER A 100 5.90 4.24 -2.12
C SER A 100 6.37 5.40 -1.29
N ASP A 101 5.74 6.58 -1.48
CA ASP A 101 6.15 7.77 -0.72
C ASP A 101 5.90 7.54 0.77
N ALA A 102 4.92 6.72 1.07
CA ALA A 102 4.59 6.46 2.44
C ALA A 102 5.05 5.06 2.84
N ALA A 103 5.49 4.28 1.87
CA ALA A 103 5.83 2.89 2.14
C ALA A 103 7.33 2.61 2.16
N GLY A 104 8.08 3.32 1.32
CA GLY A 104 9.51 3.06 1.19
C GLY A 104 9.78 1.78 0.43
N VAL A 105 8.84 1.43 -0.43
CA VAL A 105 8.92 0.19 -1.17
C VAL A 105 9.33 0.41 -2.60
N ASN A 106 9.87 -0.63 -3.16
CA ASN A 106 10.17 -0.71 -4.57
C ASN A 106 9.33 -1.84 -5.06
N LEU A 107 8.46 -1.60 -6.01
CA LEU A 107 7.58 -2.63 -6.48
C LEU A 107 7.72 -2.84 -7.97
N SER A 108 7.80 -4.08 -8.36
CA SER A 108 7.88 -4.46 -9.73
C SER A 108 6.78 -5.48 -10.02
N LEU A 109 5.99 -5.22 -11.02
CA LEU A 109 4.89 -6.07 -11.37
C LEU A 109 5.00 -6.49 -12.83
N ARG A 110 4.99 -7.78 -13.07
CA ARG A 110 5.06 -8.29 -14.44
C ARG A 110 4.09 -9.43 -14.61
N ARG A 111 3.52 -9.55 -15.77
CA ARG A 111 2.67 -10.62 -16.06
C ARG A 111 3.47 -11.64 -16.83
N ASN A 112 3.28 -12.85 -16.51
CA ASN A 112 4.00 -13.94 -17.09
C ASN A 112 2.99 -14.90 -17.65
N GLY A 113 2.60 -14.65 -18.86
CA GLY A 113 1.54 -15.41 -19.47
C GLY A 113 0.23 -15.02 -18.84
N ASN A 114 -0.40 -15.95 -18.18
CA ASN A 114 -1.64 -15.67 -17.49
C ASN A 114 -1.36 -15.61 -15.98
N ILE A 115 -0.12 -15.84 -15.60
CA ILE A 115 0.20 -15.76 -14.21
C ILE A 115 0.89 -14.42 -13.96
N VAL A 116 0.73 -13.87 -12.80
CA VAL A 116 1.30 -12.58 -12.50
C VAL A 116 2.31 -12.69 -11.38
N ILE A 117 3.41 -11.99 -11.53
CA ILE A 117 4.42 -11.96 -10.53
C ILE A 117 4.64 -10.53 -10.06
N LEU A 118 4.73 -10.39 -8.79
CA LEU A 118 5.04 -9.13 -8.19
C LEU A 118 6.19 -9.35 -7.25
N GLU A 119 7.20 -8.56 -7.41
CA GLU A 119 8.37 -8.67 -6.59
C GLU A 119 8.82 -7.28 -6.20
N GLY A 120 9.22 -7.12 -4.99
CA GLY A 120 9.68 -5.86 -4.55
C GLY A 120 10.45 -5.97 -3.29
N ARG A 121 10.83 -4.85 -2.77
CA ARG A 121 11.57 -4.77 -1.53
C ARG A 121 11.13 -3.53 -0.82
N ALA A 122 11.32 -3.50 0.46
CA ALA A 122 10.94 -2.38 1.25
C ALA A 122 12.10 -1.93 2.09
N ASP A 123 12.65 -0.80 1.75
CA ASP A 123 13.74 -0.27 2.52
C ASP A 123 13.28 0.99 3.21
N LEU A 124 12.85 0.83 4.42
CA LEU A 124 12.45 1.94 5.21
C LEU A 124 13.21 1.90 6.52
N THR A 125 14.51 1.86 6.35
CA THR A 125 15.46 1.73 7.40
C THR A 125 15.80 3.10 8.02
N SER A 126 15.73 4.15 7.20
CA SER A 126 16.07 5.47 7.66
C SER A 126 15.01 6.04 8.62
N VAL A 127 13.79 5.56 8.52
CA VAL A 127 12.78 5.92 9.47
C VAL A 127 12.83 4.90 10.59
N SER A 128 13.10 5.35 11.78
CA SER A 128 13.28 4.43 12.88
C SER A 128 12.23 4.64 13.95
N ASP A 129 11.23 5.48 13.66
CA ASP A 129 10.14 5.78 14.61
C ASP A 129 9.47 4.48 15.03
N PRO A 130 9.55 4.12 16.33
CA PRO A 130 9.07 2.82 16.83
C PRO A 130 7.56 2.64 16.74
N ASP A 131 6.88 3.73 16.49
CA ASP A 131 5.44 3.77 16.42
C ASP A 131 4.96 3.67 14.96
N ALA A 132 5.86 3.27 14.08
CA ALA A 132 5.55 3.15 12.67
C ALA A 132 5.26 1.70 12.29
N ASP A 133 4.15 1.50 11.64
CA ASP A 133 3.82 0.21 11.03
C ASP A 133 3.34 0.45 9.65
N VAL A 134 3.91 -0.21 8.68
CA VAL A 134 3.40 -0.10 7.34
C VAL A 134 2.85 -1.46 6.92
N GLU A 135 1.57 -1.54 6.74
CA GLU A 135 0.93 -2.79 6.45
C GLU A 135 0.50 -2.81 5.00
N LEU A 136 0.97 -3.77 4.26
CA LEU A 136 0.59 -3.92 2.88
C LEU A 136 -0.25 -5.19 2.79
N THR A 137 -1.47 -5.07 2.39
CA THR A 137 -2.35 -6.20 2.30
C THR A 137 -2.95 -6.26 0.89
N VAL A 138 -2.90 -7.41 0.27
CA VAL A 138 -3.45 -7.59 -1.05
C VAL A 138 -4.49 -8.71 -1.02
N ALA A 139 -5.70 -8.41 -1.45
CA ALA A 139 -6.75 -9.40 -1.51
C ALA A 139 -7.06 -9.71 -2.95
N PHE A 140 -7.05 -10.95 -3.28
CA PHE A 140 -7.37 -11.41 -4.60
C PHE A 140 -8.30 -12.60 -4.55
N PRO A 141 -9.53 -12.48 -5.08
CA PRO A 141 -10.49 -13.61 -5.14
C PRO A 141 -10.05 -14.74 -6.12
N ALA A 142 -8.76 -14.87 -6.34
CA ALA A 142 -8.22 -15.86 -7.21
C ALA A 142 -7.58 -16.96 -6.38
N ALA A 143 -6.26 -16.81 -6.12
CA ALA A 143 -5.47 -17.76 -5.36
C ALA A 143 -4.01 -17.43 -5.57
N VAL A 144 -3.28 -17.33 -4.51
CA VAL A 144 -1.86 -17.10 -4.57
C VAL A 144 -1.17 -18.41 -4.91
N THR A 145 -0.19 -18.36 -5.77
CA THR A 145 0.56 -19.55 -6.07
C THR A 145 1.78 -19.61 -5.16
N SER A 146 2.46 -18.49 -5.03
CA SER A 146 3.66 -18.39 -4.22
C SER A 146 3.78 -16.97 -3.68
N THR A 147 4.05 -16.82 -2.42
CA THR A 147 4.27 -15.51 -1.85
C THR A 147 5.43 -15.56 -0.85
N ASN A 148 6.01 -14.42 -0.59
CA ASN A 148 7.01 -14.28 0.43
C ASN A 148 6.57 -13.11 1.22
N GLY A 149 5.93 -13.41 2.32
CA GLY A 149 5.39 -12.44 3.22
C GLY A 149 4.55 -13.14 4.24
N ASP A 150 3.46 -12.55 4.61
CA ASP A 150 2.59 -13.13 5.62
C ASP A 150 1.23 -13.41 5.03
N ARG A 151 0.99 -14.63 4.65
CA ARG A 151 -0.30 -14.99 4.11
C ARG A 151 -1.34 -15.09 5.20
N ILE A 152 -2.45 -14.44 4.97
CA ILE A 152 -3.56 -14.48 5.89
C ILE A 152 -4.42 -15.64 5.46
N GLU A 153 -4.69 -15.67 4.18
CA GLU A 153 -5.50 -16.65 3.52
C GLU A 153 -4.76 -17.01 2.22
N PRO A 154 -5.17 -18.05 1.47
CA PRO A 154 -4.54 -18.36 0.18
C PRO A 154 -4.97 -17.36 -0.90
N GLU A 155 -5.83 -16.45 -0.53
CA GLU A 155 -6.35 -15.46 -1.44
C GLU A 155 -6.13 -14.04 -0.90
N VAL A 156 -5.48 -13.95 0.26
CA VAL A 156 -5.18 -12.65 0.88
C VAL A 156 -3.83 -12.74 1.55
N VAL A 157 -2.91 -11.90 1.15
CA VAL A 157 -1.57 -11.90 1.70
C VAL A 157 -1.26 -10.52 2.24
N GLN A 158 -0.46 -10.47 3.27
CA GLN A 158 -0.15 -9.25 3.95
C GLN A 158 1.34 -9.21 4.24
N TRP A 159 1.88 -8.04 4.31
CA TRP A 159 3.25 -7.84 4.65
C TRP A 159 3.29 -6.75 5.69
N LYS A 160 3.96 -7.00 6.77
CA LYS A 160 4.06 -6.00 7.80
C LYS A 160 5.45 -5.42 7.83
N LEU A 161 5.54 -4.23 7.35
CA LEU A 161 6.76 -3.49 7.23
C LEU A 161 7.01 -2.73 8.49
N LYS A 162 8.19 -2.86 9.00
CA LYS A 162 8.58 -2.22 10.21
C LYS A 162 9.73 -1.25 9.98
N PRO A 163 9.77 -0.14 10.73
CA PRO A 163 10.80 0.90 10.57
C PRO A 163 12.19 0.40 10.95
N GLY A 164 13.19 0.94 10.33
CA GLY A 164 14.56 0.59 10.67
C GLY A 164 15.01 -0.71 10.06
N VAL A 165 14.08 -1.59 9.82
CA VAL A 165 14.37 -2.89 9.27
C VAL A 165 13.97 -2.97 7.80
N VAL A 166 14.62 -3.84 7.07
CA VAL A 166 14.31 -4.05 5.68
C VAL A 166 13.41 -5.27 5.54
N SER A 167 12.49 -5.22 4.62
CA SER A 167 11.59 -6.33 4.40
C SER A 167 11.48 -6.60 2.90
N THR A 168 11.17 -7.82 2.53
CA THR A 168 11.04 -8.18 1.14
C THR A 168 9.57 -8.38 0.77
N MET A 169 9.25 -8.17 -0.48
CA MET A 169 7.90 -8.27 -0.97
C MET A 169 7.86 -9.25 -2.13
N SER A 170 7.13 -10.34 -1.98
CA SER A 170 6.95 -11.20 -3.12
C SER A 170 5.54 -11.79 -3.10
N ALA A 171 4.88 -11.73 -4.23
CA ALA A 171 3.54 -12.26 -4.39
C ALA A 171 3.36 -12.69 -5.81
N GLN A 172 3.02 -13.91 -5.98
CA GLN A 172 2.79 -14.48 -7.29
C GLN A 172 1.45 -15.15 -7.30
N ALA A 173 0.65 -14.88 -8.30
CA ALA A 173 -0.68 -15.45 -8.38
C ALA A 173 -1.14 -15.45 -9.82
N ARG A 174 -2.08 -16.30 -10.13
CA ARG A 174 -2.61 -16.39 -11.49
C ARG A 174 -3.78 -15.42 -11.65
N TYR A 175 -3.85 -14.70 -12.77
CA TYR A 175 -4.96 -13.78 -13.04
C TYR A 175 -5.30 -13.81 -14.50
N THR A 176 -6.55 -14.01 -14.78
CA THR A 176 -7.06 -14.13 -16.13
C THR A 176 -6.73 -12.91 -16.99
N ASP A 177 -5.84 -13.12 -17.97
CA ASP A 177 -5.45 -12.08 -18.93
C ASP A 177 -6.67 -11.56 -19.65
N PRO A 178 -6.85 -10.27 -19.71
CA PRO A 178 -8.02 -9.64 -20.31
C PRO A 178 -8.17 -9.92 -21.82
N ASN A 179 -7.09 -9.77 -22.56
CA ASN A 179 -7.14 -9.93 -23.98
C ASN A 179 -7.01 -11.39 -24.36
N THR A 180 -6.52 -12.19 -23.42
CA THR A 180 -6.37 -13.62 -23.53
C THR A 180 -5.23 -13.98 -24.47
N ARG A 181 -4.03 -13.73 -23.96
CA ARG A 181 -2.78 -14.01 -24.60
C ARG A 181 -2.76 -15.39 -25.21
N SER A 182 -2.10 -15.45 -26.28
CA SER A 182 -1.99 -16.65 -27.06
C SER A 182 -0.60 -17.21 -26.87
N GLY A 12 11.05 15.37 2.15
CA GLY A 12 11.41 15.54 3.54
C GLY A 12 10.34 16.25 4.31
N ARG A 13 9.41 15.50 4.86
CA ARG A 13 8.40 16.07 5.71
C ARG A 13 8.90 16.00 7.12
N GLU A 14 8.99 17.12 7.77
CA GLU A 14 9.52 17.16 9.10
C GLU A 14 8.47 16.80 10.11
N ASN A 15 8.75 15.80 10.88
CA ASN A 15 7.86 15.34 11.90
C ASN A 15 8.48 15.68 13.24
N LEU A 16 7.67 16.20 14.12
CA LEU A 16 8.14 16.55 15.45
C LEU A 16 8.17 15.30 16.29
N TYR A 17 9.35 14.80 16.52
CA TYR A 17 9.53 13.57 17.21
C TYR A 17 9.49 13.79 18.72
N PHE A 18 8.29 13.82 19.26
CA PHE A 18 8.09 13.94 20.68
C PHE A 18 7.88 12.56 21.27
N GLN A 19 6.95 11.87 20.67
CA GLN A 19 6.53 10.57 21.14
C GLN A 19 6.82 9.56 20.06
N GLY A 20 6.74 8.30 20.38
CA GLY A 20 6.91 7.28 19.40
C GLY A 20 5.61 7.05 18.70
N HIS A 21 5.42 7.71 17.57
CA HIS A 21 4.17 7.65 16.84
C HIS A 21 3.83 6.23 16.45
N MET A 22 2.58 5.88 16.71
CA MET A 22 2.03 4.56 16.41
C MET A 22 2.10 4.31 14.91
N LEU A 23 1.83 5.39 14.16
CA LEU A 23 1.95 5.49 12.69
C LEU A 23 1.69 4.18 11.94
N ARG A 24 0.47 3.95 11.59
CA ARG A 24 0.20 2.78 10.85
C ARG A 24 -0.17 3.16 9.45
N VAL A 25 0.56 2.62 8.54
CA VAL A 25 0.27 2.81 7.15
C VAL A 25 -0.26 1.51 6.66
N ARG A 26 -1.47 1.49 6.29
CA ARG A 26 -2.07 0.28 5.86
C ARG A 26 -2.69 0.46 4.50
N ALA A 27 -2.19 -0.29 3.59
CA ALA A 27 -2.68 -0.28 2.26
C ALA A 27 -3.32 -1.60 2.00
N SER A 28 -4.60 -1.59 1.89
CA SER A 28 -5.34 -2.79 1.63
C SER A 28 -5.89 -2.68 0.22
N ILE A 29 -5.45 -3.55 -0.64
CA ILE A 29 -5.85 -3.48 -2.01
C ILE A 29 -6.38 -4.83 -2.44
N THR A 30 -7.32 -4.81 -3.28
CA THR A 30 -7.93 -6.00 -3.77
C THR A 30 -7.86 -6.02 -5.30
N ILE A 31 -7.30 -7.07 -5.84
CA ILE A 31 -7.19 -7.21 -7.25
C ILE A 31 -8.03 -8.38 -7.73
N SER A 32 -8.89 -8.11 -8.65
CA SER A 32 -9.82 -9.08 -9.12
C SER A 32 -9.33 -9.69 -10.45
N PRO A 33 -9.81 -10.93 -10.81
CA PRO A 33 -9.50 -11.61 -12.10
C PRO A 33 -9.93 -10.80 -13.35
N ASP A 34 -10.53 -9.66 -13.10
CA ASP A 34 -11.01 -8.74 -14.09
C ASP A 34 -9.89 -7.87 -14.58
N ASP A 35 -8.68 -8.08 -14.02
CA ASP A 35 -7.47 -7.30 -14.34
C ASP A 35 -7.70 -5.88 -13.83
N LEU A 36 -8.49 -5.84 -12.77
CA LEU A 36 -8.97 -4.66 -12.15
C LEU A 36 -8.51 -4.66 -10.70
N VAL A 37 -8.06 -3.52 -10.26
CA VAL A 37 -7.55 -3.32 -8.94
C VAL A 37 -8.37 -2.23 -8.25
N SER A 38 -8.69 -2.44 -7.01
CA SER A 38 -9.36 -1.48 -6.19
C SER A 38 -8.73 -1.52 -4.81
N GLY A 39 -8.70 -0.42 -4.09
CA GLY A 39 -8.10 -0.50 -2.79
C GLY A 39 -8.10 0.80 -2.06
N GLU A 40 -7.47 0.78 -0.93
CA GLU A 40 -7.43 1.88 -0.02
C GLU A 40 -6.03 1.96 0.59
N ILE A 41 -5.47 3.13 0.64
CA ILE A 41 -4.20 3.31 1.27
C ILE A 41 -4.39 4.33 2.37
N ILE A 42 -4.17 3.92 3.58
CA ILE A 42 -4.33 4.79 4.73
C ILE A 42 -3.02 4.91 5.48
N ALA A 43 -2.47 6.07 5.51
CA ALA A 43 -1.29 6.36 6.28
C ALA A 43 -1.73 7.20 7.44
N ALA A 44 -1.73 6.64 8.61
CA ALA A 44 -2.28 7.34 9.74
C ALA A 44 -1.29 7.48 10.86
N ALA A 45 -1.10 8.70 11.29
CA ALA A 45 -0.17 9.02 12.33
C ALA A 45 -0.93 9.52 13.54
N LYS A 46 -0.36 9.46 14.70
CA LYS A 46 -1.06 9.95 15.85
C LYS A 46 -0.74 11.45 15.95
N PRO A 47 -1.77 12.32 15.96
CA PRO A 47 -1.60 13.78 15.91
C PRO A 47 -0.80 14.39 17.08
N LYS A 48 0.50 14.30 17.00
CA LYS A 48 1.37 14.97 17.95
C LYS A 48 2.03 16.16 17.31
N ASN A 49 1.73 16.35 16.04
CA ASN A 49 2.16 17.53 15.36
C ASN A 49 0.99 18.47 15.47
N SER A 50 1.12 19.46 16.32
CA SER A 50 0.06 20.39 16.67
C SER A 50 -0.53 21.19 15.49
N LYS A 51 0.13 21.20 14.36
CA LYS A 51 -0.37 21.98 13.24
C LYS A 51 -1.17 21.13 12.24
N ASP A 52 -1.02 19.82 12.26
CA ASP A 52 -1.61 19.03 11.21
C ASP A 52 -2.84 18.28 11.65
N THR A 53 -3.82 18.31 10.80
CA THR A 53 -5.08 17.64 11.01
C THR A 53 -5.24 16.46 10.05
N GLY A 54 -4.49 16.47 8.97
CA GLY A 54 -4.56 15.43 8.01
C GLY A 54 -3.75 15.75 6.78
N PRO A 55 -2.53 15.25 6.66
CA PRO A 55 -1.71 15.47 5.48
C PRO A 55 -2.32 14.76 4.26
N ALA A 56 -1.95 15.19 3.10
CA ALA A 56 -2.41 14.56 1.88
C ALA A 56 -1.22 14.03 1.10
N LEU A 57 -1.45 13.01 0.30
CA LEU A 57 -0.41 12.42 -0.51
C LEU A 57 0.04 13.37 -1.59
N ASP A 58 1.29 13.32 -1.90
CA ASP A 58 1.86 14.09 -2.96
C ASP A 58 2.29 13.17 -4.05
N GLY A 59 1.59 13.23 -5.10
CA GLY A 59 1.96 12.46 -6.24
C GLY A 59 1.41 13.02 -7.49
N ASP A 60 0.09 12.87 -7.65
CA ASP A 60 -0.65 13.22 -8.87
C ASP A 60 -0.31 12.25 -9.99
N VAL A 61 -1.33 11.66 -10.52
CA VAL A 61 -1.20 10.65 -11.55
C VAL A 61 -2.14 10.99 -12.71
N PRO A 62 -1.94 10.41 -13.90
CA PRO A 62 -2.81 10.66 -15.08
C PRO A 62 -4.27 10.22 -14.85
N PHE A 63 -4.48 9.42 -13.84
CA PHE A 63 -5.78 8.87 -13.54
C PHE A 63 -6.30 9.35 -12.18
N SER A 64 -6.24 10.63 -11.97
CA SER A 64 -6.69 11.25 -10.72
C SER A 64 -8.14 10.91 -10.39
N GLN A 65 -8.99 10.84 -11.41
CA GLN A 65 -10.42 10.57 -11.21
C GLN A 65 -10.65 9.14 -10.71
N LYS A 66 -9.62 8.35 -10.76
CA LYS A 66 -9.68 6.98 -10.38
C LYS A 66 -9.22 6.83 -8.92
N VAL A 67 -8.52 7.83 -8.41
CA VAL A 67 -8.03 7.75 -7.06
C VAL A 67 -8.42 9.00 -6.26
N ALA A 68 -9.14 8.78 -5.21
CA ALA A 68 -9.58 9.85 -4.37
C ALA A 68 -8.69 9.93 -3.15
N VAL A 69 -7.92 10.96 -3.07
CA VAL A 69 -7.04 11.16 -1.95
C VAL A 69 -7.72 12.10 -0.97
N SER A 70 -7.60 11.82 0.30
CA SER A 70 -8.37 12.54 1.28
C SER A 70 -7.63 12.60 2.61
N ASN A 71 -8.17 13.41 3.51
CA ASN A 71 -7.67 13.61 4.86
C ASN A 71 -8.24 12.50 5.72
N TYR A 72 -7.39 11.83 6.44
CA TYR A 72 -7.85 10.74 7.27
C TYR A 72 -7.78 11.14 8.73
N ASP A 73 -8.89 11.08 9.40
CA ASP A 73 -8.92 11.29 10.83
C ASP A 73 -9.87 10.28 11.42
N SER A 74 -9.31 9.33 12.13
CA SER A 74 -10.08 8.25 12.70
C SER A 74 -9.22 7.49 13.68
N ASP A 75 -9.85 6.95 14.73
CA ASP A 75 -9.22 6.03 15.70
C ASP A 75 -8.10 6.66 16.49
N GLY A 76 -8.07 7.95 16.52
CA GLY A 76 -7.07 8.64 17.26
C GLY A 76 -5.92 9.05 16.38
N TYR A 77 -6.01 8.73 15.11
CA TYR A 77 -4.98 9.09 14.17
C TYR A 77 -5.45 10.26 13.31
N VAL A 78 -4.49 10.91 12.70
CA VAL A 78 -4.70 11.82 11.60
C VAL A 78 -3.66 11.45 10.55
N GLY A 79 -4.05 11.39 9.34
CA GLY A 79 -3.15 11.03 8.32
C GLY A 79 -3.68 11.27 6.96
N SER A 80 -3.15 10.54 6.05
CA SER A 80 -3.44 10.67 4.66
C SER A 80 -4.06 9.39 4.13
N GLN A 81 -5.02 9.49 3.26
CA GLN A 81 -5.56 8.32 2.63
C GLN A 81 -5.77 8.52 1.15
N ALA A 82 -5.62 7.47 0.42
CA ALA A 82 -5.86 7.45 -0.99
C ALA A 82 -6.74 6.25 -1.28
N VAL A 83 -7.93 6.49 -1.73
CA VAL A 83 -8.86 5.43 -2.04
C VAL A 83 -9.01 5.35 -3.55
N PHE A 84 -8.64 4.25 -4.12
CA PHE A 84 -8.66 4.12 -5.55
C PHE A 84 -9.54 2.99 -5.97
N SER A 85 -10.09 3.09 -7.15
CA SER A 85 -10.99 2.08 -7.65
C SER A 85 -11.02 2.08 -9.17
N ASP A 86 -11.48 0.95 -9.71
CA ASP A 86 -11.65 0.72 -11.16
C ASP A 86 -10.33 0.82 -11.87
N LEU A 87 -9.28 0.47 -11.17
CA LEU A 87 -8.00 0.55 -11.73
C LEU A 87 -7.69 -0.72 -12.45
N THR A 88 -6.76 -0.67 -13.29
CA THR A 88 -6.35 -1.82 -14.03
C THR A 88 -4.86 -2.08 -13.78
N PHE A 89 -4.34 -3.15 -14.37
CA PHE A 89 -2.97 -3.60 -14.18
C PHE A 89 -1.96 -2.49 -14.53
N ALA A 90 -2.27 -1.70 -15.53
CA ALA A 90 -1.41 -0.59 -15.95
C ALA A 90 -1.39 0.55 -14.94
N GLU A 91 -2.46 0.68 -14.20
CA GLU A 91 -2.58 1.76 -13.24
C GLU A 91 -1.97 1.34 -11.89
N LEU A 92 -1.85 0.03 -11.71
CA LEU A 92 -1.34 -0.57 -10.47
C LEU A 92 0.11 -0.13 -10.09
N PRO A 93 1.14 -0.27 -10.97
CA PRO A 93 2.49 0.17 -10.60
C PRO A 93 2.58 1.69 -10.63
N GLN A 94 1.77 2.28 -11.47
CA GLN A 94 1.75 3.66 -11.68
C GLN A 94 1.20 4.41 -10.45
N LEU A 95 0.31 3.76 -9.69
CA LEU A 95 -0.18 4.35 -8.45
C LEU A 95 0.89 4.22 -7.37
N ALA A 96 1.80 3.25 -7.57
CA ALA A 96 2.81 2.95 -6.58
C ALA A 96 3.85 4.05 -6.51
N ASN A 97 3.91 4.90 -7.55
CA ASN A 97 4.82 6.02 -7.54
C ASN A 97 4.42 6.96 -6.43
N MET A 98 3.17 7.43 -6.49
CA MET A 98 2.63 8.34 -5.49
C MET A 98 2.67 7.73 -4.12
N ASN A 99 2.21 6.48 -4.04
CA ASN A 99 2.17 5.74 -2.78
C ASN A 99 3.55 5.65 -2.15
N SER A 100 4.61 5.64 -2.99
CA SER A 100 5.94 5.46 -2.48
C SER A 100 6.28 6.58 -1.51
N ASP A 101 5.83 7.79 -1.81
CA ASP A 101 6.19 8.97 -1.00
C ASP A 101 5.59 8.87 0.40
N ALA A 102 4.56 8.08 0.54
CA ALA A 102 3.92 7.94 1.82
C ALA A 102 4.37 6.64 2.50
N ALA A 103 4.86 5.70 1.72
CA ALA A 103 5.15 4.38 2.27
C ALA A 103 6.63 4.15 2.46
N GLY A 104 7.41 4.46 1.45
CA GLY A 104 8.82 4.21 1.49
C GLY A 104 9.17 2.86 0.95
N VAL A 105 8.21 2.24 0.30
CA VAL A 105 8.40 0.91 -0.22
C VAL A 105 8.54 0.93 -1.73
N ASN A 106 9.05 -0.14 -2.26
CA ASN A 106 9.25 -0.30 -3.68
C ASN A 106 8.52 -1.55 -4.13
N LEU A 107 7.65 -1.41 -5.10
CA LEU A 107 6.86 -2.53 -5.58
C LEU A 107 7.04 -2.67 -7.08
N SER A 108 7.68 -3.74 -7.49
CA SER A 108 7.87 -4.01 -8.88
C SER A 108 6.92 -5.15 -9.24
N LEU A 109 6.29 -5.06 -10.38
CA LEU A 109 5.33 -6.06 -10.75
C LEU A 109 5.25 -6.25 -12.23
N ARG A 110 4.85 -7.43 -12.60
CA ARG A 110 4.67 -7.86 -13.98
C ARG A 110 3.74 -9.02 -14.05
N ARG A 111 3.31 -9.35 -15.23
CA ARG A 111 2.56 -10.50 -15.44
C ARG A 111 3.39 -11.44 -16.28
N ASN A 112 3.35 -12.66 -15.93
CA ASN A 112 4.07 -13.69 -16.61
C ASN A 112 3.05 -14.61 -17.20
N GLY A 113 2.65 -14.29 -18.41
CA GLY A 113 1.62 -15.03 -19.07
C GLY A 113 0.30 -14.81 -18.38
N ASN A 114 -0.12 -15.80 -17.63
CA ASN A 114 -1.37 -15.76 -16.89
C ASN A 114 -1.11 -15.41 -15.43
N ILE A 115 0.07 -15.70 -14.97
CA ILE A 115 0.33 -15.52 -13.59
C ILE A 115 0.97 -14.16 -13.35
N VAL A 116 0.58 -13.51 -12.33
CA VAL A 116 1.08 -12.19 -12.02
C VAL A 116 2.10 -12.29 -10.92
N ILE A 117 3.19 -11.57 -11.09
CA ILE A 117 4.23 -11.55 -10.12
C ILE A 117 4.40 -10.14 -9.56
N LEU A 118 4.49 -10.07 -8.30
CA LEU A 118 4.76 -8.83 -7.63
C LEU A 118 5.91 -9.06 -6.69
N GLU A 119 6.94 -8.30 -6.88
CA GLU A 119 8.15 -8.41 -6.09
C GLU A 119 8.54 -7.04 -5.61
N GLY A 120 8.73 -6.90 -4.36
CA GLY A 120 9.03 -5.61 -3.83
C GLY A 120 9.91 -5.68 -2.65
N ARG A 121 10.19 -4.55 -2.12
CA ARG A 121 11.03 -4.38 -0.96
C ARG A 121 10.51 -3.26 -0.14
N ALA A 122 10.82 -3.30 1.11
CA ALA A 122 10.54 -2.23 1.98
C ALA A 122 11.82 -1.85 2.63
N ASP A 123 12.33 -0.73 2.25
CA ASP A 123 13.51 -0.22 2.86
C ASP A 123 13.12 0.92 3.73
N LEU A 124 12.88 0.59 4.97
CA LEU A 124 12.42 1.51 5.95
C LEU A 124 13.40 1.57 7.08
N THR A 125 14.54 1.01 6.83
CA THR A 125 15.60 0.86 7.79
C THR A 125 16.14 2.23 8.29
N SER A 126 15.94 3.27 7.49
CA SER A 126 16.38 4.60 7.87
C SER A 126 15.20 5.57 8.11
N VAL A 127 13.95 5.09 8.03
CA VAL A 127 12.81 6.01 8.19
C VAL A 127 12.51 6.30 9.66
N SER A 128 11.74 7.34 9.87
CA SER A 128 11.42 7.81 11.18
C SER A 128 10.25 7.02 11.80
N ASP A 129 10.12 7.15 13.13
CA ASP A 129 9.04 6.54 13.93
C ASP A 129 9.17 5.04 14.06
N PRO A 130 9.72 4.57 15.18
CA PRO A 130 10.06 3.16 15.39
C PRO A 130 8.86 2.24 15.66
N ASP A 131 7.79 2.77 16.20
CA ASP A 131 6.63 1.94 16.61
C ASP A 131 5.70 1.68 15.44
N ALA A 132 5.95 2.41 14.36
CA ALA A 132 5.15 2.37 13.14
C ALA A 132 4.93 0.95 12.58
N ASP A 133 3.76 0.74 12.01
CA ASP A 133 3.38 -0.51 11.36
C ASP A 133 2.94 -0.22 9.98
N VAL A 134 3.59 -0.78 9.02
CA VAL A 134 3.13 -0.65 7.67
C VAL A 134 2.54 -1.98 7.24
N GLU A 135 1.26 -2.01 7.02
CA GLU A 135 0.58 -3.22 6.64
C GLU A 135 0.17 -3.11 5.18
N LEU A 136 0.64 -4.00 4.39
CA LEU A 136 0.23 -4.07 3.01
C LEU A 136 -0.58 -5.33 2.90
N THR A 137 -1.82 -5.20 2.54
CA THR A 137 -2.72 -6.32 2.46
C THR A 137 -3.31 -6.41 1.06
N VAL A 138 -3.17 -7.54 0.44
CA VAL A 138 -3.72 -7.75 -0.88
C VAL A 138 -4.74 -8.87 -0.84
N ALA A 139 -5.95 -8.59 -1.31
CA ALA A 139 -6.98 -9.57 -1.39
C ALA A 139 -7.29 -9.84 -2.85
N PHE A 140 -7.26 -11.08 -3.22
CA PHE A 140 -7.57 -11.49 -4.56
C PHE A 140 -8.49 -12.67 -4.58
N PRO A 141 -9.69 -12.56 -5.18
CA PRO A 141 -10.62 -13.69 -5.30
C PRO A 141 -10.13 -14.77 -6.31
N ALA A 142 -8.84 -15.04 -6.27
CA ALA A 142 -8.22 -16.02 -7.10
C ALA A 142 -7.47 -17.03 -6.24
N ALA A 143 -6.14 -17.00 -6.29
CA ALA A 143 -5.33 -17.95 -5.59
C ALA A 143 -3.88 -17.61 -5.77
N VAL A 144 -3.19 -17.60 -4.68
CA VAL A 144 -1.78 -17.33 -4.69
C VAL A 144 -1.02 -18.62 -5.06
N THR A 145 0.05 -18.47 -5.78
CA THR A 145 0.85 -19.63 -6.13
C THR A 145 2.20 -19.60 -5.39
N SER A 146 2.72 -18.40 -5.10
CA SER A 146 3.95 -18.26 -4.33
C SER A 146 3.96 -16.88 -3.70
N THR A 147 4.25 -16.80 -2.45
CA THR A 147 4.36 -15.54 -1.80
C THR A 147 5.54 -15.54 -0.82
N ASN A 148 5.98 -14.37 -0.45
CA ASN A 148 7.00 -14.19 0.54
C ASN A 148 6.49 -13.13 1.44
N GLY A 149 5.73 -13.57 2.42
CA GLY A 149 5.08 -12.71 3.36
C GLY A 149 4.16 -13.54 4.22
N ASP A 150 3.04 -13.01 4.61
CA ASP A 150 2.12 -13.75 5.46
C ASP A 150 0.79 -13.98 4.78
N ARG A 151 0.53 -15.20 4.39
CA ARG A 151 -0.73 -15.53 3.78
C ARG A 151 -1.79 -15.76 4.86
N ILE A 152 -2.80 -14.94 4.84
CA ILE A 152 -3.89 -15.06 5.77
C ILE A 152 -4.84 -16.10 5.22
N GLU A 153 -5.01 -16.04 3.93
CA GLU A 153 -5.85 -16.93 3.17
C GLU A 153 -5.06 -17.29 1.92
N PRO A 154 -5.48 -18.31 1.14
CA PRO A 154 -4.79 -18.66 -0.11
C PRO A 154 -5.08 -17.64 -1.20
N GLU A 155 -5.86 -16.66 -0.83
CA GLU A 155 -6.27 -15.61 -1.71
C GLU A 155 -6.06 -14.23 -1.07
N VAL A 156 -5.48 -14.21 0.12
CA VAL A 156 -5.25 -12.93 0.83
C VAL A 156 -3.90 -13.00 1.52
N VAL A 157 -3.02 -12.08 1.19
CA VAL A 157 -1.69 -12.06 1.76
C VAL A 157 -1.41 -10.67 2.32
N GLN A 158 -0.71 -10.63 3.43
CA GLN A 158 -0.41 -9.39 4.08
C GLN A 158 1.07 -9.36 4.44
N TRP A 159 1.62 -8.17 4.50
CA TRP A 159 2.99 -7.96 4.87
C TRP A 159 3.06 -6.86 5.89
N LYS A 160 3.73 -7.12 6.98
CA LYS A 160 4.01 -6.09 7.94
C LYS A 160 5.41 -5.60 7.77
N LEU A 161 5.51 -4.40 7.37
CA LEU A 161 6.78 -3.79 7.13
C LEU A 161 7.12 -2.89 8.31
N LYS A 162 8.32 -3.01 8.80
CA LYS A 162 8.78 -2.26 9.95
C LYS A 162 9.93 -1.33 9.62
N PRO A 163 9.99 -0.16 10.27
CA PRO A 163 11.12 0.75 10.15
C PRO A 163 12.37 0.16 10.79
N GLY A 164 13.52 0.68 10.44
CA GLY A 164 14.81 0.24 11.03
C GLY A 164 15.23 -1.18 10.63
N VAL A 165 14.34 -1.89 10.01
CA VAL A 165 14.66 -3.19 9.48
C VAL A 165 14.41 -3.20 7.97
N VAL A 166 14.83 -4.24 7.31
CA VAL A 166 14.61 -4.39 5.89
C VAL A 166 13.68 -5.58 5.65
N SER A 167 12.79 -5.48 4.70
CA SER A 167 11.88 -6.56 4.42
C SER A 167 11.67 -6.73 2.91
N THR A 168 11.55 -7.96 2.47
CA THR A 168 11.30 -8.25 1.09
C THR A 168 9.86 -8.74 0.93
N MET A 169 9.22 -8.33 -0.13
CA MET A 169 7.83 -8.65 -0.34
C MET A 169 7.69 -9.36 -1.67
N SER A 170 7.01 -10.46 -1.69
CA SER A 170 6.72 -11.08 -2.95
C SER A 170 5.34 -11.73 -2.91
N ALA A 171 4.63 -11.61 -3.99
CA ALA A 171 3.33 -12.20 -4.15
C ALA A 171 3.15 -12.56 -5.57
N GLN A 172 2.93 -13.78 -5.81
CA GLN A 172 2.72 -14.26 -7.15
C GLN A 172 1.45 -15.05 -7.14
N ALA A 173 0.59 -14.76 -8.06
CA ALA A 173 -0.72 -15.38 -8.10
C ALA A 173 -1.18 -15.50 -9.52
N ARG A 174 -2.02 -16.45 -9.81
CA ARG A 174 -2.45 -16.68 -11.18
C ARG A 174 -3.78 -15.97 -11.40
N TYR A 175 -3.89 -15.13 -12.44
CA TYR A 175 -5.14 -14.41 -12.67
C TYR A 175 -5.47 -14.49 -14.12
N THR A 176 -6.72 -14.47 -14.44
CA THR A 176 -7.18 -14.56 -15.81
C THR A 176 -6.69 -13.36 -16.63
N ASP A 177 -5.74 -13.61 -17.52
CA ASP A 177 -5.14 -12.60 -18.33
C ASP A 177 -5.95 -12.23 -19.55
N PRO A 178 -6.30 -10.94 -19.67
CA PRO A 178 -7.05 -10.42 -20.84
C PRO A 178 -6.13 -10.33 -22.05
N ASN A 179 -4.85 -10.32 -21.77
CA ASN A 179 -3.82 -10.24 -22.75
C ASN A 179 -3.56 -11.60 -23.36
N THR A 180 -3.86 -12.63 -22.60
CA THR A 180 -3.65 -14.03 -22.99
C THR A 180 -2.28 -14.33 -23.55
N ARG A 181 -1.33 -14.40 -22.66
CA ARG A 181 0.03 -14.64 -23.02
C ARG A 181 0.53 -15.88 -22.35
N SER A 182 1.63 -16.39 -22.82
CA SER A 182 2.22 -17.57 -22.27
C SER A 182 3.72 -17.54 -22.56
N GLY A 12 9.29 26.98 -0.48
CA GLY A 12 10.45 27.41 0.31
C GLY A 12 10.84 26.34 1.26
N ARG A 13 11.96 26.50 1.98
CA ARG A 13 12.37 25.47 2.92
C ARG A 13 11.65 25.68 4.22
N GLU A 14 10.46 25.19 4.28
CA GLU A 14 9.68 25.25 5.46
C GLU A 14 9.73 23.88 6.08
N ASN A 15 10.77 23.64 6.82
CA ASN A 15 11.00 22.33 7.40
C ASN A 15 10.21 22.18 8.67
N LEU A 16 9.05 21.61 8.53
CA LEU A 16 8.13 21.39 9.63
C LEU A 16 8.05 19.90 9.89
N TYR A 17 9.09 19.21 9.45
CA TYR A 17 9.16 17.78 9.56
C TYR A 17 9.51 17.35 10.98
N PHE A 18 8.50 17.16 11.76
CA PHE A 18 8.63 16.67 13.10
C PHE A 18 8.43 15.16 13.10
N GLN A 19 8.97 14.49 14.07
CA GLN A 19 8.76 13.07 14.18
C GLN A 19 7.46 12.82 14.90
N GLY A 20 6.43 12.62 14.13
CA GLY A 20 5.15 12.29 14.68
C GLY A 20 5.11 10.84 14.97
N HIS A 21 5.23 10.50 16.23
CA HIS A 21 5.24 9.13 16.66
C HIS A 21 3.89 8.51 16.50
N MET A 22 3.92 7.21 16.26
CA MET A 22 2.75 6.39 16.00
C MET A 22 2.21 6.74 14.64
N LEU A 23 2.79 6.14 13.66
CA LEU A 23 2.44 6.36 12.29
C LEU A 23 2.30 5.03 11.63
N ARG A 24 1.21 4.84 10.99
CA ARG A 24 0.92 3.59 10.38
C ARG A 24 0.42 3.81 8.98
N VAL A 25 1.06 3.16 8.07
CA VAL A 25 0.67 3.24 6.69
C VAL A 25 0.13 1.89 6.26
N ARG A 26 -1.12 1.87 5.95
CA ARG A 26 -1.79 0.67 5.56
C ARG A 26 -2.25 0.77 4.15
N ALA A 27 -1.68 -0.02 3.31
CA ALA A 27 -2.08 -0.07 1.95
C ALA A 27 -2.76 -1.39 1.73
N SER A 28 -4.04 -1.35 1.54
CA SER A 28 -4.82 -2.53 1.38
C SER A 28 -5.49 -2.46 0.02
N ILE A 29 -5.14 -3.36 -0.86
CA ILE A 29 -5.67 -3.34 -2.19
C ILE A 29 -6.24 -4.69 -2.56
N THR A 30 -7.26 -4.69 -3.33
CA THR A 30 -7.89 -5.89 -3.76
C THR A 30 -8.04 -5.88 -5.28
N ILE A 31 -7.67 -6.98 -5.91
CA ILE A 31 -7.75 -7.08 -7.34
C ILE A 31 -8.70 -8.22 -7.75
N SER A 32 -9.80 -7.81 -8.31
CA SER A 32 -10.88 -8.66 -8.70
C SER A 32 -10.56 -9.42 -10.03
N PRO A 33 -11.32 -10.51 -10.36
CA PRO A 33 -11.04 -11.33 -11.57
C PRO A 33 -11.36 -10.59 -12.89
N ASP A 34 -11.80 -9.35 -12.78
CA ASP A 34 -12.08 -8.53 -13.96
C ASP A 34 -10.81 -7.77 -14.30
N ASP A 35 -9.79 -7.99 -13.48
CA ASP A 35 -8.51 -7.29 -13.50
C ASP A 35 -8.80 -5.87 -13.07
N LEU A 36 -9.76 -5.78 -12.21
CA LEU A 36 -10.18 -4.58 -11.66
C LEU A 36 -9.49 -4.45 -10.32
N VAL A 37 -8.81 -3.36 -10.15
CA VAL A 37 -8.09 -3.12 -8.95
C VAL A 37 -8.78 -2.00 -8.22
N SER A 38 -9.03 -2.22 -6.98
CA SER A 38 -9.59 -1.24 -6.12
C SER A 38 -8.90 -1.36 -4.78
N GLY A 39 -8.67 -0.28 -4.10
CA GLY A 39 -7.97 -0.37 -2.87
C GLY A 39 -7.91 0.92 -2.16
N GLU A 40 -7.20 0.92 -1.09
CA GLU A 40 -7.14 2.04 -0.22
C GLU A 40 -5.74 2.13 0.38
N ILE A 41 -5.19 3.30 0.37
CA ILE A 41 -3.91 3.54 0.97
C ILE A 41 -4.12 4.57 2.06
N ILE A 42 -3.89 4.18 3.27
CA ILE A 42 -4.10 5.04 4.41
C ILE A 42 -2.78 5.30 5.10
N ALA A 43 -2.35 6.51 5.10
CA ALA A 43 -1.19 6.89 5.82
C ALA A 43 -1.67 7.71 7.00
N ALA A 44 -1.59 7.15 8.18
CA ALA A 44 -2.09 7.82 9.34
C ALA A 44 -1.00 8.03 10.35
N ALA A 45 -0.89 9.24 10.81
CA ALA A 45 0.11 9.61 11.77
C ALA A 45 -0.58 10.19 12.99
N LYS A 46 -0.08 9.94 14.15
CA LYS A 46 -0.68 10.53 15.30
C LYS A 46 -0.17 11.96 15.42
N PRO A 47 -1.12 12.96 15.39
CA PRO A 47 -0.84 14.39 15.26
C PRO A 47 0.46 14.90 15.91
N LYS A 48 0.53 14.79 17.24
CA LYS A 48 1.66 15.28 18.06
C LYS A 48 1.77 16.82 18.07
N ASN A 49 1.82 17.42 16.90
CA ASN A 49 1.91 18.86 16.80
C ASN A 49 0.59 19.40 16.29
N SER A 50 0.23 20.57 16.77
CA SER A 50 -1.03 21.25 16.50
C SER A 50 -1.27 21.53 14.99
N LYS A 51 -0.23 21.47 14.17
CA LYS A 51 -0.34 21.82 12.77
C LYS A 51 -1.04 20.76 11.97
N ASP A 52 -1.05 19.56 12.48
CA ASP A 52 -1.57 18.50 11.74
C ASP A 52 -2.92 18.02 12.16
N THR A 53 -3.88 18.30 11.32
CA THR A 53 -5.23 17.87 11.52
C THR A 53 -5.68 16.98 10.34
N GLY A 54 -4.96 17.06 9.23
CA GLY A 54 -5.26 16.23 8.09
C GLY A 54 -4.39 16.54 6.88
N PRO A 55 -3.32 15.79 6.66
CA PRO A 55 -2.50 15.87 5.44
C PRO A 55 -3.24 15.23 4.24
N ALA A 56 -2.84 15.57 3.03
CA ALA A 56 -3.44 15.01 1.85
C ALA A 56 -2.35 14.51 0.90
N LEU A 57 -2.53 13.31 0.37
CA LEU A 57 -1.58 12.74 -0.57
C LEU A 57 -1.74 13.38 -1.93
N ASP A 58 -0.66 13.63 -2.60
CA ASP A 58 -0.74 14.20 -3.92
C ASP A 58 -0.29 13.19 -4.93
N GLY A 59 -1.22 12.58 -5.54
CA GLY A 59 -0.93 11.63 -6.57
C GLY A 59 -1.43 12.11 -7.90
N ASP A 60 -0.56 12.73 -8.65
CA ASP A 60 -0.92 13.20 -9.97
C ASP A 60 -0.62 12.10 -10.96
N VAL A 61 -1.62 11.37 -11.29
CA VAL A 61 -1.50 10.25 -12.18
C VAL A 61 -2.46 10.43 -13.34
N PRO A 62 -2.26 9.72 -14.47
CA PRO A 62 -3.17 9.79 -15.63
C PRO A 62 -4.59 9.38 -15.25
N PHE A 63 -4.68 8.55 -14.25
CA PHE A 63 -5.95 8.03 -13.78
C PHE A 63 -6.34 8.65 -12.44
N SER A 64 -6.15 9.94 -12.30
CA SER A 64 -6.53 10.64 -11.08
C SER A 64 -8.04 10.50 -10.78
N GLN A 65 -8.83 10.34 -11.84
CA GLN A 65 -10.29 10.20 -11.72
C GLN A 65 -10.65 8.90 -11.02
N LYS A 66 -9.70 7.98 -11.00
CA LYS A 66 -9.91 6.69 -10.41
C LYS A 66 -9.55 6.72 -8.95
N VAL A 67 -8.77 7.70 -8.54
CA VAL A 67 -8.31 7.76 -7.18
C VAL A 67 -8.82 8.99 -6.42
N ALA A 68 -9.52 8.74 -5.36
CA ALA A 68 -10.06 9.76 -4.53
C ALA A 68 -9.21 9.89 -3.29
N VAL A 69 -8.57 11.00 -3.15
CA VAL A 69 -7.71 11.26 -2.03
C VAL A 69 -8.49 12.07 -1.02
N SER A 70 -8.29 11.79 0.23
CA SER A 70 -9.00 12.45 1.29
C SER A 70 -8.11 12.51 2.52
N ASN A 71 -8.51 13.31 3.49
CA ASN A 71 -7.78 13.37 4.75
C ASN A 71 -8.24 12.19 5.60
N TYR A 72 -7.43 11.76 6.48
CA TYR A 72 -7.79 10.67 7.33
C TYR A 72 -7.82 11.15 8.76
N ASP A 73 -8.93 10.96 9.40
CA ASP A 73 -9.12 11.30 10.80
C ASP A 73 -9.90 10.19 11.44
N SER A 74 -9.20 9.33 12.14
CA SER A 74 -9.79 8.20 12.81
C SER A 74 -8.89 7.75 13.95
N ASP A 75 -9.51 7.42 15.09
CA ASP A 75 -8.85 6.83 16.29
C ASP A 75 -7.88 7.82 16.98
N GLY A 76 -7.77 8.99 16.46
CA GLY A 76 -6.82 9.91 16.99
C GLY A 76 -5.59 9.98 16.14
N TYR A 77 -5.65 9.37 14.98
CA TYR A 77 -4.61 9.49 13.99
C TYR A 77 -5.11 10.40 12.90
N VAL A 78 -4.24 11.20 12.37
CA VAL A 78 -4.57 12.05 11.27
C VAL A 78 -3.61 11.77 10.14
N GLY A 79 -4.09 11.68 8.99
CA GLY A 79 -3.22 11.40 7.92
C GLY A 79 -3.87 11.66 6.62
N SER A 80 -3.39 11.00 5.65
CA SER A 80 -3.86 11.14 4.32
C SER A 80 -4.18 9.78 3.72
N GLN A 81 -5.29 9.70 3.03
CA GLN A 81 -5.68 8.46 2.43
C GLN A 81 -5.98 8.64 0.97
N ALA A 82 -5.68 7.64 0.20
CA ALA A 82 -6.00 7.61 -1.19
C ALA A 82 -6.80 6.36 -1.45
N VAL A 83 -8.02 6.54 -1.82
CA VAL A 83 -8.88 5.42 -2.11
C VAL A 83 -9.08 5.36 -3.60
N PHE A 84 -8.70 4.28 -4.19
CA PHE A 84 -8.76 4.17 -5.62
C PHE A 84 -9.68 3.06 -6.04
N SER A 85 -10.18 3.16 -7.23
CA SER A 85 -11.16 2.24 -7.72
C SER A 85 -11.16 2.21 -9.23
N ASP A 86 -11.65 1.12 -9.79
CA ASP A 86 -11.86 0.94 -11.25
C ASP A 86 -10.52 0.97 -12.00
N LEU A 87 -9.53 0.43 -11.37
CA LEU A 87 -8.25 0.36 -12.00
C LEU A 87 -8.04 -1.01 -12.62
N THR A 88 -7.05 -1.13 -13.43
CA THR A 88 -6.70 -2.37 -14.07
C THR A 88 -5.22 -2.64 -13.74
N PHE A 89 -4.70 -3.84 -14.05
CA PHE A 89 -3.31 -4.19 -13.69
C PHE A 89 -2.30 -3.21 -14.29
N ALA A 90 -2.58 -2.68 -15.46
CA ALA A 90 -1.69 -1.70 -16.11
C ALA A 90 -1.56 -0.43 -15.27
N GLU A 91 -2.61 -0.13 -14.54
CA GLU A 91 -2.66 1.05 -13.72
C GLU A 91 -2.05 0.77 -12.33
N LEU A 92 -1.90 -0.52 -12.00
CA LEU A 92 -1.40 -0.96 -10.69
C LEU A 92 0.07 -0.50 -10.39
N PRO A 93 1.09 -0.79 -11.25
CA PRO A 93 2.45 -0.31 -10.99
C PRO A 93 2.50 1.22 -11.02
N GLN A 94 1.68 1.78 -11.85
CA GLN A 94 1.59 3.16 -12.07
C GLN A 94 1.04 3.88 -10.82
N LEU A 95 0.11 3.24 -10.12
CA LEU A 95 -0.39 3.79 -8.86
C LEU A 95 0.62 3.53 -7.76
N ALA A 96 1.50 2.55 -8.00
CA ALA A 96 2.45 2.11 -7.01
C ALA A 96 3.50 3.17 -6.80
N ASN A 97 3.68 4.06 -7.78
CA ASN A 97 4.57 5.19 -7.61
C ASN A 97 4.09 6.01 -6.42
N MET A 98 2.82 6.45 -6.51
CA MET A 98 2.18 7.25 -5.46
C MET A 98 2.25 6.53 -4.13
N ASN A 99 1.90 5.25 -4.16
CA ASN A 99 1.92 4.39 -2.97
C ASN A 99 3.30 4.42 -2.30
N SER A 100 4.35 4.42 -3.13
CA SER A 100 5.68 4.34 -2.62
C SER A 100 6.06 5.57 -1.82
N ASP A 101 5.44 6.70 -2.15
CA ASP A 101 5.77 7.97 -1.48
C ASP A 101 5.27 7.96 -0.04
N ALA A 102 4.36 7.05 0.25
CA ALA A 102 3.83 6.92 1.59
C ALA A 102 4.39 5.68 2.26
N ALA A 103 5.06 4.83 1.49
CA ALA A 103 5.53 3.56 2.00
C ALA A 103 7.02 3.56 2.26
N GLY A 104 7.80 4.07 1.32
CA GLY A 104 9.24 4.04 1.43
C GLY A 104 9.77 2.71 0.97
N VAL A 105 9.03 2.09 0.08
CA VAL A 105 9.37 0.79 -0.43
C VAL A 105 9.57 0.90 -1.93
N ASN A 106 10.32 0.01 -2.50
CA ASN A 106 10.49 -0.02 -3.93
C ASN A 106 9.66 -1.14 -4.48
N LEU A 107 8.75 -0.83 -5.36
CA LEU A 107 7.85 -1.80 -5.92
C LEU A 107 8.19 -2.07 -7.37
N SER A 108 8.15 -3.32 -7.73
CA SER A 108 8.41 -3.75 -9.07
C SER A 108 7.49 -4.94 -9.38
N LEU A 109 6.62 -4.79 -10.33
CA LEU A 109 5.70 -5.85 -10.65
C LEU A 109 5.42 -5.90 -12.12
N ARG A 110 5.14 -7.08 -12.59
CA ARG A 110 4.84 -7.34 -14.00
C ARG A 110 3.91 -8.54 -14.14
N ARG A 111 3.22 -8.59 -15.26
CA ARG A 111 2.39 -9.68 -15.60
C ARG A 111 3.20 -10.64 -16.47
N ASN A 112 3.56 -11.78 -15.93
CA ASN A 112 4.31 -12.78 -16.64
C ASN A 112 3.32 -13.75 -17.27
N GLY A 113 2.95 -13.47 -18.49
CA GLY A 113 1.96 -14.26 -19.15
C GLY A 113 0.61 -13.98 -18.54
N ASN A 114 0.03 -14.96 -17.94
CA ASN A 114 -1.25 -14.77 -17.28
C ASN A 114 -1.05 -14.80 -15.76
N ILE A 115 0.18 -14.92 -15.34
CA ILE A 115 0.46 -14.94 -13.94
C ILE A 115 1.20 -13.66 -13.57
N VAL A 116 1.03 -13.21 -12.40
CA VAL A 116 1.62 -11.97 -11.95
C VAL A 116 2.75 -12.22 -11.00
N ILE A 117 3.79 -11.45 -11.17
CA ILE A 117 4.91 -11.47 -10.28
C ILE A 117 5.04 -10.07 -9.68
N LEU A 118 4.93 -10.00 -8.40
CA LEU A 118 5.03 -8.73 -7.73
C LEU A 118 6.08 -8.79 -6.67
N GLU A 119 6.96 -7.84 -6.68
CA GLU A 119 7.94 -7.72 -5.63
C GLU A 119 7.99 -6.28 -5.12
N GLY A 120 8.36 -6.17 -3.90
CA GLY A 120 8.54 -4.92 -3.27
C GLY A 120 9.57 -5.06 -2.21
N ARG A 121 10.53 -4.22 -2.21
CA ARG A 121 11.56 -4.31 -1.21
C ARG A 121 11.51 -3.09 -0.37
N ALA A 122 11.41 -3.30 0.91
CA ALA A 122 11.17 -2.24 1.82
C ALA A 122 12.38 -1.91 2.66
N ASP A 123 12.80 -0.68 2.59
CA ASP A 123 13.86 -0.18 3.44
C ASP A 123 13.20 0.49 4.63
N LEU A 124 13.04 -0.24 5.70
CA LEU A 124 12.43 0.32 6.89
C LEU A 124 13.50 0.64 7.89
N THR A 125 14.72 0.40 7.52
CA THR A 125 15.84 0.59 8.40
C THR A 125 16.19 2.08 8.51
N SER A 126 15.71 2.88 7.56
CA SER A 126 15.92 4.32 7.59
C SER A 126 15.07 5.00 8.69
N VAL A 127 13.98 4.37 9.08
CA VAL A 127 13.17 4.87 10.16
C VAL A 127 13.51 4.10 11.44
N SER A 128 13.88 4.81 12.47
CA SER A 128 14.43 4.18 13.65
C SER A 128 13.53 4.25 14.89
N ASP A 129 12.29 4.67 14.76
CA ASP A 129 11.42 4.66 15.93
C ASP A 129 10.61 3.38 15.93
N PRO A 130 10.22 2.86 17.10
CA PRO A 130 9.43 1.63 17.20
C PRO A 130 7.93 1.82 16.86
N ASP A 131 7.49 3.07 16.74
CA ASP A 131 6.07 3.37 16.65
C ASP A 131 5.56 3.36 15.22
N ALA A 132 6.46 3.34 14.27
CA ALA A 132 6.08 3.28 12.86
C ALA A 132 5.59 1.88 12.50
N ASP A 133 4.51 1.80 11.76
CA ASP A 133 4.01 0.52 11.29
C ASP A 133 3.70 0.60 9.81
N VAL A 134 4.27 -0.28 9.04
CA VAL A 134 4.02 -0.30 7.62
C VAL A 134 3.30 -1.62 7.29
N GLU A 135 2.11 -1.53 6.77
CA GLU A 135 1.31 -2.70 6.53
C GLU A 135 0.78 -2.71 5.10
N LEU A 136 1.12 -3.76 4.38
CA LEU A 136 0.71 -3.91 2.98
C LEU A 136 -0.18 -5.15 2.92
N THR A 137 -1.40 -5.00 2.49
CA THR A 137 -2.34 -6.10 2.42
C THR A 137 -2.92 -6.19 0.98
N VAL A 138 -2.91 -7.38 0.40
CA VAL A 138 -3.45 -7.57 -0.94
C VAL A 138 -4.42 -8.73 -0.93
N ALA A 139 -5.60 -8.51 -1.47
CA ALA A 139 -6.59 -9.54 -1.58
C ALA A 139 -6.92 -9.76 -3.04
N PHE A 140 -6.78 -10.96 -3.48
CA PHE A 140 -7.12 -11.33 -4.82
C PHE A 140 -7.91 -12.61 -4.82
N PRO A 141 -9.18 -12.59 -5.22
CA PRO A 141 -10.05 -13.79 -5.23
C PRO A 141 -9.66 -14.85 -6.30
N ALA A 142 -8.38 -14.93 -6.62
CA ALA A 142 -7.90 -15.89 -7.55
C ALA A 142 -7.18 -16.99 -6.81
N ALA A 143 -5.84 -16.87 -6.70
CA ALA A 143 -5.01 -17.86 -6.05
C ALA A 143 -3.57 -17.43 -6.13
N VAL A 144 -2.93 -17.37 -5.01
CA VAL A 144 -1.53 -17.08 -4.95
C VAL A 144 -0.77 -18.36 -5.27
N THR A 145 0.26 -18.27 -6.03
CA THR A 145 1.00 -19.44 -6.37
C THR A 145 2.30 -19.50 -5.55
N SER A 146 2.85 -18.33 -5.22
CA SER A 146 4.06 -18.24 -4.40
C SER A 146 4.10 -16.86 -3.76
N THR A 147 4.35 -16.78 -2.48
CA THR A 147 4.46 -15.49 -1.84
C THR A 147 5.60 -15.46 -0.81
N ASN A 148 6.16 -14.29 -0.61
CA ASN A 148 7.17 -14.04 0.39
C ASN A 148 6.58 -13.03 1.32
N GLY A 149 5.84 -13.50 2.28
CA GLY A 149 5.18 -12.67 3.23
C GLY A 149 4.31 -13.52 4.07
N ASP A 150 3.24 -12.99 4.59
CA ASP A 150 2.42 -13.78 5.46
C ASP A 150 1.09 -14.01 4.82
N ARG A 151 0.89 -15.20 4.36
CA ARG A 151 -0.34 -15.56 3.71
C ARG A 151 -1.41 -15.85 4.72
N ILE A 152 -2.50 -15.15 4.60
CA ILE A 152 -3.63 -15.34 5.48
C ILE A 152 -4.49 -16.40 4.86
N GLU A 153 -4.74 -16.26 3.59
CA GLU A 153 -5.51 -17.18 2.83
C GLU A 153 -4.75 -17.43 1.53
N PRO A 154 -5.14 -18.41 0.69
CA PRO A 154 -4.47 -18.65 -0.59
C PRO A 154 -4.83 -17.57 -1.61
N GLU A 155 -5.65 -16.64 -1.19
CA GLU A 155 -6.07 -15.56 -2.04
C GLU A 155 -5.91 -14.20 -1.32
N VAL A 156 -5.35 -14.23 -0.13
CA VAL A 156 -5.14 -13.00 0.65
C VAL A 156 -3.80 -13.08 1.34
N VAL A 157 -2.95 -12.14 1.05
CA VAL A 157 -1.61 -12.12 1.60
C VAL A 157 -1.35 -10.75 2.21
N GLN A 158 -0.62 -10.72 3.29
CA GLN A 158 -0.37 -9.51 4.00
C GLN A 158 1.08 -9.46 4.43
N TRP A 159 1.65 -8.30 4.40
CA TRP A 159 3.00 -8.09 4.78
C TRP A 159 3.06 -7.09 5.89
N LYS A 160 3.68 -7.48 6.96
CA LYS A 160 3.83 -6.64 8.10
C LYS A 160 5.26 -6.15 8.17
N LEU A 161 5.43 -4.90 7.87
CA LEU A 161 6.73 -4.28 7.81
C LEU A 161 6.99 -3.47 9.06
N LYS A 162 8.03 -3.83 9.76
CA LYS A 162 8.41 -3.16 10.98
C LYS A 162 9.59 -2.24 10.75
N PRO A 163 9.65 -1.11 11.45
CA PRO A 163 10.74 -0.14 11.32
C PRO A 163 12.03 -0.66 11.93
N GLY A 164 13.14 -0.16 11.47
CA GLY A 164 14.43 -0.56 11.99
C GLY A 164 14.90 -1.87 11.39
N VAL A 165 13.98 -2.72 11.05
CA VAL A 165 14.30 -3.99 10.44
C VAL A 165 13.98 -3.96 8.95
N VAL A 166 14.49 -4.91 8.22
CA VAL A 166 14.29 -4.97 6.79
C VAL A 166 13.46 -6.19 6.42
N SER A 167 12.59 -6.06 5.43
CA SER A 167 11.78 -7.16 4.95
C SER A 167 11.38 -6.92 3.49
N THR A 168 11.32 -7.98 2.74
CA THR A 168 10.88 -7.95 1.39
C THR A 168 9.41 -8.36 1.31
N MET A 169 8.72 -7.91 0.30
CA MET A 169 7.36 -8.32 0.07
C MET A 169 7.30 -8.87 -1.35
N SER A 170 6.83 -10.06 -1.51
CA SER A 170 6.68 -10.61 -2.83
C SER A 170 5.43 -11.46 -2.91
N ALA A 171 4.80 -11.45 -4.04
CA ALA A 171 3.59 -12.17 -4.27
C ALA A 171 3.52 -12.51 -5.70
N GLN A 172 3.34 -13.74 -5.96
CA GLN A 172 3.18 -14.22 -7.29
C GLN A 172 1.87 -14.98 -7.32
N ALA A 173 1.06 -14.67 -8.26
CA ALA A 173 -0.28 -15.23 -8.30
C ALA A 173 -0.76 -15.32 -9.71
N ARG A 174 -1.74 -16.12 -9.96
CA ARG A 174 -2.25 -16.24 -11.31
C ARG A 174 -3.48 -15.34 -11.42
N TYR A 175 -3.54 -14.47 -12.43
CA TYR A 175 -4.68 -13.56 -12.57
C TYR A 175 -5.34 -13.77 -13.88
N THR A 176 -6.57 -13.51 -13.94
CA THR A 176 -7.30 -13.64 -15.13
C THR A 176 -7.20 -12.34 -15.94
N ASP A 177 -6.32 -12.34 -16.94
CA ASP A 177 -6.14 -11.17 -17.81
C ASP A 177 -7.46 -10.92 -18.53
N PRO A 178 -7.91 -9.66 -18.68
CA PRO A 178 -9.24 -9.33 -19.25
C PRO A 178 -9.48 -10.00 -20.62
N ASN A 179 -8.48 -9.90 -21.43
CA ASN A 179 -8.45 -10.41 -22.79
C ASN A 179 -8.03 -11.87 -22.79
N THR A 180 -7.56 -12.34 -21.62
CA THR A 180 -7.05 -13.68 -21.40
C THR A 180 -5.85 -13.99 -22.29
N ARG A 181 -4.69 -13.53 -21.88
CA ARG A 181 -3.51 -13.69 -22.68
C ARG A 181 -2.81 -14.99 -22.31
N SER A 182 -2.12 -15.51 -23.29
CA SER A 182 -1.33 -16.72 -23.26
C SER A 182 -0.75 -16.85 -24.67
N GLY A 12 1.78 33.09 22.23
CA GLY A 12 3.17 32.93 21.81
C GLY A 12 3.21 32.07 20.58
N ARG A 13 4.36 31.56 20.26
CA ARG A 13 4.50 30.70 19.10
C ARG A 13 5.26 29.44 19.42
N GLU A 14 4.75 28.71 20.35
CA GLU A 14 5.32 27.44 20.71
C GLU A 14 4.69 26.35 19.92
N ASN A 15 5.40 25.87 18.94
CA ASN A 15 4.98 24.74 18.15
C ASN A 15 5.38 23.50 18.91
N LEU A 16 4.61 22.44 18.80
CA LEU A 16 4.94 21.23 19.50
C LEU A 16 6.07 20.51 18.78
N TYR A 17 7.20 20.48 19.43
CA TYR A 17 8.45 19.98 18.88
C TYR A 17 8.39 18.50 18.55
N PHE A 18 8.95 18.18 17.39
CA PHE A 18 9.05 16.82 16.84
C PHE A 18 7.69 16.24 16.54
N GLN A 19 7.28 16.38 15.30
CA GLN A 19 6.00 15.91 14.88
C GLN A 19 6.06 14.41 14.65
N GLY A 20 5.73 13.68 15.66
CA GLY A 20 5.71 12.26 15.54
C GLY A 20 5.74 11.58 16.86
N HIS A 21 5.10 10.44 16.92
CA HIS A 21 5.02 9.59 18.10
C HIS A 21 4.79 8.16 17.69
N MET A 22 3.91 7.97 16.70
CA MET A 22 3.57 6.66 16.15
C MET A 22 3.05 6.84 14.76
N LEU A 23 3.35 5.91 13.90
CA LEU A 23 2.80 5.88 12.55
C LEU A 23 2.14 4.54 12.33
N ARG A 24 0.99 4.52 11.73
CA ARG A 24 0.39 3.27 11.36
C ARG A 24 -0.16 3.39 9.98
N VAL A 25 0.25 2.53 9.13
CA VAL A 25 -0.19 2.57 7.77
C VAL A 25 -0.95 1.30 7.46
N ARG A 26 -2.19 1.45 7.11
CA ARG A 26 -3.02 0.34 6.76
C ARG A 26 -3.24 0.40 5.27
N ALA A 27 -2.73 -0.53 4.57
CA ALA A 27 -2.93 -0.60 3.16
C ALA A 27 -3.63 -1.87 2.85
N SER A 28 -4.77 -1.78 2.28
CA SER A 28 -5.52 -2.97 1.97
C SER A 28 -6.10 -2.83 0.58
N ILE A 29 -5.65 -3.66 -0.32
CA ILE A 29 -6.07 -3.57 -1.70
C ILE A 29 -6.58 -4.92 -2.17
N THR A 30 -7.52 -4.91 -3.04
CA THR A 30 -8.09 -6.10 -3.57
C THR A 30 -8.03 -6.07 -5.11
N ILE A 31 -7.51 -7.12 -5.67
CA ILE A 31 -7.39 -7.23 -7.10
C ILE A 31 -8.30 -8.35 -7.59
N SER A 32 -9.23 -8.00 -8.43
CA SER A 32 -10.21 -8.91 -8.93
C SER A 32 -9.64 -9.68 -10.14
N PRO A 33 -10.24 -10.84 -10.53
CA PRO A 33 -9.79 -11.65 -11.69
C PRO A 33 -10.06 -10.93 -13.02
N ASP A 34 -10.59 -9.73 -12.92
CA ASP A 34 -10.88 -8.85 -14.05
C ASP A 34 -9.60 -8.14 -14.44
N ASP A 35 -8.58 -8.32 -13.58
CA ASP A 35 -7.25 -7.67 -13.68
C ASP A 35 -7.45 -6.20 -13.30
N LEU A 36 -8.46 -6.00 -12.45
CA LEU A 36 -8.79 -4.70 -11.98
C LEU A 36 -8.43 -4.64 -10.50
N VAL A 37 -7.89 -3.54 -10.11
CA VAL A 37 -7.44 -3.36 -8.76
C VAL A 37 -8.25 -2.23 -8.11
N SER A 38 -8.58 -2.42 -6.87
CA SER A 38 -9.27 -1.44 -6.07
C SER A 38 -8.79 -1.59 -4.64
N GLY A 39 -8.63 -0.51 -3.93
CA GLY A 39 -8.11 -0.62 -2.62
C GLY A 39 -8.03 0.69 -1.91
N GLU A 40 -7.41 0.67 -0.77
CA GLU A 40 -7.33 1.80 0.09
C GLU A 40 -5.98 1.79 0.79
N ILE A 41 -5.33 2.91 0.81
CA ILE A 41 -4.09 3.04 1.53
C ILE A 41 -4.24 4.17 2.52
N ILE A 42 -4.16 3.84 3.77
CA ILE A 42 -4.32 4.79 4.84
C ILE A 42 -3.01 4.93 5.58
N ALA A 43 -2.43 6.09 5.51
CA ALA A 43 -1.23 6.35 6.25
C ALA A 43 -1.59 7.30 7.36
N ALA A 44 -1.60 6.81 8.58
CA ALA A 44 -2.02 7.60 9.71
C ALA A 44 -0.87 7.86 10.65
N ALA A 45 -0.79 9.08 11.08
CA ALA A 45 0.24 9.51 11.97
C ALA A 45 -0.37 9.99 13.28
N LYS A 46 0.40 9.96 14.33
CA LYS A 46 -0.02 10.47 15.62
C LYS A 46 0.08 12.01 15.51
N PRO A 47 -1.10 12.72 15.51
CA PRO A 47 -1.23 14.17 15.25
C PRO A 47 -0.05 15.04 15.64
N LYS A 48 0.14 15.22 16.96
CA LYS A 48 1.19 16.05 17.55
C LYS A 48 0.98 17.54 17.22
N ASN A 49 1.08 17.86 15.96
CA ASN A 49 0.94 19.22 15.47
C ASN A 49 -0.52 19.65 15.60
N SER A 50 -0.74 20.83 16.12
CA SER A 50 -2.08 21.32 16.39
C SER A 50 -2.81 21.70 15.08
N LYS A 51 -2.06 21.98 14.01
CA LYS A 51 -2.70 22.40 12.76
C LYS A 51 -2.75 21.27 11.75
N ASP A 52 -2.25 20.11 12.12
CA ASP A 52 -2.19 19.00 11.18
C ASP A 52 -3.44 18.16 11.25
N THR A 53 -4.28 18.35 10.27
CA THR A 53 -5.51 17.62 10.16
C THR A 53 -5.33 16.39 9.28
N GLY A 54 -4.30 16.42 8.47
CA GLY A 54 -4.01 15.33 7.62
C GLY A 54 -2.87 15.66 6.68
N PRO A 55 -1.74 14.92 6.72
CA PRO A 55 -0.63 15.11 5.78
C PRO A 55 -1.11 15.06 4.32
N ALA A 56 -0.58 15.92 3.52
CA ALA A 56 -0.97 15.99 2.13
C ALA A 56 -0.12 15.07 1.30
N LEU A 57 -0.76 14.20 0.55
CA LEU A 57 -0.04 13.32 -0.34
C LEU A 57 0.12 13.98 -1.69
N ASP A 58 1.33 13.99 -2.18
CA ASP A 58 1.58 14.57 -3.46
C ASP A 58 1.39 13.52 -4.53
N GLY A 59 0.16 13.36 -4.92
CA GLY A 59 -0.16 12.37 -5.88
C GLY A 59 -1.18 12.82 -6.86
N ASP A 60 -0.88 13.86 -7.58
CA ASP A 60 -1.79 14.30 -8.61
C ASP A 60 -1.43 13.61 -9.90
N VAL A 61 -2.07 12.52 -10.14
CA VAL A 61 -1.80 11.70 -11.29
C VAL A 61 -2.88 11.84 -12.35
N PRO A 62 -2.61 11.45 -13.61
CA PRO A 62 -3.57 11.58 -14.72
C PRO A 62 -4.76 10.63 -14.60
N PHE A 63 -4.68 9.71 -13.67
CA PHE A 63 -5.75 8.78 -13.37
C PHE A 63 -6.36 9.12 -12.01
N SER A 64 -6.32 10.39 -11.67
CA SER A 64 -6.82 10.89 -10.41
C SER A 64 -8.30 10.55 -10.17
N GLN A 65 -9.07 10.44 -11.24
CA GLN A 65 -10.49 10.14 -11.11
C GLN A 65 -10.69 8.71 -10.59
N LYS A 66 -9.64 7.94 -10.62
CA LYS A 66 -9.70 6.59 -10.16
C LYS A 66 -9.17 6.49 -8.75
N VAL A 67 -8.38 7.45 -8.33
CA VAL A 67 -7.84 7.42 -6.99
C VAL A 67 -8.19 8.69 -6.23
N ALA A 68 -8.92 8.52 -5.19
CA ALA A 68 -9.36 9.63 -4.40
C ALA A 68 -8.49 9.77 -3.19
N VAL A 69 -7.78 10.84 -3.11
CA VAL A 69 -6.93 11.08 -1.99
C VAL A 69 -7.66 12.02 -1.04
N SER A 70 -7.60 11.75 0.24
CA SER A 70 -8.29 12.54 1.23
C SER A 70 -7.53 12.48 2.55
N ASN A 71 -7.95 13.29 3.50
CA ASN A 71 -7.33 13.27 4.82
C ASN A 71 -8.02 12.21 5.65
N TYR A 72 -7.31 11.67 6.56
CA TYR A 72 -7.82 10.62 7.41
C TYR A 72 -7.83 11.10 8.83
N ASP A 73 -8.94 10.96 9.49
CA ASP A 73 -9.08 11.31 10.88
C ASP A 73 -9.88 10.25 11.58
N SER A 74 -9.19 9.34 12.25
CA SER A 74 -9.79 8.22 12.96
C SER A 74 -8.73 7.60 13.86
N ASP A 75 -9.19 6.86 14.89
CA ASP A 75 -8.33 6.06 15.80
C ASP A 75 -7.46 6.95 16.68
N GLY A 76 -7.73 8.25 16.64
CA GLY A 76 -6.94 9.23 17.36
C GLY A 76 -5.77 9.69 16.53
N TYR A 77 -5.67 9.14 15.33
CA TYR A 77 -4.62 9.46 14.40
C TYR A 77 -5.14 10.35 13.29
N VAL A 78 -4.26 11.04 12.65
CA VAL A 78 -4.58 11.84 11.49
C VAL A 78 -3.63 11.44 10.39
N GLY A 79 -4.10 11.36 9.21
CA GLY A 79 -3.25 10.93 8.17
C GLY A 79 -3.77 11.26 6.83
N SER A 80 -3.25 10.59 5.88
CA SER A 80 -3.62 10.74 4.51
C SER A 80 -4.08 9.41 3.99
N GLN A 81 -5.09 9.42 3.20
CA GLN A 81 -5.57 8.21 2.62
C GLN A 81 -5.78 8.35 1.14
N ALA A 82 -5.44 7.33 0.44
CA ALA A 82 -5.67 7.26 -0.97
C ALA A 82 -6.54 6.07 -1.22
N VAL A 83 -7.72 6.31 -1.69
CA VAL A 83 -8.65 5.24 -1.97
C VAL A 83 -8.84 5.15 -3.47
N PHE A 84 -8.51 4.03 -4.04
CA PHE A 84 -8.55 3.90 -5.47
C PHE A 84 -9.42 2.74 -5.88
N SER A 85 -10.00 2.84 -7.02
CA SER A 85 -10.86 1.81 -7.54
C SER A 85 -10.89 1.88 -9.05
N ASP A 86 -11.23 0.74 -9.68
CA ASP A 86 -11.41 0.62 -11.14
C ASP A 86 -10.06 0.83 -11.86
N LEU A 87 -9.00 0.43 -11.21
CA LEU A 87 -7.68 0.50 -11.79
C LEU A 87 -7.30 -0.84 -12.33
N THR A 88 -6.22 -0.90 -13.04
CA THR A 88 -5.77 -2.15 -13.63
C THR A 88 -4.39 -2.52 -13.15
N PHE A 89 -3.94 -3.71 -13.52
CA PHE A 89 -2.59 -4.18 -13.21
C PHE A 89 -1.55 -3.21 -13.78
N ALA A 90 -1.85 -2.64 -14.94
CA ALA A 90 -0.98 -1.67 -15.60
C ALA A 90 -0.85 -0.42 -14.76
N GLU A 91 -1.87 -0.15 -13.97
CA GLU A 91 -1.91 1.03 -13.18
C GLU A 91 -1.27 0.83 -11.81
N LEU A 92 -1.05 -0.43 -11.42
CA LEU A 92 -0.35 -0.75 -10.17
C LEU A 92 0.99 -0.01 -10.01
N PRO A 93 1.93 -0.07 -11.01
CA PRO A 93 3.17 0.71 -10.94
C PRO A 93 2.85 2.19 -10.76
N GLN A 94 1.91 2.66 -11.55
CA GLN A 94 1.52 4.04 -11.60
C GLN A 94 1.05 4.54 -10.23
N LEU A 95 0.23 3.75 -9.55
CA LEU A 95 -0.27 4.12 -8.23
C LEU A 95 0.82 3.94 -7.18
N ALA A 96 1.82 3.13 -7.50
CA ALA A 96 2.89 2.85 -6.57
C ALA A 96 3.84 4.02 -6.50
N ASN A 97 3.75 4.94 -7.47
CA ASN A 97 4.57 6.12 -7.43
C ASN A 97 4.22 6.96 -6.23
N MET A 98 2.94 7.36 -6.15
CA MET A 98 2.47 8.26 -5.09
C MET A 98 2.79 7.66 -3.74
N ASN A 99 2.42 6.39 -3.59
CA ASN A 99 2.62 5.67 -2.34
C ASN A 99 4.08 5.66 -1.93
N SER A 100 4.96 5.55 -2.91
CA SER A 100 6.36 5.38 -2.63
C SER A 100 6.90 6.62 -1.95
N ASP A 101 6.32 7.79 -2.27
CA ASP A 101 6.85 9.06 -1.78
C ASP A 101 6.61 9.20 -0.27
N ALA A 102 5.75 8.37 0.27
CA ALA A 102 5.50 8.41 1.69
C ALA A 102 5.95 7.11 2.35
N ALA A 103 6.23 6.10 1.55
CA ALA A 103 6.51 4.80 2.11
C ALA A 103 7.98 4.41 2.04
N GLY A 104 8.57 4.58 0.88
CA GLY A 104 9.92 4.11 0.67
C GLY A 104 9.91 2.68 0.16
N VAL A 105 8.86 2.33 -0.53
CA VAL A 105 8.73 1.02 -1.09
C VAL A 105 9.14 1.04 -2.55
N ASN A 106 9.61 -0.07 -3.00
CA ASN A 106 10.00 -0.25 -4.39
C ASN A 106 9.32 -1.51 -4.88
N LEU A 107 8.54 -1.39 -5.91
CA LEU A 107 7.80 -2.52 -6.45
C LEU A 107 8.17 -2.77 -7.90
N SER A 108 8.29 -4.01 -8.25
CA SER A 108 8.58 -4.39 -9.60
C SER A 108 7.67 -5.56 -9.93
N LEU A 109 6.89 -5.42 -10.93
CA LEU A 109 5.95 -6.44 -11.27
C LEU A 109 5.93 -6.70 -12.74
N ARG A 110 5.53 -7.88 -13.08
CA ARG A 110 5.46 -8.30 -14.47
C ARG A 110 4.38 -9.32 -14.71
N ARG A 111 3.94 -9.37 -15.92
CA ARG A 111 3.02 -10.37 -16.38
C ARG A 111 3.78 -11.50 -16.98
N ASN A 112 3.50 -12.67 -16.55
CA ASN A 112 4.08 -13.86 -17.10
C ASN A 112 2.94 -14.72 -17.58
N GLY A 113 2.48 -14.39 -18.77
CA GLY A 113 1.32 -15.02 -19.32
C GLY A 113 0.14 -14.82 -18.40
N ASN A 114 -0.54 -15.90 -18.12
CA ASN A 114 -1.73 -15.89 -17.28
C ASN A 114 -1.38 -15.62 -15.82
N ILE A 115 -0.13 -15.71 -15.47
CA ILE A 115 0.18 -15.54 -14.11
C ILE A 115 0.94 -14.23 -13.90
N VAL A 116 0.70 -13.64 -12.79
CA VAL A 116 1.29 -12.40 -12.45
C VAL A 116 2.35 -12.60 -11.40
N ILE A 117 3.49 -11.99 -11.61
CA ILE A 117 4.53 -12.02 -10.61
C ILE A 117 4.80 -10.62 -10.10
N LEU A 118 4.84 -10.51 -8.83
CA LEU A 118 5.13 -9.25 -8.19
C LEU A 118 6.25 -9.41 -7.18
N GLU A 119 7.22 -8.53 -7.25
CA GLU A 119 8.29 -8.49 -6.28
C GLU A 119 8.42 -7.06 -5.78
N GLY A 120 8.77 -6.90 -4.56
CA GLY A 120 8.91 -5.61 -4.02
C GLY A 120 9.68 -5.65 -2.74
N ARG A 121 10.21 -4.54 -2.36
CA ARG A 121 10.93 -4.40 -1.13
C ARG A 121 10.53 -3.11 -0.49
N ALA A 122 10.25 -3.17 0.77
CA ALA A 122 9.88 -2.02 1.51
C ALA A 122 11.06 -1.61 2.35
N ASP A 123 11.66 -0.51 2.01
CA ASP A 123 12.81 -0.09 2.73
C ASP A 123 12.47 1.03 3.67
N LEU A 124 12.18 0.64 4.86
CA LEU A 124 11.86 1.56 5.94
C LEU A 124 12.81 1.26 7.07
N THR A 125 13.90 0.63 6.68
CA THR A 125 15.01 0.26 7.53
C THR A 125 15.70 1.52 8.11
N SER A 126 15.38 2.66 7.53
CA SER A 126 15.85 3.95 7.96
C SER A 126 15.13 4.39 9.25
N VAL A 127 14.17 3.54 9.66
CA VAL A 127 13.39 3.67 10.88
C VAL A 127 12.24 4.63 10.73
N SER A 128 12.56 5.92 10.52
CA SER A 128 11.57 7.02 10.41
C SER A 128 10.87 7.28 11.75
N ASP A 129 10.16 6.29 12.23
CA ASP A 129 9.45 6.34 13.48
C ASP A 129 9.56 4.95 14.09
N PRO A 130 10.24 4.83 15.24
CA PRO A 130 10.51 3.52 15.89
C PRO A 130 9.28 2.66 16.20
N ASP A 131 8.13 3.26 16.40
CA ASP A 131 6.97 2.47 16.81
C ASP A 131 5.95 2.34 15.66
N ALA A 132 6.37 2.77 14.48
CA ALA A 132 5.54 2.70 13.27
C ALA A 132 5.18 1.27 12.92
N ASP A 133 3.96 1.06 12.51
CA ASP A 133 3.52 -0.25 12.09
C ASP A 133 2.80 -0.15 10.76
N VAL A 134 3.28 -0.85 9.77
CA VAL A 134 2.68 -0.79 8.46
C VAL A 134 2.21 -2.19 8.06
N GLU A 135 0.96 -2.29 7.67
CA GLU A 135 0.40 -3.55 7.25
C GLU A 135 -0.13 -3.40 5.84
N LEU A 136 0.32 -4.23 4.93
CA LEU A 136 -0.20 -4.19 3.60
C LEU A 136 -0.92 -5.50 3.37
N THR A 137 -2.17 -5.41 3.12
CA THR A 137 -3.02 -6.56 2.96
C THR A 137 -3.59 -6.57 1.54
N VAL A 138 -3.46 -7.68 0.86
CA VAL A 138 -3.96 -7.83 -0.49
C VAL A 138 -4.94 -9.00 -0.55
N ALA A 139 -6.12 -8.75 -1.09
CA ALA A 139 -7.11 -9.79 -1.23
C ALA A 139 -7.39 -10.00 -2.70
N PHE A 140 -7.39 -11.22 -3.11
CA PHE A 140 -7.71 -11.57 -4.47
C PHE A 140 -8.66 -12.74 -4.55
N PRO A 141 -9.79 -12.62 -5.29
CA PRO A 141 -10.70 -13.76 -5.57
C PRO A 141 -10.06 -14.78 -6.53
N ALA A 142 -8.87 -15.18 -6.17
CA ALA A 142 -8.08 -16.10 -6.92
C ALA A 142 -7.35 -16.97 -5.91
N ALA A 143 -6.05 -17.09 -6.07
CA ALA A 143 -5.24 -17.89 -5.23
C ALA A 143 -3.82 -17.52 -5.52
N VAL A 144 -3.06 -17.34 -4.51
CA VAL A 144 -1.68 -17.03 -4.68
C VAL A 144 -0.90 -18.33 -4.82
N THR A 145 -0.18 -18.45 -5.90
CA THR A 145 0.58 -19.66 -6.12
C THR A 145 1.92 -19.62 -5.37
N SER A 146 2.49 -18.45 -5.21
CA SER A 146 3.72 -18.29 -4.43
C SER A 146 3.80 -16.89 -3.86
N THR A 147 4.10 -16.75 -2.60
CA THR A 147 4.23 -15.44 -2.00
C THR A 147 5.43 -15.38 -1.04
N ASN A 148 5.90 -14.20 -0.78
CA ASN A 148 6.96 -13.96 0.17
C ASN A 148 6.44 -12.89 1.10
N GLY A 149 5.80 -13.32 2.15
CA GLY A 149 5.21 -12.45 3.13
C GLY A 149 4.43 -13.27 4.13
N ASP A 150 3.29 -12.79 4.54
CA ASP A 150 2.46 -13.49 5.51
C ASP A 150 1.14 -13.85 4.88
N ARG A 151 1.02 -15.07 4.46
CA ARG A 151 -0.20 -15.51 3.85
C ARG A 151 -1.23 -15.87 4.90
N ILE A 152 -2.30 -15.13 4.93
CA ILE A 152 -3.36 -15.37 5.87
C ILE A 152 -4.21 -16.49 5.32
N GLU A 153 -4.54 -16.35 4.07
CA GLU A 153 -5.33 -17.28 3.32
C GLU A 153 -4.65 -17.45 1.98
N PRO A 154 -4.94 -18.52 1.25
CA PRO A 154 -4.39 -18.71 -0.10
C PRO A 154 -4.84 -17.60 -1.06
N GLU A 155 -5.90 -16.90 -0.71
CA GLU A 155 -6.40 -15.82 -1.52
C GLU A 155 -6.28 -14.45 -0.84
N VAL A 156 -5.69 -14.41 0.34
CA VAL A 156 -5.48 -13.16 1.07
C VAL A 156 -4.10 -13.19 1.74
N VAL A 157 -3.25 -12.26 1.39
CA VAL A 157 -1.89 -12.24 1.93
C VAL A 157 -1.62 -10.85 2.52
N GLN A 158 -0.80 -10.80 3.54
CA GLN A 158 -0.49 -9.58 4.20
C GLN A 158 1.01 -9.48 4.38
N TRP A 159 1.51 -8.31 4.32
CA TRP A 159 2.89 -8.07 4.54
C TRP A 159 3.06 -7.14 5.69
N LYS A 160 3.79 -7.60 6.68
CA LYS A 160 4.06 -6.81 7.82
C LYS A 160 5.33 -5.98 7.60
N LEU A 161 5.15 -4.70 7.54
CA LEU A 161 6.22 -3.77 7.36
C LEU A 161 6.57 -3.15 8.69
N LYS A 162 7.78 -3.37 9.08
CA LYS A 162 8.30 -2.92 10.35
C LYS A 162 9.42 -1.95 10.11
N PRO A 163 9.56 -0.91 10.95
CA PRO A 163 10.61 0.09 10.79
C PRO A 163 11.97 -0.48 11.13
N GLY A 164 12.99 0.05 10.50
CA GLY A 164 14.36 -0.35 10.78
C GLY A 164 14.73 -1.72 10.25
N VAL A 165 13.75 -2.47 9.83
CA VAL A 165 14.01 -3.71 9.15
C VAL A 165 13.47 -3.62 7.74
N VAL A 166 14.15 -4.26 6.81
CA VAL A 166 13.70 -4.26 5.44
C VAL A 166 12.75 -5.43 5.23
N SER A 167 11.61 -5.17 4.68
CA SER A 167 10.65 -6.21 4.49
C SER A 167 10.50 -6.49 3.01
N THR A 168 10.45 -7.73 2.69
CA THR A 168 10.32 -8.16 1.33
C THR A 168 8.88 -8.53 1.01
N MET A 169 8.43 -8.15 -0.14
CA MET A 169 7.08 -8.36 -0.57
C MET A 169 7.08 -9.07 -1.91
N SER A 170 6.54 -10.24 -1.96
CA SER A 170 6.40 -10.90 -3.24
C SER A 170 5.11 -11.64 -3.25
N ALA A 171 4.49 -11.68 -4.38
CA ALA A 171 3.21 -12.31 -4.56
C ALA A 171 3.09 -12.73 -5.98
N GLN A 172 2.76 -13.95 -6.19
CA GLN A 172 2.54 -14.44 -7.52
C GLN A 172 1.23 -15.13 -7.56
N ALA A 173 0.42 -14.79 -8.51
CA ALA A 173 -0.89 -15.39 -8.60
C ALA A 173 -1.36 -15.39 -10.03
N ARG A 174 -2.29 -16.25 -10.35
CA ARG A 174 -2.81 -16.32 -11.71
C ARG A 174 -3.96 -15.31 -11.86
N TYR A 175 -3.98 -14.57 -12.94
CA TYR A 175 -5.08 -13.62 -13.21
C TYR A 175 -5.38 -13.62 -14.69
N THR A 176 -6.60 -13.42 -15.04
CA THR A 176 -7.02 -13.39 -16.39
C THR A 176 -6.46 -12.16 -17.10
N ASP A 177 -5.57 -12.41 -18.03
CA ASP A 177 -4.91 -11.40 -18.86
C ASP A 177 -5.90 -10.55 -19.61
N PRO A 178 -5.75 -9.23 -19.59
CA PRO A 178 -6.52 -8.35 -20.45
C PRO A 178 -5.98 -8.48 -21.89
N ASN A 179 -4.73 -8.85 -21.97
CA ASN A 179 -3.98 -9.03 -23.20
C ASN A 179 -4.20 -10.44 -23.77
N THR A 180 -4.79 -11.29 -22.95
CA THR A 180 -5.10 -12.69 -23.26
C THR A 180 -3.89 -13.55 -23.71
N ARG A 181 -3.14 -14.05 -22.74
CA ARG A 181 -1.99 -14.91 -22.98
C ARG A 181 -2.05 -16.13 -22.09
N SER A 182 -1.19 -17.07 -22.35
CA SER A 182 -1.12 -18.30 -21.61
C SER A 182 0.13 -19.03 -22.10
N GLY A 12 3.86 24.21 16.47
CA GLY A 12 4.51 24.13 17.78
C GLY A 12 5.89 24.73 17.73
N ARG A 13 6.77 24.19 18.53
CA ARG A 13 8.11 24.70 18.62
C ARG A 13 9.11 23.57 18.52
N GLU A 14 10.07 23.74 17.62
CA GLU A 14 11.21 22.82 17.44
C GLU A 14 10.85 21.46 16.81
N ASN A 15 9.87 20.77 17.39
CA ASN A 15 9.42 19.41 16.95
C ASN A 15 10.43 18.35 17.33
N LEU A 16 10.11 17.11 16.98
CA LEU A 16 10.98 15.94 17.14
C LEU A 16 11.35 15.70 18.61
N TYR A 17 10.33 15.67 19.45
CA TYR A 17 10.52 15.38 20.86
C TYR A 17 10.61 13.90 21.09
N PHE A 18 9.60 13.21 20.64
CA PHE A 18 9.49 11.77 20.79
C PHE A 18 9.03 11.18 19.46
N GLN A 19 9.15 12.02 18.45
CA GLN A 19 8.73 11.75 17.09
C GLN A 19 7.21 11.61 16.97
N GLY A 20 6.68 10.43 17.14
CA GLY A 20 5.27 10.24 16.95
C GLY A 20 4.57 9.46 18.04
N HIS A 21 4.57 8.15 17.91
CA HIS A 21 3.78 7.24 18.78
C HIS A 21 3.94 5.83 18.24
N MET A 22 3.81 5.73 16.95
CA MET A 22 3.84 4.49 16.23
C MET A 22 3.86 4.79 14.77
N LEU A 23 2.75 5.38 14.30
CA LEU A 23 2.48 5.70 12.89
C LEU A 23 2.13 4.38 12.17
N ARG A 24 0.92 4.28 11.69
CA ARG A 24 0.48 3.05 11.07
C ARG A 24 0.10 3.32 9.64
N VAL A 25 0.68 2.59 8.73
CA VAL A 25 0.34 2.75 7.35
C VAL A 25 -0.10 1.42 6.77
N ARG A 26 -1.29 1.42 6.21
CA ARG A 26 -1.87 0.21 5.68
C ARG A 26 -2.25 0.44 4.25
N ALA A 27 -1.80 -0.41 3.42
CA ALA A 27 -2.21 -0.40 2.05
C ALA A 27 -2.97 -1.68 1.84
N SER A 28 -4.23 -1.58 1.69
CA SER A 28 -5.05 -2.74 1.51
C SER A 28 -5.68 -2.62 0.15
N ILE A 29 -5.33 -3.51 -0.73
CA ILE A 29 -5.76 -3.42 -2.08
C ILE A 29 -6.35 -4.74 -2.53
N THR A 30 -7.32 -4.69 -3.35
CA THR A 30 -7.99 -5.84 -3.82
C THR A 30 -8.02 -5.84 -5.35
N ILE A 31 -7.43 -6.85 -5.92
CA ILE A 31 -7.38 -6.99 -7.34
C ILE A 31 -8.34 -8.08 -7.78
N SER A 32 -9.22 -7.72 -8.66
CA SER A 32 -10.24 -8.60 -9.11
C SER A 32 -9.83 -9.23 -10.47
N PRO A 33 -10.31 -10.47 -10.78
CA PRO A 33 -10.00 -11.20 -12.05
C PRO A 33 -10.43 -10.46 -13.35
N ASP A 34 -10.97 -9.27 -13.21
CA ASP A 34 -11.38 -8.43 -14.35
C ASP A 34 -10.16 -7.65 -14.84
N ASP A 35 -9.03 -7.84 -14.12
CA ASP A 35 -7.78 -7.07 -14.33
C ASP A 35 -8.03 -5.67 -13.77
N LEU A 36 -8.93 -5.66 -12.79
CA LEU A 36 -9.38 -4.51 -12.13
C LEU A 36 -8.72 -4.44 -10.76
N VAL A 37 -8.09 -3.35 -10.49
CA VAL A 37 -7.46 -3.12 -9.22
C VAL A 37 -8.21 -2.01 -8.50
N SER A 38 -8.46 -2.21 -7.24
CA SER A 38 -9.13 -1.27 -6.40
C SER A 38 -8.57 -1.40 -4.98
N GLY A 39 -8.59 -0.36 -4.19
CA GLY A 39 -8.05 -0.50 -2.85
C GLY A 39 -8.00 0.80 -2.09
N GLU A 40 -7.36 0.74 -0.96
CA GLU A 40 -7.25 1.85 -0.05
C GLU A 40 -5.84 1.91 0.54
N ILE A 41 -5.27 3.07 0.56
CA ILE A 41 -3.98 3.25 1.16
C ILE A 41 -4.12 4.28 2.25
N ILE A 42 -3.89 3.87 3.46
CA ILE A 42 -4.05 4.70 4.62
C ILE A 42 -2.70 4.93 5.28
N ALA A 43 -2.33 6.17 5.38
CA ALA A 43 -1.12 6.52 6.09
C ALA A 43 -1.52 7.34 7.28
N ALA A 44 -1.40 6.79 8.46
CA ALA A 44 -1.87 7.44 9.64
C ALA A 44 -0.76 7.73 10.61
N ALA A 45 -0.75 8.93 11.09
CA ALA A 45 0.22 9.38 12.03
C ALA A 45 -0.49 9.94 13.23
N LYS A 46 0.15 10.01 14.36
CA LYS A 46 -0.48 10.70 15.47
C LYS A 46 -0.31 12.19 15.15
N PRO A 47 -1.19 13.09 15.65
CA PRO A 47 -1.09 14.55 15.35
C PRO A 47 0.35 15.08 15.60
N LYS A 48 1.06 15.30 14.52
CA LYS A 48 2.48 15.58 14.56
C LYS A 48 2.78 17.00 14.96
N ASN A 49 1.98 17.90 14.52
CA ASN A 49 2.20 19.30 14.77
C ASN A 49 0.87 20.02 14.77
N SER A 50 0.87 21.25 15.23
CA SER A 50 -0.31 22.07 15.40
C SER A 50 -1.09 22.29 14.08
N LYS A 51 -0.39 22.23 12.94
CA LYS A 51 -1.07 22.41 11.65
C LYS A 51 -1.51 21.05 11.10
N ASP A 52 -1.11 20.01 11.79
CA ASP A 52 -1.32 18.65 11.32
C ASP A 52 -2.52 18.02 11.98
N THR A 53 -3.62 18.08 11.28
CA THR A 53 -4.84 17.45 11.71
C THR A 53 -5.30 16.46 10.63
N GLY A 54 -4.69 16.52 9.47
CA GLY A 54 -4.96 15.61 8.40
C GLY A 54 -4.21 16.00 7.14
N PRO A 55 -3.05 15.39 6.88
CA PRO A 55 -2.27 15.66 5.66
C PRO A 55 -2.95 15.15 4.38
N ALA A 56 -2.54 15.68 3.27
CA ALA A 56 -3.03 15.28 1.98
C ALA A 56 -1.84 14.77 1.15
N LEU A 57 -2.05 13.72 0.42
CA LEU A 57 -1.00 13.12 -0.39
C LEU A 57 -0.78 13.89 -1.68
N ASP A 58 0.46 14.03 -2.06
CA ASP A 58 0.81 14.68 -3.28
C ASP A 58 1.20 13.63 -4.30
N GLY A 59 0.24 13.29 -5.09
CA GLY A 59 0.45 12.26 -6.07
C GLY A 59 0.41 12.77 -7.48
N ASP A 60 -0.79 13.14 -7.92
CA ASP A 60 -1.05 13.59 -9.30
C ASP A 60 -0.67 12.53 -10.33
N VAL A 61 -1.59 11.67 -10.58
CA VAL A 61 -1.43 10.63 -11.55
C VAL A 61 -2.45 10.85 -12.67
N PRO A 62 -2.22 10.30 -13.87
CA PRO A 62 -3.17 10.44 -15.01
C PRO A 62 -4.55 9.84 -14.71
N PHE A 63 -4.60 9.01 -13.69
CA PHE A 63 -5.80 8.35 -13.28
C PHE A 63 -6.28 8.82 -11.90
N SER A 64 -5.92 10.04 -11.51
CA SER A 64 -6.36 10.61 -10.23
C SER A 64 -7.89 10.63 -10.12
N GLN A 65 -8.59 10.63 -11.25
CA GLN A 65 -10.03 10.60 -11.29
C GLN A 65 -10.56 9.31 -10.66
N LYS A 66 -9.74 8.30 -10.64
CA LYS A 66 -10.10 7.01 -10.12
C LYS A 66 -9.65 6.88 -8.67
N VAL A 67 -8.78 7.79 -8.25
CA VAL A 67 -8.25 7.76 -6.92
C VAL A 67 -8.84 8.89 -6.08
N ALA A 68 -9.47 8.56 -5.01
CA ALA A 68 -10.02 9.55 -4.12
C ALA A 68 -9.11 9.70 -2.91
N VAL A 69 -8.46 10.81 -2.81
CA VAL A 69 -7.57 11.05 -1.70
C VAL A 69 -8.32 11.86 -0.67
N SER A 70 -8.16 11.52 0.57
CA SER A 70 -8.89 12.13 1.64
C SER A 70 -8.02 12.14 2.89
N ASN A 71 -8.47 12.81 3.92
CA ASN A 71 -7.75 12.84 5.18
C ASN A 71 -8.26 11.71 6.04
N TYR A 72 -7.38 11.10 6.75
CA TYR A 72 -7.73 9.99 7.59
C TYR A 72 -7.78 10.44 9.02
N ASP A 73 -8.87 10.17 9.66
CA ASP A 73 -9.06 10.48 11.06
C ASP A 73 -9.70 9.28 11.74
N SER A 74 -8.88 8.49 12.40
CA SER A 74 -9.32 7.31 13.10
C SER A 74 -8.17 6.78 13.95
N ASP A 75 -8.51 6.03 15.01
CA ASP A 75 -7.52 5.40 15.94
C ASP A 75 -6.84 6.43 16.82
N GLY A 76 -7.28 7.67 16.73
CA GLY A 76 -6.62 8.75 17.41
C GLY A 76 -5.50 9.28 16.55
N TYR A 77 -5.42 8.74 15.36
CA TYR A 77 -4.43 9.09 14.38
C TYR A 77 -5.04 9.96 13.31
N VAL A 78 -4.25 10.81 12.76
CA VAL A 78 -4.64 11.62 11.67
C VAL A 78 -3.62 11.41 10.54
N GLY A 79 -4.10 11.27 9.38
CA GLY A 79 -3.22 11.05 8.29
C GLY A 79 -3.86 11.29 6.99
N SER A 80 -3.35 10.68 6.00
CA SER A 80 -3.82 10.82 4.67
C SER A 80 -4.18 9.46 4.10
N GLN A 81 -5.23 9.39 3.36
CA GLN A 81 -5.66 8.14 2.80
C GLN A 81 -6.04 8.31 1.33
N ALA A 82 -5.71 7.35 0.54
CA ALA A 82 -6.03 7.36 -0.86
C ALA A 82 -6.81 6.12 -1.19
N VAL A 83 -8.03 6.30 -1.58
CA VAL A 83 -8.88 5.20 -1.95
C VAL A 83 -9.02 5.19 -3.45
N PHE A 84 -8.49 4.20 -4.08
CA PHE A 84 -8.47 4.16 -5.52
C PHE A 84 -9.34 3.07 -6.04
N SER A 85 -9.83 3.22 -7.22
CA SER A 85 -10.72 2.23 -7.80
C SER A 85 -10.65 2.25 -9.32
N ASP A 86 -11.11 1.15 -9.95
CA ASP A 86 -11.26 1.04 -11.42
C ASP A 86 -9.92 1.22 -12.14
N LEU A 87 -8.88 0.70 -11.52
CA LEU A 87 -7.57 0.79 -12.09
C LEU A 87 -7.16 -0.53 -12.71
N THR A 88 -6.14 -0.50 -13.51
CA THR A 88 -5.67 -1.71 -14.16
C THR A 88 -4.27 -2.09 -13.66
N PHE A 89 -3.80 -3.24 -14.09
CA PHE A 89 -2.51 -3.83 -13.73
C PHE A 89 -1.36 -2.87 -14.06
N ALA A 90 -1.52 -2.11 -15.12
CA ALA A 90 -0.50 -1.15 -15.56
C ALA A 90 -0.45 0.05 -14.63
N GLU A 91 -1.57 0.32 -13.96
CA GLU A 91 -1.69 1.47 -13.11
C GLU A 91 -1.24 1.15 -11.69
N LEU A 92 -1.15 -0.15 -11.38
CA LEU A 92 -0.72 -0.63 -10.05
C LEU A 92 0.65 -0.01 -9.61
N PRO A 93 1.77 -0.13 -10.40
CA PRO A 93 3.05 0.44 -9.97
C PRO A 93 2.97 1.97 -9.90
N GLN A 94 2.25 2.53 -10.85
CA GLN A 94 2.11 3.92 -11.02
C GLN A 94 1.36 4.56 -9.82
N LEU A 95 0.41 3.83 -9.25
CA LEU A 95 -0.29 4.29 -8.05
C LEU A 95 0.60 4.08 -6.83
N ALA A 96 1.53 3.14 -6.95
CA ALA A 96 2.38 2.76 -5.84
C ALA A 96 3.40 3.81 -5.59
N ASN A 97 3.67 4.61 -6.62
CA ASN A 97 4.59 5.70 -6.54
C ASN A 97 4.10 6.70 -5.52
N MET A 98 2.81 7.06 -5.61
CA MET A 98 2.19 7.98 -4.65
C MET A 98 2.39 7.46 -3.23
N ASN A 99 2.05 6.19 -3.06
CA ASN A 99 2.19 5.49 -1.78
C ASN A 99 3.63 5.57 -1.27
N SER A 100 4.59 5.55 -2.20
CA SER A 100 5.99 5.49 -1.85
C SER A 100 6.39 6.70 -1.03
N ASP A 101 5.70 7.84 -1.25
CA ASP A 101 6.05 9.11 -0.59
C ASP A 101 5.94 8.99 0.91
N ALA A 102 5.05 8.16 1.37
CA ALA A 102 4.83 8.02 2.77
C ALA A 102 5.39 6.69 3.28
N ALA A 103 5.75 5.82 2.37
CA ALA A 103 6.14 4.49 2.75
C ALA A 103 7.65 4.24 2.66
N GLY A 104 8.24 4.63 1.54
CA GLY A 104 9.63 4.29 1.29
C GLY A 104 9.76 2.91 0.68
N VAL A 105 8.69 2.48 0.03
CA VAL A 105 8.64 1.18 -0.59
C VAL A 105 8.75 1.31 -2.10
N ASN A 106 9.06 0.22 -2.74
CA ASN A 106 9.13 0.13 -4.19
C ASN A 106 8.29 -1.04 -4.63
N LEU A 107 7.31 -0.82 -5.46
CA LEU A 107 6.42 -1.90 -5.89
C LEU A 107 6.50 -2.10 -7.38
N SER A 108 6.84 -3.29 -7.80
CA SER A 108 6.94 -3.63 -9.18
C SER A 108 6.32 -5.01 -9.42
N LEU A 109 5.59 -5.18 -10.50
CA LEU A 109 4.95 -6.45 -10.79
C LEU A 109 4.84 -6.65 -12.28
N ARG A 110 4.86 -7.88 -12.70
CA ARG A 110 4.83 -8.24 -14.12
C ARG A 110 4.01 -9.49 -14.33
N ARG A 111 3.49 -9.64 -15.52
CA ARG A 111 2.80 -10.86 -15.89
C ARG A 111 3.73 -11.83 -16.54
N ASN A 112 3.57 -13.04 -16.17
CA ASN A 112 4.29 -14.14 -16.74
C ASN A 112 3.24 -15.09 -17.23
N GLY A 113 2.82 -14.89 -18.44
CA GLY A 113 1.76 -15.67 -18.99
C GLY A 113 0.45 -15.25 -18.38
N ASN A 114 -0.20 -16.17 -17.74
CA ASN A 114 -1.46 -15.88 -17.08
C ASN A 114 -1.22 -15.80 -15.57
N ILE A 115 0.04 -15.75 -15.17
CA ILE A 115 0.32 -15.63 -13.77
C ILE A 115 1.10 -14.35 -13.54
N VAL A 116 0.93 -13.75 -12.40
CA VAL A 116 1.59 -12.51 -12.09
C VAL A 116 2.65 -12.73 -11.05
N ILE A 117 3.75 -12.09 -11.24
CA ILE A 117 4.78 -12.06 -10.28
C ILE A 117 4.86 -10.64 -9.73
N LEU A 118 4.83 -10.54 -8.47
CA LEU A 118 4.86 -9.25 -7.81
C LEU A 118 6.02 -9.20 -6.86
N GLU A 119 6.79 -8.17 -6.96
CA GLU A 119 7.93 -7.98 -6.11
C GLU A 119 8.00 -6.55 -5.58
N GLY A 120 7.94 -6.42 -4.30
CA GLY A 120 8.02 -5.14 -3.68
C GLY A 120 9.07 -5.13 -2.61
N ARG A 121 9.69 -4.02 -2.42
CA ARG A 121 10.69 -3.89 -1.40
C ARG A 121 10.31 -2.78 -0.48
N ALA A 122 10.54 -2.98 0.78
CA ALA A 122 10.25 -1.97 1.74
C ALA A 122 11.51 -1.62 2.48
N ASP A 123 12.02 -0.44 2.23
CA ASP A 123 13.18 0.03 2.93
C ASP A 123 12.75 1.18 3.79
N LEU A 124 12.46 0.90 5.00
CA LEU A 124 12.09 1.91 5.95
C LEU A 124 13.03 1.82 7.12
N THR A 125 14.27 1.53 6.77
CA THR A 125 15.36 1.40 7.72
C THR A 125 15.74 2.78 8.30
N SER A 126 15.15 3.82 7.72
CA SER A 126 15.30 5.19 8.11
C SER A 126 14.56 5.47 9.42
N VAL A 127 13.53 4.64 9.68
CA VAL A 127 12.70 4.70 10.87
C VAL A 127 11.87 5.99 10.93
N SER A 128 10.64 5.91 10.43
CA SER A 128 9.70 7.02 10.49
C SER A 128 9.38 7.31 11.96
N ASP A 129 9.06 6.26 12.68
CA ASP A 129 8.83 6.26 14.10
C ASP A 129 9.27 4.90 14.55
N PRO A 130 9.94 4.79 15.70
CA PRO A 130 10.40 3.51 16.22
C PRO A 130 9.35 2.38 16.26
N ASP A 131 8.08 2.71 16.47
CA ASP A 131 7.09 1.66 16.64
C ASP A 131 6.16 1.51 15.42
N ALA A 132 6.58 2.03 14.28
CA ALA A 132 5.78 2.00 13.04
C ALA A 132 5.53 0.59 12.50
N ASP A 133 4.39 0.43 11.84
CA ASP A 133 4.06 -0.80 11.10
C ASP A 133 3.53 -0.42 9.72
N VAL A 134 3.99 -1.14 8.73
CA VAL A 134 3.53 -0.97 7.36
C VAL A 134 2.83 -2.24 6.95
N GLU A 135 1.57 -2.16 6.72
CA GLU A 135 0.82 -3.34 6.35
C GLU A 135 0.36 -3.26 4.91
N LEU A 136 0.70 -4.24 4.16
CA LEU A 136 0.18 -4.38 2.82
C LEU A 136 -0.73 -5.59 2.82
N THR A 137 -1.95 -5.40 2.42
CA THR A 137 -2.89 -6.48 2.35
C THR A 137 -3.47 -6.53 0.96
N VAL A 138 -3.16 -7.57 0.24
CA VAL A 138 -3.66 -7.74 -1.09
C VAL A 138 -4.71 -8.85 -1.09
N ALA A 139 -5.93 -8.53 -1.50
CA ALA A 139 -6.99 -9.49 -1.58
C ALA A 139 -7.34 -9.73 -3.03
N PHE A 140 -7.35 -10.97 -3.42
CA PHE A 140 -7.68 -11.34 -4.77
C PHE A 140 -8.63 -12.51 -4.82
N PRO A 141 -9.80 -12.37 -5.45
CA PRO A 141 -10.74 -13.49 -5.68
C PRO A 141 -10.18 -14.57 -6.68
N ALA A 142 -8.91 -14.89 -6.54
CA ALA A 142 -8.27 -15.86 -7.38
C ALA A 142 -7.61 -16.93 -6.52
N ALA A 143 -6.26 -16.92 -6.46
CA ALA A 143 -5.51 -17.90 -5.73
C ALA A 143 -4.03 -17.58 -5.85
N VAL A 144 -3.34 -17.63 -4.73
CA VAL A 144 -1.92 -17.37 -4.70
C VAL A 144 -1.17 -18.67 -4.94
N THR A 145 -0.10 -18.59 -5.67
CA THR A 145 0.66 -19.76 -5.98
C THR A 145 1.91 -19.82 -5.11
N SER A 146 2.52 -18.68 -4.86
CA SER A 146 3.70 -18.59 -4.02
C SER A 146 3.79 -17.18 -3.46
N THR A 147 4.01 -17.06 -2.19
CA THR A 147 4.18 -15.75 -1.61
C THR A 147 5.29 -15.72 -0.57
N ASN A 148 5.88 -14.57 -0.40
CA ASN A 148 6.87 -14.32 0.61
C ASN A 148 6.29 -13.24 1.48
N GLY A 149 5.54 -13.68 2.47
CA GLY A 149 4.85 -12.81 3.38
C GLY A 149 3.93 -13.65 4.23
N ASP A 150 2.79 -13.14 4.59
CA ASP A 150 1.86 -13.90 5.41
C ASP A 150 0.56 -14.12 4.68
N ARG A 151 0.42 -15.30 4.13
CA ARG A 151 -0.81 -15.65 3.48
C ARG A 151 -1.84 -16.03 4.53
N ILE A 152 -2.80 -15.19 4.69
CA ILE A 152 -3.83 -15.44 5.65
C ILE A 152 -4.81 -16.40 5.02
N GLU A 153 -5.15 -16.08 3.81
CA GLU A 153 -6.06 -16.85 3.02
C GLU A 153 -5.32 -17.26 1.77
N PRO A 154 -5.80 -18.26 1.02
CA PRO A 154 -5.16 -18.68 -0.23
C PRO A 154 -5.37 -17.66 -1.35
N GLU A 155 -6.10 -16.61 -1.02
CA GLU A 155 -6.44 -15.58 -1.94
C GLU A 155 -6.29 -14.18 -1.31
N VAL A 156 -5.71 -14.12 -0.13
CA VAL A 156 -5.50 -12.85 0.58
C VAL A 156 -4.18 -12.96 1.33
N VAL A 157 -3.25 -12.10 1.04
CA VAL A 157 -1.94 -12.14 1.65
C VAL A 157 -1.63 -10.78 2.27
N GLN A 158 -0.96 -10.79 3.39
CA GLN A 158 -0.66 -9.59 4.10
C GLN A 158 0.82 -9.57 4.47
N TRP A 159 1.38 -8.40 4.42
CA TRP A 159 2.76 -8.16 4.74
C TRP A 159 2.83 -7.08 5.77
N LYS A 160 3.40 -7.38 6.90
CA LYS A 160 3.59 -6.37 7.92
C LYS A 160 5.06 -6.06 8.10
N LEU A 161 5.47 -4.94 7.59
CA LEU A 161 6.85 -4.52 7.57
C LEU A 161 7.12 -3.55 8.71
N LYS A 162 8.34 -3.59 9.22
CA LYS A 162 8.75 -2.79 10.36
C LYS A 162 9.87 -1.82 10.00
N PRO A 163 10.01 -0.70 10.76
CA PRO A 163 11.07 0.28 10.54
C PRO A 163 12.41 -0.27 11.00
N GLY A 164 13.48 0.28 10.47
CA GLY A 164 14.80 -0.17 10.88
C GLY A 164 15.24 -1.40 10.12
N VAL A 165 14.29 -2.25 9.85
CA VAL A 165 14.55 -3.46 9.14
C VAL A 165 14.07 -3.35 7.70
N VAL A 166 14.78 -3.97 6.80
CA VAL A 166 14.42 -3.99 5.40
C VAL A 166 13.78 -5.33 5.10
N SER A 167 12.78 -5.36 4.25
CA SER A 167 12.12 -6.60 3.92
C SER A 167 11.59 -6.58 2.49
N THR A 168 11.47 -7.75 1.93
CA THR A 168 10.96 -7.95 0.61
C THR A 168 9.55 -8.53 0.69
N MET A 169 8.64 -7.91 0.01
CA MET A 169 7.28 -8.38 -0.03
C MET A 169 7.07 -8.97 -1.41
N SER A 170 6.70 -10.21 -1.48
CA SER A 170 6.56 -10.79 -2.78
C SER A 170 5.37 -11.72 -2.86
N ALA A 171 4.77 -11.78 -4.01
CA ALA A 171 3.60 -12.54 -4.24
C ALA A 171 3.58 -12.98 -5.66
N GLN A 172 3.23 -14.18 -5.86
CA GLN A 172 3.08 -14.74 -7.16
C GLN A 172 1.74 -15.43 -7.16
N ALA A 173 0.94 -15.17 -8.15
CA ALA A 173 -0.40 -15.72 -8.18
C ALA A 173 -0.91 -15.76 -9.58
N ARG A 174 -1.91 -16.56 -9.81
CA ARG A 174 -2.48 -16.65 -11.14
C ARG A 174 -3.55 -15.59 -11.29
N TYR A 175 -3.48 -14.82 -12.35
CA TYR A 175 -4.47 -13.79 -12.62
C TYR A 175 -4.74 -13.77 -14.07
N THR A 176 -5.98 -13.92 -14.40
CA THR A 176 -6.45 -13.97 -15.72
C THR A 176 -5.97 -12.76 -16.53
N ASP A 177 -5.28 -13.04 -17.60
CA ASP A 177 -4.84 -12.01 -18.51
C ASP A 177 -6.06 -11.58 -19.30
N PRO A 178 -6.28 -10.29 -19.47
CA PRO A 178 -7.41 -9.78 -20.23
C PRO A 178 -7.43 -10.28 -21.67
N ASN A 179 -6.26 -10.32 -22.27
CA ASN A 179 -6.08 -10.68 -23.67
C ASN A 179 -6.02 -12.18 -23.78
N THR A 180 -5.75 -12.82 -22.66
CA THR A 180 -5.58 -14.27 -22.51
C THR A 180 -4.37 -14.78 -23.28
N ARG A 181 -3.36 -13.91 -23.35
CA ARG A 181 -2.15 -14.20 -24.04
C ARG A 181 -1.07 -14.61 -23.05
N SER A 182 -0.11 -15.32 -23.54
CA SER A 182 1.02 -15.72 -22.77
C SER A 182 2.25 -15.19 -23.50
N GLY A 12 0.38 25.90 25.81
CA GLY A 12 -0.68 26.36 24.92
C GLY A 12 -1.67 25.26 24.65
N ARG A 13 -1.18 24.16 24.13
CA ARG A 13 -1.96 23.00 23.82
C ARG A 13 -1.05 21.81 23.96
N GLU A 14 -1.45 20.86 24.73
CA GLU A 14 -0.65 19.68 24.89
C GLU A 14 -0.96 18.67 23.82
N ASN A 15 -0.06 17.78 23.62
CA ASN A 15 -0.25 16.76 22.65
C ASN A 15 -0.28 15.42 23.37
N LEU A 16 -1.29 14.66 23.11
CA LEU A 16 -1.52 13.41 23.79
C LEU A 16 -0.83 12.29 23.04
N TYR A 17 -0.09 11.48 23.77
CA TYR A 17 0.71 10.43 23.17
C TYR A 17 -0.06 9.13 23.09
N PHE A 18 -0.02 8.48 21.94
CA PHE A 18 -0.68 7.19 21.75
C PHE A 18 0.31 6.06 21.90
N GLN A 19 -0.12 4.97 22.52
CA GLN A 19 0.81 3.91 22.90
C GLN A 19 0.58 2.57 22.16
N GLY A 20 -0.45 1.84 22.53
CA GLY A 20 -0.62 0.45 22.08
C GLY A 20 -1.15 0.25 20.69
N HIS A 21 -0.94 1.20 19.82
CA HIS A 21 -1.41 1.09 18.45
C HIS A 21 -0.38 1.71 17.55
N MET A 22 -0.06 2.98 17.85
CA MET A 22 0.95 3.77 17.13
C MET A 22 0.44 4.14 15.74
N LEU A 23 1.32 4.69 14.93
CA LEU A 23 0.96 5.08 13.59
C LEU A 23 0.85 3.86 12.71
N ARG A 24 -0.26 3.72 12.05
CA ARG A 24 -0.52 2.56 11.25
C ARG A 24 -0.56 2.97 9.80
N VAL A 25 0.24 2.35 8.99
CA VAL A 25 0.13 2.59 7.59
C VAL A 25 -0.49 1.34 7.00
N ARG A 26 -1.68 1.47 6.50
CA ARG A 26 -2.40 0.35 5.99
C ARG A 26 -2.79 0.55 4.55
N ALA A 27 -2.26 -0.26 3.71
CA ALA A 27 -2.63 -0.23 2.33
C ALA A 27 -3.33 -1.53 2.02
N SER A 28 -4.60 -1.47 1.81
CA SER A 28 -5.37 -2.64 1.53
C SER A 28 -5.90 -2.52 0.13
N ILE A 29 -5.47 -3.40 -0.74
CA ILE A 29 -5.89 -3.34 -2.10
C ILE A 29 -6.43 -4.70 -2.53
N THR A 30 -7.39 -4.67 -3.37
CA THR A 30 -8.01 -5.87 -3.86
C THR A 30 -7.97 -5.86 -5.39
N ILE A 31 -7.49 -6.93 -5.95
CA ILE A 31 -7.42 -7.05 -7.38
C ILE A 31 -8.33 -8.18 -7.86
N SER A 32 -9.32 -7.80 -8.60
CA SER A 32 -10.31 -8.71 -9.08
C SER A 32 -9.79 -9.42 -10.33
N PRO A 33 -10.28 -10.66 -10.63
CA PRO A 33 -9.89 -11.45 -11.83
C PRO A 33 -10.23 -10.74 -13.18
N ASP A 34 -10.78 -9.55 -13.09
CA ASP A 34 -11.06 -8.69 -14.26
C ASP A 34 -9.79 -7.96 -14.63
N ASP A 35 -8.79 -8.11 -13.75
CA ASP A 35 -7.48 -7.42 -13.80
C ASP A 35 -7.71 -5.97 -13.42
N LEU A 36 -8.73 -5.80 -12.59
CA LEU A 36 -9.10 -4.52 -12.09
C LEU A 36 -8.62 -4.44 -10.66
N VAL A 37 -7.89 -3.41 -10.39
CA VAL A 37 -7.33 -3.19 -9.10
C VAL A 37 -8.15 -2.09 -8.44
N SER A 38 -8.38 -2.26 -7.18
CA SER A 38 -9.14 -1.36 -6.38
C SER A 38 -8.58 -1.41 -4.97
N GLY A 39 -8.80 -0.42 -4.16
CA GLY A 39 -8.29 -0.50 -2.83
C GLY A 39 -8.30 0.81 -2.12
N GLU A 40 -7.63 0.85 -1.02
CA GLU A 40 -7.57 2.01 -0.17
C GLU A 40 -6.28 2.02 0.63
N ILE A 41 -5.66 3.15 0.68
CA ILE A 41 -4.46 3.31 1.45
C ILE A 41 -4.76 4.30 2.55
N ILE A 42 -4.68 3.85 3.76
CA ILE A 42 -4.91 4.67 4.92
C ILE A 42 -3.64 4.74 5.73
N ALA A 43 -3.10 5.89 5.85
CA ALA A 43 -1.96 6.08 6.67
C ALA A 43 -2.37 7.00 7.78
N ALA A 44 -2.48 6.45 8.96
CA ALA A 44 -2.92 7.23 10.09
C ALA A 44 -1.83 7.27 11.11
N ALA A 45 -1.39 8.44 11.39
CA ALA A 45 -0.29 8.62 12.26
C ALA A 45 -0.69 9.31 13.53
N LYS A 46 0.11 9.11 14.54
CA LYS A 46 -0.05 9.82 15.77
C LYS A 46 0.23 11.28 15.46
N PRO A 47 -0.65 12.21 15.81
CA PRO A 47 -0.46 13.60 15.51
C PRO A 47 0.74 14.19 16.25
N LYS A 48 1.90 14.15 15.61
CA LYS A 48 3.09 14.81 16.13
C LYS A 48 2.86 16.29 15.94
N ASN A 49 2.57 16.63 14.71
CA ASN A 49 2.22 17.95 14.35
C ASN A 49 0.74 18.09 14.66
N SER A 50 0.45 18.65 15.81
CA SER A 50 -0.92 18.77 16.31
C SER A 50 -1.80 19.68 15.42
N LYS A 51 -1.19 20.41 14.50
CA LYS A 51 -1.90 21.31 13.61
C LYS A 51 -2.58 20.52 12.50
N ASP A 52 -2.14 19.31 12.30
CA ASP A 52 -2.60 18.48 11.24
C ASP A 52 -3.83 17.72 11.58
N THR A 53 -4.80 17.79 10.71
CA THR A 53 -6.00 17.00 10.82
C THR A 53 -5.91 15.87 9.80
N GLY A 54 -5.10 16.08 8.76
CA GLY A 54 -4.85 15.03 7.82
C GLY A 54 -4.05 15.48 6.62
N PRO A 55 -2.76 15.14 6.54
CA PRO A 55 -1.93 15.41 5.35
C PRO A 55 -2.50 14.68 4.12
N ALA A 56 -2.14 15.13 2.94
CA ALA A 56 -2.61 14.47 1.73
C ALA A 56 -1.46 13.78 1.02
N LEU A 57 -1.78 12.88 0.12
CA LEU A 57 -0.79 12.18 -0.66
C LEU A 57 -0.28 13.08 -1.76
N ASP A 58 1.02 13.08 -1.95
CA ASP A 58 1.61 13.91 -2.95
C ASP A 58 2.13 13.06 -4.08
N GLY A 59 1.32 12.93 -5.07
CA GLY A 59 1.68 12.17 -6.23
C GLY A 59 0.63 12.31 -7.27
N ASP A 60 0.82 13.24 -8.16
CA ASP A 60 -0.14 13.50 -9.22
C ASP A 60 -0.09 12.44 -10.27
N VAL A 61 -0.94 11.47 -10.12
CA VAL A 61 -1.04 10.38 -11.06
C VAL A 61 -1.97 10.76 -12.21
N PRO A 62 -1.77 10.19 -13.40
CA PRO A 62 -2.64 10.48 -14.56
C PRO A 62 -4.09 10.05 -14.30
N PHE A 63 -4.25 9.00 -13.52
CA PHE A 63 -5.55 8.44 -13.21
C PHE A 63 -6.11 8.96 -11.89
N SER A 64 -5.89 10.23 -11.61
CA SER A 64 -6.37 10.82 -10.36
C SER A 64 -7.90 10.72 -10.20
N GLN A 65 -8.63 10.62 -11.31
CA GLN A 65 -10.08 10.55 -11.26
C GLN A 65 -10.53 9.21 -10.69
N LYS A 66 -9.62 8.26 -10.69
CA LYS A 66 -9.90 6.93 -10.21
C LYS A 66 -9.58 6.84 -8.73
N VAL A 67 -8.82 7.81 -8.23
CA VAL A 67 -8.41 7.76 -6.85
C VAL A 67 -8.87 8.99 -6.06
N ALA A 68 -9.65 8.74 -5.06
CA ALA A 68 -10.14 9.75 -4.20
C ALA A 68 -9.23 9.87 -3.00
N VAL A 69 -8.47 10.93 -2.96
CA VAL A 69 -7.55 11.15 -1.88
C VAL A 69 -8.23 12.09 -0.90
N SER A 70 -8.01 11.87 0.37
CA SER A 70 -8.67 12.63 1.37
C SER A 70 -7.86 12.56 2.66
N ASN A 71 -8.26 13.34 3.61
CA ASN A 71 -7.61 13.37 4.90
C ASN A 71 -8.20 12.28 5.78
N TYR A 72 -7.40 11.72 6.62
CA TYR A 72 -7.89 10.75 7.54
C TYR A 72 -7.88 11.39 8.91
N ASP A 73 -9.03 11.48 9.49
CA ASP A 73 -9.22 12.06 10.79
C ASP A 73 -10.20 11.17 11.51
N SER A 74 -9.70 10.31 12.35
CA SER A 74 -10.49 9.34 13.07
C SER A 74 -9.58 8.62 14.04
N ASP A 75 -10.16 8.00 15.07
CA ASP A 75 -9.44 7.12 16.02
C ASP A 75 -8.53 7.90 16.98
N GLY A 76 -8.44 9.19 16.75
CA GLY A 76 -7.53 10.03 17.49
C GLY A 76 -6.27 10.27 16.69
N TYR A 77 -6.20 9.60 15.57
CA TYR A 77 -5.07 9.66 14.68
C TYR A 77 -5.40 10.51 13.48
N VAL A 78 -4.39 11.06 12.87
CA VAL A 78 -4.59 11.86 11.71
C VAL A 78 -3.63 11.41 10.63
N GLY A 79 -4.09 11.37 9.43
CA GLY A 79 -3.26 10.95 8.38
C GLY A 79 -3.86 11.20 7.04
N SER A 80 -3.44 10.43 6.11
CA SER A 80 -3.84 10.56 4.74
C SER A 80 -4.48 9.28 4.25
N GLN A 81 -5.42 9.40 3.35
CA GLN A 81 -6.02 8.25 2.75
C GLN A 81 -6.21 8.45 1.26
N ALA A 82 -6.01 7.40 0.53
CA ALA A 82 -6.24 7.39 -0.89
C ALA A 82 -7.09 6.20 -1.20
N VAL A 83 -8.27 6.44 -1.67
CA VAL A 83 -9.20 5.37 -1.98
C VAL A 83 -9.35 5.30 -3.49
N PHE A 84 -8.96 4.21 -4.08
CA PHE A 84 -8.99 4.11 -5.51
C PHE A 84 -9.86 2.98 -5.99
N SER A 85 -10.34 3.11 -7.19
CA SER A 85 -11.22 2.14 -7.75
C SER A 85 -11.15 2.21 -9.25
N ASP A 86 -11.34 1.07 -9.89
CA ASP A 86 -11.29 0.93 -11.34
C ASP A 86 -9.94 1.30 -11.91
N LEU A 87 -8.97 0.57 -11.49
CA LEU A 87 -7.66 0.71 -12.00
C LEU A 87 -7.24 -0.60 -12.60
N THR A 88 -6.24 -0.60 -13.40
CA THR A 88 -5.82 -1.82 -14.02
C THR A 88 -4.44 -2.21 -13.46
N PHE A 89 -3.97 -3.41 -13.82
CA PHE A 89 -2.70 -3.96 -13.37
C PHE A 89 -1.56 -2.98 -13.55
N ALA A 90 -1.50 -2.38 -14.72
CA ALA A 90 -0.46 -1.43 -15.09
C ALA A 90 -0.49 -0.17 -14.21
N GLU A 91 -1.64 0.14 -13.66
CA GLU A 91 -1.80 1.34 -12.87
C GLU A 91 -1.41 1.10 -11.41
N LEU A 92 -1.33 -0.16 -11.00
CA LEU A 92 -0.97 -0.51 -9.62
C LEU A 92 0.46 -0.03 -9.22
N PRO A 93 1.54 -0.36 -9.98
CA PRO A 93 2.88 0.14 -9.65
C PRO A 93 2.91 1.67 -9.72
N GLN A 94 2.20 2.19 -10.68
CA GLN A 94 2.16 3.59 -10.96
C GLN A 94 1.51 4.37 -9.79
N LEU A 95 0.51 3.78 -9.14
CA LEU A 95 -0.12 4.42 -7.99
C LEU A 95 0.79 4.33 -6.77
N ALA A 96 1.74 3.39 -6.82
CA ALA A 96 2.63 3.16 -5.71
C ALA A 96 3.59 4.32 -5.54
N ASN A 97 3.81 5.07 -6.64
CA ASN A 97 4.66 6.26 -6.58
C ASN A 97 4.07 7.24 -5.59
N MET A 98 2.77 7.49 -5.73
CA MET A 98 2.03 8.43 -4.87
C MET A 98 2.20 8.03 -3.42
N ASN A 99 1.90 6.75 -3.17
CA ASN A 99 2.03 6.16 -1.83
C ASN A 99 3.44 6.35 -1.27
N SER A 100 4.43 6.33 -2.17
CA SER A 100 5.81 6.38 -1.77
C SER A 100 6.16 7.68 -1.10
N ASP A 101 5.33 8.73 -1.29
CA ASP A 101 5.60 10.04 -0.68
C ASP A 101 5.68 9.90 0.82
N ALA A 102 4.95 8.93 1.34
CA ALA A 102 4.92 8.68 2.75
C ALA A 102 5.59 7.34 3.08
N ALA A 103 5.85 6.54 2.05
CA ALA A 103 6.34 5.18 2.28
C ALA A 103 7.81 4.98 1.92
N GLY A 104 8.20 5.44 0.73
CA GLY A 104 9.55 5.24 0.23
C GLY A 104 9.80 3.80 -0.22
N VAL A 105 8.73 3.07 -0.48
CA VAL A 105 8.79 1.64 -0.85
C VAL A 105 9.08 1.44 -2.34
N ASN A 106 9.19 0.18 -2.75
CA ASN A 106 9.45 -0.18 -4.14
C ASN A 106 8.65 -1.42 -4.51
N LEU A 107 7.87 -1.36 -5.58
CA LEU A 107 7.09 -2.51 -6.03
C LEU A 107 7.35 -2.81 -7.50
N SER A 108 7.92 -3.95 -7.78
CA SER A 108 8.17 -4.35 -9.13
C SER A 108 7.25 -5.53 -9.48
N LEU A 109 6.28 -5.29 -10.33
CA LEU A 109 5.35 -6.34 -10.68
C LEU A 109 5.20 -6.47 -12.17
N ARG A 110 4.96 -7.68 -12.58
CA ARG A 110 4.84 -8.04 -14.00
C ARG A 110 3.95 -9.24 -14.16
N ARG A 111 3.62 -9.52 -15.38
CA ARG A 111 2.93 -10.73 -15.70
C ARG A 111 3.88 -11.73 -16.27
N ASN A 112 3.74 -12.92 -15.84
CA ASN A 112 4.53 -14.03 -16.31
C ASN A 112 3.59 -15.01 -16.95
N GLY A 113 3.33 -14.80 -18.21
CA GLY A 113 2.42 -15.63 -18.93
C GLY A 113 0.99 -15.37 -18.54
N ASN A 114 0.48 -16.20 -17.67
CA ASN A 114 -0.90 -16.12 -17.20
C ASN A 114 -0.89 -15.92 -15.69
N ILE A 115 0.29 -15.79 -15.14
CA ILE A 115 0.42 -15.62 -13.73
C ILE A 115 1.07 -14.28 -13.47
N VAL A 116 0.75 -13.68 -12.39
CA VAL A 116 1.29 -12.40 -12.06
C VAL A 116 2.33 -12.54 -10.98
N ILE A 117 3.43 -11.87 -11.15
CA ILE A 117 4.47 -11.86 -10.18
C ILE A 117 4.58 -10.46 -9.59
N LEU A 118 4.62 -10.41 -8.33
CA LEU A 118 4.81 -9.17 -7.64
C LEU A 118 5.93 -9.33 -6.65
N GLU A 119 6.90 -8.49 -6.77
CA GLU A 119 8.00 -8.51 -5.86
C GLU A 119 8.54 -7.12 -5.61
N GLY A 120 8.58 -6.74 -4.38
CA GLY A 120 9.05 -5.46 -4.03
C GLY A 120 9.68 -5.45 -2.68
N ARG A 121 10.11 -4.30 -2.26
CA ARG A 121 10.81 -4.14 -1.02
C ARG A 121 10.36 -2.87 -0.36
N ALA A 122 10.58 -2.81 0.91
CA ALA A 122 10.38 -1.63 1.66
C ALA A 122 11.65 -1.41 2.43
N ASP A 123 12.40 -0.42 2.03
CA ASP A 123 13.65 -0.16 2.69
C ASP A 123 13.54 1.14 3.42
N LEU A 124 13.19 1.03 4.66
CA LEU A 124 13.22 2.13 5.56
C LEU A 124 14.04 1.77 6.78
N THR A 125 15.31 1.54 6.49
CA THR A 125 16.27 1.04 7.42
C THR A 125 16.87 2.14 8.29
N SER A 126 16.82 3.37 7.81
CA SER A 126 17.33 4.50 8.57
C SER A 126 16.33 4.90 9.67
N VAL A 127 15.08 4.42 9.50
CA VAL A 127 14.00 4.58 10.46
C VAL A 127 13.45 6.02 10.53
N SER A 128 12.24 6.20 10.09
CA SER A 128 11.59 7.47 10.26
C SER A 128 10.81 7.40 11.58
N ASP A 129 10.04 6.34 11.72
CA ASP A 129 9.31 6.06 12.93
C ASP A 129 9.56 4.63 13.31
N PRO A 130 10.16 4.42 14.48
CA PRO A 130 10.45 3.07 14.97
C PRO A 130 9.18 2.36 15.45
N ASP A 131 8.12 3.13 15.59
CA ASP A 131 6.86 2.66 16.09
C ASP A 131 5.88 2.44 14.96
N ALA A 132 6.33 2.64 13.74
CA ALA A 132 5.45 2.51 12.60
C ALA A 132 5.49 1.13 12.02
N ASP A 133 4.35 0.65 11.60
CA ASP A 133 4.26 -0.60 10.88
C ASP A 133 3.48 -0.32 9.62
N VAL A 134 3.97 -0.84 8.52
CA VAL A 134 3.31 -0.67 7.26
C VAL A 134 2.70 -1.99 6.87
N GLU A 135 1.42 -2.03 6.80
CA GLU A 135 0.70 -3.22 6.45
C GLU A 135 0.19 -3.08 5.03
N LEU A 136 0.60 -3.98 4.19
CA LEU A 136 0.19 -4.00 2.81
C LEU A 136 -0.61 -5.28 2.60
N THR A 137 -1.87 -5.14 2.37
CA THR A 137 -2.77 -6.25 2.24
C THR A 137 -3.31 -6.31 0.82
N VAL A 138 -3.20 -7.45 0.20
CA VAL A 138 -3.70 -7.66 -1.14
C VAL A 138 -4.74 -8.77 -1.12
N ALA A 139 -5.93 -8.47 -1.59
CA ALA A 139 -6.95 -9.47 -1.68
C ALA A 139 -7.25 -9.75 -3.13
N PHE A 140 -7.22 -10.98 -3.50
CA PHE A 140 -7.50 -11.39 -4.86
C PHE A 140 -8.44 -12.57 -4.91
N PRO A 141 -9.63 -12.42 -5.51
CA PRO A 141 -10.58 -13.54 -5.70
C PRO A 141 -10.09 -14.59 -6.74
N ALA A 142 -8.81 -14.90 -6.71
CA ALA A 142 -8.24 -15.87 -7.59
C ALA A 142 -7.63 -17.02 -6.80
N ALA A 143 -6.32 -16.91 -6.49
CA ALA A 143 -5.57 -17.91 -5.74
C ALA A 143 -4.11 -17.58 -5.86
N VAL A 144 -3.43 -17.61 -4.77
CA VAL A 144 -2.00 -17.40 -4.77
C VAL A 144 -1.31 -18.72 -5.08
N THR A 145 -0.22 -18.67 -5.83
CA THR A 145 0.50 -19.87 -6.14
C THR A 145 1.77 -19.92 -5.28
N SER A 146 2.34 -18.77 -5.00
CA SER A 146 3.50 -18.69 -4.13
C SER A 146 3.60 -17.27 -3.59
N THR A 147 3.79 -17.13 -2.32
CA THR A 147 4.00 -15.84 -1.75
C THR A 147 5.08 -15.92 -0.69
N ASN A 148 5.67 -14.82 -0.38
CA ASN A 148 6.54 -14.71 0.73
C ASN A 148 6.17 -13.44 1.42
N GLY A 149 5.47 -13.64 2.51
CA GLY A 149 4.95 -12.62 3.35
C GLY A 149 4.03 -13.27 4.34
N ASP A 150 2.94 -12.66 4.67
CA ASP A 150 2.04 -13.26 5.63
C ASP A 150 0.71 -13.53 4.99
N ARG A 151 0.52 -14.75 4.60
CA ARG A 151 -0.73 -15.15 3.98
C ARG A 151 -1.81 -15.27 5.03
N ILE A 152 -2.94 -14.67 4.74
CA ILE A 152 -4.09 -14.71 5.61
C ILE A 152 -4.97 -15.83 5.12
N GLU A 153 -5.15 -15.85 3.82
CA GLU A 153 -5.91 -16.86 3.12
C GLU A 153 -5.15 -17.13 1.83
N PRO A 154 -5.49 -18.17 1.04
CA PRO A 154 -4.83 -18.43 -0.24
C PRO A 154 -5.23 -17.40 -1.30
N GLU A 155 -6.08 -16.48 -0.92
CA GLU A 155 -6.51 -15.44 -1.81
C GLU A 155 -6.34 -14.05 -1.16
N VAL A 156 -5.73 -14.02 0.02
CA VAL A 156 -5.50 -12.74 0.74
C VAL A 156 -4.15 -12.83 1.45
N VAL A 157 -3.26 -11.93 1.12
CA VAL A 157 -1.93 -11.93 1.72
C VAL A 157 -1.59 -10.53 2.22
N GLN A 158 -0.85 -10.46 3.29
CA GLN A 158 -0.45 -9.20 3.89
C GLN A 158 1.04 -9.20 4.14
N TRP A 159 1.64 -8.07 4.00
CA TRP A 159 3.01 -7.88 4.31
C TRP A 159 3.09 -6.80 5.34
N LYS A 160 3.71 -7.12 6.43
CA LYS A 160 3.90 -6.21 7.50
C LYS A 160 5.35 -5.73 7.48
N LEU A 161 5.54 -4.57 6.92
CA LEU A 161 6.86 -4.03 6.73
C LEU A 161 7.28 -3.24 7.96
N LYS A 162 8.47 -3.47 8.42
CA LYS A 162 8.98 -2.82 9.61
C LYS A 162 10.20 -1.95 9.30
N PRO A 163 10.41 -0.88 10.09
CA PRO A 163 11.55 0.01 9.95
C PRO A 163 12.82 -0.61 10.53
N GLY A 164 13.96 -0.15 10.06
CA GLY A 164 15.23 -0.62 10.57
C GLY A 164 15.66 -1.90 9.88
N VAL A 165 14.71 -2.73 9.58
CA VAL A 165 14.93 -3.96 8.90
C VAL A 165 14.45 -3.82 7.47
N VAL A 166 15.06 -4.52 6.56
CA VAL A 166 14.62 -4.49 5.20
C VAL A 166 13.51 -5.51 5.02
N SER A 167 12.33 -5.04 4.74
CA SER A 167 11.21 -5.92 4.59
C SER A 167 10.87 -6.08 3.12
N THR A 168 10.49 -7.26 2.71
CA THR A 168 10.19 -7.52 1.33
C THR A 168 8.73 -7.90 1.17
N MET A 169 8.21 -7.71 -0.01
CA MET A 169 6.87 -8.13 -0.32
C MET A 169 6.91 -8.94 -1.60
N SER A 170 6.54 -10.18 -1.51
CA SER A 170 6.58 -11.03 -2.68
C SER A 170 5.34 -11.92 -2.79
N ALA A 171 4.76 -11.95 -3.97
CA ALA A 171 3.54 -12.67 -4.23
C ALA A 171 3.50 -13.07 -5.67
N GLN A 172 3.04 -14.23 -5.92
CA GLN A 172 2.84 -14.72 -7.25
C GLN A 172 1.53 -15.45 -7.27
N ALA A 173 0.71 -15.14 -8.21
CA ALA A 173 -0.60 -15.76 -8.30
C ALA A 173 -1.04 -15.88 -9.73
N ARG A 174 -1.89 -16.83 -10.02
CA ARG A 174 -2.35 -17.03 -11.38
C ARG A 174 -3.61 -16.19 -11.58
N TYR A 175 -3.61 -15.36 -12.61
CA TYR A 175 -4.74 -14.46 -12.84
C TYR A 175 -5.29 -14.63 -14.21
N THR A 176 -6.53 -14.35 -14.37
CA THR A 176 -7.17 -14.42 -15.63
C THR A 176 -6.83 -13.20 -16.51
N ASP A 177 -5.81 -13.36 -17.33
CA ASP A 177 -5.35 -12.39 -18.33
C ASP A 177 -6.44 -11.96 -19.30
N PRO A 178 -6.91 -10.70 -19.22
CA PRO A 178 -7.76 -10.14 -20.26
C PRO A 178 -6.91 -9.79 -21.50
N ASN A 179 -5.68 -9.37 -21.20
CA ASN A 179 -4.70 -8.92 -22.18
C ASN A 179 -4.03 -10.10 -22.85
N THR A 180 -4.03 -11.23 -22.16
CA THR A 180 -3.48 -12.51 -22.63
C THR A 180 -2.00 -12.43 -23.07
N ARG A 181 -1.11 -12.64 -22.12
CA ARG A 181 0.30 -12.65 -22.42
C ARG A 181 0.88 -14.05 -22.33
N SER A 182 2.15 -14.20 -22.66
CA SER A 182 2.81 -15.48 -22.62
C SER A 182 4.31 -15.25 -22.37
N GLY A 12 5.51 29.46 2.38
CA GLY A 12 4.48 28.79 3.15
C GLY A 12 4.60 29.12 4.59
N ARG A 13 3.72 28.60 5.39
CA ARG A 13 3.75 28.83 6.81
C ARG A 13 4.46 27.71 7.52
N GLU A 14 3.84 26.55 7.46
CA GLU A 14 4.26 25.42 8.24
C GLU A 14 4.49 24.22 7.36
N ASN A 15 5.73 23.88 7.17
CA ASN A 15 6.13 22.75 6.36
C ASN A 15 5.97 21.47 7.19
N LEU A 16 4.92 20.73 6.92
CA LEU A 16 4.62 19.58 7.74
C LEU A 16 5.04 18.24 7.13
N TYR A 17 6.26 17.89 7.40
CA TYR A 17 6.82 16.56 7.12
C TYR A 17 7.46 16.14 8.43
N PHE A 18 6.69 16.35 9.46
CA PHE A 18 7.09 16.19 10.84
C PHE A 18 7.13 14.71 11.23
N GLN A 19 7.76 14.40 12.35
CA GLN A 19 7.92 13.03 12.86
C GLN A 19 6.59 12.28 12.96
N GLY A 20 6.53 11.15 12.28
CA GLY A 20 5.34 10.37 12.24
C GLY A 20 5.20 9.44 13.42
N HIS A 21 4.83 9.99 14.54
CA HIS A 21 4.62 9.21 15.73
C HIS A 21 3.31 8.45 15.56
N MET A 22 3.37 7.12 15.72
CA MET A 22 2.25 6.21 15.42
C MET A 22 1.82 6.29 13.96
N LEU A 23 2.76 6.65 13.08
CA LEU A 23 2.47 6.71 11.67
C LEU A 23 2.33 5.32 11.10
N ARG A 24 1.12 4.91 10.93
CA ARG A 24 0.86 3.67 10.32
C ARG A 24 0.42 3.90 8.91
N VAL A 25 1.11 3.29 8.01
CA VAL A 25 0.78 3.35 6.63
C VAL A 25 0.28 1.99 6.26
N ARG A 26 -0.94 1.90 5.94
CA ARG A 26 -1.53 0.65 5.61
C ARG A 26 -2.07 0.69 4.21
N ALA A 27 -1.48 -0.09 3.38
CA ALA A 27 -1.88 -0.20 2.02
C ALA A 27 -2.62 -1.49 1.85
N SER A 28 -3.88 -1.41 1.68
CA SER A 28 -4.68 -2.58 1.51
C SER A 28 -5.34 -2.50 0.15
N ILE A 29 -5.01 -3.40 -0.72
CA ILE A 29 -5.53 -3.36 -2.04
C ILE A 29 -6.18 -4.68 -2.37
N THR A 30 -7.20 -4.64 -3.14
CA THR A 30 -7.94 -5.79 -3.51
C THR A 30 -8.03 -5.83 -5.04
N ILE A 31 -7.61 -6.92 -5.61
CA ILE A 31 -7.65 -7.06 -7.04
C ILE A 31 -8.59 -8.20 -7.43
N SER A 32 -9.47 -7.92 -8.34
CA SER A 32 -10.48 -8.86 -8.73
C SER A 32 -10.18 -9.47 -10.11
N PRO A 33 -10.61 -10.75 -10.33
CA PRO A 33 -10.38 -11.51 -11.59
C PRO A 33 -10.84 -10.83 -12.90
N ASP A 34 -11.53 -9.69 -12.81
CA ASP A 34 -11.95 -8.94 -13.99
C ASP A 34 -10.82 -8.06 -14.49
N ASP A 35 -9.65 -8.18 -13.82
CA ASP A 35 -8.44 -7.37 -14.08
C ASP A 35 -8.75 -5.99 -13.54
N LEU A 36 -9.51 -6.00 -12.47
CA LEU A 36 -9.96 -4.85 -11.83
C LEU A 36 -9.18 -4.71 -10.55
N VAL A 37 -8.57 -3.58 -10.38
CA VAL A 37 -7.79 -3.33 -9.21
C VAL A 37 -8.45 -2.20 -8.42
N SER A 38 -8.45 -2.34 -7.12
CA SER A 38 -9.02 -1.37 -6.23
C SER A 38 -8.27 -1.43 -4.91
N GLY A 39 -8.33 -0.39 -4.12
CA GLY A 39 -7.66 -0.45 -2.85
C GLY A 39 -7.58 0.87 -2.16
N GLU A 40 -6.87 0.89 -1.08
CA GLU A 40 -6.76 2.06 -0.26
C GLU A 40 -5.43 2.06 0.48
N ILE A 41 -4.76 3.17 0.47
CA ILE A 41 -3.56 3.35 1.22
C ILE A 41 -3.83 4.42 2.23
N ILE A 42 -3.78 4.07 3.47
CA ILE A 42 -4.05 4.99 4.55
C ILE A 42 -2.76 5.26 5.27
N ALA A 43 -2.36 6.49 5.27
CA ALA A 43 -1.22 6.88 6.04
C ALA A 43 -1.74 7.73 7.16
N ALA A 44 -1.73 7.19 8.33
CA ALA A 44 -2.31 7.85 9.44
C ALA A 44 -1.34 7.99 10.56
N ALA A 45 -1.28 9.15 11.10
CA ALA A 45 -0.36 9.47 12.15
C ALA A 45 -1.11 9.99 13.35
N LYS A 46 -0.51 9.91 14.52
CA LYS A 46 -1.11 10.51 15.68
C LYS A 46 -0.91 12.02 15.57
N PRO A 47 -2.02 12.81 15.68
CA PRO A 47 -1.95 14.27 15.58
C PRO A 47 -0.85 14.82 16.48
N LYS A 48 0.19 15.35 15.88
CA LYS A 48 1.34 15.77 16.65
C LYS A 48 1.42 17.30 16.64
N ASN A 49 0.78 17.90 15.70
CA ASN A 49 0.73 19.35 15.58
C ASN A 49 -0.58 19.83 16.20
N SER A 50 -0.65 21.10 16.53
CA SER A 50 -1.83 21.64 17.16
C SER A 50 -2.95 21.80 16.12
N LYS A 51 -2.55 22.13 14.91
CA LYS A 51 -3.49 22.32 13.80
C LYS A 51 -3.60 21.02 12.99
N ASP A 52 -3.04 19.96 13.53
CA ASP A 52 -2.89 18.68 12.82
C ASP A 52 -4.23 18.07 12.48
N THR A 53 -4.67 18.27 11.28
CA THR A 53 -5.84 17.73 10.82
C THR A 53 -5.51 16.54 9.91
N GLY A 54 -4.39 16.63 9.24
CA GLY A 54 -3.91 15.55 8.44
C GLY A 54 -2.72 15.95 7.60
N PRO A 55 -1.58 15.24 7.64
CA PRO A 55 -0.51 15.43 6.64
C PRO A 55 -1.12 15.20 5.23
N ALA A 56 -0.63 15.87 4.22
CA ALA A 56 -1.27 15.81 2.90
C ALA A 56 -0.45 15.03 1.88
N LEU A 57 -1.10 14.08 1.22
CA LEU A 57 -0.48 13.31 0.15
C LEU A 57 -0.82 13.94 -1.16
N ASP A 58 0.15 14.09 -1.99
CA ASP A 58 -0.07 14.63 -3.31
C ASP A 58 0.16 13.59 -4.38
N GLY A 59 -0.87 12.81 -4.60
CA GLY A 59 -0.82 11.78 -5.58
C GLY A 59 -1.24 12.28 -6.91
N ASP A 60 -0.30 12.81 -7.63
CA ASP A 60 -0.55 13.32 -8.96
C ASP A 60 -0.28 12.26 -9.99
N VAL A 61 -1.33 11.73 -10.51
CA VAL A 61 -1.29 10.68 -11.52
C VAL A 61 -2.27 11.06 -12.63
N PRO A 62 -2.14 10.48 -13.84
CA PRO A 62 -3.06 10.80 -14.97
C PRO A 62 -4.48 10.26 -14.74
N PHE A 63 -4.63 9.48 -13.70
CA PHE A 63 -5.90 8.89 -13.33
C PHE A 63 -6.32 9.32 -11.92
N SER A 64 -6.08 10.58 -11.60
CA SER A 64 -6.43 11.12 -10.29
C SER A 64 -7.94 10.95 -9.98
N GLN A 65 -8.77 11.00 -11.02
CA GLN A 65 -10.21 10.87 -10.87
C GLN A 65 -10.59 9.43 -10.46
N LYS A 66 -9.64 8.53 -10.55
CA LYS A 66 -9.86 7.14 -10.24
C LYS A 66 -9.32 6.81 -8.85
N VAL A 67 -8.60 7.78 -8.26
CA VAL A 67 -8.08 7.62 -6.94
C VAL A 67 -8.42 8.82 -6.06
N ALA A 68 -9.15 8.55 -5.03
CA ALA A 68 -9.59 9.58 -4.14
C ALA A 68 -8.60 9.74 -3.02
N VAL A 69 -7.91 10.85 -3.01
CA VAL A 69 -6.99 11.14 -1.96
C VAL A 69 -7.70 12.04 -0.97
N SER A 70 -7.91 11.54 0.19
CA SER A 70 -8.70 12.21 1.16
C SER A 70 -7.91 12.41 2.44
N ASN A 71 -8.38 13.27 3.28
CA ASN A 71 -7.76 13.48 4.57
C ASN A 71 -8.36 12.47 5.52
N TYR A 72 -7.52 11.72 6.16
CA TYR A 72 -7.96 10.67 7.01
C TYR A 72 -8.06 11.19 8.43
N ASP A 73 -9.22 11.12 8.95
CA ASP A 73 -9.47 11.48 10.33
C ASP A 73 -10.41 10.46 10.87
N SER A 74 -9.85 9.51 11.58
CA SER A 74 -10.60 8.39 12.08
C SER A 74 -9.68 7.57 12.97
N ASP A 75 -10.26 6.86 13.93
CA ASP A 75 -9.55 5.91 14.80
C ASP A 75 -8.56 6.63 15.71
N GLY A 76 -8.71 7.94 15.81
CA GLY A 76 -7.83 8.74 16.63
C GLY A 76 -6.61 9.23 15.88
N TYR A 77 -6.45 8.79 14.65
CA TYR A 77 -5.31 9.17 13.85
C TYR A 77 -5.73 10.20 12.83
N VAL A 78 -4.80 11.03 12.41
CA VAL A 78 -5.03 11.96 11.32
C VAL A 78 -3.97 11.71 10.28
N GLY A 79 -4.35 11.79 9.06
CA GLY A 79 -3.42 11.55 8.03
C GLY A 79 -4.03 11.74 6.71
N SER A 80 -3.50 11.09 5.77
CA SER A 80 -4.00 11.13 4.42
C SER A 80 -4.18 9.75 3.87
N GLN A 81 -5.13 9.60 2.99
CA GLN A 81 -5.44 8.33 2.47
C GLN A 81 -5.70 8.42 0.98
N ALA A 82 -5.21 7.47 0.25
CA ALA A 82 -5.46 7.39 -1.15
C ALA A 82 -6.29 6.16 -1.40
N VAL A 83 -7.49 6.37 -1.83
CA VAL A 83 -8.42 5.26 -2.06
C VAL A 83 -8.74 5.19 -3.54
N PHE A 84 -8.30 4.17 -4.19
CA PHE A 84 -8.49 4.05 -5.62
C PHE A 84 -9.43 2.93 -5.94
N SER A 85 -10.11 3.03 -7.03
CA SER A 85 -11.12 2.04 -7.35
C SER A 85 -11.31 2.00 -8.84
N ASP A 86 -11.59 0.80 -9.35
CA ASP A 86 -11.84 0.59 -10.77
C ASP A 86 -10.64 0.98 -11.62
N LEU A 87 -9.56 0.30 -11.39
CA LEU A 87 -8.37 0.46 -12.17
C LEU A 87 -8.04 -0.86 -12.84
N THR A 88 -7.08 -0.85 -13.73
CA THR A 88 -6.70 -2.05 -14.45
C THR A 88 -5.28 -2.44 -14.04
N PHE A 89 -4.83 -3.63 -14.42
CA PHE A 89 -3.50 -4.12 -14.07
C PHE A 89 -2.41 -3.19 -14.59
N ALA A 90 -2.70 -2.53 -15.71
CA ALA A 90 -1.76 -1.58 -16.32
C ALA A 90 -1.56 -0.35 -15.43
N GLU A 91 -2.54 -0.06 -14.60
CA GLU A 91 -2.51 1.12 -13.77
C GLU A 91 -1.76 0.87 -12.44
N LEU A 92 -1.58 -0.41 -12.10
CA LEU A 92 -0.88 -0.82 -10.87
C LEU A 92 0.51 -0.18 -10.64
N PRO A 93 1.49 -0.28 -11.59
CA PRO A 93 2.81 0.32 -11.36
C PRO A 93 2.71 1.84 -11.15
N GLN A 94 1.84 2.44 -11.94
CA GLN A 94 1.63 3.88 -11.93
C GLN A 94 1.08 4.35 -10.58
N LEU A 95 0.17 3.59 -9.99
CA LEU A 95 -0.36 3.94 -8.69
C LEU A 95 0.65 3.62 -7.59
N ALA A 96 1.61 2.74 -7.91
CA ALA A 96 2.61 2.30 -6.94
C ALA A 96 3.60 3.41 -6.72
N ASN A 97 3.68 4.31 -7.70
CA ASN A 97 4.52 5.48 -7.59
C ASN A 97 4.05 6.32 -6.44
N MET A 98 2.78 6.73 -6.49
CA MET A 98 2.17 7.52 -5.44
C MET A 98 2.33 6.84 -4.10
N ASN A 99 2.01 5.55 -4.06
CA ASN A 99 2.14 4.73 -2.87
C ASN A 99 3.56 4.80 -2.30
N SER A 100 4.57 4.74 -3.18
CA SER A 100 5.92 4.65 -2.71
C SER A 100 6.35 5.93 -2.03
N ASP A 101 5.71 7.06 -2.39
CA ASP A 101 6.07 8.36 -1.85
C ASP A 101 5.76 8.41 -0.36
N ALA A 102 4.80 7.60 0.06
CA ALA A 102 4.41 7.59 1.45
C ALA A 102 4.99 6.38 2.16
N ALA A 103 5.58 5.48 1.40
CA ALA A 103 6.04 4.23 1.97
C ALA A 103 7.54 4.18 2.12
N GLY A 104 8.26 4.64 1.10
CA GLY A 104 9.70 4.59 1.14
C GLY A 104 10.23 3.22 0.73
N VAL A 105 9.34 2.41 0.17
CA VAL A 105 9.69 1.05 -0.22
C VAL A 105 9.64 0.96 -1.75
N ASN A 106 10.12 -0.12 -2.31
CA ASN A 106 10.14 -0.27 -3.77
C ASN A 106 9.22 -1.40 -4.20
N LEU A 107 8.28 -1.09 -5.09
CA LEU A 107 7.32 -2.06 -5.59
C LEU A 107 7.49 -2.18 -7.10
N SER A 108 7.55 -3.38 -7.59
CA SER A 108 7.65 -3.61 -9.03
C SER A 108 6.86 -4.87 -9.39
N LEU A 109 6.04 -4.77 -10.41
CA LEU A 109 5.19 -5.88 -10.76
C LEU A 109 4.97 -6.00 -12.25
N ARG A 110 4.62 -7.19 -12.66
CA ARG A 110 4.33 -7.53 -14.04
C ARG A 110 3.42 -8.73 -14.12
N ARG A 111 2.86 -8.95 -15.27
CA ARG A 111 2.14 -10.12 -15.50
C ARG A 111 3.06 -11.05 -16.24
N ASN A 112 3.05 -12.26 -15.87
CA ASN A 112 3.86 -13.28 -16.50
C ASN A 112 2.94 -14.30 -17.09
N GLY A 113 2.63 -14.14 -18.35
CA GLY A 113 1.69 -14.99 -18.99
C GLY A 113 0.29 -14.68 -18.47
N ASN A 114 -0.29 -15.63 -17.79
CA ASN A 114 -1.61 -15.46 -17.20
C ASN A 114 -1.47 -15.46 -15.67
N ILE A 115 -0.27 -15.29 -15.19
CA ILE A 115 -0.10 -15.21 -13.77
C ILE A 115 0.60 -13.90 -13.45
N VAL A 116 0.33 -13.34 -12.35
CA VAL A 116 0.89 -12.07 -11.96
C VAL A 116 2.06 -12.27 -11.03
N ILE A 117 3.12 -11.54 -11.26
CA ILE A 117 4.27 -11.58 -10.42
C ILE A 117 4.50 -10.20 -9.83
N LEU A 118 4.67 -10.16 -8.57
CA LEU A 118 4.96 -8.94 -7.87
C LEU A 118 6.21 -9.13 -7.04
N GLU A 119 7.12 -8.19 -7.15
CA GLU A 119 8.34 -8.20 -6.38
C GLU A 119 8.41 -6.87 -5.61
N GLY A 120 8.96 -6.91 -4.44
CA GLY A 120 9.12 -5.71 -3.68
C GLY A 120 10.11 -5.91 -2.59
N ARG A 121 10.70 -4.84 -2.15
CA ARG A 121 11.62 -4.87 -1.04
C ARG A 121 11.39 -3.64 -0.22
N ALA A 122 11.42 -3.82 1.06
CA ALA A 122 11.20 -2.75 1.98
C ALA A 122 12.31 -2.73 3.00
N ASP A 123 13.09 -1.69 2.98
CA ASP A 123 14.17 -1.54 3.93
C ASP A 123 13.82 -0.40 4.85
N LEU A 124 13.50 -0.73 6.06
CA LEU A 124 13.16 0.28 7.02
C LEU A 124 14.22 0.33 8.11
N THR A 125 15.45 -0.01 7.76
CA THR A 125 16.51 0.01 8.75
C THR A 125 16.93 1.45 9.09
N SER A 126 16.49 2.38 8.23
CA SER A 126 16.68 3.80 8.45
C SER A 126 15.75 4.29 9.58
N VAL A 127 14.84 3.39 9.98
CA VAL A 127 13.85 3.51 11.06
C VAL A 127 12.85 4.68 10.95
N SER A 128 13.33 5.91 10.89
CA SER A 128 12.51 7.13 10.86
C SER A 128 11.81 7.35 12.20
N ASP A 129 10.88 6.47 12.55
CA ASP A 129 10.17 6.56 13.81
C ASP A 129 9.89 5.14 14.28
N PRO A 130 10.35 4.78 15.49
CA PRO A 130 10.22 3.41 16.05
C PRO A 130 8.81 2.81 15.96
N ASP A 131 7.81 3.59 16.26
CA ASP A 131 6.45 3.09 16.32
C ASP A 131 5.66 3.38 15.08
N ALA A 132 6.36 3.71 14.03
CA ALA A 132 5.75 3.84 12.73
C ALA A 132 5.52 2.43 12.23
N ASP A 133 4.41 2.17 11.67
CA ASP A 133 4.06 0.81 11.30
C ASP A 133 3.55 0.76 9.88
N VAL A 134 4.12 -0.06 9.05
CA VAL A 134 3.67 -0.12 7.68
C VAL A 134 3.09 -1.50 7.38
N GLU A 135 1.90 -1.54 6.87
CA GLU A 135 1.26 -2.79 6.55
C GLU A 135 0.78 -2.75 5.14
N LEU A 136 0.90 -3.84 4.45
CA LEU A 136 0.38 -3.93 3.13
C LEU A 136 -0.39 -5.23 3.05
N THR A 137 -1.63 -5.13 2.70
CA THR A 137 -2.51 -6.26 2.66
C THR A 137 -3.11 -6.34 1.27
N VAL A 138 -3.11 -7.50 0.68
CA VAL A 138 -3.69 -7.66 -0.63
C VAL A 138 -4.74 -8.76 -0.58
N ALA A 139 -5.94 -8.44 -1.02
CA ALA A 139 -6.98 -9.40 -1.12
C ALA A 139 -7.23 -9.69 -2.57
N PHE A 140 -7.07 -10.90 -2.96
CA PHE A 140 -7.30 -11.28 -4.30
C PHE A 140 -8.14 -12.52 -4.40
N PRO A 141 -9.43 -12.41 -4.80
CA PRO A 141 -10.35 -13.56 -4.97
C PRO A 141 -9.94 -14.49 -6.16
N ALA A 142 -8.67 -14.62 -6.38
CA ALA A 142 -8.14 -15.46 -7.41
C ALA A 142 -7.48 -16.67 -6.77
N ALA A 143 -6.15 -16.56 -6.48
CA ALA A 143 -5.35 -17.62 -5.84
C ALA A 143 -3.88 -17.29 -5.95
N VAL A 144 -3.20 -17.24 -4.83
CA VAL A 144 -1.77 -17.04 -4.82
C VAL A 144 -1.08 -18.37 -5.14
N THR A 145 -0.06 -18.32 -5.95
CA THR A 145 0.66 -19.52 -6.29
C THR A 145 2.02 -19.56 -5.53
N SER A 146 2.56 -18.41 -5.20
CA SER A 146 3.78 -18.31 -4.39
C SER A 146 3.82 -16.91 -3.77
N THR A 147 4.07 -16.79 -2.50
CA THR A 147 4.27 -15.49 -1.90
C THR A 147 5.39 -15.50 -0.85
N ASN A 148 6.04 -14.37 -0.69
CA ASN A 148 7.04 -14.19 0.34
C ASN A 148 6.56 -13.07 1.18
N GLY A 149 5.87 -13.43 2.22
CA GLY A 149 5.28 -12.53 3.16
C GLY A 149 4.48 -13.35 4.12
N ASP A 150 3.35 -12.87 4.56
CA ASP A 150 2.53 -13.65 5.45
C ASP A 150 1.20 -13.94 4.81
N ARG A 151 1.03 -15.15 4.35
CA ARG A 151 -0.20 -15.54 3.72
C ARG A 151 -1.23 -15.97 4.74
N ILE A 152 -2.28 -15.20 4.83
CA ILE A 152 -3.35 -15.48 5.77
C ILE A 152 -4.24 -16.53 5.13
N GLU A 153 -4.54 -16.30 3.90
CA GLU A 153 -5.35 -17.17 3.10
C GLU A 153 -4.67 -17.34 1.77
N PRO A 154 -4.99 -18.38 1.00
CA PRO A 154 -4.48 -18.55 -0.37
C PRO A 154 -4.93 -17.39 -1.28
N GLU A 155 -5.93 -16.66 -0.85
CA GLU A 155 -6.39 -15.51 -1.59
C GLU A 155 -6.19 -14.18 -0.84
N VAL A 156 -5.59 -14.22 0.33
CA VAL A 156 -5.33 -12.99 1.09
C VAL A 156 -3.93 -13.06 1.71
N VAL A 157 -3.09 -12.11 1.36
CA VAL A 157 -1.71 -12.10 1.85
C VAL A 157 -1.39 -10.73 2.42
N GLN A 158 -0.56 -10.69 3.43
CA GLN A 158 -0.21 -9.46 4.06
C GLN A 158 1.28 -9.39 4.35
N TRP A 159 1.82 -8.22 4.21
CA TRP A 159 3.20 -7.96 4.49
C TRP A 159 3.28 -6.92 5.57
N LYS A 160 3.96 -7.25 6.63
CA LYS A 160 4.15 -6.32 7.71
C LYS A 160 5.53 -5.71 7.63
N LEU A 161 5.57 -4.45 7.30
CA LEU A 161 6.79 -3.75 7.14
C LEU A 161 7.09 -2.99 8.42
N LYS A 162 8.18 -3.38 9.00
CA LYS A 162 8.57 -2.98 10.32
C LYS A 162 9.87 -2.19 10.27
N PRO A 163 9.99 -1.10 11.07
CA PRO A 163 11.23 -0.34 11.17
C PRO A 163 12.34 -1.18 11.81
N GLY A 164 13.56 -0.80 11.54
CA GLY A 164 14.70 -1.48 12.12
C GLY A 164 15.09 -2.71 11.34
N VAL A 165 14.11 -3.37 10.77
CA VAL A 165 14.33 -4.56 9.99
C VAL A 165 14.12 -4.29 8.49
N VAL A 166 14.57 -5.21 7.68
CA VAL A 166 14.39 -5.18 6.26
C VAL A 166 13.50 -6.37 5.89
N SER A 167 12.63 -6.22 4.92
CA SER A 167 11.78 -7.32 4.50
C SER A 167 11.64 -7.36 2.99
N THR A 168 11.59 -8.56 2.48
CA THR A 168 11.40 -8.81 1.08
C THR A 168 9.93 -9.09 0.83
N MET A 169 9.47 -8.77 -0.33
CA MET A 169 8.09 -8.95 -0.69
C MET A 169 8.02 -9.68 -2.01
N SER A 170 7.26 -10.72 -2.06
CA SER A 170 7.03 -11.42 -3.29
C SER A 170 5.60 -11.91 -3.28
N ALA A 171 4.97 -11.87 -4.42
CA ALA A 171 3.60 -12.29 -4.55
C ALA A 171 3.36 -12.71 -5.96
N GLN A 172 3.06 -13.93 -6.14
CA GLN A 172 2.73 -14.42 -7.45
C GLN A 172 1.40 -15.09 -7.37
N ALA A 173 0.53 -14.75 -8.27
CA ALA A 173 -0.83 -15.28 -8.25
C ALA A 173 -1.33 -15.52 -9.65
N ARG A 174 -2.34 -16.35 -9.79
CA ARG A 174 -2.91 -16.61 -11.12
C ARG A 174 -4.00 -15.59 -11.42
N TYR A 175 -3.88 -14.90 -12.55
CA TYR A 175 -4.86 -13.92 -13.00
C TYR A 175 -5.21 -14.03 -14.43
N THR A 176 -6.47 -14.26 -14.64
CA THR A 176 -7.04 -14.40 -15.94
C THR A 176 -6.88 -13.12 -16.74
N ASP A 177 -5.98 -13.20 -17.67
CA ASP A 177 -5.55 -12.10 -18.52
C ASP A 177 -6.67 -11.71 -19.45
N PRO A 178 -6.87 -10.41 -19.67
CA PRO A 178 -7.91 -9.92 -20.58
C PRO A 178 -7.69 -10.35 -22.05
N ASN A 179 -6.47 -10.21 -22.56
CA ASN A 179 -6.18 -10.56 -23.92
C ASN A 179 -5.87 -12.03 -24.09
N THR A 180 -5.76 -12.71 -22.97
CA THR A 180 -5.62 -14.14 -22.82
C THR A 180 -4.27 -14.69 -23.23
N ARG A 181 -3.30 -14.35 -22.43
CA ARG A 181 -1.97 -14.86 -22.58
C ARG A 181 -1.89 -16.21 -21.86
N SER A 182 -0.96 -17.02 -22.28
CA SER A 182 -0.78 -18.32 -21.68
C SER A 182 0.71 -18.49 -21.40
N GLY A 12 22.46 8.57 31.47
CA GLY A 12 21.06 8.99 31.53
C GLY A 12 20.52 9.28 30.16
N ARG A 13 20.15 8.24 29.46
CA ARG A 13 19.54 8.36 28.16
C ARG A 13 18.16 7.76 28.23
N GLU A 14 17.18 8.59 28.04
CA GLU A 14 15.82 8.15 28.10
C GLU A 14 15.47 7.40 26.83
N ASN A 15 15.28 6.11 26.97
CA ASN A 15 14.98 5.24 25.83
C ASN A 15 13.62 5.62 25.26
N LEU A 16 13.51 5.51 23.95
CA LEU A 16 12.28 5.85 23.26
C LEU A 16 11.24 4.75 23.38
N TYR A 17 10.70 4.60 24.56
CA TYR A 17 9.65 3.66 24.83
C TYR A 17 8.34 4.35 24.59
N PHE A 18 7.67 3.95 23.55
CA PHE A 18 6.38 4.51 23.24
C PHE A 18 5.39 3.41 23.06
N GLN A 19 4.15 3.73 23.24
CA GLN A 19 3.08 2.78 23.10
C GLN A 19 2.77 2.64 21.61
N GLY A 20 2.91 1.42 21.13
CA GLY A 20 2.84 1.11 19.70
C GLY A 20 1.46 1.16 19.07
N HIS A 21 0.82 2.28 19.20
CA HIS A 21 -0.49 2.52 18.63
C HIS A 21 -0.60 3.98 18.21
N MET A 22 0.53 4.60 17.89
CA MET A 22 0.54 6.01 17.56
C MET A 22 0.25 6.24 16.08
N LEU A 23 1.05 5.66 15.21
CA LEU A 23 0.86 5.86 13.78
C LEU A 23 1.18 4.62 12.97
N ARG A 24 0.50 4.45 11.87
CA ARG A 24 0.71 3.31 11.00
C ARG A 24 0.20 3.62 9.62
N VAL A 25 0.75 2.93 8.64
CA VAL A 25 0.32 3.09 7.28
C VAL A 25 -0.19 1.74 6.76
N ARG A 26 -1.46 1.70 6.45
CA ARG A 26 -2.07 0.50 5.96
C ARG A 26 -2.50 0.66 4.54
N ALA A 27 -1.95 -0.15 3.70
CA ALA A 27 -2.33 -0.17 2.33
C ALA A 27 -2.98 -1.50 2.06
N SER A 28 -4.26 -1.47 1.88
CA SER A 28 -5.01 -2.66 1.64
C SER A 28 -5.56 -2.57 0.23
N ILE A 29 -5.12 -3.45 -0.63
CA ILE A 29 -5.56 -3.39 -1.99
C ILE A 29 -6.11 -4.73 -2.39
N THR A 30 -7.08 -4.71 -3.22
CA THR A 30 -7.70 -5.90 -3.68
C THR A 30 -7.69 -5.89 -5.21
N ILE A 31 -7.39 -7.00 -5.80
CA ILE A 31 -7.28 -7.11 -7.22
C ILE A 31 -8.30 -8.14 -7.71
N SER A 32 -9.12 -7.72 -8.63
CA SER A 32 -10.15 -8.56 -9.15
C SER A 32 -9.79 -9.05 -10.56
N PRO A 33 -10.31 -10.24 -10.98
CA PRO A 33 -10.00 -10.87 -12.29
C PRO A 33 -10.46 -10.06 -13.51
N ASP A 34 -11.03 -8.89 -13.28
CA ASP A 34 -11.53 -8.02 -14.36
C ASP A 34 -10.37 -7.13 -14.81
N ASP A 35 -9.20 -7.38 -14.19
CA ASP A 35 -7.93 -6.61 -14.35
C ASP A 35 -8.14 -5.30 -13.65
N LEU A 36 -8.99 -5.39 -12.66
CA LEU A 36 -9.41 -4.32 -11.89
C LEU A 36 -8.68 -4.34 -10.57
N VAL A 37 -8.11 -3.23 -10.22
CA VAL A 37 -7.44 -3.04 -8.99
C VAL A 37 -8.14 -1.90 -8.24
N SER A 38 -8.42 -2.14 -7.00
CA SER A 38 -9.04 -1.16 -6.14
C SER A 38 -8.42 -1.30 -4.77
N GLY A 39 -8.36 -0.24 -4.00
CA GLY A 39 -7.77 -0.36 -2.71
C GLY A 39 -7.78 0.91 -1.96
N GLU A 40 -7.20 0.86 -0.83
CA GLU A 40 -7.19 1.96 0.09
C GLU A 40 -5.84 2.04 0.79
N ILE A 41 -5.30 3.20 0.85
CA ILE A 41 -4.08 3.43 1.56
C ILE A 41 -4.37 4.45 2.63
N ILE A 42 -4.24 4.05 3.86
CA ILE A 42 -4.52 4.91 4.99
C ILE A 42 -3.27 5.11 5.81
N ALA A 43 -2.80 6.31 5.84
CA ALA A 43 -1.72 6.67 6.69
C ALA A 43 -2.31 7.45 7.81
N ALA A 44 -2.36 6.88 8.99
CA ALA A 44 -3.01 7.54 10.09
C ALA A 44 -2.09 7.67 11.26
N ALA A 45 -2.06 8.85 11.80
CA ALA A 45 -1.22 9.17 12.91
C ALA A 45 -2.00 9.89 14.00
N LYS A 46 -1.91 9.42 15.24
CA LYS A 46 -2.50 10.18 16.33
C LYS A 46 -1.68 11.44 16.48
N PRO A 47 -2.35 12.62 16.34
CA PRO A 47 -1.75 13.94 16.20
C PRO A 47 -0.30 14.14 16.69
N LYS A 48 0.65 13.89 15.78
CA LYS A 48 2.07 14.12 16.05
C LYS A 48 2.38 15.58 15.82
N ASN A 49 1.61 16.17 14.93
CA ASN A 49 1.76 17.55 14.57
C ASN A 49 0.62 18.31 15.19
N SER A 50 0.97 19.35 15.90
CA SER A 50 0.03 20.14 16.69
C SER A 50 -1.02 20.85 15.80
N LYS A 51 -0.69 21.11 14.55
CA LYS A 51 -1.60 21.81 13.67
C LYS A 51 -2.32 20.89 12.68
N ASP A 52 -2.14 19.59 12.81
CA ASP A 52 -2.73 18.72 11.82
C ASP A 52 -4.09 18.21 12.18
N THR A 53 -5.04 18.60 11.38
CA THR A 53 -6.37 18.12 11.47
C THR A 53 -6.64 17.23 10.24
N GLY A 54 -5.70 17.22 9.30
CA GLY A 54 -5.81 16.36 8.16
C GLY A 54 -4.70 16.59 7.15
N PRO A 55 -3.65 15.77 7.19
CA PRO A 55 -2.57 15.79 6.20
C PRO A 55 -3.01 15.21 4.84
N ALA A 56 -2.28 15.53 3.79
CA ALA A 56 -2.58 15.03 2.45
C ALA A 56 -1.40 14.25 1.87
N LEU A 57 -1.68 13.40 0.91
CA LEU A 57 -0.64 12.70 0.17
C LEU A 57 -0.50 13.40 -1.16
N ASP A 58 0.63 13.32 -1.79
CA ASP A 58 0.85 14.02 -3.04
C ASP A 58 0.50 13.12 -4.19
N GLY A 59 -0.75 13.14 -4.52
CA GLY A 59 -1.25 12.32 -5.56
C GLY A 59 -1.09 12.96 -6.91
N ASP A 60 0.07 12.80 -7.48
CA ASP A 60 0.34 13.34 -8.79
C ASP A 60 0.51 12.22 -9.80
N VAL A 61 -0.57 11.95 -10.51
CA VAL A 61 -0.63 10.91 -11.52
C VAL A 61 -1.56 11.37 -12.64
N PRO A 62 -1.45 10.80 -13.85
CA PRO A 62 -2.36 11.15 -14.96
C PRO A 62 -3.77 10.55 -14.75
N PHE A 63 -3.91 9.71 -13.76
CA PHE A 63 -5.16 9.04 -13.45
C PHE A 63 -5.73 9.46 -12.12
N SER A 64 -5.66 10.73 -11.82
CA SER A 64 -6.18 11.27 -10.55
C SER A 64 -7.67 10.91 -10.35
N GLN A 65 -8.41 10.72 -11.45
CA GLN A 65 -9.83 10.40 -11.40
C GLN A 65 -10.06 9.03 -10.78
N LYS A 66 -9.02 8.22 -10.78
CA LYS A 66 -9.09 6.89 -10.29
C LYS A 66 -8.74 6.84 -8.81
N VAL A 67 -8.09 7.89 -8.33
CA VAL A 67 -7.64 7.88 -6.97
C VAL A 67 -8.12 9.10 -6.19
N ALA A 68 -8.88 8.86 -5.16
CA ALA A 68 -9.41 9.88 -4.33
C ALA A 68 -8.58 9.99 -3.07
N VAL A 69 -7.78 11.02 -3.01
CA VAL A 69 -6.96 11.27 -1.85
C VAL A 69 -7.65 12.33 -0.99
N SER A 70 -7.72 12.08 0.29
CA SER A 70 -8.41 12.94 1.23
C SER A 70 -7.82 12.75 2.64
N ASN A 71 -8.24 13.56 3.58
CA ASN A 71 -7.74 13.44 4.94
C ASN A 71 -8.40 12.28 5.65
N TYR A 72 -7.72 11.73 6.60
CA TYR A 72 -8.23 10.68 7.40
C TYR A 72 -8.38 11.19 8.80
N ASP A 73 -9.55 11.12 9.32
CA ASP A 73 -9.81 11.51 10.67
C ASP A 73 -10.76 10.48 11.25
N SER A 74 -10.24 9.60 12.05
CA SER A 74 -11.03 8.55 12.64
C SER A 74 -10.26 7.95 13.79
N ASP A 75 -10.99 7.60 14.85
CA ASP A 75 -10.44 6.90 16.03
C ASP A 75 -9.46 7.77 16.81
N GLY A 76 -9.41 9.04 16.47
CA GLY A 76 -8.49 9.91 17.10
C GLY A 76 -7.21 10.05 16.29
N TYR A 77 -7.15 9.34 15.19
CA TYR A 77 -6.00 9.40 14.32
C TYR A 77 -6.29 10.37 13.21
N VAL A 78 -5.30 11.12 12.82
CA VAL A 78 -5.42 11.99 11.70
C VAL A 78 -4.34 11.64 10.72
N GLY A 79 -4.67 11.59 9.50
CA GLY A 79 -3.70 11.29 8.54
C GLY A 79 -4.17 11.54 7.17
N SER A 80 -3.59 10.87 6.27
CA SER A 80 -3.89 11.03 4.88
C SER A 80 -4.24 9.69 4.25
N GLN A 81 -5.29 9.67 3.48
CA GLN A 81 -5.73 8.46 2.86
C GLN A 81 -5.89 8.65 1.36
N ALA A 82 -5.57 7.63 0.65
CA ALA A 82 -5.77 7.59 -0.77
C ALA A 82 -6.59 6.37 -1.07
N VAL A 83 -7.77 6.59 -1.55
CA VAL A 83 -8.65 5.50 -1.88
C VAL A 83 -8.77 5.45 -3.37
N PHE A 84 -8.31 4.40 -3.97
CA PHE A 84 -8.30 4.29 -5.38
C PHE A 84 -9.20 3.17 -5.83
N SER A 85 -9.71 3.31 -7.01
CA SER A 85 -10.65 2.36 -7.53
C SER A 85 -10.68 2.45 -9.03
N ASP A 86 -11.08 1.35 -9.68
CA ASP A 86 -11.20 1.29 -11.14
C ASP A 86 -9.86 1.39 -11.82
N LEU A 87 -8.85 0.90 -11.16
CA LEU A 87 -7.54 0.88 -11.73
C LEU A 87 -7.33 -0.43 -12.44
N THR A 88 -6.43 -0.41 -13.36
CA THR A 88 -6.09 -1.58 -14.11
C THR A 88 -4.72 -2.08 -13.70
N PHE A 89 -4.34 -3.26 -14.19
CA PHE A 89 -3.05 -3.86 -13.89
C PHE A 89 -1.93 -2.90 -14.29
N ALA A 90 -2.14 -2.18 -15.39
CA ALA A 90 -1.16 -1.23 -15.89
C ALA A 90 -1.03 -0.03 -14.96
N GLU A 91 -2.10 0.30 -14.25
CA GLU A 91 -2.09 1.46 -13.39
C GLU A 91 -1.52 1.14 -12.00
N LEU A 92 -1.45 -0.13 -11.65
CA LEU A 92 -0.97 -0.56 -10.34
C LEU A 92 0.51 -0.13 -10.08
N PRO A 93 1.50 -0.36 -11.02
CA PRO A 93 2.87 0.11 -10.79
C PRO A 93 2.90 1.62 -10.65
N GLN A 94 2.06 2.28 -11.43
CA GLN A 94 1.99 3.71 -11.47
C GLN A 94 1.53 4.27 -10.12
N LEU A 95 0.58 3.60 -9.46
CA LEU A 95 0.12 4.04 -8.15
C LEU A 95 1.21 3.82 -7.11
N ALA A 96 2.13 2.86 -7.40
CA ALA A 96 3.16 2.50 -6.46
C ALA A 96 4.16 3.63 -6.31
N ASN A 97 4.21 4.51 -7.29
CA ASN A 97 5.07 5.68 -7.22
C ASN A 97 4.63 6.56 -6.07
N MET A 98 3.36 6.99 -6.10
CA MET A 98 2.81 7.87 -5.05
C MET A 98 2.98 7.21 -3.71
N ASN A 99 2.56 5.96 -3.67
CA ASN A 99 2.62 5.14 -2.47
C ASN A 99 4.03 5.10 -1.89
N SER A 100 5.05 5.01 -2.77
CA SER A 100 6.39 4.81 -2.29
C SER A 100 6.87 6.01 -1.50
N ASP A 101 6.30 7.19 -1.82
CA ASP A 101 6.72 8.43 -1.19
C ASP A 101 6.47 8.39 0.29
N ALA A 102 5.42 7.70 0.69
CA ALA A 102 5.05 7.66 2.07
C ALA A 102 5.47 6.36 2.71
N ALA A 103 5.90 5.41 1.89
CA ALA A 103 6.19 4.08 2.38
C ALA A 103 7.68 3.78 2.47
N GLY A 104 8.40 4.08 1.40
CA GLY A 104 9.79 3.71 1.31
C GLY A 104 9.95 2.35 0.63
N VAL A 105 8.86 1.83 0.13
CA VAL A 105 8.83 0.53 -0.51
C VAL A 105 8.84 0.68 -2.03
N ASN A 106 8.98 -0.41 -2.72
CA ASN A 106 8.92 -0.47 -4.17
C ASN A 106 8.15 -1.71 -4.54
N LEU A 107 7.32 -1.62 -5.56
CA LEU A 107 6.54 -2.75 -6.04
C LEU A 107 6.63 -2.80 -7.55
N SER A 108 6.90 -3.95 -8.08
CA SER A 108 6.97 -4.16 -9.50
C SER A 108 6.22 -5.44 -9.83
N LEU A 109 5.40 -5.41 -10.85
CA LEU A 109 4.63 -6.58 -11.19
C LEU A 109 4.51 -6.74 -12.67
N ARG A 110 4.44 -7.97 -13.06
CA ARG A 110 4.30 -8.36 -14.46
C ARG A 110 3.46 -9.61 -14.59
N ARG A 111 2.85 -9.77 -15.74
CA ARG A 111 2.17 -10.99 -16.08
C ARG A 111 3.13 -11.94 -16.72
N ASN A 112 3.00 -13.15 -16.36
CA ASN A 112 3.75 -14.23 -16.91
C ASN A 112 2.73 -15.20 -17.43
N GLY A 113 2.36 -15.04 -18.66
CA GLY A 113 1.25 -15.77 -19.20
C GLY A 113 -0.01 -15.28 -18.54
N ASN A 114 -0.69 -16.16 -17.85
CA ASN A 114 -1.91 -15.81 -17.14
C ASN A 114 -1.63 -15.75 -15.63
N ILE A 115 -0.38 -15.98 -15.27
CA ILE A 115 -0.04 -15.91 -13.89
C ILE A 115 0.71 -14.61 -13.65
N VAL A 116 0.58 -14.05 -12.50
CA VAL A 116 1.19 -12.78 -12.22
C VAL A 116 2.28 -12.91 -11.20
N ILE A 117 3.34 -12.18 -11.43
CA ILE A 117 4.46 -12.16 -10.55
C ILE A 117 4.69 -10.73 -10.05
N LEU A 118 4.64 -10.55 -8.77
CA LEU A 118 4.85 -9.26 -8.18
C LEU A 118 6.00 -9.36 -7.21
N GLU A 119 6.94 -8.48 -7.38
CA GLU A 119 8.07 -8.40 -6.49
C GLU A 119 8.19 -6.99 -5.96
N GLY A 120 8.43 -6.88 -4.69
CA GLY A 120 8.61 -5.62 -4.09
C GLY A 120 9.61 -5.69 -2.97
N ARG A 121 10.19 -4.59 -2.63
CA ARG A 121 11.13 -4.53 -1.53
C ARG A 121 10.87 -3.29 -0.70
N ALA A 122 11.08 -3.41 0.59
CA ALA A 122 10.81 -2.33 1.52
C ALA A 122 12.09 -1.76 2.09
N ASP A 123 12.31 -0.49 1.85
CA ASP A 123 13.49 0.17 2.37
C ASP A 123 13.11 1.20 3.41
N LEU A 124 13.11 0.79 4.65
CA LEU A 124 12.78 1.66 5.77
C LEU A 124 13.68 1.30 6.94
N THR A 125 14.80 0.79 6.58
CA THR A 125 15.82 0.30 7.47
C THR A 125 16.49 1.43 8.25
N SER A 126 16.47 2.61 7.68
CA SER A 126 17.07 3.78 8.31
C SER A 126 16.09 4.42 9.33
N VAL A 127 14.96 3.74 9.53
CA VAL A 127 13.92 4.12 10.49
C VAL A 127 13.24 5.43 10.09
N SER A 128 12.11 5.33 9.43
CA SER A 128 11.33 6.49 9.05
C SER A 128 10.72 7.14 10.31
N ASP A 129 10.20 6.29 11.17
CA ASP A 129 9.59 6.69 12.43
C ASP A 129 9.67 5.51 13.36
N PRO A 130 9.94 5.71 14.66
CA PRO A 130 10.05 4.64 15.65
C PRO A 130 8.79 3.74 15.81
N ASP A 131 7.60 4.26 15.51
CA ASP A 131 6.36 3.48 15.72
C ASP A 131 5.75 3.01 14.41
N ALA A 132 6.26 3.55 13.30
CA ALA A 132 5.73 3.26 11.96
C ALA A 132 5.64 1.78 11.67
N ASP A 133 4.44 1.32 11.48
CA ASP A 133 4.19 -0.05 11.14
C ASP A 133 3.52 -0.02 9.77
N VAL A 134 4.05 -0.75 8.83
CA VAL A 134 3.54 -0.71 7.48
C VAL A 134 2.87 -2.00 7.13
N GLU A 135 1.60 -1.95 6.87
CA GLU A 135 0.87 -3.12 6.46
C GLU A 135 0.49 -2.98 5.00
N LEU A 136 0.95 -3.90 4.22
CA LEU A 136 0.61 -3.96 2.82
C LEU A 136 -0.19 -5.24 2.66
N THR A 137 -1.42 -5.12 2.30
CA THR A 137 -2.30 -6.27 2.16
C THR A 137 -2.85 -6.32 0.75
N VAL A 138 -2.77 -7.48 0.14
CA VAL A 138 -3.29 -7.69 -1.21
C VAL A 138 -4.31 -8.83 -1.17
N ALA A 139 -5.52 -8.56 -1.60
CA ALA A 139 -6.55 -9.57 -1.63
C ALA A 139 -6.92 -9.90 -3.07
N PHE A 140 -6.86 -11.15 -3.38
CA PHE A 140 -7.23 -11.66 -4.69
C PHE A 140 -8.12 -12.87 -4.55
N PRO A 141 -9.32 -12.87 -5.12
CA PRO A 141 -10.27 -14.00 -5.00
C PRO A 141 -9.88 -15.23 -5.86
N ALA A 142 -8.59 -15.48 -6.00
CA ALA A 142 -8.12 -16.57 -6.81
C ALA A 142 -7.32 -17.56 -5.98
N ALA A 143 -5.98 -17.48 -6.05
CA ALA A 143 -5.09 -18.39 -5.36
C ALA A 143 -3.67 -17.98 -5.60
N VAL A 144 -2.95 -17.85 -4.54
CA VAL A 144 -1.56 -17.50 -4.60
C VAL A 144 -0.73 -18.75 -4.93
N THR A 145 0.18 -18.63 -5.84
CA THR A 145 1.00 -19.73 -6.21
C THR A 145 2.25 -19.75 -5.31
N SER A 146 2.77 -18.58 -5.03
CA SER A 146 3.91 -18.41 -4.14
C SER A 146 3.95 -16.98 -3.64
N THR A 147 4.14 -16.81 -2.37
CA THR A 147 4.30 -15.51 -1.81
C THR A 147 5.41 -15.55 -0.78
N ASN A 148 6.00 -14.43 -0.54
CA ASN A 148 7.00 -14.30 0.46
C ASN A 148 6.56 -13.18 1.32
N GLY A 149 5.88 -13.54 2.37
CA GLY A 149 5.37 -12.63 3.33
C GLY A 149 4.48 -13.37 4.27
N ASP A 150 3.42 -12.76 4.72
CA ASP A 150 2.54 -13.41 5.65
C ASP A 150 1.21 -13.62 5.01
N ARG A 151 0.99 -14.81 4.56
CA ARG A 151 -0.24 -15.14 3.94
C ARG A 151 -1.31 -15.35 5.01
N ILE A 152 -2.40 -14.66 4.85
CA ILE A 152 -3.51 -14.76 5.78
C ILE A 152 -4.42 -15.85 5.27
N GLU A 153 -4.52 -15.89 3.98
CA GLU A 153 -5.27 -16.86 3.26
C GLU A 153 -4.49 -17.18 2.01
N PRO A 154 -4.84 -18.24 1.29
CA PRO A 154 -4.20 -18.57 0.00
C PRO A 154 -4.63 -17.57 -1.07
N GLU A 155 -5.44 -16.63 -0.70
CA GLU A 155 -5.94 -15.63 -1.59
C GLU A 155 -5.76 -14.22 -1.01
N VAL A 156 -5.20 -14.12 0.17
CA VAL A 156 -4.99 -12.81 0.82
C VAL A 156 -3.65 -12.84 1.51
N VAL A 157 -2.78 -11.96 1.14
CA VAL A 157 -1.44 -11.93 1.70
C VAL A 157 -1.17 -10.55 2.26
N GLN A 158 -0.40 -10.49 3.32
CA GLN A 158 -0.09 -9.28 3.98
C GLN A 158 1.38 -9.22 4.35
N TRP A 159 1.93 -8.07 4.26
CA TRP A 159 3.28 -7.83 4.61
C TRP A 159 3.30 -6.75 5.64
N LYS A 160 3.82 -7.08 6.79
CA LYS A 160 3.91 -6.17 7.91
C LYS A 160 5.36 -5.77 8.11
N LEU A 161 5.66 -4.59 7.68
CA LEU A 161 7.01 -4.11 7.62
C LEU A 161 7.29 -3.18 8.79
N LYS A 162 8.44 -3.34 9.37
CA LYS A 162 8.89 -2.51 10.46
C LYS A 162 10.14 -1.74 10.08
N PRO A 163 10.37 -0.56 10.69
CA PRO A 163 11.55 0.23 10.42
C PRO A 163 12.77 -0.39 11.08
N GLY A 164 13.94 -0.07 10.57
CA GLY A 164 15.16 -0.58 11.15
C GLY A 164 15.52 -1.92 10.58
N VAL A 165 14.51 -2.71 10.33
CA VAL A 165 14.67 -4.04 9.80
C VAL A 165 14.30 -4.05 8.32
N VAL A 166 14.85 -4.98 7.57
CA VAL A 166 14.57 -5.08 6.16
C VAL A 166 13.51 -6.14 5.92
N SER A 167 12.66 -5.89 4.97
CA SER A 167 11.65 -6.82 4.58
C SER A 167 11.41 -6.68 3.10
N THR A 168 11.18 -7.76 2.45
CA THR A 168 10.90 -7.77 1.05
C THR A 168 9.58 -8.49 0.81
N MET A 169 8.93 -8.22 -0.30
CA MET A 169 7.68 -8.86 -0.58
C MET A 169 7.69 -9.53 -1.92
N SER A 170 7.13 -10.70 -1.96
CA SER A 170 6.94 -11.39 -3.19
C SER A 170 5.55 -11.94 -3.18
N ALA A 171 4.87 -11.83 -4.29
CA ALA A 171 3.52 -12.30 -4.41
C ALA A 171 3.31 -12.74 -5.81
N GLN A 172 3.05 -13.98 -5.96
CA GLN A 172 2.82 -14.55 -7.26
C GLN A 172 1.51 -15.29 -7.18
N ALA A 173 0.65 -15.06 -8.12
CA ALA A 173 -0.67 -15.64 -8.13
C ALA A 173 -1.20 -15.60 -9.52
N ARG A 174 -2.09 -16.49 -9.86
CA ARG A 174 -2.61 -16.49 -11.19
C ARG A 174 -3.81 -15.56 -11.30
N TYR A 175 -3.80 -14.67 -12.28
CA TYR A 175 -4.90 -13.75 -12.47
C TYR A 175 -5.33 -13.84 -13.88
N THR A 176 -6.52 -14.27 -14.04
CA THR A 176 -7.06 -14.53 -15.32
C THR A 176 -7.25 -13.25 -16.13
N ASP A 177 -6.65 -13.24 -17.31
CA ASP A 177 -6.85 -12.17 -18.28
C ASP A 177 -8.33 -12.07 -18.57
N PRO A 178 -8.92 -10.89 -18.39
CA PRO A 178 -10.36 -10.69 -18.64
C PRO A 178 -10.67 -10.82 -20.12
N ASN A 179 -9.65 -10.57 -20.91
CA ASN A 179 -9.69 -10.65 -22.34
C ASN A 179 -9.46 -12.08 -22.79
N THR A 180 -9.02 -12.92 -21.85
CA THR A 180 -8.75 -14.36 -22.02
C THR A 180 -7.61 -14.64 -23.02
N ARG A 181 -6.52 -15.13 -22.49
CA ARG A 181 -5.34 -15.38 -23.28
C ARG A 181 -4.87 -16.83 -23.19
N SER A 182 -3.86 -17.11 -23.97
CA SER A 182 -3.15 -18.34 -23.95
C SER A 182 -1.95 -18.18 -22.99
N GLY A 12 -11.51 10.55 34.15
CA GLY A 12 -11.13 9.17 33.87
C GLY A 12 -9.64 9.02 33.92
N ARG A 13 -9.17 7.82 34.11
CA ARG A 13 -7.75 7.59 34.23
C ARG A 13 -7.16 6.89 33.02
N GLU A 14 -7.98 6.14 32.32
CA GLU A 14 -7.51 5.35 31.20
C GLU A 14 -7.23 6.22 29.99
N ASN A 15 -8.14 7.09 29.68
CA ASN A 15 -8.00 7.99 28.55
C ASN A 15 -8.25 9.40 28.99
N LEU A 16 -7.18 10.10 29.17
CA LEU A 16 -7.22 11.48 29.55
C LEU A 16 -6.11 12.19 28.82
N TYR A 17 -6.52 12.91 27.78
CA TYR A 17 -5.64 13.62 26.87
C TYR A 17 -4.88 12.63 25.99
N PHE A 18 -5.26 12.60 24.73
CA PHE A 18 -4.67 11.71 23.76
C PHE A 18 -3.18 11.94 23.62
N GLN A 19 -2.41 10.92 23.90
CA GLN A 19 -0.98 11.00 23.79
C GLN A 19 -0.61 10.73 22.33
N GLY A 20 -1.08 9.60 21.84
CA GLY A 20 -0.77 9.17 20.51
C GLY A 20 0.28 8.10 20.57
N HIS A 21 -0.10 6.87 20.28
CA HIS A 21 0.81 5.75 20.42
C HIS A 21 1.76 5.62 19.25
N MET A 22 1.20 5.41 18.09
CA MET A 22 2.01 5.10 16.92
C MET A 22 1.38 5.68 15.69
N LEU A 23 1.95 5.38 14.56
CA LEU A 23 1.40 5.79 13.31
C LEU A 23 1.43 4.58 12.40
N ARG A 24 0.44 4.38 11.61
CA ARG A 24 0.41 3.22 10.79
C ARG A 24 -0.05 3.53 9.40
N VAL A 25 0.56 2.91 8.46
CA VAL A 25 0.13 3.02 7.10
C VAL A 25 -0.36 1.65 6.72
N ARG A 26 -1.61 1.54 6.48
CA ARG A 26 -2.18 0.27 6.16
C ARG A 26 -2.82 0.35 4.81
N ALA A 27 -2.27 -0.39 3.91
CA ALA A 27 -2.74 -0.42 2.57
C ALA A 27 -3.37 -1.74 2.30
N SER A 28 -4.58 -1.71 1.87
CA SER A 28 -5.29 -2.89 1.52
C SER A 28 -5.77 -2.73 0.10
N ILE A 29 -5.28 -3.54 -0.78
CA ILE A 29 -5.69 -3.43 -2.14
C ILE A 29 -6.28 -4.76 -2.57
N THR A 30 -7.33 -4.70 -3.30
CA THR A 30 -7.99 -5.86 -3.76
C THR A 30 -7.98 -5.86 -5.28
N ILE A 31 -7.42 -6.88 -5.85
CA ILE A 31 -7.37 -7.01 -7.27
C ILE A 31 -8.29 -8.12 -7.71
N SER A 32 -9.29 -7.75 -8.43
CA SER A 32 -10.25 -8.67 -8.91
C SER A 32 -9.66 -9.38 -10.15
N PRO A 33 -10.02 -10.66 -10.41
CA PRO A 33 -9.50 -11.44 -11.56
C PRO A 33 -9.92 -10.86 -12.91
N ASP A 34 -10.62 -9.74 -12.87
CA ASP A 34 -11.09 -9.02 -14.04
C ASP A 34 -9.99 -8.09 -14.50
N ASP A 35 -8.90 -8.10 -13.73
CA ASP A 35 -7.72 -7.23 -13.87
C ASP A 35 -8.09 -5.84 -13.43
N LEU A 36 -9.02 -5.81 -12.52
CA LEU A 36 -9.47 -4.61 -11.97
C LEU A 36 -8.88 -4.49 -10.58
N VAL A 37 -8.21 -3.41 -10.35
CA VAL A 37 -7.57 -3.15 -9.10
C VAL A 37 -8.32 -2.04 -8.38
N SER A 38 -8.64 -2.28 -7.13
CA SER A 38 -9.35 -1.35 -6.30
C SER A 38 -8.80 -1.47 -4.87
N GLY A 39 -8.47 -0.39 -4.24
CA GLY A 39 -7.88 -0.49 -2.94
C GLY A 39 -7.96 0.78 -2.15
N GLU A 40 -7.36 0.76 -1.00
CA GLU A 40 -7.39 1.85 -0.08
C GLU A 40 -6.10 1.85 0.74
N ILE A 41 -5.51 2.99 0.87
CA ILE A 41 -4.31 3.14 1.66
C ILE A 41 -4.59 4.15 2.74
N ILE A 42 -4.54 3.72 3.97
CA ILE A 42 -4.80 4.58 5.09
C ILE A 42 -3.52 4.83 5.86
N ALA A 43 -3.09 6.05 5.91
CA ALA A 43 -1.95 6.42 6.67
C ALA A 43 -2.44 7.29 7.81
N ALA A 44 -2.42 6.77 8.99
CA ALA A 44 -2.90 7.49 10.13
C ALA A 44 -1.80 7.67 11.13
N ALA A 45 -1.53 8.90 11.44
CA ALA A 45 -0.45 9.23 12.31
C ALA A 45 -0.93 9.84 13.61
N LYS A 46 -0.09 9.75 14.62
CA LYS A 46 -0.34 10.36 15.90
C LYS A 46 -0.26 11.87 15.78
N PRO A 47 -1.34 12.56 16.17
CA PRO A 47 -1.45 13.99 16.00
C PRO A 47 -0.50 14.79 16.88
N LYS A 48 0.15 15.74 16.26
CA LYS A 48 0.96 16.74 16.94
C LYS A 48 -0.03 17.91 17.20
N ASN A 49 -1.23 17.74 16.62
CA ASN A 49 -2.42 18.59 16.77
C ASN A 49 -2.27 19.94 16.06
N SER A 50 -1.32 20.73 16.50
CA SER A 50 -1.12 22.10 16.03
C SER A 50 -0.95 22.18 14.49
N LYS A 51 -0.28 21.21 13.89
CA LYS A 51 -0.11 21.20 12.44
C LYS A 51 -1.04 20.17 11.81
N ASP A 52 -1.59 19.31 12.62
CA ASP A 52 -2.24 18.17 12.11
C ASP A 52 -3.72 18.25 12.12
N THR A 53 -4.26 18.61 11.00
CA THR A 53 -5.66 18.44 10.81
C THR A 53 -5.83 17.12 10.04
N GLY A 54 -4.81 16.81 9.26
CA GLY A 54 -4.72 15.59 8.52
C GLY A 54 -3.50 15.65 7.64
N PRO A 55 -2.34 15.06 8.05
CA PRO A 55 -1.13 15.02 7.22
C PRO A 55 -1.46 14.48 5.83
N ALA A 56 -1.07 15.21 4.81
CA ALA A 56 -1.50 14.92 3.45
C ALA A 56 -0.56 13.99 2.69
N LEU A 57 -1.10 13.36 1.66
CA LEU A 57 -0.34 12.48 0.78
C LEU A 57 -0.05 13.21 -0.51
N ASP A 58 1.16 13.05 -1.00
CA ASP A 58 1.55 13.66 -2.25
C ASP A 58 1.56 12.66 -3.35
N GLY A 59 0.44 12.53 -3.99
CA GLY A 59 0.32 11.65 -5.08
C GLY A 59 -0.10 12.37 -6.32
N ASP A 60 0.79 12.41 -7.28
CA ASP A 60 0.50 13.03 -8.55
C ASP A 60 0.55 11.98 -9.63
N VAL A 61 -0.61 11.64 -10.12
CA VAL A 61 -0.75 10.64 -11.15
C VAL A 61 -1.76 11.14 -12.18
N PRO A 62 -1.65 10.73 -13.45
CA PRO A 62 -2.59 11.16 -14.51
C PRO A 62 -3.96 10.50 -14.38
N PHE A 63 -4.06 9.55 -13.49
CA PHE A 63 -5.31 8.89 -13.19
C PHE A 63 -5.80 9.30 -11.81
N SER A 64 -5.57 10.55 -11.49
CA SER A 64 -5.94 11.12 -10.22
C SER A 64 -7.45 11.00 -9.94
N GLN A 65 -8.26 11.01 -11.00
CA GLN A 65 -9.70 10.92 -10.86
C GLN A 65 -10.11 9.54 -10.39
N LYS A 66 -9.20 8.59 -10.55
CA LYS A 66 -9.44 7.23 -10.17
C LYS A 66 -9.03 7.02 -8.73
N VAL A 67 -8.25 7.94 -8.18
CA VAL A 67 -7.83 7.82 -6.82
C VAL A 67 -8.34 8.99 -5.98
N ALA A 68 -9.12 8.66 -5.01
CA ALA A 68 -9.69 9.63 -4.14
C ALA A 68 -8.84 9.74 -2.91
N VAL A 69 -8.11 10.80 -2.83
CA VAL A 69 -7.27 11.01 -1.69
C VAL A 69 -8.01 11.96 -0.78
N SER A 70 -8.08 11.61 0.46
CA SER A 70 -8.82 12.35 1.44
C SER A 70 -8.06 12.29 2.75
N ASN A 71 -8.47 13.03 3.75
CA ASN A 71 -7.79 12.95 5.02
C ASN A 71 -8.45 11.86 5.84
N TYR A 72 -7.71 11.29 6.72
CA TYR A 72 -8.20 10.28 7.59
C TYR A 72 -8.21 10.84 8.99
N ASP A 73 -9.33 10.83 9.60
CA ASP A 73 -9.46 11.29 10.96
C ASP A 73 -10.38 10.36 11.72
N SER A 74 -9.79 9.47 12.46
CA SER A 74 -10.48 8.49 13.26
C SER A 74 -9.49 7.89 14.23
N ASP A 75 -10.00 7.26 15.29
CA ASP A 75 -9.17 6.58 16.34
C ASP A 75 -8.43 7.61 17.18
N GLY A 76 -8.67 8.88 16.93
CA GLY A 76 -7.92 9.94 17.56
C GLY A 76 -6.67 10.24 16.77
N TYR A 77 -6.52 9.54 15.67
CA TYR A 77 -5.39 9.69 14.79
C TYR A 77 -5.77 10.43 13.55
N VAL A 78 -4.82 11.13 12.99
CA VAL A 78 -5.06 11.90 11.81
C VAL A 78 -4.00 11.58 10.77
N GLY A 79 -4.44 11.46 9.57
CA GLY A 79 -3.58 11.14 8.49
C GLY A 79 -4.28 11.36 7.21
N SER A 80 -3.87 10.64 6.22
CA SER A 80 -4.46 10.72 4.91
C SER A 80 -4.77 9.33 4.38
N GLN A 81 -5.65 9.27 3.45
CA GLN A 81 -6.02 8.04 2.83
C GLN A 81 -6.16 8.21 1.34
N ALA A 82 -5.71 7.24 0.61
CA ALA A 82 -5.86 7.22 -0.80
C ALA A 82 -6.72 6.04 -1.15
N VAL A 83 -7.88 6.30 -1.67
CA VAL A 83 -8.81 5.25 -2.04
C VAL A 83 -8.93 5.24 -3.55
N PHE A 84 -8.43 4.20 -4.17
CA PHE A 84 -8.40 4.15 -5.62
C PHE A 84 -9.32 3.07 -6.13
N SER A 85 -9.80 3.25 -7.32
CA SER A 85 -10.80 2.37 -7.86
C SER A 85 -10.72 2.31 -9.38
N ASP A 86 -11.19 1.17 -9.93
CA ASP A 86 -11.33 0.97 -11.39
C ASP A 86 -10.03 1.03 -12.12
N LEU A 87 -8.99 0.62 -11.46
CA LEU A 87 -7.69 0.64 -12.06
C LEU A 87 -7.41 -0.70 -12.69
N THR A 88 -6.50 -0.73 -13.58
CA THR A 88 -6.13 -1.96 -14.27
C THR A 88 -4.71 -2.36 -13.85
N PHE A 89 -4.24 -3.52 -14.30
CA PHE A 89 -2.89 -4.02 -14.02
C PHE A 89 -1.84 -2.96 -14.30
N ALA A 90 -2.01 -2.29 -15.43
CA ALA A 90 -1.09 -1.26 -15.89
C ALA A 90 -1.00 -0.08 -14.93
N GLU A 91 -2.06 0.17 -14.22
CA GLU A 91 -2.13 1.33 -13.36
C GLU A 91 -1.60 1.04 -11.96
N LEU A 92 -1.48 -0.23 -11.62
CA LEU A 92 -1.01 -0.61 -10.30
C LEU A 92 0.48 -0.20 -10.06
N PRO A 93 1.46 -0.50 -10.98
CA PRO A 93 2.83 -0.03 -10.79
C PRO A 93 2.87 1.51 -10.77
N GLN A 94 2.03 2.13 -11.57
CA GLN A 94 1.95 3.57 -11.66
C GLN A 94 1.51 4.18 -10.33
N LEU A 95 0.56 3.54 -9.66
CA LEU A 95 0.10 4.03 -8.36
C LEU A 95 1.16 3.76 -7.31
N ALA A 96 2.06 2.80 -7.61
CA ALA A 96 3.07 2.41 -6.67
C ALA A 96 4.09 3.51 -6.58
N ASN A 97 4.23 4.27 -7.66
CA ASN A 97 5.13 5.42 -7.71
C ASN A 97 4.68 6.42 -6.66
N MET A 98 3.39 6.80 -6.73
CA MET A 98 2.78 7.70 -5.76
C MET A 98 3.00 7.18 -4.36
N ASN A 99 2.65 5.93 -4.16
CA ASN A 99 2.81 5.26 -2.87
C ASN A 99 4.24 5.34 -2.38
N SER A 100 5.20 5.26 -3.31
CA SER A 100 6.60 5.22 -2.94
C SER A 100 6.99 6.49 -2.24
N ASP A 101 6.42 7.62 -2.70
CA ASP A 101 6.87 8.92 -2.21
C ASP A 101 6.37 9.16 -0.81
N ALA A 102 5.43 8.34 -0.37
CA ALA A 102 4.91 8.48 0.95
C ALA A 102 5.43 7.37 1.84
N ALA A 103 5.90 6.29 1.23
CA ALA A 103 6.29 5.11 1.99
C ALA A 103 7.79 4.91 2.09
N GLY A 104 8.48 5.07 0.99
CA GLY A 104 9.90 4.78 0.92
C GLY A 104 10.14 3.32 0.59
N VAL A 105 9.14 2.69 -0.01
CA VAL A 105 9.20 1.28 -0.37
C VAL A 105 8.93 1.13 -1.86
N ASN A 106 9.11 -0.07 -2.40
CA ASN A 106 8.87 -0.31 -3.81
C ASN A 106 7.98 -1.50 -4.02
N LEU A 107 7.05 -1.37 -4.94
CA LEU A 107 6.17 -2.45 -5.32
C LEU A 107 6.14 -2.52 -6.83
N SER A 108 6.32 -3.69 -7.37
CA SER A 108 6.25 -3.89 -8.79
C SER A 108 5.63 -5.24 -9.06
N LEU A 109 4.98 -5.38 -10.18
CA LEU A 109 4.37 -6.62 -10.57
C LEU A 109 4.37 -6.72 -12.06
N ARG A 110 4.48 -7.92 -12.55
CA ARG A 110 4.59 -8.18 -13.98
C ARG A 110 3.85 -9.46 -14.30
N ARG A 111 3.44 -9.62 -15.54
CA ARG A 111 2.81 -10.84 -15.95
C ARG A 111 3.79 -11.83 -16.48
N ASN A 112 3.59 -13.04 -16.08
CA ASN A 112 4.36 -14.18 -16.51
C ASN A 112 3.38 -15.22 -17.02
N GLY A 113 3.13 -15.18 -18.30
CA GLY A 113 2.15 -16.06 -18.88
C GLY A 113 0.77 -15.55 -18.57
N ASN A 114 0.08 -16.23 -17.69
CA ASN A 114 -1.23 -15.79 -17.22
C ASN A 114 -1.17 -15.65 -15.70
N ILE A 115 0.02 -15.74 -15.16
CA ILE A 115 0.16 -15.56 -13.75
C ILE A 115 0.94 -14.31 -13.51
N VAL A 116 0.69 -13.67 -12.46
CA VAL A 116 1.30 -12.43 -12.15
C VAL A 116 2.32 -12.61 -11.06
N ILE A 117 3.47 -12.03 -11.27
CA ILE A 117 4.50 -12.05 -10.30
C ILE A 117 4.57 -10.67 -9.68
N LEU A 118 4.74 -10.62 -8.41
CA LEU A 118 4.84 -9.38 -7.71
C LEU A 118 6.10 -9.37 -6.89
N GLU A 119 6.87 -8.34 -7.10
CA GLU A 119 8.16 -8.16 -6.48
C GLU A 119 8.17 -6.77 -5.83
N GLY A 120 8.27 -6.75 -4.53
CA GLY A 120 8.28 -5.52 -3.81
C GLY A 120 9.25 -5.62 -2.67
N ARG A 121 9.95 -4.57 -2.39
CA ARG A 121 10.93 -4.61 -1.32
C ARG A 121 10.82 -3.33 -0.54
N ALA A 122 10.84 -3.46 0.74
CA ALA A 122 10.63 -2.35 1.62
C ALA A 122 11.85 -2.04 2.42
N ASP A 123 12.48 -0.94 2.12
CA ASP A 123 13.65 -0.50 2.84
C ASP A 123 13.31 0.63 3.77
N LEU A 124 13.10 0.31 5.02
CA LEU A 124 12.79 1.30 6.02
C LEU A 124 13.95 1.36 7.01
N THR A 125 15.11 0.96 6.55
CA THR A 125 16.28 0.83 7.39
C THR A 125 16.80 2.18 7.95
N SER A 126 16.41 3.29 7.33
CA SER A 126 16.84 4.61 7.79
C SER A 126 16.13 5.00 9.10
N VAL A 127 14.95 4.42 9.32
CA VAL A 127 14.11 4.66 10.50
C VAL A 127 13.66 6.11 10.59
N SER A 128 12.56 6.41 9.94
CA SER A 128 11.99 7.72 9.98
C SER A 128 11.22 7.87 11.29
N ASP A 129 10.40 6.90 11.58
CA ASP A 129 9.65 6.83 12.80
C ASP A 129 9.78 5.44 13.36
N PRO A 130 10.20 5.31 14.61
CA PRO A 130 10.33 4.00 15.25
C PRO A 130 8.96 3.39 15.56
N ASP A 131 7.94 4.24 15.51
CA ASP A 131 6.57 3.86 15.80
C ASP A 131 5.81 3.62 14.52
N ALA A 132 6.52 3.55 13.42
CA ALA A 132 5.89 3.41 12.12
C ALA A 132 5.70 1.96 11.75
N ASP A 133 4.49 1.58 11.47
CA ASP A 133 4.19 0.26 10.98
C ASP A 133 3.46 0.38 9.68
N VAL A 134 4.00 -0.22 8.65
CA VAL A 134 3.37 -0.18 7.35
C VAL A 134 2.89 -1.59 7.02
N GLU A 135 1.63 -1.73 6.80
CA GLU A 135 1.05 -3.02 6.56
C GLU A 135 0.37 -3.01 5.20
N LEU A 136 0.72 -3.95 4.36
CA LEU A 136 0.17 -4.05 3.04
C LEU A 136 -0.55 -5.37 2.90
N THR A 137 -1.81 -5.32 2.56
CA THR A 137 -2.61 -6.49 2.39
C THR A 137 -3.20 -6.49 0.98
N VAL A 138 -3.14 -7.61 0.31
CA VAL A 138 -3.69 -7.75 -1.01
C VAL A 138 -4.74 -8.85 -1.00
N ALA A 139 -5.93 -8.54 -1.46
CA ALA A 139 -6.99 -9.51 -1.53
C ALA A 139 -7.30 -9.76 -2.99
N PHE A 140 -7.27 -11.00 -3.39
CA PHE A 140 -7.58 -11.37 -4.74
C PHE A 140 -8.50 -12.55 -4.80
N PRO A 141 -9.70 -12.41 -5.39
CA PRO A 141 -10.63 -13.54 -5.61
C PRO A 141 -10.10 -14.56 -6.68
N ALA A 142 -8.82 -14.88 -6.59
CA ALA A 142 -8.20 -15.80 -7.49
C ALA A 142 -7.50 -16.90 -6.69
N ALA A 143 -6.15 -16.88 -6.65
CA ALA A 143 -5.37 -17.89 -5.98
C ALA A 143 -3.91 -17.56 -6.11
N VAL A 144 -3.23 -17.61 -5.00
CA VAL A 144 -1.81 -17.38 -4.94
C VAL A 144 -1.08 -18.69 -5.28
N THR A 145 -0.10 -18.60 -6.13
CA THR A 145 0.63 -19.76 -6.55
C THR A 145 1.87 -19.96 -5.68
N SER A 146 2.46 -18.84 -5.25
CA SER A 146 3.61 -18.84 -4.36
C SER A 146 3.77 -17.45 -3.74
N THR A 147 3.96 -17.35 -2.46
CA THR A 147 4.21 -16.06 -1.86
C THR A 147 5.31 -16.13 -0.79
N ASN A 148 5.83 -14.99 -0.43
CA ASN A 148 6.73 -14.83 0.66
C ASN A 148 6.26 -13.60 1.37
N GLY A 149 5.53 -13.85 2.41
CA GLY A 149 4.94 -12.87 3.25
C GLY A 149 4.08 -13.60 4.23
N ASP A 150 3.04 -12.98 4.70
CA ASP A 150 2.18 -13.60 5.67
C ASP A 150 0.83 -13.77 5.03
N ARG A 151 0.54 -14.94 4.55
CA ARG A 151 -0.71 -15.14 3.91
C ARG A 151 -1.82 -15.49 4.87
N ILE A 152 -2.94 -14.92 4.62
CA ILE A 152 -4.13 -15.08 5.43
C ILE A 152 -4.96 -16.19 4.82
N GLU A 153 -5.06 -16.14 3.52
CA GLU A 153 -5.78 -17.10 2.74
C GLU A 153 -4.93 -17.42 1.52
N PRO A 154 -5.32 -18.41 0.69
CA PRO A 154 -4.65 -18.67 -0.57
C PRO A 154 -5.04 -17.60 -1.60
N GLU A 155 -5.86 -16.67 -1.17
CA GLU A 155 -6.32 -15.60 -2.02
C GLU A 155 -6.15 -14.22 -1.34
N VAL A 156 -5.58 -14.20 -0.17
CA VAL A 156 -5.35 -12.95 0.58
C VAL A 156 -4.01 -13.03 1.27
N VAL A 157 -3.11 -12.13 0.98
CA VAL A 157 -1.80 -12.14 1.58
C VAL A 157 -1.49 -10.78 2.18
N GLN A 158 -0.73 -10.76 3.25
CA GLN A 158 -0.42 -9.57 3.97
C GLN A 158 1.08 -9.49 4.25
N TRP A 159 1.61 -8.31 4.24
CA TRP A 159 3.00 -8.08 4.54
C TRP A 159 3.13 -6.98 5.55
N LYS A 160 3.86 -7.25 6.59
CA LYS A 160 4.11 -6.27 7.61
C LYS A 160 5.51 -5.69 7.45
N LEU A 161 5.54 -4.44 7.11
CA LEU A 161 6.77 -3.75 6.84
C LEU A 161 7.14 -2.89 8.04
N LYS A 162 8.32 -3.12 8.56
CA LYS A 162 8.78 -2.44 9.76
C LYS A 162 10.03 -1.59 9.50
N PRO A 163 10.28 -0.56 10.33
CA PRO A 163 11.47 0.28 10.21
C PRO A 163 12.73 -0.45 10.69
N GLY A 164 13.87 -0.01 10.21
CA GLY A 164 15.14 -0.60 10.64
C GLY A 164 15.46 -1.88 9.90
N VAL A 165 14.44 -2.58 9.53
CA VAL A 165 14.58 -3.82 8.83
C VAL A 165 14.21 -3.64 7.36
N VAL A 166 14.65 -4.56 6.55
CA VAL A 166 14.32 -4.56 5.15
C VAL A 166 13.44 -5.77 4.85
N SER A 167 12.20 -5.52 4.56
CA SER A 167 11.27 -6.58 4.37
C SER A 167 11.04 -6.80 2.89
N THR A 168 10.92 -8.03 2.53
CA THR A 168 10.71 -8.40 1.18
C THR A 168 9.28 -8.85 0.97
N MET A 169 8.64 -8.25 0.01
CA MET A 169 7.28 -8.55 -0.34
C MET A 169 7.30 -9.29 -1.65
N SER A 170 6.87 -10.50 -1.65
CA SER A 170 6.81 -11.20 -2.90
C SER A 170 5.60 -12.08 -2.98
N ALA A 171 4.99 -12.10 -4.12
CA ALA A 171 3.78 -12.82 -4.34
C ALA A 171 3.74 -13.21 -5.75
N GLN A 172 3.18 -14.32 -5.99
CA GLN A 172 2.92 -14.79 -7.32
C GLN A 172 1.55 -15.37 -7.28
N ALA A 173 0.73 -15.01 -8.19
CA ALA A 173 -0.62 -15.49 -8.19
C ALA A 173 -1.12 -15.59 -9.60
N ARG A 174 -2.11 -16.38 -9.81
CA ARG A 174 -2.65 -16.56 -11.12
C ARG A 174 -3.76 -15.54 -11.36
N TYR A 175 -3.78 -14.90 -12.51
CA TYR A 175 -4.82 -13.92 -12.79
C TYR A 175 -5.22 -13.99 -14.21
N THR A 176 -6.46 -14.21 -14.42
CA THR A 176 -7.01 -14.31 -15.74
C THR A 176 -6.91 -12.98 -16.48
N ASP A 177 -5.95 -12.93 -17.40
CA ASP A 177 -5.71 -11.76 -18.23
C ASP A 177 -6.97 -11.40 -19.00
N PRO A 178 -7.33 -10.11 -19.02
CA PRO A 178 -8.53 -9.65 -19.70
C PRO A 178 -8.38 -9.65 -21.23
N ASN A 179 -7.22 -9.27 -21.71
CA ASN A 179 -6.92 -9.22 -23.12
C ASN A 179 -6.50 -10.59 -23.63
N THR A 180 -6.29 -11.48 -22.69
CA THR A 180 -6.02 -12.89 -22.87
C THR A 180 -4.69 -13.19 -23.52
N ARG A 181 -3.65 -12.98 -22.75
CA ARG A 181 -2.31 -13.30 -23.17
C ARG A 181 -1.90 -14.63 -22.56
N SER A 182 -0.82 -15.14 -23.04
CA SER A 182 -0.22 -16.34 -22.54
C SER A 182 1.27 -16.26 -22.87
N GLY A 12 10.86 -11.68 24.90
CA GLY A 12 9.87 -10.63 24.79
C GLY A 12 9.12 -10.50 26.08
N ARG A 13 7.90 -9.98 26.02
CA ARG A 13 7.00 -9.75 27.17
C ARG A 13 7.49 -8.61 28.08
N GLU A 14 8.80 -8.56 28.31
CA GLU A 14 9.42 -7.45 29.02
C GLU A 14 9.39 -6.29 28.07
N ASN A 15 8.51 -5.34 28.34
CA ASN A 15 8.20 -4.23 27.44
C ASN A 15 7.48 -4.78 26.22
N LEU A 16 6.20 -4.91 26.34
CA LEU A 16 5.40 -5.38 25.26
C LEU A 16 5.11 -4.18 24.38
N TYR A 17 5.85 -4.10 23.31
CA TYR A 17 5.78 -2.98 22.42
C TYR A 17 4.80 -3.28 21.30
N PHE A 18 3.75 -2.51 21.24
CA PHE A 18 2.81 -2.64 20.19
C PHE A 18 3.14 -1.60 19.14
N GLN A 19 3.67 -2.07 18.05
CA GLN A 19 4.08 -1.20 16.98
C GLN A 19 2.94 -1.13 15.97
N GLY A 20 2.95 -0.14 15.09
CA GLY A 20 1.79 0.09 14.24
C GLY A 20 0.81 0.92 15.02
N HIS A 21 1.37 1.60 15.97
CA HIS A 21 0.71 2.41 16.94
C HIS A 21 1.45 3.73 16.94
N MET A 22 0.72 4.81 17.16
CA MET A 22 1.23 6.20 17.13
C MET A 22 1.34 6.69 15.69
N LEU A 23 1.80 5.83 14.84
CA LEU A 23 1.80 6.09 13.42
C LEU A 23 1.62 4.72 12.79
N ARG A 24 0.72 4.62 11.86
CA ARG A 24 0.41 3.35 11.25
C ARG A 24 0.05 3.53 9.78
N VAL A 25 0.55 2.67 8.94
CA VAL A 25 0.24 2.72 7.53
C VAL A 25 -0.35 1.38 7.11
N ARG A 26 -1.58 1.38 6.73
CA ARG A 26 -2.24 0.18 6.33
C ARG A 26 -2.84 0.34 4.95
N ALA A 27 -2.39 -0.47 4.05
CA ALA A 27 -2.86 -0.47 2.70
C ALA A 27 -3.59 -1.76 2.44
N SER A 28 -4.83 -1.65 2.12
CA SER A 28 -5.65 -2.78 1.83
C SER A 28 -6.10 -2.67 0.39
N ILE A 29 -5.66 -3.57 -0.44
CA ILE A 29 -6.00 -3.50 -1.83
C ILE A 29 -6.54 -4.84 -2.29
N THR A 30 -7.44 -4.79 -3.19
CA THR A 30 -8.07 -5.95 -3.69
C THR A 30 -8.00 -5.95 -5.21
N ILE A 31 -7.66 -7.08 -5.77
CA ILE A 31 -7.57 -7.21 -7.19
C ILE A 31 -8.45 -8.35 -7.67
N SER A 32 -9.34 -8.04 -8.55
CA SER A 32 -10.23 -8.99 -9.09
C SER A 32 -9.61 -9.57 -10.36
N PRO A 33 -9.95 -10.83 -10.73
CA PRO A 33 -9.40 -11.50 -11.93
C PRO A 33 -9.78 -10.81 -13.26
N ASP A 34 -10.48 -9.69 -13.18
CA ASP A 34 -10.88 -8.95 -14.37
C ASP A 34 -9.79 -7.97 -14.74
N ASP A 35 -8.73 -8.00 -13.93
CA ASP A 35 -7.59 -7.07 -13.99
C ASP A 35 -8.07 -5.73 -13.48
N LEU A 36 -9.02 -5.84 -12.58
CA LEU A 36 -9.59 -4.74 -11.95
C LEU A 36 -8.98 -4.67 -10.56
N VAL A 37 -8.42 -3.54 -10.26
CA VAL A 37 -7.80 -3.32 -8.99
C VAL A 37 -8.52 -2.18 -8.26
N SER A 38 -8.77 -2.38 -6.99
CA SER A 38 -9.37 -1.37 -6.16
C SER A 38 -8.74 -1.49 -4.76
N GLY A 39 -8.74 -0.45 -3.98
CA GLY A 39 -8.18 -0.56 -2.68
C GLY A 39 -8.14 0.74 -1.96
N GLU A 40 -7.49 0.75 -0.86
CA GLU A 40 -7.39 1.91 -0.03
C GLU A 40 -6.05 1.90 0.69
N ILE A 41 -5.37 3.01 0.69
CA ILE A 41 -4.13 3.12 1.39
C ILE A 41 -4.29 4.15 2.47
N ILE A 42 -4.17 3.74 3.70
CA ILE A 42 -4.36 4.62 4.82
C ILE A 42 -3.04 4.87 5.50
N ALA A 43 -2.61 6.09 5.47
CA ALA A 43 -1.45 6.48 6.21
C ALA A 43 -1.92 7.38 7.32
N ALA A 44 -1.89 6.88 8.52
CA ALA A 44 -2.43 7.60 9.63
C ALA A 44 -1.40 7.82 10.69
N ALA A 45 -1.29 9.01 11.14
CA ALA A 45 -0.32 9.38 12.10
C ALA A 45 -0.97 10.08 13.29
N LYS A 46 -0.32 10.08 14.43
CA LYS A 46 -0.80 10.89 15.52
C LYS A 46 -0.57 12.33 15.13
N PRO A 47 -1.47 13.27 15.52
CA PRO A 47 -1.36 14.68 15.16
C PRO A 47 0.07 15.20 15.34
N LYS A 48 0.69 15.56 14.25
CA LYS A 48 2.10 15.95 14.17
C LYS A 48 2.42 17.17 15.01
N ASN A 49 1.49 18.07 15.09
CA ASN A 49 1.71 19.33 15.75
C ASN A 49 0.34 19.88 16.10
N SER A 50 0.28 20.97 16.84
CA SER A 50 -0.97 21.60 17.21
C SER A 50 -1.74 22.05 15.95
N LYS A 51 -0.99 22.34 14.89
CA LYS A 51 -1.57 22.79 13.63
C LYS A 51 -1.91 21.61 12.72
N ASP A 52 -1.61 20.41 13.14
CA ASP A 52 -1.79 19.25 12.28
C ASP A 52 -3.15 18.66 12.43
N THR A 53 -3.81 18.54 11.33
CA THR A 53 -5.12 17.99 11.31
C THR A 53 -5.14 16.72 10.43
N GLY A 54 -4.08 16.53 9.65
CA GLY A 54 -3.98 15.38 8.81
C GLY A 54 -2.79 15.46 7.89
N PRO A 55 -1.67 14.76 8.18
CA PRO A 55 -0.52 14.70 7.26
C PRO A 55 -0.98 14.24 5.88
N ALA A 56 -0.63 14.98 4.88
CA ALA A 56 -1.12 14.76 3.55
C ALA A 56 -0.23 13.88 2.70
N LEU A 57 -0.86 13.15 1.81
CA LEU A 57 -0.17 12.34 0.84
C LEU A 57 -0.15 13.09 -0.49
N ASP A 58 0.75 12.73 -1.36
CA ASP A 58 0.88 13.40 -2.64
C ASP A 58 0.02 12.70 -3.63
N GLY A 59 -1.20 13.13 -3.68
CA GLY A 59 -2.15 12.56 -4.56
C GLY A 59 -2.10 13.21 -5.91
N ASP A 60 -1.12 12.84 -6.68
CA ASP A 60 -0.87 13.43 -7.98
C ASP A 60 -0.51 12.36 -9.00
N VAL A 61 -1.49 11.96 -9.78
CA VAL A 61 -1.36 10.96 -10.84
C VAL A 61 -2.38 11.27 -11.93
N PRO A 62 -2.04 11.04 -13.21
CA PRO A 62 -2.94 11.31 -14.35
C PRO A 62 -4.32 10.65 -14.19
N PHE A 63 -4.37 9.50 -13.55
CA PHE A 63 -5.62 8.77 -13.35
C PHE A 63 -6.33 9.21 -12.06
N SER A 64 -6.39 10.50 -11.82
CA SER A 64 -6.98 11.06 -10.59
C SER A 64 -8.42 10.57 -10.32
N GLN A 65 -9.19 10.30 -11.36
CA GLN A 65 -10.57 9.89 -11.19
C GLN A 65 -10.67 8.45 -10.73
N LYS A 66 -9.55 7.76 -10.82
CA LYS A 66 -9.48 6.41 -10.37
C LYS A 66 -9.07 6.38 -8.91
N VAL A 67 -8.52 7.48 -8.42
CA VAL A 67 -8.05 7.48 -7.06
C VAL A 67 -8.49 8.73 -6.30
N ALA A 68 -9.23 8.50 -5.27
CA ALA A 68 -9.71 9.55 -4.44
C ALA A 68 -8.82 9.66 -3.24
N VAL A 69 -8.06 10.70 -3.18
CA VAL A 69 -7.17 10.91 -2.06
C VAL A 69 -7.87 11.85 -1.13
N SER A 70 -7.96 11.47 0.10
CA SER A 70 -8.73 12.19 1.04
C SER A 70 -8.01 12.21 2.37
N ASN A 71 -8.46 13.05 3.27
CA ASN A 71 -7.88 13.15 4.59
C ASN A 71 -8.48 12.07 5.46
N TYR A 72 -7.67 11.41 6.21
CA TYR A 72 -8.08 10.36 7.07
C TYR A 72 -8.07 10.86 8.50
N ASP A 73 -9.19 10.81 9.11
CA ASP A 73 -9.32 11.15 10.49
C ASP A 73 -10.26 10.12 11.10
N SER A 74 -9.67 9.16 11.74
CA SER A 74 -10.36 8.06 12.34
C SER A 74 -9.35 7.25 13.14
N ASP A 75 -9.83 6.40 14.04
CA ASP A 75 -8.99 5.53 14.90
C ASP A 75 -8.17 6.38 15.90
N GLY A 76 -8.47 7.66 15.95
CA GLY A 76 -7.75 8.59 16.79
C GLY A 76 -6.55 9.17 16.09
N TYR A 77 -6.32 8.74 14.87
CA TYR A 77 -5.19 9.19 14.08
C TYR A 77 -5.63 10.15 13.00
N VAL A 78 -4.72 10.97 12.54
CA VAL A 78 -4.96 11.85 11.44
C VAL A 78 -3.91 11.59 10.37
N GLY A 79 -4.34 11.56 9.17
CA GLY A 79 -3.46 11.27 8.08
C GLY A 79 -4.18 11.40 6.82
N SER A 80 -3.75 10.71 5.85
CA SER A 80 -4.40 10.74 4.55
C SER A 80 -4.60 9.34 4.01
N GLN A 81 -5.58 9.19 3.17
CA GLN A 81 -5.89 7.93 2.58
C GLN A 81 -6.11 8.08 1.10
N ALA A 82 -5.68 7.12 0.36
CA ALA A 82 -5.92 7.09 -1.04
C ALA A 82 -6.87 5.94 -1.32
N VAL A 83 -8.04 6.26 -1.75
CA VAL A 83 -9.05 5.28 -2.04
C VAL A 83 -9.17 5.16 -3.54
N PHE A 84 -8.75 4.06 -4.08
CA PHE A 84 -8.73 3.90 -5.51
C PHE A 84 -9.58 2.75 -5.93
N SER A 85 -10.02 2.79 -7.14
CA SER A 85 -10.90 1.79 -7.71
C SER A 85 -10.84 1.88 -9.23
N ASP A 86 -11.25 0.81 -9.90
CA ASP A 86 -11.31 0.71 -11.38
C ASP A 86 -9.94 0.83 -12.00
N LEU A 87 -8.95 0.38 -11.29
CA LEU A 87 -7.61 0.42 -11.80
C LEU A 87 -7.32 -0.83 -12.59
N THR A 88 -6.37 -0.74 -13.45
CA THR A 88 -5.93 -1.86 -14.25
C THR A 88 -4.49 -2.18 -13.81
N PHE A 89 -3.97 -3.33 -14.22
CA PHE A 89 -2.62 -3.77 -13.85
C PHE A 89 -1.56 -2.70 -14.16
N ALA A 90 -1.76 -2.00 -15.27
CA ALA A 90 -0.82 -0.97 -15.71
C ALA A 90 -0.84 0.26 -14.78
N GLU A 91 -1.96 0.49 -14.12
CA GLU A 91 -2.11 1.65 -13.26
C GLU A 91 -1.63 1.36 -11.85
N LEU A 92 -1.51 0.07 -11.52
CA LEU A 92 -1.09 -0.36 -10.18
C LEU A 92 0.33 0.12 -9.78
N PRO A 93 1.40 -0.09 -10.60
CA PRO A 93 2.74 0.42 -10.28
C PRO A 93 2.75 1.96 -10.26
N GLN A 94 1.93 2.54 -11.10
CA GLN A 94 1.87 3.96 -11.27
C GLN A 94 1.23 4.59 -10.01
N LEU A 95 0.35 3.84 -9.42
CA LEU A 95 -0.27 4.16 -8.16
C LEU A 95 0.74 4.02 -7.03
N ALA A 96 1.68 3.11 -7.22
CA ALA A 96 2.66 2.80 -6.20
C ALA A 96 3.60 3.95 -6.04
N ASN A 97 3.72 4.76 -7.08
CA ASN A 97 4.56 5.94 -7.08
C ASN A 97 4.21 6.86 -5.95
N MET A 98 2.92 7.23 -5.86
CA MET A 98 2.44 8.10 -4.79
C MET A 98 2.78 7.51 -3.45
N ASN A 99 2.45 6.24 -3.30
CA ASN A 99 2.74 5.49 -2.08
C ASN A 99 4.23 5.51 -1.74
N SER A 100 5.09 5.48 -2.79
CA SER A 100 6.53 5.39 -2.61
C SER A 100 7.02 6.60 -1.85
N ASP A 101 6.33 7.74 -2.06
CA ASP A 101 6.70 9.03 -1.50
C ASP A 101 6.73 8.98 0.02
N ALA A 102 5.92 8.12 0.58
CA ALA A 102 5.84 8.04 2.02
C ALA A 102 6.45 6.74 2.53
N ALA A 103 6.69 5.80 1.63
CA ALA A 103 7.10 4.48 2.06
C ALA A 103 8.57 4.17 1.78
N GLY A 104 9.02 4.45 0.58
CA GLY A 104 10.37 4.06 0.19
C GLY A 104 10.40 2.59 -0.24
N VAL A 105 9.29 2.12 -0.75
CA VAL A 105 9.18 0.77 -1.18
C VAL A 105 9.16 0.70 -2.71
N ASN A 106 9.80 -0.30 -3.25
CA ASN A 106 9.82 -0.53 -4.67
C ASN A 106 9.09 -1.81 -4.96
N LEU A 107 8.05 -1.72 -5.76
CA LEU A 107 7.29 -2.89 -6.13
C LEU A 107 7.50 -3.17 -7.60
N SER A 108 8.25 -4.16 -7.90
CA SER A 108 8.48 -4.55 -9.24
C SER A 108 7.58 -5.75 -9.55
N LEU A 109 6.58 -5.52 -10.34
CA LEU A 109 5.64 -6.55 -10.65
C LEU A 109 5.45 -6.64 -12.13
N ARG A 110 5.23 -7.83 -12.59
CA ARG A 110 5.07 -8.09 -14.01
C ARG A 110 4.04 -9.19 -14.28
N ARG A 111 3.42 -9.12 -15.44
CA ARG A 111 2.46 -10.07 -15.87
C ARG A 111 3.19 -11.07 -16.75
N ASN A 112 3.40 -12.23 -16.25
CA ASN A 112 4.13 -13.24 -16.95
C ASN A 112 3.14 -14.21 -17.56
N GLY A 113 2.83 -14.02 -18.83
CA GLY A 113 1.86 -14.85 -19.49
C GLY A 113 0.46 -14.50 -19.05
N ASN A 114 -0.03 -15.23 -18.07
CA ASN A 114 -1.34 -15.00 -17.48
C ASN A 114 -1.23 -15.08 -15.95
N ILE A 115 -0.02 -15.06 -15.48
CA ILE A 115 0.20 -15.08 -14.05
C ILE A 115 0.98 -13.84 -13.65
N VAL A 116 0.76 -13.35 -12.48
CA VAL A 116 1.41 -12.14 -12.03
C VAL A 116 2.48 -12.46 -11.02
N ILE A 117 3.62 -11.86 -11.21
CA ILE A 117 4.69 -11.99 -10.29
C ILE A 117 4.96 -10.61 -9.70
N LEU A 118 5.01 -10.55 -8.42
CA LEU A 118 5.25 -9.30 -7.72
C LEU A 118 6.37 -9.46 -6.73
N GLU A 119 7.30 -8.55 -6.80
CA GLU A 119 8.38 -8.48 -5.82
C GLU A 119 8.42 -7.06 -5.25
N GLY A 120 8.55 -6.93 -3.95
CA GLY A 120 8.60 -5.62 -3.36
C GLY A 120 9.58 -5.55 -2.22
N ARG A 121 10.42 -4.58 -2.24
CA ARG A 121 11.36 -4.37 -1.18
C ARG A 121 11.27 -2.95 -0.66
N ALA A 122 11.20 -2.83 0.64
CA ALA A 122 11.05 -1.54 1.25
C ALA A 122 12.27 -1.16 2.04
N ASP A 123 12.73 0.05 1.81
CA ASP A 123 13.85 0.57 2.56
C ASP A 123 13.30 1.39 3.69
N LEU A 124 13.13 0.76 4.82
CA LEU A 124 12.56 1.43 5.97
C LEU A 124 13.37 1.12 7.20
N THR A 125 14.56 0.66 6.96
CA THR A 125 15.52 0.38 8.00
C THR A 125 15.98 1.70 8.65
N SER A 126 16.37 2.62 7.81
CA SER A 126 16.85 3.93 8.19
C SER A 126 15.71 4.96 8.24
N VAL A 127 14.46 4.47 8.37
CA VAL A 127 13.25 5.32 8.35
C VAL A 127 13.29 6.37 9.50
N SER A 128 12.57 7.47 9.31
CA SER A 128 12.55 8.54 10.30
C SER A 128 11.55 8.25 11.44
N ASP A 129 10.48 7.51 11.15
CA ASP A 129 9.48 7.22 12.17
C ASP A 129 9.49 5.73 12.54
N PRO A 130 10.05 5.38 13.71
CA PRO A 130 10.20 3.98 14.15
C PRO A 130 8.90 3.31 14.64
N ASP A 131 7.86 4.07 14.86
CA ASP A 131 6.62 3.50 15.41
C ASP A 131 5.68 2.96 14.34
N ALA A 132 6.01 3.20 13.10
CA ALA A 132 5.08 2.93 12.02
C ALA A 132 5.30 1.60 11.33
N ASP A 133 4.34 0.72 11.45
CA ASP A 133 4.35 -0.52 10.68
C ASP A 133 3.54 -0.27 9.44
N VAL A 134 4.03 -0.76 8.33
CA VAL A 134 3.34 -0.62 7.09
C VAL A 134 2.75 -1.97 6.71
N GLU A 135 1.47 -2.05 6.74
CA GLU A 135 0.77 -3.26 6.47
C GLU A 135 0.22 -3.23 5.08
N LEU A 136 0.61 -4.17 4.29
CA LEU A 136 0.13 -4.28 2.95
C LEU A 136 -0.72 -5.54 2.89
N THR A 137 -1.97 -5.39 2.56
CA THR A 137 -2.87 -6.52 2.47
C THR A 137 -3.50 -6.56 1.07
N VAL A 138 -3.41 -7.70 0.42
CA VAL A 138 -3.98 -7.86 -0.90
C VAL A 138 -5.02 -8.98 -0.86
N ALA A 139 -6.21 -8.68 -1.33
CA ALA A 139 -7.25 -9.66 -1.40
C ALA A 139 -7.55 -9.95 -2.87
N PHE A 140 -7.50 -11.19 -3.24
CA PHE A 140 -7.79 -11.59 -4.58
C PHE A 140 -8.69 -12.80 -4.63
N PRO A 141 -9.84 -12.73 -5.31
CA PRO A 141 -10.77 -13.88 -5.47
C PRO A 141 -10.20 -14.97 -6.41
N ALA A 142 -8.90 -15.12 -6.42
CA ALA A 142 -8.24 -16.04 -7.28
C ALA A 142 -7.57 -17.12 -6.44
N ALA A 143 -6.24 -17.07 -6.36
CA ALA A 143 -5.46 -18.04 -5.64
C ALA A 143 -4.01 -17.68 -5.77
N VAL A 144 -3.33 -17.63 -4.67
CA VAL A 144 -1.92 -17.37 -4.66
C VAL A 144 -1.18 -18.67 -4.92
N THR A 145 -0.19 -18.62 -5.76
CA THR A 145 0.59 -19.80 -5.99
C THR A 145 1.79 -19.80 -5.06
N SER A 146 2.43 -18.65 -4.93
CA SER A 146 3.59 -18.55 -4.07
C SER A 146 3.67 -17.14 -3.52
N THR A 147 3.84 -17.01 -2.26
CA THR A 147 4.03 -15.74 -1.66
C THR A 147 5.09 -15.82 -0.57
N ASN A 148 5.74 -14.75 -0.29
CA ASN A 148 6.59 -14.69 0.87
C ASN A 148 6.08 -13.54 1.66
N GLY A 149 5.29 -13.90 2.63
CA GLY A 149 4.64 -13.01 3.50
C GLY A 149 3.69 -13.82 4.31
N ASP A 150 2.66 -13.25 4.83
CA ASP A 150 1.75 -14.00 5.65
C ASP A 150 0.45 -14.18 4.94
N ARG A 151 0.25 -15.35 4.42
CA ARG A 151 -0.99 -15.67 3.79
C ARG A 151 -2.07 -15.88 4.84
N ILE A 152 -3.03 -15.01 4.84
CA ILE A 152 -4.13 -15.08 5.77
C ILE A 152 -5.09 -16.11 5.22
N GLU A 153 -5.29 -16.00 3.94
CA GLU A 153 -6.11 -16.87 3.17
C GLU A 153 -5.25 -17.29 1.99
N PRO A 154 -5.61 -18.33 1.24
CA PRO A 154 -4.89 -18.70 0.01
C PRO A 154 -5.22 -17.72 -1.13
N GLU A 155 -6.05 -16.78 -0.80
CA GLU A 155 -6.53 -15.79 -1.70
C GLU A 155 -6.43 -14.36 -1.09
N VAL A 156 -5.82 -14.28 0.09
CA VAL A 156 -5.63 -12.97 0.78
C VAL A 156 -4.30 -13.04 1.53
N VAL A 157 -3.39 -12.16 1.22
CA VAL A 157 -2.08 -12.19 1.84
C VAL A 157 -1.77 -10.82 2.45
N GLN A 158 -1.03 -10.81 3.54
CA GLN A 158 -0.70 -9.59 4.24
C GLN A 158 0.77 -9.60 4.61
N TRP A 159 1.36 -8.45 4.53
CA TRP A 159 2.74 -8.27 4.89
C TRP A 159 2.83 -7.14 5.88
N LYS A 160 3.65 -7.30 6.87
CA LYS A 160 3.91 -6.24 7.80
C LYS A 160 5.31 -5.78 7.61
N LEU A 161 5.44 -4.66 6.98
CA LEU A 161 6.72 -4.04 6.75
C LEU A 161 7.06 -3.28 7.99
N LYS A 162 8.11 -3.69 8.60
CA LYS A 162 8.48 -3.18 9.87
C LYS A 162 9.68 -2.28 9.77
N PRO A 163 9.65 -1.12 10.44
CA PRO A 163 10.73 -0.15 10.41
C PRO A 163 11.95 -0.64 11.17
N GLY A 164 13.10 -0.14 10.79
CA GLY A 164 14.32 -0.51 11.46
C GLY A 164 14.90 -1.78 10.90
N VAL A 165 14.04 -2.69 10.57
CA VAL A 165 14.43 -3.96 10.02
C VAL A 165 14.13 -3.97 8.53
N VAL A 166 14.74 -4.86 7.82
CA VAL A 166 14.50 -4.95 6.41
C VAL A 166 13.25 -5.80 6.19
N SER A 167 12.34 -5.28 5.45
CA SER A 167 11.14 -5.98 5.16
C SER A 167 11.02 -6.15 3.66
N THR A 168 10.80 -7.36 3.26
CA THR A 168 10.68 -7.72 1.89
C THR A 168 9.32 -8.35 1.67
N MET A 169 8.82 -8.30 0.48
CA MET A 169 7.54 -8.89 0.19
C MET A 169 7.51 -9.47 -1.20
N SER A 170 6.90 -10.61 -1.35
CA SER A 170 6.72 -11.16 -2.67
C SER A 170 5.38 -11.87 -2.77
N ALA A 171 4.79 -11.84 -3.93
CA ALA A 171 3.53 -12.48 -4.16
C ALA A 171 3.44 -12.86 -5.60
N GLN A 172 3.09 -14.07 -5.84
CA GLN A 172 2.90 -14.56 -7.16
C GLN A 172 1.56 -15.24 -7.19
N ALA A 173 0.77 -14.90 -8.14
CA ALA A 173 -0.56 -15.46 -8.25
C ALA A 173 -1.00 -15.44 -9.68
N ARG A 174 -1.96 -16.25 -9.99
CA ARG A 174 -2.44 -16.37 -11.35
C ARG A 174 -3.59 -15.38 -11.57
N TYR A 175 -3.54 -14.58 -12.64
CA TYR A 175 -4.59 -13.60 -12.91
C TYR A 175 -4.86 -13.50 -14.38
N THR A 176 -6.09 -13.75 -14.73
CA THR A 176 -6.53 -13.71 -16.10
C THR A 176 -6.29 -12.34 -16.74
N ASP A 177 -5.31 -12.32 -17.62
CA ASP A 177 -4.91 -11.13 -18.37
C ASP A 177 -6.06 -10.66 -19.25
N PRO A 178 -6.28 -9.34 -19.37
CA PRO A 178 -7.36 -8.81 -20.19
C PRO A 178 -7.25 -9.20 -21.67
N ASN A 179 -6.07 -9.05 -22.25
CA ASN A 179 -5.87 -9.45 -23.61
C ASN A 179 -5.50 -10.90 -23.74
N THR A 180 -4.88 -11.44 -22.67
CA THR A 180 -4.44 -12.84 -22.54
C THR A 180 -3.90 -13.44 -23.83
N ARG A 181 -2.66 -13.17 -24.08
CA ARG A 181 -2.04 -13.54 -25.31
C ARG A 181 -1.04 -14.64 -25.12
N SER A 182 -0.72 -15.29 -26.20
CA SER A 182 0.24 -16.32 -26.22
C SER A 182 1.37 -15.88 -27.15
N GLY A 12 6.80 18.67 -5.43
CA GLY A 12 6.97 19.78 -4.53
C GLY A 12 8.13 19.53 -3.60
N ARG A 13 8.50 20.51 -2.82
CA ARG A 13 9.59 20.34 -1.87
C ARG A 13 9.04 20.24 -0.46
N GLU A 14 7.78 20.56 -0.30
CA GLU A 14 7.19 20.61 1.01
C GLU A 14 6.25 19.42 1.23
N ASN A 15 6.60 18.59 2.18
CA ASN A 15 5.79 17.46 2.61
C ASN A 15 6.35 16.98 3.93
N LEU A 16 5.53 16.40 4.75
CA LEU A 16 5.95 16.03 6.06
C LEU A 16 5.77 14.54 6.32
N TYR A 17 6.58 14.02 7.21
CA TYR A 17 6.56 12.60 7.56
C TYR A 17 7.20 12.40 8.93
N PHE A 18 8.12 13.26 9.30
CA PHE A 18 8.84 13.13 10.55
C PHE A 18 8.06 13.79 11.68
N GLN A 19 7.00 13.11 12.10
CA GLN A 19 6.09 13.56 13.13
C GLN A 19 5.08 12.43 13.34
N GLY A 20 4.34 12.49 14.42
CA GLY A 20 3.27 11.55 14.61
C GLY A 20 3.52 10.58 15.70
N HIS A 21 4.39 9.61 15.42
CA HIS A 21 4.65 8.45 16.31
C HIS A 21 3.48 7.48 16.29
N MET A 22 3.79 6.21 16.53
CA MET A 22 2.89 5.06 16.42
C MET A 22 2.07 5.14 15.11
N LEU A 23 2.72 5.61 14.07
CA LEU A 23 2.09 5.80 12.80
C LEU A 23 1.90 4.46 12.11
N ARG A 24 0.81 4.33 11.43
CA ARG A 24 0.47 3.09 10.81
C ARG A 24 0.10 3.32 9.39
N VAL A 25 0.76 2.62 8.50
CA VAL A 25 0.43 2.69 7.11
C VAL A 25 -0.25 1.39 6.77
N ARG A 26 -1.48 1.46 6.45
CA ARG A 26 -2.27 0.30 6.19
C ARG A 26 -2.82 0.38 4.80
N ALA A 27 -2.44 -0.53 3.99
CA ALA A 27 -2.88 -0.58 2.65
C ALA A 27 -3.67 -1.84 2.44
N SER A 28 -4.88 -1.68 2.07
CA SER A 28 -5.72 -2.81 1.79
C SER A 28 -6.16 -2.70 0.36
N ILE A 29 -5.76 -3.62 -0.46
CA ILE A 29 -6.11 -3.55 -1.85
C ILE A 29 -6.65 -4.89 -2.29
N THR A 30 -7.56 -4.86 -3.18
CA THR A 30 -8.18 -6.05 -3.67
C THR A 30 -8.15 -6.06 -5.21
N ILE A 31 -7.55 -7.07 -5.76
CA ILE A 31 -7.48 -7.23 -7.19
C ILE A 31 -8.42 -8.35 -7.62
N SER A 32 -9.35 -8.00 -8.43
CA SER A 32 -10.35 -8.91 -8.91
C SER A 32 -9.86 -9.59 -10.19
N PRO A 33 -10.39 -10.78 -10.55
CA PRO A 33 -9.95 -11.57 -11.74
C PRO A 33 -10.19 -10.87 -13.09
N ASP A 34 -10.72 -9.66 -13.05
CA ASP A 34 -10.97 -8.89 -14.28
C ASP A 34 -9.79 -7.97 -14.51
N ASP A 35 -8.78 -8.14 -13.65
CA ASP A 35 -7.56 -7.32 -13.61
C ASP A 35 -7.96 -5.94 -13.16
N LEU A 36 -8.98 -5.94 -12.34
CA LEU A 36 -9.48 -4.77 -11.80
C LEU A 36 -8.88 -4.67 -10.41
N VAL A 37 -8.24 -3.58 -10.17
CA VAL A 37 -7.58 -3.36 -8.92
C VAL A 37 -8.30 -2.24 -8.20
N SER A 38 -8.55 -2.45 -6.96
CA SER A 38 -9.20 -1.48 -6.13
C SER A 38 -8.51 -1.53 -4.79
N GLY A 39 -8.60 -0.50 -4.01
CA GLY A 39 -8.02 -0.56 -2.72
C GLY A 39 -7.94 0.77 -2.07
N GLU A 40 -7.32 0.78 -0.96
CA GLU A 40 -7.19 1.96 -0.15
C GLU A 40 -5.85 1.90 0.58
N ILE A 41 -5.15 2.99 0.57
CA ILE A 41 -3.91 3.07 1.29
C ILE A 41 -4.05 4.17 2.31
N ILE A 42 -3.99 3.83 3.55
CA ILE A 42 -4.16 4.77 4.61
C ILE A 42 -2.85 4.94 5.33
N ALA A 43 -2.36 6.13 5.34
CA ALA A 43 -1.21 6.43 6.12
C ALA A 43 -1.69 7.30 7.24
N ALA A 44 -1.74 6.76 8.42
CA ALA A 44 -2.29 7.47 9.53
C ALA A 44 -1.27 7.66 10.61
N ALA A 45 -1.20 8.86 11.10
CA ALA A 45 -0.23 9.23 12.10
C ALA A 45 -0.93 9.89 13.29
N LYS A 46 -0.29 9.91 14.45
CA LYS A 46 -0.84 10.64 15.58
C LYS A 46 -0.67 12.14 15.33
N PRO A 47 -1.71 12.95 15.63
CA PRO A 47 -1.73 14.39 15.34
C PRO A 47 -0.50 15.18 15.87
N LYS A 48 -0.35 15.21 17.20
CA LYS A 48 0.73 15.95 17.91
C LYS A 48 0.58 17.50 17.79
N ASN A 49 0.39 17.98 16.61
CA ASN A 49 0.31 19.41 16.35
C ASN A 49 -1.16 19.82 16.08
N SER A 50 -1.50 21.06 16.37
CA SER A 50 -2.85 21.54 16.26
C SER A 50 -3.29 21.86 14.81
N LYS A 51 -2.35 22.13 13.89
CA LYS A 51 -2.77 22.39 12.51
C LYS A 51 -2.97 21.13 11.79
N ASP A 52 -2.30 20.11 12.25
CA ASP A 52 -2.40 18.85 11.63
C ASP A 52 -3.73 18.24 11.80
N THR A 53 -4.50 18.46 10.81
CA THR A 53 -5.79 17.88 10.67
C THR A 53 -5.62 16.57 9.92
N GLY A 54 -4.53 16.49 9.18
CA GLY A 54 -4.19 15.32 8.48
C GLY A 54 -2.99 15.56 7.61
N PRO A 55 -1.86 14.88 7.85
CA PRO A 55 -0.71 14.91 6.94
C PRO A 55 -1.18 14.58 5.53
N ALA A 56 -0.74 15.32 4.57
CA ALA A 56 -1.24 15.18 3.21
C ALA A 56 -0.28 14.40 2.34
N LEU A 57 -0.81 13.68 1.37
CA LEU A 57 0.00 12.94 0.44
C LEU A 57 0.30 13.79 -0.78
N ASP A 58 1.42 13.54 -1.39
CA ASP A 58 1.82 14.24 -2.58
C ASP A 58 1.74 13.28 -3.72
N GLY A 59 0.71 13.43 -4.48
CA GLY A 59 0.52 12.57 -5.61
C GLY A 59 -0.20 13.24 -6.73
N ASP A 60 0.21 12.94 -7.94
CA ASP A 60 -0.43 13.43 -9.14
C ASP A 60 -0.23 12.43 -10.23
N VAL A 61 -1.30 11.85 -10.68
CA VAL A 61 -1.24 10.86 -11.74
C VAL A 61 -2.28 11.18 -12.80
N PRO A 62 -2.13 10.66 -14.01
CA PRO A 62 -3.11 10.88 -15.09
C PRO A 62 -4.46 10.22 -14.79
N PHE A 63 -4.48 9.34 -13.81
CA PHE A 63 -5.69 8.61 -13.46
C PHE A 63 -6.20 9.00 -12.08
N SER A 64 -5.93 10.23 -11.64
CA SER A 64 -6.39 10.70 -10.34
C SER A 64 -7.91 10.60 -10.19
N GLN A 65 -8.64 10.67 -11.31
CA GLN A 65 -10.10 10.52 -11.32
C GLN A 65 -10.52 9.08 -10.90
N LYS A 66 -9.54 8.19 -10.85
CA LYS A 66 -9.75 6.81 -10.47
C LYS A 66 -9.10 6.52 -9.09
N VAL A 67 -8.35 7.49 -8.55
CA VAL A 67 -7.82 7.36 -7.22
C VAL A 67 -8.08 8.64 -6.42
N ALA A 68 -8.82 8.51 -5.38
CA ALA A 68 -9.19 9.62 -4.56
C ALA A 68 -8.27 9.72 -3.39
N VAL A 69 -7.54 10.78 -3.32
CA VAL A 69 -6.68 10.99 -2.20
C VAL A 69 -7.41 11.90 -1.25
N SER A 70 -7.57 11.48 -0.05
CA SER A 70 -8.39 12.19 0.90
C SER A 70 -7.73 12.23 2.27
N ASN A 71 -8.26 13.07 3.12
CA ASN A 71 -7.80 13.20 4.47
C ASN A 71 -8.40 12.07 5.30
N TYR A 72 -7.63 11.53 6.19
CA TYR A 72 -8.07 10.46 7.04
C TYR A 72 -7.98 10.89 8.49
N ASP A 73 -9.08 10.85 9.15
CA ASP A 73 -9.13 11.08 10.58
C ASP A 73 -10.08 10.09 11.18
N SER A 74 -9.54 9.22 11.98
CA SER A 74 -10.26 8.14 12.59
C SER A 74 -9.32 7.47 13.54
N ASP A 75 -9.86 6.93 14.64
CA ASP A 75 -9.09 6.11 15.61
C ASP A 75 -8.15 6.99 16.44
N GLY A 76 -8.32 8.28 16.31
CA GLY A 76 -7.44 9.22 16.97
C GLY A 76 -6.22 9.52 16.12
N TYR A 77 -6.21 8.98 14.94
CA TYR A 77 -5.15 9.17 14.00
C TYR A 77 -5.58 10.15 12.95
N VAL A 78 -4.64 10.87 12.43
CA VAL A 78 -4.86 11.76 11.34
C VAL A 78 -3.81 11.47 10.28
N GLY A 79 -4.21 11.42 9.06
CA GLY A 79 -3.31 11.12 8.02
C GLY A 79 -3.96 11.28 6.71
N SER A 80 -3.48 10.60 5.77
CA SER A 80 -4.02 10.66 4.44
C SER A 80 -4.29 9.29 3.87
N GLN A 81 -5.22 9.21 2.99
CA GLN A 81 -5.57 7.98 2.39
C GLN A 81 -5.72 8.14 0.90
N ALA A 82 -5.28 7.17 0.18
CA ALA A 82 -5.49 7.12 -1.23
C ALA A 82 -6.42 5.97 -1.49
N VAL A 83 -7.58 6.27 -1.95
CA VAL A 83 -8.58 5.26 -2.21
C VAL A 83 -8.77 5.14 -3.70
N PHE A 84 -8.43 4.03 -4.24
CA PHE A 84 -8.46 3.85 -5.66
C PHE A 84 -9.40 2.74 -6.04
N SER A 85 -9.93 2.85 -7.21
CA SER A 85 -10.90 1.90 -7.69
C SER A 85 -10.90 1.90 -9.22
N ASP A 86 -11.33 0.77 -9.79
CA ASP A 86 -11.51 0.61 -11.25
C ASP A 86 -10.15 0.70 -11.98
N LEU A 87 -9.10 0.27 -11.29
CA LEU A 87 -7.78 0.34 -11.85
C LEU A 87 -7.39 -0.97 -12.50
N THR A 88 -6.29 -0.96 -13.21
CA THR A 88 -5.79 -2.12 -13.91
C THR A 88 -4.32 -2.37 -13.49
N PHE A 89 -3.77 -3.49 -13.94
CA PHE A 89 -2.42 -3.96 -13.60
C PHE A 89 -1.36 -2.87 -13.85
N ALA A 90 -1.51 -2.16 -14.95
CA ALA A 90 -0.57 -1.09 -15.33
C ALA A 90 -0.58 0.07 -14.33
N GLU A 91 -1.72 0.29 -13.72
CA GLU A 91 -1.92 1.42 -12.83
C GLU A 91 -1.48 1.12 -11.41
N LEU A 92 -1.36 -0.18 -11.10
CA LEU A 92 -1.00 -0.64 -9.76
C LEU A 92 0.41 -0.12 -9.31
N PRO A 93 1.51 -0.34 -10.08
CA PRO A 93 2.83 0.20 -9.68
C PRO A 93 2.84 1.72 -9.72
N GLN A 94 2.11 2.27 -10.66
CA GLN A 94 2.05 3.66 -10.89
C GLN A 94 1.46 4.41 -9.69
N LEU A 95 0.45 3.84 -9.05
CA LEU A 95 -0.16 4.44 -7.86
C LEU A 95 0.79 4.34 -6.66
N ALA A 96 1.75 3.42 -6.74
CA ALA A 96 2.64 3.21 -5.64
C ALA A 96 3.63 4.35 -5.55
N ASN A 97 3.88 5.02 -6.68
CA ASN A 97 4.81 6.12 -6.73
C ASN A 97 4.39 7.22 -5.76
N MET A 98 3.12 7.65 -5.86
CA MET A 98 2.60 8.73 -5.04
C MET A 98 2.82 8.44 -3.57
N ASN A 99 2.38 7.26 -3.17
CA ASN A 99 2.47 6.86 -1.78
C ASN A 99 3.93 6.74 -1.33
N SER A 100 4.82 6.45 -2.29
CA SER A 100 6.20 6.23 -1.99
C SER A 100 6.85 7.47 -1.45
N ASP A 101 6.27 8.67 -1.74
CA ASP A 101 6.88 9.91 -1.29
C ASP A 101 6.97 9.94 0.22
N ALA A 102 6.06 9.23 0.85
CA ALA A 102 6.04 9.17 2.28
C ALA A 102 6.40 7.77 2.77
N ALA A 103 6.43 6.79 1.88
CA ALA A 103 6.60 5.40 2.31
C ALA A 103 7.97 4.82 2.01
N GLY A 104 8.42 4.99 0.78
CA GLY A 104 9.67 4.39 0.35
C GLY A 104 9.48 2.93 -0.10
N VAL A 105 8.28 2.60 -0.52
CA VAL A 105 7.97 1.24 -0.98
C VAL A 105 8.27 1.09 -2.46
N ASN A 106 8.68 -0.09 -2.88
CA ASN A 106 9.00 -0.32 -4.29
C ASN A 106 8.38 -1.64 -4.68
N LEU A 107 7.65 -1.65 -5.77
CA LEU A 107 6.98 -2.86 -6.22
C LEU A 107 7.27 -3.10 -7.69
N SER A 108 7.92 -4.21 -7.99
CA SER A 108 8.19 -4.61 -9.34
C SER A 108 7.30 -5.81 -9.67
N LEU A 109 6.38 -5.64 -10.57
CA LEU A 109 5.46 -6.70 -10.89
C LEU A 109 5.38 -6.92 -12.35
N ARG A 110 5.05 -8.11 -12.73
CA ARG A 110 5.00 -8.45 -14.13
C ARG A 110 3.94 -9.50 -14.36
N ARG A 111 3.43 -9.51 -15.56
CA ARG A 111 2.44 -10.42 -15.97
C ARG A 111 3.13 -11.39 -16.93
N ASN A 112 3.36 -12.57 -16.46
CA ASN A 112 4.08 -13.58 -17.22
C ASN A 112 3.10 -14.55 -17.83
N GLY A 113 2.78 -14.31 -19.08
CA GLY A 113 1.82 -15.15 -19.78
C GLY A 113 0.41 -14.89 -19.30
N ASN A 114 0.07 -15.51 -18.22
CA ASN A 114 -1.24 -15.35 -17.61
C ASN A 114 -1.09 -15.40 -16.07
N ILE A 115 0.15 -15.46 -15.61
CA ILE A 115 0.41 -15.53 -14.21
C ILE A 115 1.11 -14.25 -13.77
N VAL A 116 0.89 -13.82 -12.58
CA VAL A 116 1.49 -12.59 -12.11
C VAL A 116 2.55 -12.86 -11.07
N ILE A 117 3.66 -12.21 -11.24
CA ILE A 117 4.71 -12.26 -10.29
C ILE A 117 4.91 -10.85 -9.74
N LEU A 118 4.99 -10.75 -8.47
CA LEU A 118 5.23 -9.48 -7.85
C LEU A 118 6.39 -9.60 -6.90
N GLU A 119 7.36 -8.74 -7.10
CA GLU A 119 8.53 -8.68 -6.26
C GLU A 119 8.70 -7.25 -5.77
N GLY A 120 8.59 -7.04 -4.50
CA GLY A 120 8.69 -5.72 -3.97
C GLY A 120 9.60 -5.64 -2.78
N ARG A 121 10.12 -4.48 -2.53
CA ARG A 121 11.02 -4.24 -1.43
C ARG A 121 10.68 -2.90 -0.84
N ALA A 122 10.42 -2.85 0.41
CA ALA A 122 10.08 -1.63 1.06
C ALA A 122 11.28 -1.10 1.80
N ASP A 123 11.83 0.00 1.34
CA ASP A 123 12.98 0.56 2.00
C ASP A 123 12.60 1.79 2.80
N LEU A 124 12.34 1.54 4.02
CA LEU A 124 12.14 2.57 4.99
C LEU A 124 13.06 2.29 6.14
N THR A 125 14.26 1.95 5.72
CA THR A 125 15.39 1.63 6.54
C THR A 125 15.90 2.87 7.27
N SER A 126 15.53 4.03 6.76
CA SER A 126 15.86 5.29 7.34
C SER A 126 15.03 5.55 8.61
N VAL A 127 13.93 4.82 8.74
CA VAL A 127 13.08 4.93 9.89
C VAL A 127 13.65 4.06 10.99
N SER A 128 14.46 4.63 11.82
CA SER A 128 15.09 3.87 12.89
C SER A 128 14.21 3.94 14.15
N ASP A 129 12.99 4.38 13.97
CA ASP A 129 12.07 4.51 15.06
C ASP A 129 11.09 3.36 15.06
N PRO A 130 10.88 2.71 16.21
CA PRO A 130 9.98 1.54 16.36
C PRO A 130 8.51 1.86 16.08
N ASP A 131 8.20 3.13 15.94
CA ASP A 131 6.83 3.64 15.87
C ASP A 131 6.17 3.39 14.54
N ALA A 132 6.92 3.01 13.56
CA ALA A 132 6.37 2.85 12.24
C ALA A 132 6.00 1.41 11.98
N ASP A 133 4.76 1.19 11.62
CA ASP A 133 4.29 -0.15 11.30
C ASP A 133 3.53 -0.10 9.99
N VAL A 134 3.89 -0.96 9.05
CA VAL A 134 3.20 -0.91 7.75
C VAL A 134 2.56 -2.25 7.44
N GLU A 135 1.29 -2.24 7.10
CA GLU A 135 0.57 -3.46 6.81
C GLU A 135 -0.09 -3.36 5.45
N LEU A 136 0.25 -4.26 4.57
CA LEU A 136 -0.34 -4.31 3.25
C LEU A 136 -1.12 -5.59 3.09
N THR A 137 -2.37 -5.47 2.83
CA THR A 137 -3.25 -6.59 2.68
C THR A 137 -3.80 -6.62 1.27
N VAL A 138 -3.43 -7.61 0.53
CA VAL A 138 -3.89 -7.77 -0.83
C VAL A 138 -4.88 -8.94 -0.88
N ALA A 139 -6.10 -8.67 -1.31
CA ALA A 139 -7.11 -9.69 -1.41
C ALA A 139 -7.41 -9.95 -2.88
N PHE A 140 -7.40 -11.19 -3.24
CA PHE A 140 -7.71 -11.59 -4.58
C PHE A 140 -8.67 -12.77 -4.59
N PRO A 141 -9.83 -12.66 -5.28
CA PRO A 141 -10.80 -13.80 -5.43
C PRO A 141 -10.25 -14.95 -6.32
N ALA A 142 -8.98 -15.21 -6.18
CA ALA A 142 -8.30 -16.22 -6.92
C ALA A 142 -7.60 -17.15 -5.94
N ALA A 143 -6.27 -17.18 -6.00
CA ALA A 143 -5.47 -18.02 -5.16
C ALA A 143 -4.03 -17.67 -5.41
N VAL A 144 -3.26 -17.60 -4.36
CA VAL A 144 -1.88 -17.30 -4.46
C VAL A 144 -1.12 -18.61 -4.62
N THR A 145 -0.30 -18.68 -5.63
CA THR A 145 0.43 -19.87 -5.91
C THR A 145 1.67 -19.96 -5.02
N SER A 146 2.30 -18.83 -4.79
CA SER A 146 3.48 -18.75 -3.95
C SER A 146 3.62 -17.33 -3.43
N THR A 147 3.86 -17.16 -2.17
CA THR A 147 4.04 -15.85 -1.65
C THR A 147 5.19 -15.81 -0.63
N ASN A 148 5.57 -14.63 -0.26
CA ASN A 148 6.57 -14.37 0.75
C ASN A 148 6.04 -13.22 1.55
N GLY A 149 5.25 -13.56 2.55
CA GLY A 149 4.62 -12.63 3.43
C GLY A 149 3.81 -13.38 4.46
N ASP A 150 2.70 -12.84 4.88
CA ASP A 150 1.83 -13.48 5.84
C ASP A 150 0.48 -13.71 5.21
N ARG A 151 0.22 -14.91 4.75
CA ARG A 151 -1.05 -15.19 4.16
C ARG A 151 -2.10 -15.40 5.22
N ILE A 152 -3.18 -14.70 5.09
CA ILE A 152 -4.30 -14.85 6.01
C ILE A 152 -5.16 -15.98 5.47
N GLU A 153 -5.27 -15.97 4.17
CA GLU A 153 -6.05 -16.92 3.41
C GLU A 153 -5.22 -17.26 2.19
N PRO A 154 -5.52 -18.33 1.45
CA PRO A 154 -4.76 -18.68 0.24
C PRO A 154 -5.10 -17.71 -0.91
N GLU A 155 -5.98 -16.78 -0.64
CA GLU A 155 -6.40 -15.79 -1.59
C GLU A 155 -6.30 -14.36 -1.01
N VAL A 156 -5.77 -14.26 0.18
CA VAL A 156 -5.59 -12.95 0.83
C VAL A 156 -4.27 -12.98 1.58
N VAL A 157 -3.38 -12.11 1.24
CA VAL A 157 -2.06 -12.10 1.85
C VAL A 157 -1.77 -10.72 2.42
N GLN A 158 -1.10 -10.70 3.53
CA GLN A 158 -0.80 -9.49 4.21
C GLN A 158 0.68 -9.43 4.50
N TRP A 159 1.25 -8.29 4.31
CA TRP A 159 2.62 -8.06 4.57
C TRP A 159 2.76 -7.09 5.69
N LYS A 160 3.29 -7.55 6.78
CA LYS A 160 3.52 -6.72 7.91
C LYS A 160 4.98 -6.27 7.89
N LEU A 161 5.18 -5.09 7.40
CA LEU A 161 6.49 -4.55 7.15
C LEU A 161 6.96 -3.72 8.35
N LYS A 162 8.26 -3.75 8.58
CA LYS A 162 8.87 -3.16 9.75
C LYS A 162 9.82 -2.04 9.37
N PRO A 163 10.00 -1.05 10.26
CA PRO A 163 10.88 0.09 10.02
C PRO A 163 12.34 -0.26 10.22
N GLY A 164 13.21 0.47 9.56
CA GLY A 164 14.64 0.29 9.75
C GLY A 164 15.19 -0.86 8.97
N VAL A 165 14.36 -1.81 8.74
CA VAL A 165 14.72 -2.99 8.02
C VAL A 165 14.13 -2.93 6.63
N VAL A 166 14.72 -3.64 5.72
CA VAL A 166 14.20 -3.69 4.40
C VAL A 166 13.28 -4.90 4.30
N SER A 167 12.02 -4.63 4.22
CA SER A 167 11.04 -5.67 4.20
C SER A 167 10.73 -6.06 2.76
N THR A 168 10.77 -7.32 2.48
CA THR A 168 10.53 -7.81 1.17
C THR A 168 9.09 -8.32 1.01
N MET A 169 8.52 -8.01 -0.09
CA MET A 169 7.20 -8.42 -0.45
C MET A 169 7.27 -9.29 -1.67
N SER A 170 6.80 -10.49 -1.60
CA SER A 170 6.76 -11.27 -2.82
C SER A 170 5.44 -11.97 -2.88
N ALA A 171 4.84 -11.99 -4.04
CA ALA A 171 3.56 -12.61 -4.25
C ALA A 171 3.49 -13.09 -5.65
N GLN A 172 3.10 -14.30 -5.82
CA GLN A 172 2.93 -14.86 -7.12
C GLN A 172 1.61 -15.56 -7.16
N ALA A 173 0.85 -15.31 -8.17
CA ALA A 173 -0.48 -15.86 -8.32
C ALA A 173 -0.89 -15.72 -9.76
N ARG A 174 -1.76 -16.57 -10.24
CA ARG A 174 -2.18 -16.45 -11.63
C ARG A 174 -3.44 -15.59 -11.72
N TYR A 175 -3.53 -14.75 -12.75
CA TYR A 175 -4.66 -13.84 -12.90
C TYR A 175 -5.07 -13.75 -14.32
N THR A 176 -6.31 -13.92 -14.53
CA THR A 176 -6.92 -13.91 -15.82
C THR A 176 -6.80 -12.56 -16.52
N ASP A 177 -5.84 -12.49 -17.44
CA ASP A 177 -5.68 -11.33 -18.32
C ASP A 177 -6.94 -11.01 -19.07
N PRO A 178 -7.36 -9.74 -19.03
CA PRO A 178 -8.54 -9.27 -19.80
C PRO A 178 -8.20 -9.23 -21.29
N ASN A 179 -6.92 -9.11 -21.55
CA ASN A 179 -6.35 -9.10 -22.87
C ASN A 179 -6.13 -10.53 -23.36
N THR A 180 -6.25 -11.47 -22.39
CA THR A 180 -6.26 -12.91 -22.56
C THR A 180 -5.23 -13.47 -23.51
N ARG A 181 -4.08 -13.73 -22.98
CA ARG A 181 -3.00 -14.32 -23.70
C ARG A 181 -2.96 -15.79 -23.37
N SER A 182 -2.49 -16.59 -24.28
CA SER A 182 -2.33 -18.01 -24.10
C SER A 182 -1.28 -18.51 -25.07
N GLY A 12 6.35 24.91 30.06
CA GLY A 12 7.19 25.77 29.25
C GLY A 12 6.36 26.42 28.17
N ARG A 13 7.00 26.92 27.14
CA ARG A 13 6.28 27.54 26.05
C ARG A 13 6.15 26.61 24.86
N GLU A 14 6.94 25.56 24.82
CA GLU A 14 6.79 24.55 23.81
C GLU A 14 5.79 23.55 24.32
N ASN A 15 4.54 23.86 24.14
CA ASN A 15 3.46 23.10 24.72
C ASN A 15 3.16 21.81 24.00
N LEU A 16 3.61 20.73 24.59
CA LEU A 16 3.28 19.42 24.17
C LEU A 16 2.55 18.79 25.34
N TYR A 17 1.25 18.74 25.24
CA TYR A 17 0.43 18.27 26.34
C TYR A 17 0.42 16.77 26.42
N PHE A 18 0.08 16.15 25.34
CA PHE A 18 -0.07 14.72 25.30
C PHE A 18 0.39 14.20 23.96
N GLN A 19 1.33 13.26 23.97
CA GLN A 19 1.76 12.61 22.76
C GLN A 19 0.66 11.67 22.32
N GLY A 20 0.26 11.78 21.08
CA GLY A 20 -0.89 11.04 20.60
C GLY A 20 -0.67 9.55 20.47
N HIS A 21 -0.24 9.13 19.30
CA HIS A 21 -0.18 7.70 18.98
C HIS A 21 1.05 7.35 18.19
N MET A 22 1.00 6.20 17.57
CA MET A 22 1.99 5.72 16.64
C MET A 22 1.62 6.20 15.24
N LEU A 23 2.34 5.75 14.25
CA LEU A 23 2.01 6.06 12.89
C LEU A 23 2.03 4.78 12.09
N ARG A 24 0.90 4.36 11.64
CA ARG A 24 0.79 3.12 10.96
C ARG A 24 0.10 3.32 9.63
N VAL A 25 0.66 2.75 8.62
CA VAL A 25 0.13 2.85 7.30
C VAL A 25 -0.43 1.51 6.88
N ARG A 26 -1.69 1.46 6.64
CA ARG A 26 -2.32 0.26 6.19
C ARG A 26 -2.70 0.41 4.74
N ALA A 27 -2.07 -0.38 3.93
CA ALA A 27 -2.35 -0.39 2.55
C ALA A 27 -3.06 -1.66 2.21
N SER A 28 -4.28 -1.56 1.86
CA SER A 28 -5.06 -2.71 1.51
C SER A 28 -5.52 -2.52 0.09
N ILE A 29 -5.05 -3.36 -0.80
CA ILE A 29 -5.43 -3.23 -2.19
C ILE A 29 -5.87 -4.57 -2.70
N THR A 30 -6.79 -4.56 -3.57
CA THR A 30 -7.32 -5.78 -4.11
C THR A 30 -7.38 -5.69 -5.65
N ILE A 31 -6.79 -6.68 -6.29
CA ILE A 31 -6.80 -6.75 -7.71
C ILE A 31 -7.71 -7.90 -8.14
N SER A 32 -8.79 -7.55 -8.75
CA SER A 32 -9.80 -8.46 -9.15
C SER A 32 -9.38 -9.22 -10.41
N PRO A 33 -9.98 -10.42 -10.67
CA PRO A 33 -9.70 -11.25 -11.87
C PRO A 33 -10.10 -10.54 -13.19
N ASP A 34 -10.58 -9.33 -13.06
CA ASP A 34 -10.96 -8.49 -14.18
C ASP A 34 -9.72 -7.73 -14.66
N ASP A 35 -8.64 -7.87 -13.87
CA ASP A 35 -7.34 -7.17 -14.04
C ASP A 35 -7.53 -5.72 -13.66
N LEU A 36 -8.48 -5.53 -12.75
CA LEU A 36 -8.80 -4.22 -12.25
C LEU A 36 -8.35 -4.17 -10.80
N VAL A 37 -7.79 -3.07 -10.42
CA VAL A 37 -7.28 -2.89 -9.11
C VAL A 37 -8.09 -1.83 -8.39
N SER A 38 -8.42 -2.13 -7.17
CA SER A 38 -9.15 -1.23 -6.31
C SER A 38 -8.60 -1.39 -4.91
N GLY A 39 -8.40 -0.32 -4.20
CA GLY A 39 -7.84 -0.45 -2.90
C GLY A 39 -7.83 0.85 -2.15
N GLU A 40 -7.16 0.86 -1.06
CA GLU A 40 -7.07 1.99 -0.21
C GLU A 40 -5.72 1.99 0.51
N ILE A 41 -5.09 3.12 0.53
CA ILE A 41 -3.84 3.28 1.20
C ILE A 41 -4.09 4.28 2.28
N ILE A 42 -3.97 3.86 3.49
CA ILE A 42 -4.33 4.65 4.61
C ILE A 42 -3.14 4.87 5.50
N ALA A 43 -2.72 6.10 5.59
CA ALA A 43 -1.60 6.42 6.41
C ALA A 43 -2.09 7.25 7.57
N ALA A 44 -2.08 6.66 8.74
CA ALA A 44 -2.53 7.36 9.92
C ALA A 44 -1.36 7.60 10.81
N ALA A 45 -1.07 8.82 11.05
CA ALA A 45 0.08 9.18 11.78
C ALA A 45 -0.26 9.84 13.08
N LYS A 46 0.71 9.79 13.95
CA LYS A 46 0.69 10.51 15.18
C LYS A 46 0.67 12.00 14.86
N PRO A 47 -0.18 12.80 15.55
CA PRO A 47 -0.23 14.23 15.33
C PRO A 47 1.16 14.86 15.54
N LYS A 48 1.83 15.13 14.45
CA LYS A 48 3.20 15.61 14.48
C LYS A 48 3.24 17.11 14.33
N ASN A 49 2.15 17.65 13.88
CA ASN A 49 1.96 19.07 13.72
C ASN A 49 0.71 19.41 14.54
N SER A 50 0.89 20.24 15.55
CA SER A 50 -0.15 20.54 16.54
C SER A 50 -1.46 21.10 15.95
N LYS A 51 -1.37 21.86 14.87
CA LYS A 51 -2.59 22.43 14.30
C LYS A 51 -3.19 21.45 13.29
N ASP A 52 -2.38 20.50 12.88
CA ASP A 52 -2.72 19.61 11.82
C ASP A 52 -3.59 18.49 12.29
N THR A 53 -4.77 18.48 11.78
CA THR A 53 -5.73 17.48 12.12
C THR A 53 -5.99 16.58 10.90
N GLY A 54 -5.14 16.70 9.89
CA GLY A 54 -5.31 15.88 8.74
C GLY A 54 -4.36 16.19 7.62
N PRO A 55 -3.26 15.43 7.52
CA PRO A 55 -2.30 15.54 6.41
C PRO A 55 -2.94 15.26 5.04
N ALA A 56 -2.29 15.72 4.00
CA ALA A 56 -2.74 15.50 2.66
C ALA A 56 -1.67 14.74 1.89
N LEU A 57 -2.09 14.00 0.89
CA LEU A 57 -1.18 13.24 0.06
C LEU A 57 -0.90 13.98 -1.25
N ASP A 58 0.34 13.96 -1.67
CA ASP A 58 0.74 14.55 -2.92
C ASP A 58 1.14 13.48 -3.91
N GLY A 59 0.16 13.01 -4.62
CA GLY A 59 0.38 12.05 -5.63
C GLY A 59 -0.37 12.42 -6.85
N ASP A 60 0.16 13.36 -7.58
CA ASP A 60 -0.48 13.82 -8.78
C ASP A 60 -0.18 12.86 -9.91
N VAL A 61 -1.08 11.93 -10.07
CA VAL A 61 -0.97 10.87 -11.04
C VAL A 61 -1.91 11.14 -12.21
N PRO A 62 -1.66 10.53 -13.39
CA PRO A 62 -2.51 10.72 -14.60
C PRO A 62 -3.96 10.23 -14.40
N PHE A 63 -4.13 9.37 -13.43
CA PHE A 63 -5.42 8.76 -13.13
C PHE A 63 -6.01 9.34 -11.84
N SER A 64 -5.93 10.65 -11.68
CA SER A 64 -6.45 11.34 -10.49
C SER A 64 -7.90 10.96 -10.18
N GLN A 65 -8.70 10.82 -11.23
CA GLN A 65 -10.12 10.55 -11.10
C GLN A 65 -10.37 9.16 -10.57
N LYS A 66 -9.35 8.33 -10.63
CA LYS A 66 -9.46 6.98 -10.18
C LYS A 66 -9.06 6.88 -8.73
N VAL A 67 -8.43 7.91 -8.20
CA VAL A 67 -8.03 7.87 -6.82
C VAL A 67 -8.62 9.03 -6.03
N ALA A 68 -9.38 8.69 -5.03
CA ALA A 68 -9.99 9.67 -4.18
C ALA A 68 -9.22 9.76 -2.89
N VAL A 69 -8.59 10.88 -2.66
CA VAL A 69 -7.81 11.08 -1.47
C VAL A 69 -8.65 11.85 -0.47
N SER A 70 -8.63 11.40 0.75
CA SER A 70 -9.43 12.00 1.78
C SER A 70 -8.67 12.03 3.11
N ASN A 71 -9.25 12.71 4.05
CA ASN A 71 -8.69 12.91 5.37
C ASN A 71 -8.99 11.71 6.26
N TYR A 72 -8.02 11.28 7.02
CA TYR A 72 -8.20 10.20 7.95
C TYR A 72 -8.00 10.72 9.36
N ASP A 73 -9.01 10.62 10.17
CA ASP A 73 -8.98 11.02 11.55
C ASP A 73 -9.72 9.95 12.29
N SER A 74 -9.03 9.19 13.06
CA SER A 74 -9.63 8.13 13.78
C SER A 74 -8.92 7.91 15.09
N ASP A 75 -9.64 8.20 16.19
CA ASP A 75 -9.17 7.99 17.59
C ASP A 75 -8.05 8.95 17.96
N GLY A 76 -7.81 9.89 17.10
CA GLY A 76 -6.73 10.80 17.32
C GLY A 76 -5.53 10.48 16.48
N TYR A 77 -5.64 9.50 15.60
CA TYR A 77 -4.63 9.37 14.58
C TYR A 77 -5.05 10.30 13.49
N VAL A 78 -4.12 10.98 12.88
CA VAL A 78 -4.47 11.80 11.76
C VAL A 78 -3.59 11.46 10.60
N GLY A 79 -4.17 11.34 9.48
CA GLY A 79 -3.43 11.05 8.32
C GLY A 79 -4.24 11.25 7.09
N SER A 80 -3.88 10.58 6.07
CA SER A 80 -4.53 10.70 4.82
C SER A 80 -4.75 9.34 4.20
N GLN A 81 -5.78 9.23 3.43
CA GLN A 81 -6.12 7.99 2.81
C GLN A 81 -6.37 8.19 1.33
N ALA A 82 -5.72 7.40 0.55
CA ALA A 82 -5.95 7.40 -0.86
C ALA A 82 -6.75 6.17 -1.18
N VAL A 83 -7.95 6.35 -1.60
CA VAL A 83 -8.80 5.25 -1.90
C VAL A 83 -9.03 5.25 -3.41
N PHE A 84 -8.52 4.26 -4.07
CA PHE A 84 -8.53 4.23 -5.51
C PHE A 84 -9.35 3.07 -6.03
N SER A 85 -9.84 3.20 -7.21
CA SER A 85 -10.70 2.22 -7.80
C SER A 85 -10.67 2.31 -9.32
N ASP A 86 -11.02 1.20 -9.97
CA ASP A 86 -11.13 1.08 -11.44
C ASP A 86 -9.76 1.26 -12.10
N LEU A 87 -8.73 0.84 -11.41
CA LEU A 87 -7.41 0.88 -11.96
C LEU A 87 -7.10 -0.44 -12.59
N THR A 88 -5.99 -0.55 -13.25
CA THR A 88 -5.63 -1.80 -13.86
C THR A 88 -4.22 -2.23 -13.40
N PHE A 89 -3.80 -3.43 -13.81
CA PHE A 89 -2.51 -4.04 -13.42
C PHE A 89 -1.32 -3.13 -13.72
N ALA A 90 -1.37 -2.46 -14.86
CA ALA A 90 -0.30 -1.56 -15.28
C ALA A 90 -0.19 -0.35 -14.35
N GLU A 91 -1.29 -0.01 -13.71
CA GLU A 91 -1.35 1.16 -12.89
C GLU A 91 -0.82 0.92 -11.49
N LEU A 92 -0.70 -0.35 -11.10
CA LEU A 92 -0.17 -0.73 -9.77
C LEU A 92 1.21 -0.10 -9.43
N PRO A 93 2.27 -0.29 -10.26
CA PRO A 93 3.55 0.35 -9.97
C PRO A 93 3.43 1.88 -10.02
N GLN A 94 2.61 2.35 -10.94
CA GLN A 94 2.41 3.73 -11.17
C GLN A 94 1.75 4.42 -9.96
N LEU A 95 0.84 3.72 -9.29
CA LEU A 95 0.23 4.24 -8.07
C LEU A 95 1.19 4.09 -6.89
N ALA A 96 2.17 3.18 -7.05
CA ALA A 96 3.12 2.90 -6.00
C ALA A 96 4.06 4.06 -5.79
N ASN A 97 4.19 4.91 -6.82
CA ASN A 97 4.99 6.11 -6.70
C ASN A 97 4.40 7.00 -5.60
N MET A 98 3.10 7.30 -5.72
CA MET A 98 2.39 8.09 -4.72
C MET A 98 2.49 7.41 -3.35
N ASN A 99 2.22 6.11 -3.38
CA ASN A 99 2.25 5.24 -2.20
C ASN A 99 3.59 5.37 -1.47
N SER A 100 4.67 5.63 -2.22
CA SER A 100 6.01 5.67 -1.66
C SER A 100 6.10 6.64 -0.51
N ASP A 101 5.37 7.78 -0.59
CA ASP A 101 5.51 8.84 0.44
C ASP A 101 5.13 8.34 1.83
N ALA A 102 4.28 7.36 1.87
CA ALA A 102 3.84 6.84 3.13
C ALA A 102 4.41 5.46 3.39
N ALA A 103 4.92 4.84 2.35
CA ALA A 103 5.31 3.46 2.45
C ALA A 103 6.81 3.25 2.48
N GLY A 104 7.50 3.89 1.56
CA GLY A 104 8.92 3.65 1.39
C GLY A 104 9.17 2.31 0.72
N VAL A 105 8.20 1.89 -0.09
CA VAL A 105 8.26 0.60 -0.74
C VAL A 105 8.38 0.75 -2.26
N ASN A 106 8.81 -0.31 -2.88
CA ASN A 106 8.88 -0.41 -4.32
C ASN A 106 8.16 -1.66 -4.72
N LEU A 107 7.42 -1.60 -5.79
CA LEU A 107 6.68 -2.75 -6.26
C LEU A 107 6.98 -2.96 -7.72
N SER A 108 7.25 -4.18 -8.06
CA SER A 108 7.58 -4.53 -9.38
C SER A 108 6.75 -5.76 -9.76
N LEU A 109 6.22 -5.79 -10.95
CA LEU A 109 5.35 -6.89 -11.36
C LEU A 109 5.41 -7.20 -12.82
N ARG A 110 5.15 -8.44 -13.12
CA ARG A 110 5.12 -8.98 -14.49
C ARG A 110 4.04 -10.05 -14.66
N ARG A 111 3.56 -10.21 -15.87
CA ARG A 111 2.73 -11.34 -16.25
C ARG A 111 3.63 -12.43 -16.72
N ASN A 112 3.35 -13.59 -16.33
CA ASN A 112 4.05 -14.76 -16.82
C ASN A 112 3.03 -15.68 -17.41
N GLY A 113 2.80 -15.51 -18.69
CA GLY A 113 1.75 -16.22 -19.36
C GLY A 113 0.40 -15.70 -18.91
N ASN A 114 -0.22 -16.42 -18.00
CA ASN A 114 -1.50 -16.02 -17.45
C ASN A 114 -1.37 -15.89 -15.92
N ILE A 115 -0.21 -16.22 -15.41
CA ILE A 115 0.03 -16.11 -13.99
C ILE A 115 0.79 -14.83 -13.73
N VAL A 116 0.59 -14.25 -12.61
CA VAL A 116 1.21 -12.99 -12.29
C VAL A 116 2.26 -13.15 -11.23
N ILE A 117 3.39 -12.50 -11.46
CA ILE A 117 4.45 -12.47 -10.51
C ILE A 117 4.66 -11.03 -10.04
N LEU A 118 4.68 -10.86 -8.78
CA LEU A 118 4.89 -9.57 -8.17
C LEU A 118 6.00 -9.69 -7.15
N GLU A 119 6.93 -8.78 -7.22
CA GLU A 119 8.04 -8.77 -6.30
C GLU A 119 8.42 -7.31 -5.98
N GLY A 120 8.73 -7.04 -4.76
CA GLY A 120 9.11 -5.70 -4.38
C GLY A 120 9.80 -5.66 -3.06
N ARG A 121 10.16 -4.49 -2.60
CA ARG A 121 10.86 -4.34 -1.34
C ARG A 121 10.34 -3.16 -0.59
N ALA A 122 10.43 -3.26 0.69
CA ALA A 122 10.02 -2.22 1.58
C ALA A 122 11.18 -1.84 2.43
N ASP A 123 11.57 -0.62 2.36
CA ASP A 123 12.66 -0.17 3.18
C ASP A 123 12.09 0.58 4.33
N LEU A 124 12.13 0.01 5.49
CA LEU A 124 11.64 0.69 6.65
C LEU A 124 12.81 1.10 7.51
N THR A 125 13.99 1.07 6.93
CA THR A 125 15.19 1.44 7.63
C THR A 125 15.29 2.96 7.61
N SER A 126 14.60 3.55 6.66
CA SER A 126 14.58 4.97 6.44
C SER A 126 13.41 5.64 7.17
N VAL A 127 12.81 4.96 8.15
CA VAL A 127 11.71 5.56 8.89
C VAL A 127 12.20 6.66 9.82
N SER A 128 11.44 7.70 9.93
CA SER A 128 11.80 8.83 10.75
C SER A 128 11.42 8.60 12.22
N ASP A 129 10.48 7.70 12.43
CA ASP A 129 9.98 7.47 13.77
C ASP A 129 9.91 5.96 14.01
N PRO A 130 10.32 5.50 15.22
CA PRO A 130 10.33 4.04 15.57
C PRO A 130 8.92 3.43 15.70
N ASP A 131 7.92 4.25 15.83
CA ASP A 131 6.54 3.81 16.00
C ASP A 131 5.82 3.68 14.66
N ALA A 132 6.60 3.55 13.59
CA ALA A 132 6.04 3.51 12.25
C ALA A 132 5.91 2.09 11.77
N ASP A 133 4.71 1.67 11.54
CA ASP A 133 4.43 0.32 11.05
C ASP A 133 3.64 0.40 9.79
N VAL A 134 3.94 -0.44 8.85
CA VAL A 134 3.21 -0.45 7.60
C VAL A 134 2.67 -1.86 7.37
N GLU A 135 1.42 -1.95 7.04
CA GLU A 135 0.81 -3.23 6.76
C GLU A 135 0.34 -3.23 5.33
N LEU A 136 0.81 -4.16 4.56
CA LEU A 136 0.39 -4.28 3.20
C LEU A 136 -0.44 -5.52 3.05
N THR A 137 -1.64 -5.35 2.63
CA THR A 137 -2.55 -6.44 2.44
C THR A 137 -3.06 -6.41 1.02
N VAL A 138 -2.64 -7.35 0.24
CA VAL A 138 -3.04 -7.45 -1.14
C VAL A 138 -3.96 -8.62 -1.31
N ALA A 139 -5.12 -8.36 -1.84
CA ALA A 139 -6.06 -9.39 -2.08
C ALA A 139 -6.25 -9.54 -3.55
N PHE A 140 -6.16 -10.73 -3.99
CA PHE A 140 -6.40 -11.06 -5.35
C PHE A 140 -7.29 -12.26 -5.39
N PRO A 141 -8.60 -12.08 -5.66
CA PRO A 141 -9.59 -13.19 -5.70
C PRO A 141 -9.38 -14.15 -6.89
N ALA A 142 -8.17 -14.57 -7.08
CA ALA A 142 -7.82 -15.49 -8.09
C ALA A 142 -7.38 -16.80 -7.46
N ALA A 143 -6.12 -16.84 -6.96
CA ALA A 143 -5.51 -18.01 -6.31
C ALA A 143 -4.02 -17.77 -6.20
N VAL A 144 -3.50 -17.72 -4.98
CA VAL A 144 -2.07 -17.55 -4.78
C VAL A 144 -1.34 -18.85 -5.11
N THR A 145 -0.27 -18.74 -5.85
CA THR A 145 0.51 -19.89 -6.19
C THR A 145 1.74 -19.97 -5.31
N SER A 146 2.36 -18.83 -5.07
CA SER A 146 3.54 -18.73 -4.23
C SER A 146 3.69 -17.30 -3.73
N THR A 147 3.93 -17.14 -2.48
CA THR A 147 4.13 -15.82 -1.95
C THR A 147 5.28 -15.83 -0.94
N ASN A 148 5.87 -14.69 -0.73
CA ASN A 148 6.88 -14.53 0.26
C ASN A 148 6.40 -13.42 1.12
N GLY A 149 5.65 -13.81 2.12
CA GLY A 149 5.02 -12.95 3.06
C GLY A 149 4.06 -13.77 3.86
N ASP A 150 3.01 -13.20 4.35
CA ASP A 150 2.08 -13.95 5.17
C ASP A 150 0.75 -14.10 4.50
N ARG A 151 0.49 -15.27 3.98
CA ARG A 151 -0.78 -15.55 3.38
C ARG A 151 -1.82 -15.79 4.45
N ILE A 152 -2.80 -14.95 4.48
CA ILE A 152 -3.88 -15.10 5.42
C ILE A 152 -4.88 -16.03 4.78
N GLU A 153 -5.21 -15.72 3.56
CA GLU A 153 -6.17 -16.44 2.79
C GLU A 153 -5.49 -16.92 1.51
N PRO A 154 -6.06 -17.91 0.80
CA PRO A 154 -5.51 -18.39 -0.48
C PRO A 154 -5.61 -17.34 -1.61
N GLU A 155 -6.24 -16.23 -1.30
CA GLU A 155 -6.33 -15.11 -2.21
C GLU A 155 -5.98 -13.77 -1.54
N VAL A 156 -5.55 -13.81 -0.28
CA VAL A 156 -5.22 -12.57 0.42
C VAL A 156 -3.92 -12.75 1.18
N VAL A 157 -2.95 -11.93 0.88
CA VAL A 157 -1.65 -12.03 1.49
C VAL A 157 -1.28 -10.70 2.11
N GLN A 158 -0.63 -10.75 3.24
CA GLN A 158 -0.26 -9.58 3.97
C GLN A 158 1.22 -9.61 4.29
N TRP A 159 1.81 -8.46 4.30
CA TRP A 159 3.17 -8.29 4.66
C TRP A 159 3.23 -7.28 5.78
N LYS A 160 3.89 -7.64 6.86
CA LYS A 160 4.03 -6.76 7.99
C LYS A 160 5.35 -6.05 7.92
N LEU A 161 5.32 -4.80 7.59
CA LEU A 161 6.49 -4.01 7.44
C LEU A 161 6.80 -3.33 8.76
N LYS A 162 8.00 -3.56 9.21
CA LYS A 162 8.46 -3.17 10.53
C LYS A 162 9.60 -2.17 10.42
N PRO A 163 9.65 -1.14 11.31
CA PRO A 163 10.72 -0.13 11.28
C PRO A 163 12.11 -0.71 11.49
N GLY A 164 13.10 -0.03 10.96
CA GLY A 164 14.49 -0.41 11.15
C GLY A 164 14.94 -1.54 10.24
N VAL A 165 14.02 -2.37 9.84
CA VAL A 165 14.32 -3.50 8.96
C VAL A 165 13.86 -3.25 7.53
N VAL A 166 14.39 -4.04 6.64
CA VAL A 166 14.03 -4.01 5.24
C VAL A 166 13.37 -5.33 4.90
N SER A 167 12.25 -5.29 4.25
CA SER A 167 11.49 -6.48 3.96
C SER A 167 11.33 -6.66 2.45
N THR A 168 11.34 -7.90 2.02
CA THR A 168 11.10 -8.24 0.64
C THR A 168 9.70 -8.82 0.48
N MET A 169 8.90 -8.27 -0.40
CA MET A 169 7.56 -8.75 -0.60
C MET A 169 7.48 -9.44 -1.92
N SER A 170 6.92 -10.61 -1.95
CA SER A 170 6.73 -11.28 -3.21
C SER A 170 5.38 -11.99 -3.20
N ALA A 171 4.70 -11.96 -4.31
CA ALA A 171 3.39 -12.56 -4.43
C ALA A 171 3.20 -13.02 -5.84
N GLN A 172 2.95 -14.25 -5.98
CA GLN A 172 2.71 -14.84 -7.26
C GLN A 172 1.37 -15.53 -7.21
N ALA A 173 0.57 -15.30 -8.19
CA ALA A 173 -0.77 -15.82 -8.22
C ALA A 173 -1.19 -16.01 -9.65
N ARG A 174 -2.07 -16.94 -9.89
CA ARG A 174 -2.52 -17.21 -11.23
C ARG A 174 -3.75 -16.32 -11.50
N TYR A 175 -3.77 -15.61 -12.62
CA TYR A 175 -4.86 -14.65 -12.90
C TYR A 175 -5.59 -15.04 -14.10
N THR A 176 -6.79 -14.66 -14.17
CA THR A 176 -7.53 -14.88 -15.35
C THR A 176 -7.51 -13.60 -16.19
N ASP A 177 -6.53 -13.50 -17.11
CA ASP A 177 -6.41 -12.32 -17.98
C ASP A 177 -7.71 -12.09 -18.74
N PRO A 178 -8.23 -10.87 -18.77
CA PRO A 178 -9.48 -10.56 -19.48
C PRO A 178 -9.38 -10.79 -20.98
N ASN A 179 -8.20 -10.55 -21.54
CA ASN A 179 -7.97 -10.68 -22.95
C ASN A 179 -7.66 -12.12 -23.25
N THR A 180 -7.33 -12.85 -22.18
CA THR A 180 -6.95 -14.25 -22.18
C THR A 180 -5.70 -14.49 -23.02
N ARG A 181 -4.88 -13.45 -23.05
CA ARG A 181 -3.65 -13.47 -23.78
C ARG A 181 -2.58 -14.09 -22.95
N SER A 182 -1.79 -14.87 -23.60
CA SER A 182 -0.69 -15.58 -23.03
C SER A 182 0.26 -15.92 -24.18
N GLY A 12 -15.24 -2.37 37.48
CA GLY A 12 -14.64 -3.49 36.76
C GLY A 12 -13.16 -3.26 36.60
N ARG A 13 -12.65 -3.45 35.42
CA ARG A 13 -11.25 -3.23 35.15
C ARG A 13 -11.13 -1.84 34.51
N GLU A 14 -10.63 -0.91 35.26
CA GLU A 14 -10.54 0.46 34.78
C GLU A 14 -9.23 0.71 34.05
N ASN A 15 -9.24 1.76 33.23
CA ASN A 15 -8.07 2.27 32.50
C ASN A 15 -7.39 1.25 31.61
N LEU A 16 -8.07 0.86 30.57
CA LEU A 16 -7.48 -0.01 29.58
C LEU A 16 -7.07 0.84 28.41
N TYR A 17 -5.81 1.14 28.37
CA TYR A 17 -5.33 1.98 27.31
C TYR A 17 -4.50 1.15 26.37
N PHE A 18 -5.09 0.84 25.24
CA PHE A 18 -4.41 0.08 24.20
C PHE A 18 -3.39 1.00 23.55
N GLN A 19 -2.21 0.50 23.32
CA GLN A 19 -1.18 1.31 22.75
C GLN A 19 -0.87 0.83 21.33
N GLY A 20 -0.25 -0.32 21.21
CA GLY A 20 0.11 -0.86 19.91
C GLY A 20 1.16 0.01 19.23
N HIS A 21 0.76 0.64 18.16
CA HIS A 21 1.61 1.55 17.41
C HIS A 21 0.78 2.76 17.05
N MET A 22 1.25 3.94 17.42
CA MET A 22 0.46 5.17 17.28
C MET A 22 0.60 5.77 15.86
N LEU A 23 1.22 5.05 14.98
CA LEU A 23 1.30 5.45 13.60
C LEU A 23 1.04 4.21 12.78
N ARG A 24 0.02 4.23 12.00
CA ARG A 24 -0.35 3.08 11.23
C ARG A 24 -0.35 3.43 9.76
N VAL A 25 0.17 2.57 8.95
CA VAL A 25 0.03 2.73 7.53
C VAL A 25 -0.44 1.41 6.95
N ARG A 26 -1.62 1.45 6.44
CA ARG A 26 -2.24 0.29 5.89
C ARG A 26 -2.46 0.48 4.43
N ALA A 27 -1.82 -0.31 3.66
CA ALA A 27 -2.07 -0.30 2.26
C ALA A 27 -2.67 -1.64 1.93
N SER A 28 -3.92 -1.66 1.64
CA SER A 28 -4.60 -2.88 1.35
C SER A 28 -5.27 -2.74 0.02
N ILE A 29 -4.86 -3.52 -0.93
CA ILE A 29 -5.40 -3.42 -2.24
C ILE A 29 -6.01 -4.75 -2.63
N THR A 30 -7.03 -4.71 -3.39
CA THR A 30 -7.72 -5.87 -3.79
C THR A 30 -7.90 -5.88 -5.31
N ILE A 31 -7.41 -6.93 -5.93
CA ILE A 31 -7.46 -7.07 -7.36
C ILE A 31 -8.35 -8.23 -7.76
N SER A 32 -9.35 -7.95 -8.53
CA SER A 32 -10.31 -8.92 -8.96
C SER A 32 -9.91 -9.46 -10.35
N PRO A 33 -10.37 -10.70 -10.72
CA PRO A 33 -10.07 -11.35 -12.04
C PRO A 33 -10.61 -10.55 -13.27
N ASP A 34 -11.20 -9.40 -13.00
CA ASP A 34 -11.72 -8.51 -14.05
C ASP A 34 -10.60 -7.64 -14.56
N ASP A 35 -9.43 -7.80 -13.90
CA ASP A 35 -8.21 -7.02 -14.11
C ASP A 35 -8.48 -5.65 -13.50
N LEU A 36 -9.34 -5.69 -12.51
CA LEU A 36 -9.77 -4.56 -11.79
C LEU A 36 -9.01 -4.50 -10.50
N VAL A 37 -8.39 -3.39 -10.27
CA VAL A 37 -7.66 -3.16 -9.08
C VAL A 37 -8.37 -2.06 -8.28
N SER A 38 -8.53 -2.30 -7.02
CA SER A 38 -9.12 -1.36 -6.13
C SER A 38 -8.32 -1.43 -4.84
N GLY A 39 -8.40 -0.46 -3.99
CA GLY A 39 -7.68 -0.56 -2.76
C GLY A 39 -7.75 0.68 -1.94
N GLU A 40 -7.08 0.65 -0.85
CA GLU A 40 -7.10 1.72 0.10
C GLU A 40 -5.74 1.83 0.77
N ILE A 41 -5.25 3.02 0.86
CA ILE A 41 -4.02 3.29 1.54
C ILE A 41 -4.30 4.30 2.62
N ILE A 42 -4.13 3.91 3.84
CA ILE A 42 -4.41 4.76 4.97
C ILE A 42 -3.14 4.98 5.76
N ALA A 43 -2.72 6.20 5.84
CA ALA A 43 -1.59 6.55 6.63
C ALA A 43 -2.07 7.44 7.76
N ALA A 44 -2.08 6.92 8.95
CA ALA A 44 -2.57 7.64 10.08
C ALA A 44 -1.49 7.77 11.10
N ALA A 45 -1.19 8.96 11.48
CA ALA A 45 -0.11 9.22 12.35
C ALA A 45 -0.56 9.84 13.65
N LYS A 46 0.28 9.70 14.65
CA LYS A 46 0.12 10.32 15.94
C LYS A 46 -0.08 11.83 15.75
N PRO A 47 -1.11 12.42 16.39
CA PRO A 47 -1.36 13.85 16.32
C PRO A 47 -0.21 14.66 16.90
N LYS A 48 0.71 14.93 16.06
CA LYS A 48 1.88 15.68 16.32
C LYS A 48 1.97 16.63 15.16
N ASN A 49 2.59 17.79 15.36
CA ASN A 49 2.56 18.93 14.41
C ASN A 49 1.17 19.52 14.52
N SER A 50 1.04 20.61 15.23
CA SER A 50 -0.25 21.21 15.53
C SER A 50 -1.08 21.56 14.28
N LYS A 51 -0.42 21.91 13.20
CA LYS A 51 -1.12 22.27 11.98
C LYS A 51 -1.49 21.04 11.15
N ASP A 52 -1.00 19.89 11.53
CA ASP A 52 -1.16 18.73 10.68
C ASP A 52 -2.21 17.78 11.20
N THR A 53 -3.28 17.76 10.48
CA THR A 53 -4.36 16.86 10.74
C THR A 53 -4.61 16.00 9.50
N GLY A 54 -3.73 16.11 8.53
CA GLY A 54 -3.88 15.37 7.32
C GLY A 54 -2.84 15.75 6.29
N PRO A 55 -1.76 14.97 6.17
CA PRO A 55 -0.73 15.20 5.16
C PRO A 55 -1.29 15.04 3.75
N ALA A 56 -0.62 15.60 2.80
CA ALA A 56 -1.05 15.48 1.43
C ALA A 56 -0.29 14.34 0.79
N LEU A 57 -1.00 13.34 0.30
CA LEU A 57 -0.36 12.25 -0.37
C LEU A 57 0.15 12.69 -1.73
N ASP A 58 1.41 12.44 -1.93
CA ASP A 58 2.15 12.89 -3.08
C ASP A 58 1.87 11.95 -4.21
N GLY A 59 0.84 12.24 -4.91
CA GLY A 59 0.47 11.44 -6.00
C GLY A 59 -0.54 12.10 -6.88
N ASP A 60 -0.08 12.94 -7.75
CA ASP A 60 -0.95 13.54 -8.74
C ASP A 60 -0.79 12.77 -10.01
N VAL A 61 -1.70 11.87 -10.23
CA VAL A 61 -1.64 10.96 -11.33
C VAL A 61 -2.73 11.28 -12.35
N PRO A 62 -2.58 10.85 -13.62
CA PRO A 62 -3.61 11.07 -14.66
C PRO A 62 -4.95 10.42 -14.28
N PHE A 63 -4.87 9.42 -13.43
CA PHE A 63 -6.04 8.71 -12.97
C PHE A 63 -6.42 9.13 -11.55
N SER A 64 -6.15 10.38 -11.17
CA SER A 64 -6.55 10.88 -9.85
C SER A 64 -8.07 10.77 -9.65
N GLN A 65 -8.79 10.75 -10.76
CA GLN A 65 -10.22 10.65 -10.76
C GLN A 65 -10.66 9.27 -10.23
N LYS A 66 -9.72 8.33 -10.24
CA LYS A 66 -9.97 6.97 -9.81
C LYS A 66 -9.51 6.77 -8.38
N VAL A 67 -8.75 7.73 -7.85
CA VAL A 67 -8.31 7.63 -6.49
C VAL A 67 -8.78 8.81 -5.65
N ALA A 68 -9.54 8.52 -4.65
CA ALA A 68 -10.04 9.50 -3.76
C ALA A 68 -9.09 9.64 -2.60
N VAL A 69 -8.32 10.66 -2.62
CA VAL A 69 -7.39 10.94 -1.59
C VAL A 69 -8.02 11.96 -0.64
N SER A 70 -7.97 11.69 0.62
CA SER A 70 -8.66 12.48 1.62
C SER A 70 -7.83 12.49 2.90
N ASN A 71 -8.22 13.32 3.84
CA ASN A 71 -7.55 13.32 5.13
C ASN A 71 -8.19 12.24 5.99
N TYR A 72 -7.44 11.71 6.88
CA TYR A 72 -7.90 10.68 7.75
C TYR A 72 -7.94 11.22 9.16
N ASP A 73 -9.09 11.17 9.75
CA ASP A 73 -9.29 11.58 11.10
C ASP A 73 -10.20 10.58 11.73
N SER A 74 -9.61 9.65 12.43
CA SER A 74 -10.32 8.57 13.05
C SER A 74 -9.37 7.92 14.03
N ASP A 75 -9.92 7.23 15.02
CA ASP A 75 -9.14 6.41 16.00
C ASP A 75 -8.32 7.26 16.95
N GLY A 76 -8.41 8.57 16.81
CA GLY A 76 -7.58 9.45 17.57
C GLY A 76 -6.36 9.86 16.76
N TYR A 77 -6.24 9.28 15.59
CA TYR A 77 -5.10 9.49 14.72
C TYR A 77 -5.46 10.49 13.64
N VAL A 78 -4.47 11.13 13.07
CA VAL A 78 -4.68 12.02 11.95
C VAL A 78 -3.70 11.67 10.86
N GLY A 79 -4.16 11.65 9.66
CA GLY A 79 -3.32 11.29 8.58
C GLY A 79 -3.96 11.53 7.25
N SER A 80 -3.53 10.79 6.30
CA SER A 80 -3.98 10.91 4.94
C SER A 80 -4.39 9.54 4.40
N GLN A 81 -5.36 9.51 3.53
CA GLN A 81 -5.80 8.26 2.95
C GLN A 81 -6.02 8.41 1.46
N ALA A 82 -5.73 7.38 0.73
CA ALA A 82 -5.98 7.33 -0.68
C ALA A 82 -6.77 6.08 -0.96
N VAL A 83 -7.97 6.24 -1.39
CA VAL A 83 -8.83 5.10 -1.68
C VAL A 83 -9.10 5.08 -3.18
N PHE A 84 -8.69 4.05 -3.84
CA PHE A 84 -8.79 3.99 -5.28
C PHE A 84 -9.63 2.82 -5.71
N SER A 85 -10.23 2.93 -6.86
CA SER A 85 -11.07 1.88 -7.40
C SER A 85 -11.19 2.01 -8.91
N ASP A 86 -11.56 0.91 -9.58
CA ASP A 86 -11.79 0.85 -11.05
C ASP A 86 -10.48 1.06 -11.83
N LEU A 87 -9.39 0.63 -11.24
CA LEU A 87 -8.11 0.74 -11.90
C LEU A 87 -7.72 -0.56 -12.59
N THR A 88 -6.82 -0.46 -13.52
CA THR A 88 -6.37 -1.54 -14.33
C THR A 88 -5.08 -2.12 -13.71
N PHE A 89 -4.74 -3.38 -14.03
CA PHE A 89 -3.48 -3.97 -13.58
C PHE A 89 -2.28 -3.11 -14.02
N ALA A 90 -2.37 -2.58 -15.23
CA ALA A 90 -1.34 -1.69 -15.78
C ALA A 90 -1.20 -0.41 -14.97
N GLU A 91 -2.27 -0.02 -14.27
CA GLU A 91 -2.28 1.20 -13.50
C GLU A 91 -1.78 0.95 -12.08
N LEU A 92 -1.74 -0.33 -11.69
CA LEU A 92 -1.27 -0.74 -10.36
C LEU A 92 0.18 -0.26 -10.06
N PRO A 93 1.19 -0.44 -10.97
CA PRO A 93 2.53 0.12 -10.74
C PRO A 93 2.47 1.65 -10.64
N GLN A 94 1.61 2.26 -11.43
CA GLN A 94 1.50 3.71 -11.49
C GLN A 94 1.02 4.28 -10.16
N LEU A 95 0.09 3.59 -9.53
CA LEU A 95 -0.40 3.99 -8.23
C LEU A 95 0.61 3.60 -7.15
N ALA A 96 1.49 2.65 -7.50
CA ALA A 96 2.48 2.16 -6.58
C ALA A 96 3.55 3.19 -6.40
N ASN A 97 3.67 4.08 -7.38
CA ASN A 97 4.60 5.17 -7.31
C ASN A 97 4.21 6.05 -6.14
N MET A 98 2.95 6.52 -6.16
CA MET A 98 2.41 7.34 -5.08
C MET A 98 2.61 6.65 -3.75
N ASN A 99 2.18 5.40 -3.70
CA ASN A 99 2.30 4.56 -2.50
C ASN A 99 3.75 4.54 -2.02
N SER A 100 4.68 4.44 -2.96
CA SER A 100 6.07 4.27 -2.66
C SER A 100 6.57 5.47 -1.90
N ASP A 101 6.12 6.65 -2.33
CA ASP A 101 6.70 7.89 -1.85
C ASP A 101 6.16 8.19 -0.46
N ALA A 102 5.15 7.46 -0.05
CA ALA A 102 4.57 7.65 1.23
C ALA A 102 4.96 6.51 2.16
N ALA A 103 5.41 5.41 1.59
CA ALA A 103 5.68 4.23 2.40
C ALA A 103 7.15 3.95 2.60
N GLY A 104 7.92 4.08 1.54
CA GLY A 104 9.32 3.69 1.59
C GLY A 104 9.48 2.27 1.05
N VAL A 105 8.49 1.84 0.30
CA VAL A 105 8.49 0.53 -0.28
C VAL A 105 8.67 0.64 -1.79
N ASN A 106 9.40 -0.25 -2.35
CA ASN A 106 9.62 -0.31 -3.78
C ASN A 106 8.86 -1.47 -4.31
N LEU A 107 7.97 -1.25 -5.22
CA LEU A 107 7.16 -2.31 -5.76
C LEU A 107 7.37 -2.45 -7.25
N SER A 108 7.67 -3.63 -7.69
CA SER A 108 7.83 -3.89 -9.08
C SER A 108 7.00 -5.11 -9.42
N LEU A 109 6.30 -5.07 -10.52
CA LEU A 109 5.45 -6.18 -10.90
C LEU A 109 5.41 -6.33 -12.39
N ARG A 110 5.23 -7.55 -12.80
CA ARG A 110 5.18 -7.92 -14.20
C ARG A 110 4.17 -9.03 -14.38
N ARG A 111 3.64 -9.19 -15.56
CA ARG A 111 2.83 -10.30 -15.82
C ARG A 111 3.53 -11.17 -16.85
N ASN A 112 3.61 -12.42 -16.56
CA ASN A 112 4.25 -13.39 -17.44
C ASN A 112 3.16 -14.31 -17.93
N GLY A 113 2.72 -14.08 -19.14
CA GLY A 113 1.62 -14.84 -19.68
C GLY A 113 0.34 -14.52 -18.96
N ASN A 114 -0.19 -15.47 -18.24
CA ASN A 114 -1.42 -15.28 -17.48
C ASN A 114 -1.11 -15.24 -15.98
N ILE A 115 0.16 -15.35 -15.64
CA ILE A 115 0.48 -15.30 -14.24
C ILE A 115 1.22 -14.01 -13.93
N VAL A 116 1.01 -13.49 -12.78
CA VAL A 116 1.60 -12.24 -12.39
C VAL A 116 2.65 -12.45 -11.33
N ILE A 117 3.71 -11.67 -11.42
CA ILE A 117 4.77 -11.72 -10.46
C ILE A 117 4.97 -10.34 -9.87
N LEU A 118 5.07 -10.28 -8.59
CA LEU A 118 5.31 -9.04 -7.90
C LEU A 118 6.50 -9.22 -6.98
N GLU A 119 7.43 -8.34 -7.11
CA GLU A 119 8.64 -8.37 -6.31
C GLU A 119 8.86 -6.95 -5.77
N GLY A 120 8.94 -6.82 -4.47
CA GLY A 120 9.12 -5.54 -3.88
C GLY A 120 10.01 -5.56 -2.68
N ARG A 121 10.47 -4.40 -2.28
CA ARG A 121 11.36 -4.26 -1.15
C ARG A 121 10.88 -3.13 -0.29
N ALA A 122 10.78 -3.37 0.97
CA ALA A 122 10.34 -2.37 1.89
C ALA A 122 11.49 -1.91 2.75
N ASP A 123 11.95 -0.71 2.55
CA ASP A 123 13.01 -0.21 3.36
C ASP A 123 12.45 0.73 4.36
N LEU A 124 12.15 0.21 5.48
CA LEU A 124 11.66 0.99 6.54
C LEU A 124 12.65 0.98 7.67
N THR A 125 13.88 0.71 7.28
CA THR A 125 15.00 0.84 8.18
C THR A 125 15.31 2.33 8.28
N SER A 126 14.92 3.03 7.22
CA SER A 126 15.14 4.42 7.04
C SER A 126 13.92 5.26 7.53
N VAL A 127 13.07 4.65 8.35
CA VAL A 127 11.89 5.34 8.84
C VAL A 127 12.28 6.22 10.04
N SER A 128 11.85 7.45 10.02
CA SER A 128 12.19 8.38 11.05
C SER A 128 11.29 8.20 12.27
N ASP A 129 10.02 8.01 12.03
CA ASP A 129 9.06 7.81 13.13
C ASP A 129 8.99 6.33 13.49
N PRO A 130 9.44 5.97 14.72
CA PRO A 130 9.50 4.58 15.18
C PRO A 130 8.13 4.00 15.55
N ASP A 131 7.14 4.88 15.64
CA ASP A 131 5.78 4.53 16.07
C ASP A 131 4.99 3.86 14.97
N ALA A 132 5.62 3.62 13.86
CA ALA A 132 4.94 3.14 12.69
C ALA A 132 4.70 1.65 12.74
N ASP A 133 3.60 1.26 12.20
CA ASP A 133 3.26 -0.13 11.99
C ASP A 133 2.80 -0.21 10.56
N VAL A 134 3.51 -0.95 9.76
CA VAL A 134 3.23 -0.96 8.36
C VAL A 134 2.59 -2.29 7.95
N GLU A 135 1.43 -2.21 7.35
CA GLU A 135 0.75 -3.40 6.89
C GLU A 135 0.46 -3.26 5.39
N LEU A 136 1.00 -4.17 4.60
CA LEU A 136 0.75 -4.19 3.16
C LEU A 136 -0.09 -5.42 2.90
N THR A 137 -1.28 -5.24 2.42
CA THR A 137 -2.17 -6.35 2.20
C THR A 137 -2.68 -6.34 0.75
N VAL A 138 -2.71 -7.50 0.15
CA VAL A 138 -3.23 -7.66 -1.18
C VAL A 138 -4.25 -8.79 -1.16
N ALA A 139 -5.47 -8.48 -1.55
CA ALA A 139 -6.52 -9.47 -1.57
C ALA A 139 -6.92 -9.72 -3.00
N PHE A 140 -6.93 -10.96 -3.38
CA PHE A 140 -7.30 -11.34 -4.71
C PHE A 140 -8.23 -12.54 -4.72
N PRO A 141 -9.42 -12.42 -5.29
CA PRO A 141 -10.33 -13.57 -5.50
C PRO A 141 -9.81 -14.51 -6.61
N ALA A 142 -8.52 -14.75 -6.63
CA ALA A 142 -7.92 -15.58 -7.64
C ALA A 142 -7.29 -16.82 -7.00
N ALA A 143 -6.00 -16.74 -6.65
CA ALA A 143 -5.24 -17.83 -6.04
C ALA A 143 -3.79 -17.46 -6.01
N VAL A 144 -3.21 -17.41 -4.84
CA VAL A 144 -1.79 -17.15 -4.73
C VAL A 144 -1.01 -18.38 -5.18
N THR A 145 -0.26 -18.16 -6.20
CA THR A 145 0.52 -19.11 -6.80
C THR A 145 1.78 -19.40 -5.96
N SER A 146 2.45 -18.35 -5.48
CA SER A 146 3.61 -18.45 -4.55
C SER A 146 3.84 -17.09 -3.90
N THR A 147 4.03 -17.04 -2.62
CA THR A 147 4.32 -15.78 -1.98
C THR A 147 5.41 -15.92 -0.91
N ASN A 148 6.04 -14.80 -0.61
CA ASN A 148 7.01 -14.69 0.44
C ASN A 148 6.55 -13.53 1.26
N GLY A 149 5.84 -13.88 2.30
CA GLY A 149 5.28 -12.95 3.20
C GLY A 149 4.34 -13.69 4.09
N ASP A 150 3.30 -13.04 4.54
CA ASP A 150 2.41 -13.68 5.46
C ASP A 150 1.05 -13.84 4.83
N ARG A 151 0.80 -15.00 4.34
CA ARG A 151 -0.43 -15.29 3.72
C ARG A 151 -1.49 -15.63 4.74
N ILE A 152 -2.51 -14.81 4.80
CA ILE A 152 -3.60 -15.01 5.72
C ILE A 152 -4.50 -16.06 5.11
N GLU A 153 -4.67 -15.96 3.83
CA GLU A 153 -5.43 -16.89 3.05
C GLU A 153 -4.67 -17.15 1.76
N PRO A 154 -5.06 -18.17 0.99
CA PRO A 154 -4.46 -18.44 -0.33
C PRO A 154 -4.92 -17.40 -1.37
N GLU A 155 -5.73 -16.49 -0.92
CA GLU A 155 -6.27 -15.46 -1.74
C GLU A 155 -6.03 -14.06 -1.13
N VAL A 156 -5.43 -14.03 0.05
CA VAL A 156 -5.14 -12.77 0.74
C VAL A 156 -3.77 -12.88 1.39
N VAL A 157 -2.87 -12.01 1.01
CA VAL A 157 -1.54 -12.03 1.53
C VAL A 157 -1.22 -10.68 2.14
N GLN A 158 -0.47 -10.69 3.21
CA GLN A 158 -0.14 -9.50 3.91
C GLN A 158 1.31 -9.54 4.31
N TRP A 159 1.93 -8.43 4.29
CA TRP A 159 3.26 -8.30 4.72
C TRP A 159 3.30 -7.36 5.87
N LYS A 160 3.66 -7.89 7.00
CA LYS A 160 3.77 -7.09 8.19
C LYS A 160 5.15 -6.48 8.24
N LEU A 161 5.18 -5.21 8.00
CA LEU A 161 6.39 -4.49 7.91
C LEU A 161 6.65 -3.72 9.20
N LYS A 162 7.83 -3.93 9.72
CA LYS A 162 8.25 -3.41 11.00
C LYS A 162 9.37 -2.41 10.84
N PRO A 163 9.26 -1.22 11.49
CA PRO A 163 10.30 -0.18 11.44
C PRO A 163 11.66 -0.70 11.86
N GLY A 164 12.69 -0.10 11.32
CA GLY A 164 14.03 -0.44 11.69
C GLY A 164 14.57 -1.64 10.95
N VAL A 165 13.70 -2.57 10.65
CA VAL A 165 14.09 -3.77 9.96
C VAL A 165 13.65 -3.72 8.50
N VAL A 166 14.34 -4.46 7.67
CA VAL A 166 14.06 -4.49 6.25
C VAL A 166 13.30 -5.76 5.91
N SER A 167 12.38 -5.68 4.98
CA SER A 167 11.64 -6.85 4.55
C SER A 167 11.36 -6.74 3.06
N THR A 168 11.44 -7.84 2.37
CA THR A 168 11.13 -7.88 0.97
C THR A 168 9.78 -8.56 0.77
N MET A 169 8.94 -8.00 -0.06
CA MET A 169 7.66 -8.61 -0.32
C MET A 169 7.70 -9.28 -1.67
N SER A 170 7.25 -10.50 -1.72
CA SER A 170 7.14 -11.15 -3.00
C SER A 170 5.83 -11.90 -3.09
N ALA A 171 5.21 -11.84 -4.22
CA ALA A 171 3.92 -12.41 -4.44
C ALA A 171 3.81 -12.78 -5.87
N GLN A 172 3.36 -13.94 -6.09
CA GLN A 172 3.11 -14.42 -7.42
C GLN A 172 1.77 -15.06 -7.40
N ALA A 173 0.98 -14.72 -8.36
CA ALA A 173 -0.37 -15.21 -8.45
C ALA A 173 -0.84 -15.13 -9.86
N ARG A 174 -1.64 -16.05 -10.25
CA ARG A 174 -2.17 -16.08 -11.57
C ARG A 174 -3.43 -15.22 -11.67
N TYR A 175 -3.53 -14.42 -12.73
CA TYR A 175 -4.67 -13.55 -12.94
C TYR A 175 -5.05 -13.61 -14.38
N THR A 176 -6.31 -13.71 -14.62
CA THR A 176 -6.86 -13.80 -15.93
C THR A 176 -6.49 -12.59 -16.79
N ASP A 177 -5.62 -12.84 -17.76
CA ASP A 177 -5.14 -11.81 -18.67
C ASP A 177 -6.27 -11.31 -19.48
N PRO A 178 -6.58 -10.03 -19.41
CA PRO A 178 -7.73 -9.45 -20.08
C PRO A 178 -7.63 -9.56 -21.61
N ASN A 179 -6.47 -9.23 -22.09
CA ASN A 179 -6.18 -9.19 -23.49
C ASN A 179 -5.77 -10.57 -24.04
N THR A 180 -5.51 -11.51 -23.13
CA THR A 180 -5.17 -12.89 -23.43
C THR A 180 -3.91 -13.02 -24.29
N ARG A 181 -2.85 -12.47 -23.76
CA ARG A 181 -1.59 -12.45 -24.37
C ARG A 181 -0.82 -13.72 -24.07
N SER A 182 0.14 -13.96 -24.86
CA SER A 182 1.03 -15.05 -24.73
C SER A 182 2.37 -14.58 -25.26
#